data_5MNI
#
_entry.id   5MNI
#
_cell.length_a   94.224
_cell.length_b   147.603
_cell.length_c   125.572
_cell.angle_alpha   90.00
_cell.angle_beta   91.52
_cell.angle_gamma   90.00
#
_symmetry.space_group_name_H-M   'P 1 21 1'
#
_entity_poly.entity_id   1
_entity_poly.type   'polypeptide(L)'
_entity_poly.pdbx_seq_one_letter_code
;MVSLEKNDHLMLARQLPLKSVALILAGGRGTRLKDLTNKRAKPAVHFGGKFRIIDFALSNCINSGIRRMGVITQYQSHTL
VQHIQRGWSFFNEEMNEFVDLLPAQQRMKGENWYRGTADAVTQNLDIIRAYKAEYVVILAGDHIYKQDYSRMLIDHVEKG
ARCTVACMPVPIEEASAFGVMAVDENDKIIEFVEKPANPPSMPNDPSKSLASMGIYVFDADYLYELLEEDDRDENSSHDF
GKDLIPKITEAGLAYAHPFPLSCVQSDPDAEPYWRDVGTLEAYWKANLDLASVVPELDMYDRNWPIRTYNESLPPAKFVQ
DRSGSHGMTLNSLVSGGCVISGSVVVQSVLFSRVRVNSFCNIDSAVLLPEVWVGRSCRLRRCVIDRACVIPEGMVIGENA
EEDARRFYRSEEGIVLVTREMLRKLGHKQER
;
_entity_poly.pdbx_strand_id   E,G,H,F,A,B,D,C
#
# COMPACT_ATOMS: atom_id res chain seq x y z
N HIS A 9 9.56 -14.47 -40.90
CA HIS A 9 10.32 -13.75 -39.89
C HIS A 9 9.69 -12.38 -39.60
N LEU A 10 9.79 -11.46 -40.56
CA LEU A 10 9.15 -10.16 -40.40
C LEU A 10 7.65 -10.31 -40.17
N MET A 11 7.03 -11.25 -40.88
CA MET A 11 5.58 -11.45 -40.80
C MET A 11 5.10 -11.59 -39.36
N LEU A 12 5.91 -12.16 -38.47
CA LEU A 12 5.49 -12.36 -37.08
C LEU A 12 4.92 -11.07 -36.49
N ALA A 13 5.53 -9.93 -36.81
CA ALA A 13 5.06 -8.68 -36.20
C ALA A 13 3.58 -8.44 -36.53
N ARG A 14 3.19 -8.67 -37.79
CA ARG A 14 1.78 -8.55 -38.15
C ARG A 14 0.96 -9.70 -37.57
N GLN A 15 1.56 -10.90 -37.50
CA GLN A 15 0.78 -12.09 -37.16
C GLN A 15 0.39 -12.12 -35.68
N LEU A 16 1.23 -11.61 -34.79
CA LEU A 16 0.95 -11.71 -33.35
C LEU A 16 -0.46 -11.24 -32.99
N PRO A 17 -0.91 -10.07 -33.45
CA PRO A 17 -2.31 -9.69 -33.15
C PRO A 17 -3.35 -10.72 -33.58
N LEU A 18 -3.21 -11.31 -34.79
CA LEU A 18 -4.18 -12.30 -35.21
C LEU A 18 -4.25 -13.46 -34.23
N LYS A 19 -3.13 -13.79 -33.59
CA LYS A 19 -3.08 -14.85 -32.58
C LYS A 19 -3.42 -14.37 -31.18
N SER A 20 -3.92 -13.15 -31.04
CA SER A 20 -4.17 -12.57 -29.72
C SER A 20 -5.65 -12.21 -29.56
N VAL A 21 -6.08 -12.14 -28.30
CA VAL A 21 -7.41 -11.69 -27.94
C VAL A 21 -7.29 -10.70 -26.78
N ALA A 22 -8.06 -9.62 -26.84
CA ALA A 22 -8.03 -8.58 -25.81
C ALA A 22 -9.25 -8.71 -24.89
N LEU A 23 -9.01 -8.59 -23.59
CA LEU A 23 -10.09 -8.61 -22.60
C LEU A 23 -10.14 -7.26 -21.90
N ILE A 24 -11.29 -6.61 -21.97
CA ILE A 24 -11.49 -5.29 -21.39
C ILE A 24 -12.32 -5.48 -20.14
N LEU A 25 -11.72 -5.29 -18.98
CA LEU A 25 -12.44 -5.40 -17.71
C LEU A 25 -13.20 -4.10 -17.47
N ALA A 26 -14.53 -4.18 -17.47
CA ALA A 26 -15.37 -2.98 -17.52
C ALA A 26 -15.96 -2.68 -16.14
N GLY A 27 -15.08 -2.18 -15.27
CA GLY A 27 -15.46 -1.67 -13.96
C GLY A 27 -16.66 -2.32 -13.31
N ALA A 41 -19.26 0.82 -14.89
CA ALA A 41 -19.87 2.14 -15.04
C ALA A 41 -18.84 3.15 -15.54
N LYS A 42 -17.59 3.00 -15.11
CA LYS A 42 -16.53 3.91 -15.55
C LYS A 42 -16.35 3.87 -17.05
N PRO A 43 -16.15 2.72 -17.69
CA PRO A 43 -15.92 2.69 -19.14
C PRO A 43 -17.03 3.33 -19.97
N ALA A 44 -18.24 3.41 -19.43
CA ALA A 44 -19.38 3.93 -20.17
C ALA A 44 -19.67 5.39 -19.85
N VAL A 45 -18.64 6.16 -19.50
CA VAL A 45 -18.82 7.57 -19.17
C VAL A 45 -18.69 8.40 -20.44
N HIS A 46 -19.64 9.31 -20.66
CA HIS A 46 -19.53 10.23 -21.79
C HIS A 46 -18.23 11.01 -21.71
N PHE A 47 -17.57 11.19 -22.85
CA PHE A 47 -16.33 11.93 -22.92
C PHE A 47 -16.17 12.60 -24.28
N GLY A 48 -15.65 13.82 -24.26
CA GLY A 48 -15.26 14.49 -25.49
C GLY A 48 -16.38 14.78 -26.45
N GLY A 49 -17.61 14.93 -25.95
CA GLY A 49 -18.76 15.29 -26.77
C GLY A 49 -19.50 14.13 -27.41
N LYS A 50 -18.77 13.12 -27.89
CA LYS A 50 -19.38 12.00 -28.62
C LYS A 50 -18.93 10.63 -28.15
N PHE A 51 -17.90 10.52 -27.33
CA PHE A 51 -17.30 9.22 -27.04
C PHE A 51 -17.70 8.74 -25.66
N ARG A 52 -17.49 7.44 -25.45
CA ARG A 52 -17.46 6.84 -24.13
C ARG A 52 -16.09 6.25 -23.90
N ILE A 53 -15.63 6.30 -22.66
CA ILE A 53 -14.22 6.02 -22.37
C ILE A 53 -13.81 4.69 -22.99
N ILE A 54 -14.65 3.66 -22.84
CA ILE A 54 -14.28 2.33 -23.32
C ILE A 54 -13.86 2.39 -24.79
N ASP A 55 -14.49 3.26 -25.58
CA ASP A 55 -14.16 3.39 -26.99
C ASP A 55 -12.66 3.40 -27.23
N PHE A 56 -11.91 4.10 -26.37
CA PHE A 56 -10.46 4.17 -26.54
C PHE A 56 -9.85 2.77 -26.51
N ALA A 57 -10.02 2.05 -25.40
CA ALA A 57 -9.49 0.69 -25.32
C ALA A 57 -9.83 -0.10 -26.57
N LEU A 58 -11.13 -0.30 -26.80
CA LEU A 58 -11.59 -1.00 -28.00
C LEU A 58 -10.90 -0.46 -29.24
N SER A 59 -10.93 0.86 -29.43
CA SER A 59 -10.32 1.45 -30.63
C SER A 59 -8.86 1.00 -30.76
N ASN A 60 -8.09 1.12 -29.68
CA ASN A 60 -6.70 0.67 -29.73
C ASN A 60 -6.63 -0.75 -30.28
N CYS A 61 -7.38 -1.67 -29.67
CA CYS A 61 -7.38 -3.06 -30.13
C CYS A 61 -7.56 -3.13 -31.64
N ILE A 62 -8.57 -2.43 -32.17
CA ILE A 62 -8.83 -2.47 -33.61
C ILE A 62 -7.62 -1.97 -34.38
N ASN A 63 -7.11 -0.80 -34.00
CA ASN A 63 -6.02 -0.20 -34.76
C ASN A 63 -4.72 -0.96 -34.58
N SER A 64 -4.59 -1.78 -33.54
CA SER A 64 -3.40 -2.58 -33.35
C SER A 64 -3.44 -3.89 -34.12
N GLY A 65 -4.55 -4.19 -34.78
CA GLY A 65 -4.71 -5.45 -35.49
C GLY A 65 -5.41 -6.52 -34.68
N ILE A 66 -5.76 -6.25 -33.44
CA ILE A 66 -6.46 -7.19 -32.59
C ILE A 66 -7.96 -6.93 -32.77
N ARG A 67 -8.62 -7.77 -33.56
CA ARG A 67 -10.05 -7.60 -33.80
C ARG A 67 -10.90 -8.57 -32.97
N ARG A 68 -10.31 -9.27 -32.02
CA ARG A 68 -11.05 -10.17 -31.13
C ARG A 68 -11.00 -9.64 -29.71
N MET A 69 -12.12 -9.11 -29.22
CA MET A 69 -12.17 -8.47 -27.91
C MET A 69 -13.26 -9.08 -27.04
N GLY A 70 -13.02 -9.07 -25.74
CA GLY A 70 -14.01 -9.53 -24.79
C GLY A 70 -14.25 -8.55 -23.67
N VAL A 71 -15.41 -7.88 -23.67
CA VAL A 71 -15.75 -6.90 -22.65
C VAL A 71 -16.39 -7.63 -21.49
N ILE A 72 -15.70 -7.68 -20.35
CA ILE A 72 -16.17 -8.33 -19.15
C ILE A 72 -16.79 -7.25 -18.28
N THR A 73 -18.11 -7.29 -18.10
CA THR A 73 -18.82 -6.21 -17.42
C THR A 73 -19.10 -6.63 -15.98
N GLN A 74 -18.44 -5.94 -15.03
CA GLN A 74 -18.62 -6.22 -13.61
C GLN A 74 -20.10 -6.22 -13.23
N TYR A 75 -20.82 -5.15 -13.57
CA TYR A 75 -22.25 -5.03 -13.32
C TYR A 75 -23.01 -5.10 -14.63
N GLN A 76 -24.30 -5.47 -14.53
CA GLN A 76 -25.18 -5.53 -15.69
C GLN A 76 -25.58 -4.09 -16.03
N SER A 77 -24.64 -3.39 -16.68
CA SER A 77 -24.84 -1.99 -17.06
C SER A 77 -25.57 -1.94 -18.40
N HIS A 78 -26.81 -1.45 -18.38
CA HIS A 78 -27.56 -1.32 -19.61
C HIS A 78 -26.91 -0.32 -20.56
N THR A 79 -26.29 0.73 -20.04
CA THR A 79 -25.75 1.77 -20.91
C THR A 79 -24.50 1.28 -21.65
N LEU A 80 -23.67 0.48 -20.97
CA LEU A 80 -22.50 -0.06 -21.64
C LEU A 80 -22.90 -1.11 -22.66
N VAL A 81 -23.78 -2.05 -22.28
CA VAL A 81 -24.26 -3.07 -23.21
C VAL A 81 -24.89 -2.42 -24.44
N GLN A 82 -25.72 -1.40 -24.23
CA GLN A 82 -26.35 -0.71 -25.35
C GLN A 82 -25.29 -0.05 -26.23
N HIS A 83 -24.30 0.59 -25.63
CA HIS A 83 -23.27 1.24 -26.43
C HIS A 83 -22.49 0.23 -27.27
N ILE A 84 -22.07 -0.87 -26.64
CA ILE A 84 -21.40 -1.91 -27.41
C ILE A 84 -22.31 -2.42 -28.50
N GLN A 85 -23.64 -2.41 -28.27
CA GLN A 85 -24.57 -3.00 -29.22
C GLN A 85 -24.78 -2.12 -30.45
N ARG A 86 -24.87 -0.80 -30.24
CA ARG A 86 -25.12 0.12 -31.33
C ARG A 86 -23.83 0.58 -32.02
N GLY A 87 -22.71 0.58 -31.31
CA GLY A 87 -21.48 1.14 -31.84
C GLY A 87 -20.34 0.17 -32.02
N TRP A 88 -20.41 -1.01 -31.41
CA TRP A 88 -19.34 -1.99 -31.51
C TRP A 88 -19.86 -3.37 -31.87
N SER A 89 -20.97 -3.44 -32.58
CA SER A 89 -21.49 -4.72 -33.08
C SER A 89 -21.59 -4.66 -34.59
N PHE A 90 -20.46 -4.47 -35.28
CA PHE A 90 -20.42 -4.37 -36.72
C PHE A 90 -19.55 -5.45 -37.34
N PHE A 91 -19.23 -6.49 -36.59
CA PHE A 91 -18.22 -7.45 -36.99
C PHE A 91 -18.85 -8.63 -37.72
N ASN A 92 -18.07 -9.21 -38.64
CA ASN A 92 -18.45 -10.44 -39.33
C ASN A 92 -17.71 -11.57 -38.62
N GLU A 93 -18.42 -12.28 -37.73
CA GLU A 93 -17.79 -13.25 -36.85
C GLU A 93 -17.00 -14.30 -37.63
N GLU A 94 -17.43 -14.64 -38.85
CA GLU A 94 -16.72 -15.66 -39.61
C GLU A 94 -15.34 -15.20 -40.04
N MET A 95 -15.04 -13.90 -39.94
CA MET A 95 -13.73 -13.37 -40.30
C MET A 95 -12.79 -13.29 -39.11
N ASN A 96 -13.11 -13.98 -38.01
CA ASN A 96 -12.28 -13.99 -36.80
C ASN A 96 -12.17 -12.60 -36.20
N GLU A 97 -13.31 -11.98 -35.95
CA GLU A 97 -13.37 -10.64 -35.37
C GLU A 97 -14.70 -10.50 -34.64
N PHE A 98 -14.67 -9.98 -33.41
CA PHE A 98 -15.89 -9.85 -32.62
C PHE A 98 -15.59 -9.05 -31.36
N VAL A 99 -16.66 -8.62 -30.70
CA VAL A 99 -16.58 -7.96 -29.39
C VAL A 99 -17.62 -8.65 -28.50
N ASP A 100 -17.17 -9.67 -27.76
CA ASP A 100 -18.09 -10.47 -26.95
C ASP A 100 -18.44 -9.74 -25.65
N LEU A 101 -19.70 -9.83 -25.27
CA LEU A 101 -20.16 -9.27 -24.00
C LEU A 101 -20.17 -10.40 -22.97
N LEU A 102 -19.20 -10.40 -22.11
CA LEU A 102 -18.98 -11.41 -21.07
C LEU A 102 -19.52 -10.93 -19.73
N PRO A 103 -20.38 -11.69 -19.07
CA PRO A 103 -20.95 -11.23 -17.79
C PRO A 103 -20.02 -11.47 -16.61
N ALA A 104 -20.21 -10.64 -15.58
CA ALA A 104 -19.51 -10.80 -14.30
C ALA A 104 -20.50 -10.90 -13.14
N GLN A 105 -20.78 -12.11 -12.68
CA GLN A 105 -21.52 -12.26 -11.43
C GLN A 105 -20.57 -12.10 -10.24
N GLN A 106 -21.15 -11.85 -9.07
CA GLN A 106 -20.36 -11.65 -7.85
C GLN A 106 -19.60 -12.91 -7.47
N ARG A 115 -15.14 -8.26 -4.73
CA ARG A 115 -14.45 -9.28 -5.50
C ARG A 115 -13.27 -8.69 -6.28
N GLY A 116 -12.39 -9.55 -6.79
CA GLY A 116 -11.19 -9.09 -7.46
C GLY A 116 -11.40 -8.87 -8.96
N THR A 117 -10.36 -8.33 -9.60
CA THR A 117 -10.40 -8.07 -11.03
C THR A 117 -10.17 -9.35 -11.83
N ALA A 118 -9.23 -10.19 -11.40
CA ALA A 118 -8.95 -11.44 -12.12
C ALA A 118 -10.09 -12.42 -12.00
N ASP A 119 -10.84 -12.37 -10.89
CA ASP A 119 -11.96 -13.29 -10.68
C ASP A 119 -12.92 -13.26 -11.86
N ALA A 120 -13.21 -12.06 -12.38
CA ALA A 120 -14.13 -11.93 -13.51
C ALA A 120 -13.61 -12.70 -14.72
N VAL A 121 -12.31 -12.63 -14.97
CA VAL A 121 -11.73 -13.41 -16.06
C VAL A 121 -11.86 -14.91 -15.76
N THR A 122 -11.61 -15.31 -14.51
CA THR A 122 -11.71 -16.72 -14.13
C THR A 122 -13.10 -17.26 -14.42
N GLN A 123 -14.13 -16.45 -14.22
CA GLN A 123 -15.49 -16.93 -14.42
C GLN A 123 -15.71 -17.40 -15.85
N ASN A 124 -15.26 -16.62 -16.83
CA ASN A 124 -15.47 -16.93 -18.24
C ASN A 124 -14.34 -17.74 -18.84
N LEU A 125 -13.62 -18.52 -18.04
CA LEU A 125 -12.45 -19.21 -18.56
C LEU A 125 -12.81 -20.19 -19.67
N ASP A 126 -13.98 -20.84 -19.57
CA ASP A 126 -14.41 -21.76 -20.62
C ASP A 126 -14.53 -21.06 -21.97
N ILE A 127 -15.25 -19.93 -22.00
CA ILE A 127 -15.42 -19.19 -23.24
C ILE A 127 -14.07 -18.75 -23.80
N ILE A 128 -13.20 -18.25 -22.93
CA ILE A 128 -11.91 -17.74 -23.38
C ILE A 128 -11.06 -18.87 -23.95
N ARG A 129 -11.05 -20.02 -23.29
CA ARG A 129 -10.36 -21.18 -23.87
C ARG A 129 -10.94 -21.48 -25.25
N ALA A 130 -12.26 -21.35 -25.39
CA ALA A 130 -12.89 -21.59 -26.70
C ALA A 130 -12.34 -20.64 -27.75
N TYR A 131 -11.95 -19.42 -27.36
CA TYR A 131 -11.31 -18.53 -28.33
C TYR A 131 -10.08 -19.17 -28.96
N LYS A 132 -9.38 -20.01 -28.21
CA LYS A 132 -8.14 -20.65 -28.68
C LYS A 132 -7.12 -19.59 -29.09
N ALA A 133 -6.83 -18.70 -28.15
CA ALA A 133 -5.87 -17.63 -28.40
C ALA A 133 -4.48 -18.07 -27.96
N GLU A 134 -3.47 -17.62 -28.69
CA GLU A 134 -2.09 -17.84 -28.29
C GLU A 134 -1.63 -16.81 -27.26
N TYR A 135 -2.09 -15.57 -27.37
CA TYR A 135 -1.75 -14.52 -26.43
C TYR A 135 -3.03 -13.81 -26.00
N VAL A 136 -3.06 -13.36 -24.74
CA VAL A 136 -4.20 -12.66 -24.16
C VAL A 136 -3.73 -11.27 -23.74
N VAL A 137 -4.52 -10.24 -24.07
CA VAL A 137 -4.21 -8.86 -23.72
C VAL A 137 -5.26 -8.39 -22.71
N ILE A 138 -4.83 -8.11 -21.49
CA ILE A 138 -5.71 -7.60 -20.45
C ILE A 138 -5.64 -6.08 -20.45
N LEU A 139 -6.80 -5.42 -20.54
CA LEU A 139 -6.90 -3.98 -20.58
C LEU A 139 -7.90 -3.49 -19.53
N ALA A 140 -7.74 -2.24 -19.13
CA ALA A 140 -8.69 -1.55 -18.28
C ALA A 140 -9.47 -0.58 -19.14
N GLY A 141 -10.79 -0.74 -19.15
CA GLY A 141 -11.62 0.05 -20.03
C GLY A 141 -12.04 1.39 -19.49
N ASP A 142 -11.34 1.89 -18.46
CA ASP A 142 -11.70 3.15 -17.82
C ASP A 142 -10.56 4.16 -17.93
N HIS A 143 -9.70 4.01 -18.95
CA HIS A 143 -8.61 4.94 -19.18
C HIS A 143 -8.69 5.49 -20.61
N ILE A 144 -8.13 6.68 -20.79
CA ILE A 144 -8.12 7.34 -22.08
C ILE A 144 -6.67 7.42 -22.54
N TYR A 145 -6.34 6.70 -23.61
CA TYR A 145 -4.98 6.66 -24.12
C TYR A 145 -5.00 6.02 -25.50
N LYS A 146 -3.91 6.20 -26.22
CA LYS A 146 -3.71 5.58 -27.52
C LYS A 146 -2.42 4.78 -27.46
N GLN A 147 -2.52 3.47 -27.69
CA GLN A 147 -1.39 2.56 -27.60
C GLN A 147 -1.48 1.52 -28.69
N ASP A 148 -0.35 1.25 -29.36
CA ASP A 148 -0.28 0.21 -30.37
C ASP A 148 0.08 -1.07 -29.64
N TYR A 149 -0.95 -1.86 -29.31
CA TYR A 149 -0.71 -3.06 -28.51
C TYR A 149 0.15 -4.07 -29.27
N SER A 150 0.22 -3.99 -30.60
CA SER A 150 1.03 -4.93 -31.36
C SER A 150 2.50 -4.78 -31.02
N ARG A 151 2.96 -3.54 -30.86
CA ARG A 151 4.34 -3.32 -30.43
C ARG A 151 4.59 -3.93 -29.05
N MET A 152 3.61 -3.80 -28.15
CA MET A 152 3.75 -4.43 -26.85
C MET A 152 3.80 -5.95 -26.99
N LEU A 153 3.12 -6.50 -27.98
CA LEU A 153 3.24 -7.94 -28.20
C LEU A 153 4.62 -8.29 -28.71
N ILE A 154 5.16 -7.48 -29.64
CA ILE A 154 6.53 -7.72 -30.09
C ILE A 154 7.44 -7.78 -28.89
N ASP A 155 7.41 -6.75 -28.04
CA ASP A 155 8.28 -6.76 -26.87
C ASP A 155 7.98 -7.98 -26.00
N HIS A 156 6.72 -8.39 -25.90
CA HIS A 156 6.39 -9.58 -25.13
C HIS A 156 7.12 -10.82 -25.66
N VAL A 157 6.94 -11.14 -26.96
CA VAL A 157 7.58 -12.33 -27.52
C VAL A 157 9.11 -12.16 -27.55
N GLU A 158 9.56 -11.01 -28.03
CA GLU A 158 10.99 -10.73 -28.18
C GLU A 158 11.74 -10.95 -26.88
N LYS A 159 11.19 -10.46 -25.77
CA LYS A 159 11.78 -10.69 -24.45
C LYS A 159 11.58 -12.12 -23.98
N GLY A 160 10.74 -12.89 -24.64
CA GLY A 160 10.50 -14.26 -24.23
C GLY A 160 9.82 -14.36 -22.89
N ALA A 161 9.09 -13.33 -22.50
CA ALA A 161 8.42 -13.28 -21.21
C ALA A 161 7.11 -14.06 -21.23
N ARG A 162 6.72 -14.53 -20.04
CA ARG A 162 5.38 -15.06 -19.85
C ARG A 162 4.36 -13.97 -19.61
N CYS A 163 4.79 -12.82 -19.08
CA CYS A 163 3.88 -11.72 -18.80
C CYS A 163 4.62 -10.41 -18.98
N THR A 164 4.01 -9.47 -19.71
CA THR A 164 4.57 -8.15 -19.94
C THR A 164 3.61 -7.14 -19.33
N VAL A 165 4.14 -6.19 -18.57
CA VAL A 165 3.32 -5.18 -17.90
C VAL A 165 3.75 -3.81 -18.37
N ALA A 166 2.80 -3.02 -18.88
CA ALA A 166 3.12 -1.66 -19.31
C ALA A 166 3.33 -0.76 -18.10
N CYS A 167 4.46 -0.07 -18.08
CA CYS A 167 4.86 0.74 -16.93
C CYS A 167 5.32 2.12 -17.39
N MET A 168 5.06 3.12 -16.55
CA MET A 168 5.49 4.49 -16.84
C MET A 168 5.83 5.20 -15.53
N PRO A 169 6.84 6.07 -15.53
CA PRO A 169 7.13 6.87 -14.33
C PRO A 169 5.94 7.75 -13.93
N VAL A 170 5.65 7.78 -12.63
CA VAL A 170 4.56 8.59 -12.09
C VAL A 170 5.09 9.39 -10.89
N PRO A 171 4.51 10.55 -10.58
CA PRO A 171 4.96 11.29 -9.39
C PRO A 171 4.86 10.45 -8.12
N ILE A 172 5.88 10.56 -7.28
CA ILE A 172 5.96 9.72 -6.10
C ILE A 172 4.72 9.90 -5.23
N GLU A 173 4.24 11.14 -5.11
CA GLU A 173 3.08 11.42 -4.27
C GLU A 173 1.89 10.56 -4.67
N GLU A 174 1.70 10.37 -5.99
CA GLU A 174 0.58 9.59 -6.50
C GLU A 174 0.84 8.09 -6.49
N ALA A 175 2.11 7.69 -6.42
CA ALA A 175 2.46 6.28 -6.64
C ALA A 175 1.75 5.34 -5.67
N SER A 176 1.24 5.84 -4.54
CA SER A 176 0.58 4.96 -3.59
C SER A 176 -0.63 4.26 -4.20
N ALA A 177 -1.33 4.92 -5.13
CA ALA A 177 -2.50 4.28 -5.71
C ALA A 177 -2.15 3.22 -6.75
N PHE A 178 -0.98 3.32 -7.37
CA PHE A 178 -0.58 2.42 -8.45
C PHE A 178 0.27 1.27 -7.89
N GLY A 179 0.45 0.25 -8.73
CA GLY A 179 1.40 -0.80 -8.43
C GLY A 179 2.77 -0.41 -8.95
N VAL A 180 3.76 -0.45 -8.06
CA VAL A 180 5.11 0.03 -8.35
C VAL A 180 6.04 -1.14 -8.53
N MET A 181 7.01 -0.98 -9.42
CA MET A 181 7.90 -2.07 -9.81
C MET A 181 9.33 -1.57 -9.96
N ALA A 182 10.29 -2.49 -9.85
CA ALA A 182 11.70 -2.24 -10.10
C ALA A 182 12.23 -3.32 -11.03
N VAL A 183 12.95 -2.88 -12.07
CA VAL A 183 13.41 -3.75 -13.14
C VAL A 183 14.94 -3.70 -13.17
N ASP A 184 15.51 -4.63 -13.93
CA ASP A 184 16.94 -4.69 -14.16
C ASP A 184 17.25 -4.07 -15.53
N GLU A 185 18.45 -4.35 -16.05
CA GLU A 185 18.84 -3.81 -17.35
C GLU A 185 17.98 -4.39 -18.47
N ASN A 186 17.46 -5.61 -18.30
CA ASN A 186 16.67 -6.28 -19.33
C ASN A 186 15.16 -6.09 -19.13
N ASP A 187 14.77 -5.07 -18.38
CA ASP A 187 13.36 -4.77 -18.15
C ASP A 187 12.62 -5.96 -17.53
N LYS A 188 13.32 -6.85 -16.85
CA LYS A 188 12.68 -7.93 -16.12
C LYS A 188 12.32 -7.39 -14.74
N ILE A 189 11.07 -7.62 -14.31
CA ILE A 189 10.58 -7.05 -13.06
C ILE A 189 11.29 -7.75 -11.89
N ILE A 190 12.13 -7.00 -11.20
CA ILE A 190 12.84 -7.54 -10.04
C ILE A 190 11.94 -7.52 -8.83
N GLU A 191 11.23 -6.40 -8.60
CA GLU A 191 10.38 -6.24 -7.43
C GLU A 191 9.05 -5.61 -7.83
N PHE A 192 7.96 -6.08 -7.24
CA PHE A 192 6.66 -5.48 -7.45
C PHE A 192 5.90 -5.38 -6.13
N VAL A 193 5.19 -4.27 -5.95
CA VAL A 193 4.32 -4.11 -4.79
C VAL A 193 3.07 -3.35 -5.25
N GLU A 194 1.90 -3.85 -4.84
CA GLU A 194 0.63 -3.30 -5.26
C GLU A 194 0.17 -2.28 -4.23
N LYS A 195 -0.04 -1.04 -4.67
CA LYS A 195 -0.52 0.03 -3.82
C LYS A 195 0.31 0.13 -2.53
N PRO A 196 1.62 0.30 -2.65
CA PRO A 196 2.46 0.42 -1.46
C PRO A 196 2.20 1.71 -0.72
N ALA A 197 2.24 1.63 0.62
CA ALA A 197 2.06 2.81 1.44
C ALA A 197 3.26 3.74 1.33
N ASN A 198 4.47 3.17 1.22
CA ASN A 198 5.71 3.93 1.10
C ASN A 198 6.36 3.52 -0.22
N PRO A 199 5.92 4.12 -1.33
CA PRO A 199 6.33 3.60 -2.64
C PRO A 199 7.82 3.78 -2.86
N PRO A 200 8.53 2.73 -3.26
CA PRO A 200 9.94 2.89 -3.64
C PRO A 200 10.10 3.76 -4.88
N SER A 201 11.13 4.58 -4.86
CA SER A 201 11.46 5.45 -5.98
C SER A 201 12.26 4.71 -7.04
N MET A 202 12.31 5.31 -8.23
CA MET A 202 13.07 4.73 -9.31
C MET A 202 14.56 4.93 -9.03
N PRO A 203 15.41 3.97 -9.38
CA PRO A 203 16.84 4.11 -9.08
C PRO A 203 17.40 5.36 -9.74
N ASN A 204 17.94 6.26 -8.91
CA ASN A 204 18.59 7.51 -9.33
C ASN A 204 17.59 8.63 -9.58
N ASP A 205 16.31 8.45 -9.27
CA ASP A 205 15.31 9.51 -9.47
C ASP A 205 14.22 9.38 -8.41
N PRO A 206 14.43 9.94 -7.22
CA PRO A 206 13.35 9.97 -6.21
C PRO A 206 12.13 10.81 -6.58
N SER A 207 12.15 11.52 -7.71
CA SER A 207 11.02 12.37 -8.05
C SER A 207 9.78 11.55 -8.41
N LYS A 208 9.97 10.41 -9.06
CA LYS A 208 8.86 9.58 -9.51
C LYS A 208 9.23 8.11 -9.33
N SER A 209 8.20 7.26 -9.27
CA SER A 209 8.40 5.82 -9.22
C SER A 209 8.00 5.21 -10.55
N LEU A 210 8.17 3.90 -10.67
CA LEU A 210 7.83 3.16 -11.89
C LEU A 210 6.51 2.44 -11.63
N ALA A 211 5.43 2.94 -12.25
CA ALA A 211 4.10 2.43 -11.95
C ALA A 211 3.58 1.56 -13.07
N SER A 212 2.79 0.56 -12.69
CA SER A 212 2.09 -0.29 -13.65
C SER A 212 0.76 0.36 -14.03
N MET A 213 0.42 0.26 -15.31
CA MET A 213 -0.77 0.90 -15.87
C MET A 213 -1.97 -0.05 -15.99
N GLY A 214 -1.90 -1.22 -15.36
CA GLY A 214 -2.99 -2.17 -15.48
C GLY A 214 -3.22 -2.67 -16.89
N ILE A 215 -2.17 -2.69 -17.71
CA ILE A 215 -2.23 -3.20 -19.08
C ILE A 215 -1.25 -4.36 -19.17
N TYR A 216 -1.76 -5.57 -19.40
CA TYR A 216 -0.93 -6.76 -19.36
C TYR A 216 -1.00 -7.52 -20.68
N VAL A 217 0.10 -8.22 -20.99
CA VAL A 217 0.15 -9.20 -22.06
C VAL A 217 0.56 -10.54 -21.46
N PHE A 218 -0.21 -11.58 -21.77
CA PHE A 218 -0.01 -12.92 -21.23
C PHE A 218 0.11 -13.94 -22.35
N ASP A 219 0.97 -14.94 -22.15
CA ASP A 219 0.82 -16.17 -22.89
C ASP A 219 -0.48 -16.85 -22.44
N ALA A 220 -1.35 -17.16 -23.40
CA ALA A 220 -2.68 -17.65 -23.07
C ALA A 220 -2.61 -18.84 -22.12
N ASP A 221 -1.75 -19.81 -22.42
CA ASP A 221 -1.66 -21.01 -21.59
C ASP A 221 -1.29 -20.64 -20.16
N TYR A 222 -0.19 -19.91 -19.99
CA TYR A 222 0.26 -19.53 -18.65
C TYR A 222 -0.82 -18.76 -17.91
N LEU A 223 -1.57 -17.91 -18.62
CA LEU A 223 -2.64 -17.16 -17.95
C LEU A 223 -3.72 -18.11 -17.46
N TYR A 224 -4.19 -19.01 -18.33
CA TYR A 224 -5.21 -19.95 -17.92
C TYR A 224 -4.75 -20.68 -16.65
N GLU A 225 -3.54 -21.24 -16.69
CA GLU A 225 -3.01 -21.95 -15.52
C GLU A 225 -3.03 -21.07 -14.28
N LEU A 226 -2.57 -19.84 -14.42
CA LEU A 226 -2.48 -18.95 -13.26
C LEU A 226 -3.86 -18.69 -12.68
N LEU A 227 -4.87 -18.52 -13.54
CA LEU A 227 -6.21 -18.28 -13.05
C LEU A 227 -6.77 -19.50 -12.33
N GLU A 228 -6.51 -20.70 -12.84
CA GLU A 228 -6.93 -21.90 -12.12
C GLU A 228 -6.33 -21.92 -10.72
N GLU A 229 -5.00 -21.73 -10.64
CA GLU A 229 -4.33 -21.75 -9.35
C GLU A 229 -4.90 -20.68 -8.42
N ASP A 230 -5.23 -19.51 -8.97
CA ASP A 230 -5.73 -18.43 -8.13
C ASP A 230 -7.10 -18.77 -7.58
N ASP A 231 -7.96 -19.36 -8.42
CA ASP A 231 -9.29 -19.73 -7.93
C ASP A 231 -9.18 -20.75 -6.80
N ARG A 232 -8.16 -21.61 -6.84
CA ARG A 232 -8.01 -22.58 -5.73
C ARG A 232 -7.53 -21.91 -4.45
N ASP A 233 -6.66 -20.91 -4.54
CA ASP A 233 -6.11 -20.24 -3.36
C ASP A 233 -7.23 -19.54 -2.61
N GLU A 234 -7.46 -19.97 -1.36
CA GLU A 234 -8.54 -19.42 -0.55
C GLU A 234 -8.24 -17.98 -0.11
N ASN A 235 -6.99 -17.71 0.28
CA ASN A 235 -6.64 -16.38 0.78
C ASN A 235 -6.36 -15.37 -0.33
N SER A 236 -6.26 -15.81 -1.59
CA SER A 236 -6.05 -14.87 -2.67
C SER A 236 -7.21 -13.89 -2.76
N SER A 237 -6.89 -12.62 -3.01
CA SER A 237 -7.90 -11.61 -3.28
C SER A 237 -8.41 -11.67 -4.72
N HIS A 238 -7.84 -12.55 -5.55
CA HIS A 238 -8.30 -12.76 -6.91
C HIS A 238 -8.19 -11.49 -7.75
N ASP A 239 -7.10 -10.75 -7.54
CA ASP A 239 -6.84 -9.50 -8.24
C ASP A 239 -5.47 -9.60 -8.92
N PHE A 240 -5.38 -9.03 -10.12
CA PHE A 240 -4.12 -9.06 -10.87
C PHE A 240 -2.99 -8.42 -10.06
N GLY A 241 -3.16 -7.17 -9.66
CA GLY A 241 -2.09 -6.47 -8.99
C GLY A 241 -1.79 -7.02 -7.61
N LYS A 242 -2.84 -7.24 -6.81
CA LYS A 242 -2.65 -7.66 -5.43
C LYS A 242 -2.13 -9.09 -5.33
N ASP A 243 -2.50 -9.97 -6.25
CA ASP A 243 -2.21 -11.39 -6.14
C ASP A 243 -1.35 -11.94 -7.27
N LEU A 244 -1.76 -11.75 -8.53
CA LEU A 244 -1.12 -12.47 -9.62
C LEU A 244 0.25 -11.89 -9.95
N ILE A 245 0.33 -10.57 -10.17
CA ILE A 245 1.60 -9.97 -10.58
C ILE A 245 2.70 -10.25 -9.56
N PRO A 246 2.50 -10.06 -8.25
CA PRO A 246 3.56 -10.46 -7.32
C PRO A 246 3.98 -11.91 -7.52
N LYS A 247 3.03 -12.82 -7.72
CA LYS A 247 3.37 -14.22 -7.91
C LYS A 247 4.27 -14.41 -9.13
N ILE A 248 3.92 -13.77 -10.26
CA ILE A 248 4.71 -13.92 -11.47
C ILE A 248 6.09 -13.30 -11.30
N THR A 249 6.15 -12.09 -10.72
CA THR A 249 7.43 -11.42 -10.50
C THR A 249 8.36 -12.28 -9.64
N GLU A 250 7.83 -12.83 -8.55
CA GLU A 250 8.66 -13.65 -7.67
C GLU A 250 9.27 -14.82 -8.41
N ALA A 251 8.60 -15.33 -9.43
CA ALA A 251 9.14 -16.40 -10.26
C ALA A 251 10.09 -15.90 -11.33
N GLY A 252 10.25 -14.58 -11.49
CA GLY A 252 11.13 -14.08 -12.52
C GLY A 252 10.58 -14.20 -13.92
N LEU A 253 9.25 -14.28 -14.06
CA LEU A 253 8.60 -14.44 -15.35
C LEU A 253 7.89 -13.16 -15.80
N ALA A 254 8.08 -12.07 -15.08
CA ALA A 254 7.37 -10.82 -15.36
C ALA A 254 8.35 -9.79 -15.90
N TYR A 255 8.18 -9.40 -17.16
CA TYR A 255 8.96 -8.33 -17.75
C TYR A 255 8.11 -7.07 -17.87
N ALA A 256 8.79 -5.94 -18.00
CA ALA A 256 8.16 -4.63 -18.08
C ALA A 256 8.24 -4.08 -19.49
N HIS A 257 7.32 -3.18 -19.80
CA HIS A 257 7.23 -2.55 -21.12
C HIS A 257 7.12 -1.04 -20.95
N PRO A 258 8.16 -0.28 -21.30
CA PRO A 258 8.03 1.18 -21.26
C PRO A 258 6.92 1.67 -22.18
N PHE A 259 6.02 2.47 -21.61
CA PHE A 259 4.88 2.95 -22.38
C PHE A 259 5.28 3.70 -23.64
N PRO A 260 6.29 4.58 -23.63
CA PRO A 260 6.62 5.30 -24.87
C PRO A 260 6.90 4.38 -26.05
N LEU A 261 7.30 3.13 -25.81
CA LEU A 261 7.66 2.25 -26.91
C LEU A 261 6.48 1.99 -27.85
N SER A 262 5.25 2.06 -27.32
CA SER A 262 4.06 1.77 -28.12
C SER A 262 3.02 2.87 -28.11
N CYS A 263 3.07 3.82 -27.18
CA CYS A 263 2.09 4.88 -27.14
C CYS A 263 2.05 5.62 -28.48
N VAL A 264 0.85 5.86 -28.98
CA VAL A 264 0.64 6.50 -30.27
C VAL A 264 0.33 7.98 -30.05
N GLN A 265 1.08 8.85 -30.72
CA GLN A 265 0.87 10.28 -30.61
C GLN A 265 1.45 10.95 -31.85
N SER A 266 0.77 11.98 -32.35
CA SER A 266 1.23 12.68 -33.54
C SER A 266 2.55 13.42 -33.29
N ASP A 267 2.65 14.12 -32.16
CA ASP A 267 3.84 14.91 -31.86
C ASP A 267 4.80 14.06 -31.05
N PRO A 268 5.96 13.66 -31.60
CA PRO A 268 6.89 12.82 -30.82
C PRO A 268 7.45 13.52 -29.58
N ASP A 269 7.55 14.85 -29.60
CA ASP A 269 8.19 15.60 -28.53
C ASP A 269 7.27 15.87 -27.34
N ALA A 270 6.27 15.03 -27.13
CA ALA A 270 5.31 15.22 -26.05
C ALA A 270 5.36 14.04 -25.06
N GLU A 271 4.81 14.25 -23.85
CA GLU A 271 4.73 13.19 -22.86
C GLU A 271 3.62 12.21 -23.26
N PRO A 272 3.79 10.93 -22.96
CA PRO A 272 2.70 9.98 -23.23
C PRO A 272 1.42 10.39 -22.50
N TYR A 273 0.30 10.36 -23.23
CA TYR A 273 -0.99 10.75 -22.69
C TYR A 273 -1.67 9.54 -22.08
N TRP A 274 -2.00 9.62 -20.79
CA TRP A 274 -2.73 8.55 -20.10
C TRP A 274 -3.45 9.17 -18.92
N ARG A 275 -4.78 9.13 -18.94
CA ARG A 275 -5.62 9.74 -17.93
C ARG A 275 -6.73 8.79 -17.50
N ASP A 276 -6.95 8.70 -16.18
CA ASP A 276 -8.09 7.99 -15.61
C ASP A 276 -8.97 9.00 -14.90
N VAL A 277 -10.19 9.17 -15.40
CA VAL A 277 -11.03 10.31 -15.02
C VAL A 277 -11.89 9.97 -13.81
N GLY A 278 -11.35 9.18 -12.89
CA GLY A 278 -12.05 8.90 -11.65
C GLY A 278 -12.51 10.17 -10.96
N THR A 279 -11.59 11.10 -10.72
CA THR A 279 -11.93 12.31 -9.99
C THR A 279 -12.71 13.27 -10.88
N LEU A 280 -13.57 14.07 -10.26
CA LEU A 280 -14.30 15.07 -11.03
C LEU A 280 -13.35 16.05 -11.71
N GLU A 281 -12.35 16.54 -10.97
CA GLU A 281 -11.41 17.50 -11.54
C GLU A 281 -10.69 16.92 -12.75
N ALA A 282 -10.31 15.64 -12.67
CA ALA A 282 -9.63 15.01 -13.81
C ALA A 282 -10.56 14.92 -15.01
N TYR A 283 -11.82 14.53 -14.79
CA TYR A 283 -12.78 14.46 -15.88
C TYR A 283 -12.95 15.82 -16.54
N TRP A 284 -13.31 16.83 -15.73
CA TRP A 284 -13.50 18.19 -16.24
C TRP A 284 -12.28 18.65 -17.04
N LYS A 285 -11.08 18.45 -16.47
CA LYS A 285 -9.86 18.88 -17.14
C LYS A 285 -9.69 18.17 -18.48
N ALA A 286 -9.83 16.84 -18.48
CA ALA A 286 -9.63 16.07 -19.71
C ALA A 286 -10.60 16.48 -20.79
N ASN A 287 -11.86 16.72 -20.43
CA ASN A 287 -12.82 17.18 -21.42
C ASN A 287 -12.43 18.54 -21.96
N LEU A 288 -12.19 19.52 -21.07
CA LEU A 288 -11.87 20.87 -21.53
C LEU A 288 -10.59 20.92 -22.35
N ASP A 289 -9.70 19.95 -22.17
CA ASP A 289 -8.49 19.90 -22.99
C ASP A 289 -8.84 19.92 -24.46
N LEU A 290 -9.89 19.20 -24.85
CA LEU A 290 -10.29 19.08 -26.24
C LEU A 290 -10.78 20.40 -26.82
N ALA A 291 -11.16 21.36 -25.97
CA ALA A 291 -11.61 22.65 -26.45
C ALA A 291 -10.49 23.65 -26.67
N SER A 292 -9.30 23.41 -26.10
CA SER A 292 -8.20 24.35 -26.23
C SER A 292 -7.70 24.39 -27.68
N VAL A 293 -6.85 25.37 -27.96
CA VAL A 293 -6.36 25.58 -29.32
C VAL A 293 -5.57 24.36 -29.80
N VAL A 294 -4.71 23.84 -28.94
CA VAL A 294 -3.92 22.66 -29.27
C VAL A 294 -4.18 21.63 -28.17
N PRO A 295 -5.19 20.78 -28.31
CA PRO A 295 -5.45 19.81 -27.25
C PRO A 295 -4.31 18.81 -27.14
N GLU A 296 -4.02 18.42 -25.90
CA GLU A 296 -3.02 17.38 -25.68
C GLU A 296 -3.47 16.07 -26.29
N LEU A 297 -4.78 15.80 -26.31
CA LEU A 297 -5.33 14.57 -26.85
C LEU A 297 -5.86 14.86 -28.25
N ASP A 298 -5.31 14.18 -29.25
CA ASP A 298 -5.63 14.44 -30.65
C ASP A 298 -6.77 13.54 -31.08
N MET A 299 -7.97 14.10 -31.25
CA MET A 299 -9.14 13.37 -31.74
C MET A 299 -9.36 13.61 -33.24
N TYR A 300 -8.39 14.20 -33.93
CA TYR A 300 -8.43 14.41 -35.37
C TYR A 300 -7.42 13.55 -36.13
N ASP A 301 -6.72 12.64 -35.45
CA ASP A 301 -5.65 11.87 -36.07
C ASP A 301 -6.27 10.78 -36.94
N ARG A 302 -6.14 10.91 -38.26
CA ARG A 302 -6.68 9.91 -39.18
C ARG A 302 -5.86 8.63 -39.18
N ASN A 303 -4.70 8.59 -38.54
CA ASN A 303 -3.88 7.39 -38.51
C ASN A 303 -4.22 6.47 -37.34
N TRP A 304 -4.87 6.98 -36.29
CA TRP A 304 -5.29 6.17 -35.15
C TRP A 304 -6.65 6.69 -34.71
N PRO A 305 -7.69 6.41 -35.47
CA PRO A 305 -9.01 6.96 -35.18
C PRO A 305 -9.71 6.23 -34.05
N ILE A 306 -10.70 6.89 -33.46
CA ILE A 306 -11.46 6.35 -32.35
C ILE A 306 -12.87 6.07 -32.81
N ARG A 307 -13.29 4.81 -32.71
CA ARG A 307 -14.64 4.38 -33.08
C ARG A 307 -15.61 4.57 -31.92
N THR A 308 -16.84 4.96 -32.24
CA THR A 308 -17.88 5.10 -31.24
C THR A 308 -19.24 4.96 -31.94
N TYR A 309 -20.29 5.07 -31.14
CA TYR A 309 -21.66 5.04 -31.67
C TYR A 309 -21.90 6.32 -32.46
N ASN A 310 -22.20 6.18 -33.75
CA ASN A 310 -22.37 7.33 -34.62
C ASN A 310 -23.83 7.77 -34.53
N GLU A 311 -24.10 8.55 -33.50
CA GLU A 311 -25.46 9.06 -33.28
C GLU A 311 -25.82 10.03 -34.39
N SER A 312 -27.04 9.91 -34.91
CA SER A 312 -27.52 10.79 -35.98
C SER A 312 -28.07 12.07 -35.36
N LEU A 313 -27.39 13.19 -35.58
CA LEU A 313 -27.78 14.44 -34.96
C LEU A 313 -27.82 15.56 -36.00
N PRO A 314 -28.68 16.56 -35.82
CA PRO A 314 -28.68 17.72 -36.71
C PRO A 314 -27.46 18.59 -36.46
N PRO A 315 -27.09 19.45 -37.40
CA PRO A 315 -25.97 20.34 -37.16
C PRO A 315 -26.20 21.24 -35.96
N ALA A 316 -25.10 21.64 -35.32
CA ALA A 316 -25.19 22.62 -34.25
C ALA A 316 -25.87 23.88 -34.77
N LYS A 317 -26.93 24.30 -34.07
CA LYS A 317 -27.75 25.42 -34.51
C LYS A 317 -27.49 26.63 -33.62
N PHE A 318 -26.95 27.68 -34.21
CA PHE A 318 -26.74 28.95 -33.51
C PHE A 318 -27.77 29.95 -34.00
N VAL A 319 -28.49 30.57 -33.05
CA VAL A 319 -29.57 31.48 -33.35
C VAL A 319 -29.41 32.75 -32.53
N GLN A 320 -30.27 33.73 -32.81
CA GLN A 320 -30.32 34.99 -32.09
C GLN A 320 -31.02 34.82 -30.75
N ASP A 321 -30.69 35.68 -29.80
CA ASP A 321 -31.39 35.71 -28.53
C ASP A 321 -32.69 36.50 -28.69
N ARG A 322 -33.45 36.63 -27.59
CA ARG A 322 -34.71 37.36 -27.65
C ARG A 322 -34.49 38.80 -28.10
N SER A 323 -33.31 39.35 -27.83
CA SER A 323 -32.94 40.69 -28.27
C SER A 323 -32.37 40.73 -29.69
N GLY A 324 -32.24 39.59 -30.36
CA GLY A 324 -31.70 39.59 -31.71
C GLY A 324 -30.19 39.72 -31.78
N SER A 325 -29.52 39.54 -30.65
CA SER A 325 -28.07 39.71 -30.58
C SER A 325 -27.37 38.41 -30.95
N HIS A 326 -26.13 38.53 -31.45
CA HIS A 326 -25.41 37.35 -31.86
C HIS A 326 -24.77 36.66 -30.66
N GLY A 327 -24.29 35.45 -30.89
CA GLY A 327 -23.61 34.68 -29.87
C GLY A 327 -22.11 34.68 -30.07
N MET A 328 -21.38 34.62 -28.95
CA MET A 328 -19.92 34.65 -28.94
C MET A 328 -19.40 33.32 -28.42
N THR A 329 -18.42 32.76 -29.13
CA THR A 329 -17.80 31.50 -28.76
C THR A 329 -16.29 31.65 -28.74
N LEU A 330 -15.68 31.10 -27.69
CA LEU A 330 -14.23 31.13 -27.54
C LEU A 330 -13.78 29.75 -27.08
N ASN A 331 -12.97 29.10 -27.90
CA ASN A 331 -12.35 27.83 -27.55
C ASN A 331 -13.37 26.88 -26.90
N SER A 332 -14.38 26.50 -27.68
CA SER A 332 -15.43 25.62 -27.18
C SER A 332 -15.82 24.61 -28.26
N LEU A 333 -16.40 23.51 -27.81
CA LEU A 333 -16.93 22.47 -28.67
C LEU A 333 -18.45 22.42 -28.56
N VAL A 334 -19.13 22.26 -29.70
CA VAL A 334 -20.58 22.22 -29.76
C VAL A 334 -20.99 20.97 -30.55
N SER A 335 -21.52 19.97 -29.84
CA SER A 335 -21.88 18.72 -30.48
C SER A 335 -23.16 18.88 -31.29
N GLY A 336 -23.46 17.85 -32.07
CA GLY A 336 -24.65 17.89 -32.90
C GLY A 336 -25.92 18.01 -32.09
N GLY A 337 -26.95 18.57 -32.72
CA GLY A 337 -28.23 18.75 -32.09
C GLY A 337 -28.33 19.89 -31.10
N CYS A 338 -27.20 20.51 -30.74
CA CYS A 338 -27.24 21.64 -29.82
C CYS A 338 -27.94 22.83 -30.45
N VAL A 339 -28.52 23.68 -29.60
CA VAL A 339 -29.15 24.92 -30.01
C VAL A 339 -28.72 26.00 -29.04
N ILE A 340 -28.08 27.04 -29.56
CA ILE A 340 -27.47 28.08 -28.76
C ILE A 340 -28.07 29.41 -29.15
N SER A 341 -28.74 30.06 -28.22
CA SER A 341 -29.34 31.37 -28.46
C SER A 341 -28.34 32.44 -28.00
N GLY A 342 -27.62 33.03 -28.95
CA GLY A 342 -26.66 34.06 -28.62
C GLY A 342 -25.71 33.60 -27.54
N SER A 343 -25.73 34.28 -26.41
CA SER A 343 -24.97 33.86 -25.23
C SER A 343 -23.47 33.87 -25.48
N VAL A 344 -22.70 33.58 -24.44
CA VAL A 344 -21.25 33.53 -24.52
C VAL A 344 -20.84 32.15 -24.01
N VAL A 345 -20.12 31.41 -24.84
CA VAL A 345 -19.62 30.08 -24.50
C VAL A 345 -18.10 30.11 -24.60
N VAL A 346 -17.43 29.81 -23.49
CA VAL A 346 -15.98 29.95 -23.36
C VAL A 346 -15.41 28.66 -22.78
N GLN A 347 -14.29 28.21 -23.36
CA GLN A 347 -13.54 27.06 -22.85
C GLN A 347 -14.46 25.94 -22.39
N SER A 348 -15.55 25.71 -23.12
CA SER A 348 -16.55 24.75 -22.70
C SER A 348 -16.72 23.65 -23.74
N VAL A 349 -17.28 22.53 -23.28
CA VAL A 349 -17.62 21.39 -24.12
C VAL A 349 -19.10 21.07 -23.94
N LEU A 350 -19.87 21.15 -25.03
CA LEU A 350 -21.31 20.92 -25.00
C LEU A 350 -21.61 19.62 -25.73
N PHE A 351 -22.06 18.61 -24.99
CA PHE A 351 -22.39 17.31 -25.53
C PHE A 351 -23.66 17.42 -26.38
N SER A 352 -24.17 16.27 -26.81
CA SER A 352 -25.23 16.25 -27.81
C SER A 352 -26.52 16.85 -27.27
N ARG A 353 -27.23 17.57 -28.14
CA ARG A 353 -28.61 17.99 -27.91
C ARG A 353 -28.74 18.92 -26.70
N VAL A 354 -27.75 19.78 -26.50
CA VAL A 354 -27.77 20.72 -25.40
C VAL A 354 -28.50 21.98 -25.86
N ARG A 355 -29.47 22.42 -25.05
CA ARG A 355 -30.22 23.63 -25.32
C ARG A 355 -29.67 24.72 -24.40
N VAL A 356 -29.25 25.83 -24.98
CA VAL A 356 -28.74 26.98 -24.23
C VAL A 356 -29.58 28.18 -24.61
N ASN A 357 -30.36 28.70 -23.65
CA ASN A 357 -31.28 29.78 -23.95
C ASN A 357 -30.54 31.12 -23.88
N SER A 358 -31.29 32.22 -23.96
CA SER A 358 -30.69 33.52 -24.19
C SER A 358 -29.93 34.04 -22.98
N PHE A 359 -28.95 34.88 -23.25
CA PHE A 359 -28.26 35.66 -22.21
C PHE A 359 -27.54 34.77 -21.20
N CYS A 360 -26.84 33.77 -21.71
CA CYS A 360 -26.07 32.86 -20.86
C CYS A 360 -24.58 33.14 -20.96
N ASN A 361 -23.89 32.92 -19.85
CA ASN A 361 -22.43 33.05 -19.80
C ASN A 361 -21.87 31.74 -19.25
N ILE A 362 -21.39 30.89 -20.16
CA ILE A 362 -20.82 29.60 -19.81
C ILE A 362 -19.32 29.67 -20.00
N ASP A 363 -18.56 29.22 -18.99
CA ASP A 363 -17.11 29.41 -18.97
C ASP A 363 -16.51 28.19 -18.30
N SER A 364 -15.61 27.50 -19.01
CA SER A 364 -14.89 26.35 -18.50
C SER A 364 -15.85 25.34 -17.87
N ALA A 365 -16.89 24.99 -18.63
CA ALA A 365 -17.94 24.10 -18.18
C ALA A 365 -18.10 22.96 -19.16
N VAL A 366 -18.60 21.83 -18.65
CA VAL A 366 -18.85 20.62 -19.43
C VAL A 366 -20.30 20.22 -19.21
N LEU A 367 -21.12 20.34 -20.25
CA LEU A 367 -22.55 20.04 -20.21
C LEU A 367 -22.79 18.73 -20.95
N LEU A 368 -23.18 17.69 -20.22
CA LEU A 368 -23.41 16.38 -20.82
C LEU A 368 -24.70 16.40 -21.65
N PRO A 369 -24.98 15.33 -22.40
CA PRO A 369 -26.08 15.40 -23.37
C PRO A 369 -27.40 15.83 -22.76
N GLU A 370 -28.21 16.50 -23.58
CA GLU A 370 -29.61 16.84 -23.32
C GLU A 370 -29.79 17.83 -22.16
N VAL A 371 -28.73 18.50 -21.72
CA VAL A 371 -28.91 19.54 -20.72
C VAL A 371 -29.74 20.67 -21.31
N TRP A 372 -30.61 21.25 -20.49
CA TRP A 372 -31.44 22.39 -20.89
C TRP A 372 -31.09 23.53 -19.95
N VAL A 373 -30.47 24.56 -20.48
CA VAL A 373 -30.05 25.73 -19.70
C VAL A 373 -31.04 26.85 -19.93
N GLY A 374 -31.75 27.23 -18.87
CA GLY A 374 -32.69 28.33 -18.94
C GLY A 374 -32.01 29.65 -19.22
N ARG A 375 -32.83 30.70 -19.29
CA ARG A 375 -32.32 32.02 -19.64
C ARG A 375 -31.53 32.62 -18.48
N SER A 376 -30.57 33.47 -18.83
CA SER A 376 -29.87 34.33 -17.88
C SER A 376 -29.04 33.55 -16.87
N CYS A 377 -28.49 32.41 -17.27
CA CYS A 377 -27.63 31.62 -16.40
C CYS A 377 -26.16 32.01 -16.58
N ARG A 378 -25.38 31.74 -15.54
CA ARG A 378 -23.93 31.98 -15.57
C ARG A 378 -23.26 30.78 -14.92
N LEU A 379 -22.71 29.88 -15.74
CA LEU A 379 -22.06 28.68 -15.25
C LEU A 379 -20.55 28.80 -15.45
N ARG A 380 -19.78 28.44 -14.43
CA ARG A 380 -18.32 28.48 -14.52
C ARG A 380 -17.73 27.31 -13.76
N ARG A 381 -16.68 26.73 -14.32
CA ARG A 381 -15.91 25.65 -13.69
C ARG A 381 -16.82 24.60 -13.03
N CYS A 382 -17.62 23.96 -13.87
CA CYS A 382 -18.60 23.00 -13.39
C CYS A 382 -18.83 21.91 -14.42
N VAL A 383 -19.59 20.89 -14.02
CA VAL A 383 -19.97 19.79 -14.89
C VAL A 383 -21.45 19.49 -14.66
N ILE A 384 -22.28 19.72 -15.67
CA ILE A 384 -23.72 19.46 -15.61
C ILE A 384 -23.99 18.08 -16.19
N ASP A 385 -24.62 17.22 -15.40
CA ASP A 385 -24.82 15.83 -15.80
C ASP A 385 -25.95 15.72 -16.83
N ARG A 386 -26.11 14.52 -17.39
CA ARG A 386 -27.05 14.30 -18.48
C ARG A 386 -28.45 14.78 -18.10
N ALA A 387 -29.10 15.47 -19.05
CA ALA A 387 -30.52 15.80 -18.99
C ALA A 387 -30.90 16.75 -17.86
N CYS A 388 -29.93 17.44 -17.28
CA CYS A 388 -30.27 18.45 -16.28
C CYS A 388 -31.09 19.56 -16.89
N VAL A 389 -32.02 20.08 -16.09
CA VAL A 389 -32.80 21.24 -16.48
C VAL A 389 -32.38 22.35 -15.52
N ILE A 390 -31.54 23.25 -16.01
CA ILE A 390 -31.06 24.37 -15.20
C ILE A 390 -32.11 25.46 -15.26
N PRO A 391 -32.69 25.90 -14.13
CA PRO A 391 -33.76 26.90 -14.19
C PRO A 391 -33.27 28.24 -14.68
N GLU A 392 -34.06 29.30 -14.47
CA GLU A 392 -33.80 30.58 -15.11
C GLU A 392 -33.09 31.48 -14.11
N GLY A 393 -31.89 31.92 -14.46
CA GLY A 393 -31.10 32.80 -13.64
C GLY A 393 -30.23 32.12 -12.59
N MET A 394 -30.04 30.81 -12.68
CA MET A 394 -29.15 30.11 -11.76
C MET A 394 -27.70 30.43 -12.09
N VAL A 395 -26.92 30.75 -11.06
CA VAL A 395 -25.49 31.02 -11.21
C VAL A 395 -24.70 29.98 -10.43
N ILE A 396 -23.63 29.47 -11.04
CA ILE A 396 -22.78 28.46 -10.43
C ILE A 396 -21.34 28.83 -10.72
N GLY A 397 -20.46 28.57 -9.74
CA GLY A 397 -19.03 28.78 -9.90
C GLY A 397 -18.53 30.14 -9.42
N GLU A 398 -19.39 31.01 -8.94
CA GLU A 398 -18.97 32.33 -8.46
C GLU A 398 -18.96 32.43 -6.94
N ASN A 399 -20.02 31.97 -6.28
CA ASN A 399 -20.09 31.94 -4.82
C ASN A 399 -19.81 30.51 -4.34
N ALA A 400 -18.60 30.28 -3.84
CA ALA A 400 -18.20 28.93 -3.47
C ALA A 400 -19.13 28.34 -2.44
N GLU A 401 -19.41 29.07 -1.36
CA GLU A 401 -20.24 28.54 -0.28
C GLU A 401 -21.61 28.11 -0.80
N GLU A 402 -22.28 29.01 -1.53
CA GLU A 402 -23.62 28.71 -2.03
C GLU A 402 -23.60 27.47 -2.93
N ASP A 403 -22.63 27.42 -3.86
CA ASP A 403 -22.52 26.26 -4.73
C ASP A 403 -22.32 24.99 -3.91
N ALA A 404 -21.47 25.04 -2.89
CA ALA A 404 -21.22 23.85 -2.08
C ALA A 404 -22.48 23.36 -1.36
N ARG A 405 -23.31 24.28 -0.84
CA ARG A 405 -24.55 23.78 -0.21
C ARG A 405 -25.47 23.15 -1.24
N ARG A 406 -25.66 23.81 -2.39
CA ARG A 406 -26.63 23.28 -3.36
C ARG A 406 -26.17 21.94 -3.93
N PHE A 407 -24.92 21.86 -4.38
CA PHE A 407 -24.45 20.68 -5.09
C PHE A 407 -23.17 20.15 -4.47
N TYR A 408 -22.48 19.26 -5.17
CA TYR A 408 -21.17 18.76 -4.76
C TYR A 408 -20.09 19.63 -5.33
N ARG A 409 -19.10 19.99 -4.51
CA ARG A 409 -18.02 20.87 -4.94
C ARG A 409 -16.71 20.27 -4.47
N SER A 410 -15.83 19.98 -5.43
CA SER A 410 -14.56 19.35 -5.13
C SER A 410 -13.62 20.34 -4.46
N GLU A 411 -12.56 19.80 -3.85
CA GLU A 411 -11.60 20.64 -3.14
C GLU A 411 -10.98 21.66 -4.07
N GLU A 412 -10.80 21.31 -5.34
CA GLU A 412 -10.16 22.22 -6.28
C GLU A 412 -11.10 23.32 -6.79
N GLY A 413 -12.40 23.18 -6.57
CA GLY A 413 -13.35 24.21 -6.94
C GLY A 413 -14.28 23.88 -8.09
N ILE A 414 -14.39 22.61 -8.49
CA ILE A 414 -15.25 22.20 -9.59
C ILE A 414 -16.58 21.73 -9.02
N VAL A 415 -17.68 22.07 -9.69
CA VAL A 415 -19.03 21.76 -9.24
C VAL A 415 -19.64 20.69 -10.13
N LEU A 416 -20.42 19.80 -9.53
CA LEU A 416 -21.16 18.77 -10.25
C LEU A 416 -22.65 18.93 -9.94
N VAL A 417 -23.48 18.91 -10.97
CA VAL A 417 -24.92 19.16 -10.84
C VAL A 417 -25.67 18.00 -11.50
N THR A 418 -26.36 17.20 -10.70
CA THR A 418 -27.18 16.12 -11.23
C THR A 418 -28.65 16.49 -11.13
N ARG A 419 -29.49 15.66 -11.78
CA ARG A 419 -30.94 15.87 -11.71
C ARG A 419 -31.43 15.85 -10.27
N GLU A 420 -31.10 14.79 -9.52
CA GLU A 420 -31.61 14.66 -8.16
C GLU A 420 -31.26 15.89 -7.33
N MET A 421 -30.03 16.38 -7.46
CA MET A 421 -29.64 17.57 -6.71
C MET A 421 -30.61 18.72 -6.97
N LEU A 422 -30.91 18.99 -8.24
CA LEU A 422 -31.79 20.10 -8.58
C LEU A 422 -33.21 19.86 -8.08
N ARG A 423 -33.68 18.61 -8.14
CA ARG A 423 -35.03 18.33 -7.65
C ARG A 423 -35.12 18.60 -6.16
N LYS A 424 -34.10 18.19 -5.40
CA LYS A 424 -34.08 18.50 -3.97
C LYS A 424 -34.20 20.00 -3.72
N LEU A 425 -33.73 20.81 -4.68
CA LEU A 425 -33.80 22.26 -4.56
C LEU A 425 -35.11 22.83 -5.04
N GLY A 426 -36.06 21.98 -5.45
CA GLY A 426 -37.36 22.44 -5.84
C GLY A 426 -37.47 22.89 -7.28
N HIS A 427 -36.58 22.41 -8.15
CA HIS A 427 -36.61 22.72 -9.57
C HIS A 427 -37.03 21.48 -10.34
N LYS A 428 -38.17 21.56 -11.01
CA LYS A 428 -38.75 20.41 -11.69
C LYS A 428 -37.87 19.96 -12.85
N GLN A 429 -37.57 18.66 -12.89
CA GLN A 429 -36.83 18.02 -13.98
C GLN A 429 -37.82 17.19 -14.79
N GLU A 430 -38.26 17.73 -15.91
CA GLU A 430 -39.31 17.11 -16.71
C GLU A 430 -39.35 17.69 -18.12
N MET B 11 -56.95 4.66 -41.76
CA MET B 11 -55.63 4.07 -41.96
C MET B 11 -54.93 3.80 -40.61
N LEU B 12 -55.67 3.18 -39.68
CA LEU B 12 -55.14 2.91 -38.34
C LEU B 12 -54.23 1.68 -38.32
N ALA B 13 -54.51 0.69 -39.17
CA ALA B 13 -53.67 -0.50 -39.21
C ALA B 13 -52.20 -0.15 -39.40
N ARG B 14 -51.91 0.82 -40.27
CA ARG B 14 -50.53 1.22 -40.50
C ARG B 14 -49.94 1.92 -39.29
N GLN B 15 -50.77 2.64 -38.53
CA GLN B 15 -50.26 3.43 -37.41
C GLN B 15 -49.94 2.56 -36.20
N LEU B 16 -50.80 1.61 -35.87
CA LEU B 16 -50.66 0.90 -34.60
C LEU B 16 -49.29 0.26 -34.43
N PRO B 17 -48.75 -0.48 -35.40
CA PRO B 17 -47.40 -1.03 -35.22
C PRO B 17 -46.37 0.01 -34.86
N LEU B 18 -46.28 1.09 -35.65
CA LEU B 18 -45.27 2.11 -35.42
C LEU B 18 -45.41 2.72 -34.03
N LYS B 19 -46.63 2.89 -33.55
CA LYS B 19 -46.89 3.42 -32.23
C LYS B 19 -46.72 2.36 -31.12
N SER B 20 -46.21 1.18 -31.45
CA SER B 20 -46.14 0.08 -30.51
C SER B 20 -44.70 -0.35 -30.29
N VAL B 21 -44.47 -0.98 -29.14
CA VAL B 21 -43.19 -1.58 -28.79
C VAL B 21 -43.46 -2.98 -28.26
N ALA B 22 -42.64 -3.94 -28.70
CA ALA B 22 -42.77 -5.33 -28.28
C ALA B 22 -41.70 -5.65 -27.27
N LEU B 23 -42.08 -6.31 -26.19
CA LEU B 23 -41.15 -6.74 -25.15
C LEU B 23 -41.15 -8.26 -25.13
N ILE B 24 -39.97 -8.85 -25.32
CA ILE B 24 -39.84 -10.30 -25.39
C ILE B 24 -39.23 -10.77 -24.08
N LEU B 25 -40.02 -11.43 -23.25
CA LEU B 25 -39.52 -11.98 -22.00
C LEU B 25 -38.79 -13.28 -22.33
N ALA B 26 -37.50 -13.33 -22.01
CA ALA B 26 -36.66 -14.46 -22.39
C ALA B 26 -35.97 -15.08 -21.18
N ALA B 41 -30.25 -20.62 -21.86
CA ALA B 41 -31.67 -20.33 -21.63
C ALA B 41 -32.54 -20.87 -22.76
N LYS B 42 -33.78 -21.27 -22.43
CA LYS B 42 -34.72 -21.78 -23.43
C LYS B 42 -34.77 -20.94 -24.70
N PRO B 43 -34.93 -19.62 -24.64
CA PRO B 43 -35.02 -18.83 -25.89
C PRO B 43 -33.83 -19.00 -26.83
N ALA B 44 -32.66 -19.37 -26.33
CA ALA B 44 -31.46 -19.47 -27.16
C ALA B 44 -31.15 -20.90 -27.58
N VAL B 45 -32.17 -21.74 -27.71
CA VAL B 45 -31.99 -23.12 -28.12
C VAL B 45 -32.02 -23.17 -29.63
N HIS B 46 -31.07 -23.90 -30.22
CA HIS B 46 -31.04 -24.07 -31.67
C HIS B 46 -32.27 -24.84 -32.16
N PHE B 47 -32.77 -24.47 -33.33
CA PHE B 47 -33.94 -25.15 -33.89
C PHE B 47 -33.84 -25.20 -35.41
N GLY B 48 -34.23 -26.33 -35.98
CA GLY B 48 -34.36 -26.42 -37.42
C GLY B 48 -33.08 -26.21 -38.19
N GLY B 49 -31.93 -26.50 -37.59
CA GLY B 49 -30.65 -26.45 -38.25
C GLY B 49 -29.92 -25.12 -38.25
N LYS B 50 -30.65 -24.01 -38.42
CA LYS B 50 -30.03 -22.69 -38.55
C LYS B 50 -30.64 -21.60 -37.68
N PHE B 51 -31.61 -21.92 -36.83
CA PHE B 51 -32.36 -20.89 -36.13
C PHE B 51 -32.27 -21.09 -34.63
N ARG B 52 -32.59 -20.01 -33.89
CA ARG B 52 -32.79 -20.06 -32.46
C ARG B 52 -34.23 -19.61 -32.17
N ILE B 53 -34.84 -20.20 -31.14
CA ILE B 53 -36.29 -20.04 -30.94
C ILE B 53 -36.69 -18.58 -30.98
N ILE B 54 -35.94 -17.74 -30.26
CA ILE B 54 -36.30 -16.33 -30.15
C ILE B 54 -36.51 -15.72 -31.53
N ASP B 55 -35.72 -16.16 -32.51
CA ASP B 55 -35.83 -15.65 -33.88
C ASP B 55 -37.27 -15.56 -34.33
N PHE B 56 -38.08 -16.55 -33.98
CA PHE B 56 -39.48 -16.51 -34.40
C PHE B 56 -40.17 -15.27 -33.84
N ALA B 57 -40.24 -15.15 -32.51
CA ALA B 57 -40.89 -13.99 -31.91
C ALA B 57 -40.39 -12.70 -32.55
N LEU B 58 -39.08 -12.43 -32.42
CA LEU B 58 -38.49 -11.26 -33.05
C LEU B 58 -38.93 -11.14 -34.50
N SER B 59 -38.76 -12.21 -35.27
CA SER B 59 -39.15 -12.18 -36.67
C SER B 59 -40.60 -11.73 -36.82
N ASN B 60 -41.50 -12.34 -36.04
CA ASN B 60 -42.88 -11.91 -36.07
C ASN B 60 -42.98 -10.39 -35.93
N CYS B 61 -42.37 -9.85 -34.87
CA CYS B 61 -42.37 -8.41 -34.66
C CYS B 61 -42.01 -7.67 -35.95
N ILE B 62 -40.92 -8.09 -36.60
CA ILE B 62 -40.49 -7.43 -37.83
C ILE B 62 -41.59 -7.49 -38.88
N ASN B 63 -42.11 -8.70 -39.14
CA ASN B 63 -43.10 -8.86 -40.19
C ASN B 63 -44.41 -8.20 -39.85
N SER B 64 -44.66 -7.92 -38.57
CA SER B 64 -45.85 -7.20 -38.16
C SER B 64 -45.68 -5.69 -38.22
N GLY B 65 -44.47 -5.20 -38.51
CA GLY B 65 -44.23 -3.78 -38.54
C GLY B 65 -43.69 -3.21 -37.25
N ILE B 66 -43.52 -4.04 -36.23
CA ILE B 66 -42.99 -3.61 -34.94
C ILE B 66 -41.47 -3.74 -35.02
N ARG B 67 -40.79 -2.62 -35.21
CA ARG B 67 -39.34 -2.59 -35.28
C ARG B 67 -38.70 -2.06 -34.00
N ARG B 68 -39.49 -1.83 -32.95
CA ARG B 68 -38.98 -1.40 -31.64
C ARG B 68 -39.20 -2.56 -30.68
N MET B 69 -38.11 -3.23 -30.31
CA MET B 69 -38.20 -4.40 -29.45
C MET B 69 -37.31 -4.24 -28.23
N GLY B 70 -37.76 -4.82 -27.15
CA GLY B 70 -36.97 -4.88 -25.94
C GLY B 70 -36.89 -6.30 -25.44
N VAL B 71 -35.74 -6.92 -25.61
CA VAL B 71 -35.52 -8.30 -25.19
C VAL B 71 -35.08 -8.26 -23.74
N ILE B 72 -35.95 -8.76 -22.85
CA ILE B 72 -35.69 -8.76 -21.42
C ILE B 72 -35.09 -10.11 -21.07
N THR B 73 -33.80 -10.09 -20.75
CA THR B 73 -33.07 -11.32 -20.44
C THR B 73 -32.07 -11.01 -19.32
N GLN B 74 -31.83 -12.00 -18.48
CA GLN B 74 -30.77 -11.91 -17.51
C GLN B 74 -29.42 -11.92 -18.24
N TYR B 75 -28.65 -10.82 -18.09
CA TYR B 75 -27.36 -10.69 -18.78
C TYR B 75 -26.44 -11.88 -18.50
N GLN B 76 -26.73 -12.68 -17.46
CA GLN B 76 -25.97 -13.89 -17.21
C GLN B 76 -26.07 -14.89 -18.35
N SER B 77 -27.08 -14.77 -19.21
CA SER B 77 -27.25 -15.66 -20.36
C SER B 77 -26.37 -15.13 -21.51
N HIS B 78 -25.25 -15.81 -21.75
CA HIS B 78 -24.24 -15.33 -22.69
C HIS B 78 -24.62 -15.61 -24.14
N THR B 79 -25.06 -16.83 -24.43
CA THR B 79 -25.38 -17.19 -25.81
C THR B 79 -26.53 -16.35 -26.37
N LEU B 80 -27.51 -15.98 -25.54
CA LEU B 80 -28.62 -15.17 -26.03
C LEU B 80 -28.17 -13.74 -26.35
N VAL B 81 -27.44 -13.11 -25.43
CA VAL B 81 -26.89 -11.78 -25.71
C VAL B 81 -26.04 -11.82 -26.96
N GLN B 82 -25.18 -12.83 -27.07
CA GLN B 82 -24.29 -12.94 -28.24
C GLN B 82 -25.10 -13.10 -29.52
N HIS B 83 -26.13 -13.95 -29.50
CA HIS B 83 -26.95 -14.16 -30.70
C HIS B 83 -27.66 -12.88 -31.09
N ILE B 84 -28.28 -12.20 -30.13
CA ILE B 84 -28.89 -10.91 -30.43
C ILE B 84 -27.85 -9.95 -30.97
N GLN B 85 -26.60 -10.09 -30.54
CA GLN B 85 -25.55 -9.14 -30.89
C GLN B 85 -25.04 -9.36 -32.31
N ARG B 86 -24.93 -10.61 -32.74
CA ARG B 86 -24.42 -10.91 -34.07
C ARG B 86 -25.51 -10.98 -35.14
N GLY B 87 -26.75 -11.29 -34.75
CA GLY B 87 -27.83 -11.48 -35.70
C GLY B 87 -28.97 -10.51 -35.59
N TRP B 88 -29.08 -9.78 -34.48
CA TRP B 88 -30.19 -8.87 -34.26
C TRP B 88 -29.75 -7.50 -33.78
N SER B 89 -28.54 -7.08 -34.15
CA SER B 89 -28.06 -5.74 -33.82
C SER B 89 -27.75 -5.00 -35.11
N PHE B 90 -28.76 -4.83 -35.95
CA PHE B 90 -28.59 -4.25 -37.26
C PHE B 90 -29.44 -3.00 -37.49
N PHE B 91 -29.98 -2.41 -36.44
CA PHE B 91 -30.98 -1.35 -36.60
C PHE B 91 -30.36 0.04 -36.62
N ASN B 92 -31.04 0.94 -37.34
CA ASN B 92 -30.70 2.37 -37.39
C ASN B 92 -31.66 3.10 -36.45
N GLU B 93 -31.15 3.43 -35.25
CA GLU B 93 -31.99 3.97 -34.18
C GLU B 93 -32.75 5.21 -34.60
N GLU B 94 -32.25 5.95 -35.58
CA GLU B 94 -32.90 7.20 -35.95
C GLU B 94 -34.28 6.99 -36.56
N MET B 95 -34.60 5.78 -37.00
CA MET B 95 -35.91 5.44 -37.53
C MET B 95 -36.83 4.78 -36.50
N ASN B 96 -36.51 4.85 -35.22
CA ASN B 96 -37.31 4.25 -34.17
C ASN B 96 -37.38 2.73 -34.36
N GLU B 97 -36.20 2.12 -34.40
CA GLU B 97 -36.10 0.69 -34.56
C GLU B 97 -34.84 0.22 -33.85
N PHE B 98 -34.97 -0.80 -33.02
CA PHE B 98 -33.86 -1.27 -32.20
C PHE B 98 -34.27 -2.54 -31.49
N VAL B 99 -33.29 -3.24 -30.94
CA VAL B 99 -33.51 -4.41 -30.10
C VAL B 99 -32.68 -4.19 -28.85
N ASP B 100 -33.30 -3.60 -27.82
CA ASP B 100 -32.57 -3.30 -26.59
C ASP B 100 -32.41 -4.55 -25.75
N LEU B 101 -31.24 -4.72 -25.17
CA LEU B 101 -30.97 -5.82 -24.25
C LEU B 101 -31.19 -5.30 -22.83
N LEU B 102 -32.31 -5.68 -22.23
CA LEU B 102 -32.69 -5.21 -20.91
C LEU B 102 -32.35 -6.26 -19.86
N PRO B 103 -31.62 -5.90 -18.80
CA PRO B 103 -31.21 -6.90 -17.80
C PRO B 103 -32.31 -7.23 -16.79
N ALA B 104 -32.13 -8.38 -16.15
CA ALA B 104 -32.99 -8.83 -15.07
C ALA B 104 -32.63 -8.18 -13.75
N GLY B 116 -41.80 -12.52 -10.15
CA GLY B 116 -42.66 -13.03 -11.21
C GLY B 116 -42.29 -12.50 -12.59
N THR B 117 -43.12 -12.84 -13.58
CA THR B 117 -42.83 -12.45 -14.96
C THR B 117 -42.99 -10.94 -15.17
N ALA B 118 -44.04 -10.34 -14.59
CA ALA B 118 -44.27 -8.91 -14.77
C ALA B 118 -43.21 -8.07 -14.08
N ASP B 119 -42.64 -8.56 -12.98
CA ASP B 119 -41.62 -7.80 -12.27
C ASP B 119 -40.47 -7.42 -13.20
N ALA B 120 -40.08 -8.33 -14.09
CA ALA B 120 -38.98 -8.04 -15.01
C ALA B 120 -39.27 -6.81 -15.85
N VAL B 121 -40.50 -6.66 -16.32
CA VAL B 121 -40.88 -5.45 -17.03
C VAL B 121 -40.88 -4.25 -16.08
N THR B 122 -41.36 -4.46 -14.85
CA THR B 122 -41.43 -3.37 -13.88
C THR B 122 -40.05 -2.76 -13.63
N GLN B 123 -39.01 -3.60 -13.59
CA GLN B 123 -37.67 -3.11 -13.30
C GLN B 123 -37.22 -2.08 -14.33
N ASN B 124 -37.37 -2.41 -15.62
CA ASN B 124 -36.99 -1.52 -16.72
C ASN B 124 -38.11 -0.56 -17.09
N LEU B 125 -39.01 -0.25 -16.16
CA LEU B 125 -40.16 0.58 -16.51
C LEU B 125 -39.72 1.96 -16.99
N ASP B 126 -38.60 2.46 -16.47
CA ASP B 126 -38.06 3.74 -16.93
C ASP B 126 -37.70 3.70 -18.41
N ILE B 127 -36.87 2.72 -18.82
CA ILE B 127 -36.47 2.62 -20.23
C ILE B 127 -37.71 2.45 -21.12
N ILE B 128 -38.65 1.61 -20.69
CA ILE B 128 -39.82 1.30 -21.50
C ILE B 128 -40.67 2.56 -21.67
N ARG B 129 -40.88 3.33 -20.59
CA ARG B 129 -41.58 4.60 -20.75
C ARG B 129 -40.82 5.49 -21.73
N ALA B 130 -39.48 5.46 -21.65
CA ALA B 130 -38.65 6.28 -22.53
C ALA B 130 -38.91 5.94 -24.00
N TYR B 131 -39.26 4.69 -24.29
CA TYR B 131 -39.62 4.37 -25.67
C TYR B 131 -40.75 5.27 -26.17
N LYS B 132 -41.64 5.71 -25.27
CA LYS B 132 -42.75 6.58 -25.61
C LYS B 132 -43.63 5.97 -26.70
N ALA B 133 -44.07 4.74 -26.47
CA ALA B 133 -44.96 4.02 -27.37
C ALA B 133 -46.40 4.16 -26.89
N GLU B 134 -47.34 4.17 -27.85
CA GLU B 134 -48.76 4.22 -27.51
C GLU B 134 -49.28 2.87 -27.02
N TYR B 135 -48.76 1.77 -27.61
CA TYR B 135 -49.16 0.41 -27.23
C TYR B 135 -47.92 -0.45 -26.97
N VAL B 136 -48.06 -1.39 -26.03
CA VAL B 136 -47.00 -2.32 -25.66
C VAL B 136 -47.47 -3.73 -25.96
N VAL B 137 -46.62 -4.52 -26.60
CA VAL B 137 -46.92 -5.91 -26.93
C VAL B 137 -46.02 -6.79 -26.09
N ILE B 138 -46.61 -7.56 -25.18
CA ILE B 138 -45.86 -8.48 -24.33
C ILE B 138 -45.82 -9.85 -24.99
N LEU B 139 -44.61 -10.39 -25.18
CA LEU B 139 -44.43 -11.68 -25.84
C LEU B 139 -43.56 -12.59 -25.00
N ALA B 140 -43.70 -13.89 -25.25
CA ALA B 140 -42.85 -14.91 -24.67
C ALA B 140 -41.90 -15.40 -25.75
N GLY B 141 -40.60 -15.26 -25.51
CA GLY B 141 -39.60 -15.55 -26.51
C GLY B 141 -39.14 -16.99 -26.55
N ASP B 142 -39.90 -17.91 -25.98
CA ASP B 142 -39.52 -19.33 -25.94
C ASP B 142 -40.56 -20.23 -26.62
N HIS B 143 -41.33 -19.69 -27.56
CA HIS B 143 -42.31 -20.47 -28.31
C HIS B 143 -42.05 -20.32 -29.80
N ILE B 144 -42.49 -21.32 -30.56
CA ILE B 144 -42.28 -21.38 -32.01
C ILE B 144 -43.63 -21.24 -32.70
N TYR B 145 -43.83 -20.13 -33.41
CA TYR B 145 -45.10 -19.86 -34.08
C TYR B 145 -44.89 -18.68 -35.02
N LYS B 146 -45.87 -18.48 -35.89
CA LYS B 146 -45.91 -17.34 -36.80
C LYS B 146 -47.20 -16.58 -36.55
N GLN B 147 -47.10 -15.30 -36.18
CA GLN B 147 -48.28 -14.50 -35.89
C GLN B 147 -48.08 -13.07 -36.39
N ASP B 148 -49.12 -12.52 -37.02
CA ASP B 148 -49.11 -11.14 -37.49
C ASP B 148 -49.71 -10.26 -36.40
N TYR B 149 -48.85 -9.62 -35.61
CA TYR B 149 -49.29 -8.81 -34.48
C TYR B 149 -50.11 -7.60 -34.90
N SER B 150 -50.01 -7.17 -36.17
CA SER B 150 -50.82 -6.02 -36.59
C SER B 150 -52.30 -6.35 -36.51
N ARG B 151 -52.68 -7.56 -36.90
CA ARG B 151 -54.07 -7.99 -36.78
C ARG B 151 -54.52 -7.99 -35.31
N MET B 152 -53.66 -8.46 -34.41
CA MET B 152 -54.02 -8.45 -33.00
C MET B 152 -54.10 -7.03 -32.45
N LEU B 153 -53.31 -6.11 -32.98
CA LEU B 153 -53.40 -4.71 -32.56
C LEU B 153 -54.70 -4.07 -33.03
N ILE B 154 -55.08 -4.31 -34.29
CA ILE B 154 -56.39 -3.88 -34.78
C ILE B 154 -57.47 -4.42 -33.86
N ASP B 155 -57.46 -5.74 -33.63
CA ASP B 155 -58.48 -6.35 -32.78
C ASP B 155 -58.49 -5.71 -31.40
N HIS B 156 -57.30 -5.37 -30.88
CA HIS B 156 -57.18 -4.70 -29.59
C HIS B 156 -57.92 -3.35 -29.59
N VAL B 157 -57.59 -2.48 -30.54
CA VAL B 157 -58.19 -1.15 -30.55
C VAL B 157 -59.69 -1.23 -30.82
N GLU B 158 -60.08 -1.95 -31.87
CA GLU B 158 -61.49 -1.96 -32.28
C GLU B 158 -62.39 -2.39 -31.15
N LYS B 159 -61.98 -3.40 -30.38
CA LYS B 159 -62.74 -3.85 -29.22
C LYS B 159 -62.70 -2.84 -28.08
N GLY B 160 -61.82 -1.85 -28.14
CA GLY B 160 -61.74 -0.85 -27.08
C GLY B 160 -61.22 -1.40 -25.78
N ALA B 161 -60.44 -2.48 -25.83
CA ALA B 161 -59.94 -3.13 -24.64
C ALA B 161 -58.71 -2.41 -24.09
N ARG B 162 -58.50 -2.56 -22.78
CA ARG B 162 -57.23 -2.16 -22.18
C ARG B 162 -56.17 -3.24 -22.32
N CYS B 163 -56.57 -4.51 -22.46
CA CYS B 163 -55.63 -5.62 -22.62
C CYS B 163 -56.27 -6.72 -23.45
N THR B 164 -55.54 -7.24 -24.43
CA THR B 164 -55.99 -8.34 -25.26
C THR B 164 -55.05 -9.52 -25.09
N VAL B 165 -55.61 -10.73 -24.92
CA VAL B 165 -54.82 -11.94 -24.69
C VAL B 165 -55.11 -12.94 -25.80
N ALA B 166 -54.05 -13.43 -26.46
CA ALA B 166 -54.22 -14.44 -27.49
C ALA B 166 -54.58 -15.79 -26.89
N CYS B 167 -55.61 -16.43 -27.43
CA CYS B 167 -56.15 -17.67 -26.87
C CYS B 167 -56.27 -18.73 -27.96
N MET B 168 -56.06 -19.99 -27.58
CA MET B 168 -56.16 -21.13 -28.48
C MET B 168 -56.71 -22.36 -27.75
N PRO B 169 -57.61 -23.13 -28.37
CA PRO B 169 -58.01 -24.41 -27.75
C PRO B 169 -56.84 -25.38 -27.67
N VAL B 170 -56.72 -26.05 -26.51
CA VAL B 170 -55.69 -27.07 -26.32
C VAL B 170 -56.32 -28.28 -25.65
N PRO B 171 -55.71 -29.46 -25.82
CA PRO B 171 -56.25 -30.65 -25.15
C PRO B 171 -56.33 -30.47 -23.65
N ILE B 172 -57.43 -30.95 -23.06
CA ILE B 172 -57.69 -30.74 -21.64
C ILE B 172 -56.55 -31.33 -20.80
N GLU B 173 -56.00 -32.47 -21.23
CA GLU B 173 -54.91 -33.09 -20.48
C GLU B 173 -53.73 -32.14 -20.30
N GLU B 174 -53.37 -31.40 -21.35
CA GLU B 174 -52.23 -30.49 -21.27
C GLU B 174 -52.60 -29.15 -20.66
N ALA B 175 -53.88 -28.79 -20.64
CA ALA B 175 -54.31 -27.46 -20.21
C ALA B 175 -53.95 -27.16 -18.75
N SER B 176 -53.69 -28.19 -17.93
CA SER B 176 -53.39 -27.95 -16.53
C SER B 176 -52.16 -27.05 -16.36
N ALA B 177 -51.20 -27.15 -17.28
CA ALA B 177 -50.01 -26.31 -17.23
C ALA B 177 -50.28 -24.89 -17.74
N PHE B 178 -51.33 -24.71 -18.52
CA PHE B 178 -51.63 -23.44 -19.15
C PHE B 178 -52.59 -22.60 -18.30
N GLY B 179 -52.70 -21.32 -18.66
CA GLY B 179 -53.72 -20.47 -18.08
C GLY B 179 -55.01 -20.63 -18.88
N VAL B 180 -56.09 -20.95 -18.17
CA VAL B 180 -57.37 -21.29 -18.79
C VAL B 180 -58.33 -20.12 -18.60
N MET B 181 -59.17 -19.88 -19.60
CA MET B 181 -60.06 -18.74 -19.59
C MET B 181 -61.43 -19.14 -20.11
N ALA B 182 -62.45 -18.37 -19.73
CA ALA B 182 -63.81 -18.53 -20.23
C ALA B 182 -64.32 -17.17 -20.66
N VAL B 183 -64.84 -17.10 -21.88
CA VAL B 183 -65.21 -15.84 -22.50
C VAL B 183 -66.70 -15.86 -22.84
N ASP B 184 -67.23 -14.69 -23.18
CA ASP B 184 -68.61 -14.53 -23.60
C ASP B 184 -68.70 -14.44 -25.12
N GLU B 185 -69.86 -14.00 -25.62
CA GLU B 185 -70.08 -13.92 -27.07
C GLU B 185 -69.23 -12.84 -27.74
N ASN B 186 -68.92 -11.75 -27.04
CA ASN B 186 -68.20 -10.62 -27.63
C ASN B 186 -66.70 -10.65 -27.32
N ASP B 187 -66.14 -11.83 -27.10
CA ASP B 187 -64.71 -12.03 -26.86
C ASP B 187 -64.22 -11.29 -25.61
N LYS B 188 -65.12 -11.01 -24.66
CA LYS B 188 -64.74 -10.50 -23.35
C LYS B 188 -64.59 -11.68 -22.38
N ILE B 189 -63.48 -11.71 -21.64
CA ILE B 189 -63.25 -12.83 -20.73
C ILE B 189 -64.21 -12.71 -19.55
N ILE B 190 -64.64 -13.86 -19.03
CA ILE B 190 -65.55 -13.91 -17.88
C ILE B 190 -64.83 -14.43 -16.63
N GLU B 191 -64.14 -15.58 -16.73
CA GLU B 191 -63.48 -16.19 -15.56
C GLU B 191 -62.08 -16.76 -15.92
N PHE B 192 -61.06 -15.90 -15.88
CA PHE B 192 -59.68 -16.28 -16.11
C PHE B 192 -59.06 -17.01 -14.91
N VAL B 193 -58.19 -17.99 -15.18
CA VAL B 193 -57.49 -18.72 -14.12
C VAL B 193 -56.17 -19.27 -14.65
N GLU B 194 -55.12 -19.21 -13.81
CA GLU B 194 -53.77 -19.63 -14.18
C GLU B 194 -53.50 -21.07 -13.72
N LYS B 195 -53.08 -21.92 -14.69
CA LYS B 195 -52.64 -23.31 -14.50
C LYS B 195 -53.43 -24.07 -13.44
N PRO B 196 -54.76 -24.08 -13.51
CA PRO B 196 -55.52 -24.85 -12.54
C PRO B 196 -55.38 -26.33 -12.83
N ALA B 197 -55.24 -27.13 -11.78
CA ALA B 197 -55.21 -28.58 -11.98
C ALA B 197 -56.61 -29.05 -12.36
N ASN B 198 -56.67 -29.94 -13.35
CA ASN B 198 -57.95 -30.48 -13.84
C ASN B 198 -58.83 -29.30 -14.26
N PRO B 199 -58.49 -28.68 -15.39
CA PRO B 199 -59.13 -27.42 -15.80
C PRO B 199 -60.53 -27.64 -16.32
N PRO B 200 -61.42 -26.67 -16.16
CA PRO B 200 -62.72 -26.79 -16.83
C PRO B 200 -62.52 -26.75 -18.35
N SER B 201 -63.25 -27.61 -19.04
CA SER B 201 -63.16 -27.70 -20.50
C SER B 201 -63.96 -26.58 -21.16
N MET B 202 -63.70 -26.38 -22.45
CA MET B 202 -64.39 -25.31 -23.16
C MET B 202 -65.88 -25.58 -23.17
N PRO B 203 -66.71 -24.56 -22.93
CA PRO B 203 -68.16 -24.77 -23.03
C PRO B 203 -68.53 -25.18 -24.46
N ASN B 204 -69.22 -26.32 -24.58
CA ASN B 204 -69.57 -26.93 -25.87
C ASN B 204 -68.42 -27.72 -26.47
N ASP B 205 -67.41 -28.08 -25.65
CA ASP B 205 -66.33 -28.97 -26.08
C ASP B 205 -65.57 -29.49 -24.85
N PRO B 206 -65.67 -30.79 -24.55
CA PRO B 206 -64.97 -31.31 -23.36
C PRO B 206 -63.50 -31.63 -23.61
N SER B 207 -63.19 -32.10 -24.83
CA SER B 207 -61.82 -32.48 -25.14
C SER B 207 -60.88 -31.28 -25.17
N LYS B 208 -61.39 -30.08 -25.37
CA LYS B 208 -60.58 -28.87 -25.48
C LYS B 208 -60.85 -27.93 -24.31
N SER B 209 -59.81 -27.17 -23.93
CA SER B 209 -59.91 -26.07 -23.00
C SER B 209 -59.39 -24.82 -23.71
N LEU B 210 -59.83 -23.66 -23.25
CA LEU B 210 -59.46 -22.40 -23.88
C LEU B 210 -58.26 -21.84 -23.13
N ALA B 211 -57.09 -21.89 -23.76
CA ALA B 211 -55.84 -21.54 -23.11
C ALA B 211 -55.32 -20.19 -23.60
N SER B 212 -54.65 -19.48 -22.71
CA SER B 212 -53.95 -18.26 -23.04
C SER B 212 -52.57 -18.61 -23.57
N MET B 213 -52.12 -17.88 -24.58
CA MET B 213 -50.86 -18.16 -25.27
C MET B 213 -49.71 -17.33 -24.74
N GLY B 214 -49.87 -16.65 -23.60
CA GLY B 214 -48.84 -15.77 -23.09
C GLY B 214 -48.46 -14.64 -24.04
N ILE B 215 -49.39 -14.25 -24.90
CA ILE B 215 -49.18 -13.17 -25.87
C ILE B 215 -50.21 -12.09 -25.58
N TYR B 216 -49.74 -10.92 -25.18
CA TYR B 216 -50.64 -9.86 -24.75
C TYR B 216 -50.42 -8.59 -25.54
N VAL B 217 -51.48 -7.82 -25.70
CA VAL B 217 -51.42 -6.45 -26.21
C VAL B 217 -51.99 -5.55 -25.14
N PHE B 218 -51.25 -4.50 -24.80
CA PHE B 218 -51.58 -3.55 -23.74
C PHE B 218 -51.60 -2.14 -24.28
N ASP B 219 -52.50 -1.33 -23.75
CA ASP B 219 -52.36 0.12 -23.82
C ASP B 219 -51.13 0.54 -23.02
N ALA B 220 -50.14 1.11 -23.69
CA ALA B 220 -48.86 1.42 -23.06
C ALA B 220 -49.06 2.15 -21.74
N ASP B 221 -49.77 3.28 -21.77
CA ASP B 221 -50.04 4.04 -20.56
C ASP B 221 -50.69 3.14 -19.51
N TYR B 222 -51.75 2.44 -19.91
CA TYR B 222 -52.44 1.53 -19.00
C TYR B 222 -51.47 0.53 -18.40
N LEU B 223 -50.65 -0.12 -19.23
CA LEU B 223 -49.74 -1.13 -18.72
C LEU B 223 -48.78 -0.52 -17.69
N TYR B 224 -48.17 0.62 -18.03
CA TYR B 224 -47.28 1.27 -17.08
C TYR B 224 -48.00 1.49 -15.74
N GLU B 225 -49.19 2.07 -15.79
CA GLU B 225 -49.96 2.28 -14.55
C GLU B 225 -50.16 0.98 -13.79
N LEU B 226 -50.53 -0.09 -14.50
CA LEU B 226 -50.83 -1.36 -13.84
C LEU B 226 -49.60 -1.95 -13.18
N LEU B 227 -48.44 -1.89 -13.85
CA LEU B 227 -47.21 -2.41 -13.27
C LEU B 227 -46.76 -1.57 -12.08
N GLU B 228 -46.83 -0.25 -12.20
CA GLU B 228 -46.50 0.62 -11.07
C GLU B 228 -47.37 0.29 -9.85
N GLU B 229 -48.68 0.18 -10.07
CA GLU B 229 -49.60 -0.17 -8.98
C GLU B 229 -49.27 -1.54 -8.42
N ASP B 230 -48.86 -2.48 -9.29
CA ASP B 230 -48.60 -3.85 -8.85
C ASP B 230 -47.36 -3.94 -7.97
N ASP B 231 -46.31 -3.16 -8.29
CA ASP B 231 -45.09 -3.25 -7.50
C ASP B 231 -45.36 -2.95 -6.03
N ARG B 232 -46.33 -2.06 -5.74
CA ARG B 232 -46.68 -1.74 -4.36
C ARG B 232 -47.50 -2.83 -3.69
N ASP B 233 -48.14 -3.72 -4.45
CA ASP B 233 -49.04 -4.71 -3.89
C ASP B 233 -48.24 -5.94 -3.41
N GLU B 234 -48.97 -7.00 -3.05
CA GLU B 234 -48.34 -8.23 -2.57
C GLU B 234 -49.26 -9.42 -2.80
N SER B 237 -48.23 -12.01 -6.55
CA SER B 237 -46.93 -12.62 -6.79
C SER B 237 -46.12 -11.86 -7.83
N HIS B 238 -46.73 -10.82 -8.41
CA HIS B 238 -46.04 -9.96 -9.38
C HIS B 238 -45.82 -10.70 -10.69
N ASP B 239 -46.81 -11.49 -11.10
CA ASP B 239 -46.75 -12.31 -12.30
C ASP B 239 -47.89 -11.95 -13.22
N PHE B 240 -47.61 -11.93 -14.53
CA PHE B 240 -48.64 -11.58 -15.50
C PHE B 240 -49.85 -12.50 -15.37
N GLY B 241 -49.63 -13.80 -15.53
CA GLY B 241 -50.75 -14.74 -15.59
C GLY B 241 -51.47 -14.92 -14.27
N LYS B 242 -50.71 -15.19 -13.20
CA LYS B 242 -51.35 -15.49 -11.92
C LYS B 242 -52.00 -14.26 -11.31
N ASP B 243 -51.47 -13.06 -11.58
CA ASP B 243 -51.91 -11.86 -10.89
C ASP B 243 -52.57 -10.85 -11.82
N LEU B 244 -51.88 -10.37 -12.86
CA LEU B 244 -52.37 -9.19 -13.56
C LEU B 244 -53.63 -9.49 -14.38
N ILE B 245 -53.58 -10.52 -15.22
CA ILE B 245 -54.72 -10.85 -16.07
C ILE B 245 -56.00 -11.01 -15.26
N PRO B 246 -56.03 -11.77 -14.17
CA PRO B 246 -57.26 -11.82 -13.35
C PRO B 246 -57.76 -10.46 -12.92
N LYS B 247 -56.86 -9.56 -12.50
CA LYS B 247 -57.26 -8.22 -12.07
C LYS B 247 -57.97 -7.47 -13.20
N ILE B 248 -57.38 -7.49 -14.40
CA ILE B 248 -58.00 -6.78 -15.51
C ILE B 248 -59.33 -7.42 -15.87
N THR B 249 -59.39 -8.75 -15.88
CA THR B 249 -60.64 -9.44 -16.19
C THR B 249 -61.74 -9.01 -15.22
N GLU B 250 -61.42 -8.98 -13.93
CA GLU B 250 -62.41 -8.56 -12.94
C GLU B 250 -62.88 -7.13 -13.18
N ALA B 251 -62.01 -6.29 -13.76
CA ALA B 251 -62.39 -4.93 -14.14
C ALA B 251 -63.16 -4.87 -15.45
N GLY B 252 -63.28 -5.98 -16.17
CA GLY B 252 -63.98 -6.00 -17.44
C GLY B 252 -63.25 -5.30 -18.57
N LEU B 253 -61.93 -5.17 -18.46
CA LEU B 253 -61.12 -4.50 -19.47
C LEU B 253 -60.23 -5.48 -20.24
N ALA B 254 -60.41 -6.79 -20.05
CA ALA B 254 -59.56 -7.82 -20.66
C ALA B 254 -60.37 -8.56 -21.71
N TYR B 255 -60.00 -8.40 -22.97
CA TYR B 255 -60.60 -9.10 -24.09
C TYR B 255 -59.65 -10.18 -24.61
N ALA B 256 -60.23 -11.14 -25.34
CA ALA B 256 -59.50 -12.27 -25.88
C ALA B 256 -59.35 -12.12 -27.39
N HIS B 257 -58.34 -12.81 -27.93
CA HIS B 257 -58.02 -12.77 -29.36
C HIS B 257 -57.89 -14.19 -29.89
N PRO B 258 -58.82 -14.67 -30.70
CA PRO B 258 -58.65 -15.99 -31.31
C PRO B 258 -57.38 -16.05 -32.16
N PHE B 259 -56.53 -17.03 -31.87
CA PHE B 259 -55.26 -17.13 -32.58
C PHE B 259 -55.43 -17.24 -34.09
N PRO B 260 -56.41 -17.98 -34.64
CA PRO B 260 -56.51 -18.10 -36.10
C PRO B 260 -56.60 -16.75 -36.82
N LEU B 261 -57.06 -15.71 -36.12
CA LEU B 261 -57.21 -14.40 -36.74
C LEU B 261 -55.88 -13.83 -37.22
N SER B 262 -54.78 -14.18 -36.55
CA SER B 262 -53.48 -13.63 -36.88
C SER B 262 -52.41 -14.68 -37.20
N CYS B 263 -52.64 -15.95 -36.87
CA CYS B 263 -51.67 -16.98 -37.18
C CYS B 263 -51.38 -17.00 -38.67
N VAL B 264 -50.12 -17.05 -39.03
CA VAL B 264 -49.69 -17.04 -40.43
C VAL B 264 -49.38 -18.47 -40.84
N GLN B 265 -49.95 -18.90 -41.96
CA GLN B 265 -49.71 -20.24 -42.48
C GLN B 265 -49.97 -20.24 -43.98
N SER B 266 -49.12 -20.96 -44.71
CA SER B 266 -49.27 -21.03 -46.16
C SER B 266 -50.57 -21.74 -46.53
N ASP B 267 -50.84 -22.87 -45.88
CA ASP B 267 -52.05 -23.64 -46.14
C ASP B 267 -53.13 -23.21 -45.16
N PRO B 268 -54.19 -22.52 -45.62
CA PRO B 268 -55.24 -22.11 -44.67
C PRO B 268 -55.93 -23.28 -44.00
N ASP B 269 -55.99 -24.43 -44.66
CA ASP B 269 -56.75 -25.58 -44.17
C ASP B 269 -55.95 -26.40 -43.15
N ALA B 270 -55.02 -25.76 -42.44
CA ALA B 270 -54.17 -26.46 -41.48
C ALA B 270 -54.41 -25.95 -40.07
N GLU B 271 -54.00 -26.75 -39.10
CA GLU B 271 -54.18 -26.37 -37.71
C GLU B 271 -53.14 -25.31 -37.31
N PRO B 272 -53.50 -24.35 -36.46
CA PRO B 272 -52.52 -23.35 -36.01
C PRO B 272 -51.33 -24.01 -35.31
N TYR B 273 -50.13 -23.57 -35.68
CA TYR B 273 -48.90 -24.12 -35.14
C TYR B 273 -48.43 -23.28 -33.95
N TRP B 274 -48.32 -23.90 -32.78
CA TRP B 274 -47.81 -23.25 -31.58
C TRP B 274 -47.26 -24.32 -30.65
N ARG B 275 -45.99 -24.19 -30.25
CA ARG B 275 -45.28 -25.25 -29.54
C ARG B 275 -44.50 -24.69 -28.36
N ASP B 276 -44.72 -25.26 -27.17
CA ASP B 276 -44.03 -24.82 -25.95
C ASP B 276 -42.61 -25.35 -25.88
N VAL B 277 -42.37 -26.58 -26.34
CA VAL B 277 -41.02 -27.12 -26.46
C VAL B 277 -40.33 -27.22 -25.10
N GLY B 278 -41.10 -27.18 -24.03
CA GLY B 278 -40.53 -27.38 -22.71
C GLY B 278 -39.82 -28.71 -22.58
N THR B 279 -40.55 -29.79 -22.84
CA THR B 279 -40.01 -31.13 -22.68
C THR B 279 -39.06 -31.49 -23.81
N LEU B 280 -38.14 -32.42 -23.52
CA LEU B 280 -37.23 -32.93 -24.55
C LEU B 280 -37.98 -33.54 -25.73
N GLU B 281 -38.98 -34.37 -25.45
CA GLU B 281 -39.70 -35.04 -26.52
C GLU B 281 -40.31 -34.03 -27.49
N ALA B 282 -40.80 -32.91 -26.95
CA ALA B 282 -41.36 -31.88 -27.81
C ALA B 282 -40.30 -31.29 -28.72
N TYR B 283 -39.10 -31.06 -28.18
CA TYR B 283 -37.99 -30.56 -29.00
C TYR B 283 -37.70 -31.52 -30.13
N TRP B 284 -37.46 -32.80 -29.80
CA TRP B 284 -37.19 -33.79 -30.83
C TRP B 284 -38.29 -33.80 -31.90
N LYS B 285 -39.55 -33.86 -31.48
CA LYS B 285 -40.66 -33.92 -32.42
C LYS B 285 -40.69 -32.69 -33.33
N ALA B 286 -40.61 -31.51 -32.72
CA ALA B 286 -40.70 -30.27 -33.50
C ALA B 286 -39.56 -30.17 -34.50
N ASN B 287 -38.34 -30.54 -34.10
CA ASN B 287 -37.23 -30.48 -35.04
C ASN B 287 -37.47 -31.42 -36.20
N LEU B 288 -37.81 -32.68 -35.92
CA LEU B 288 -38.03 -33.62 -37.00
C LEU B 288 -39.19 -33.20 -37.90
N ASP B 289 -40.15 -32.42 -37.38
CA ASP B 289 -41.27 -31.97 -38.21
C ASP B 289 -40.78 -31.29 -39.48
N LEU B 290 -39.73 -30.48 -39.37
CA LEU B 290 -39.22 -29.77 -40.54
C LEU B 290 -38.58 -30.73 -41.54
N ALA B 291 -38.21 -31.93 -41.11
CA ALA B 291 -37.62 -32.92 -42.01
C ALA B 291 -38.64 -33.75 -42.75
N SER B 292 -39.90 -33.74 -42.30
CA SER B 292 -40.93 -34.56 -42.91
C SER B 292 -41.24 -34.05 -44.32
N VAL B 293 -41.98 -34.89 -45.06
CA VAL B 293 -42.30 -34.57 -46.45
C VAL B 293 -43.16 -33.32 -46.52
N VAL B 294 -44.16 -33.24 -45.66
CA VAL B 294 -45.04 -32.07 -45.57
C VAL B 294 -44.98 -31.56 -44.14
N PRO B 295 -44.04 -30.68 -43.81
CA PRO B 295 -43.96 -30.20 -42.42
C PRO B 295 -45.18 -29.38 -42.04
N GLU B 296 -45.60 -29.52 -40.77
CA GLU B 296 -46.65 -28.68 -40.26
C GLU B 296 -46.22 -27.22 -40.21
N LEU B 297 -44.93 -26.97 -40.00
CA LEU B 297 -44.35 -25.64 -39.96
C LEU B 297 -43.65 -25.37 -41.28
N ASP B 298 -44.06 -24.30 -41.97
CA ASP B 298 -43.53 -23.98 -43.29
C ASP B 298 -42.36 -23.02 -43.15
N MET B 299 -41.14 -23.50 -43.37
CA MET B 299 -39.94 -22.66 -43.36
C MET B 299 -39.53 -22.21 -44.75
N TYR B 300 -40.40 -22.38 -45.74
CA TYR B 300 -40.14 -21.91 -47.09
C TYR B 300 -41.04 -20.74 -47.50
N ASP B 301 -41.80 -20.18 -46.56
CA ASP B 301 -42.71 -19.08 -46.87
C ASP B 301 -41.88 -17.81 -47.03
N ARG B 302 -41.75 -17.32 -48.26
CA ARG B 302 -40.99 -16.10 -48.51
C ARG B 302 -41.74 -14.85 -48.07
N ASN B 303 -43.03 -14.96 -47.74
CA ASN B 303 -43.83 -13.83 -47.30
C ASN B 303 -43.80 -13.64 -45.79
N TRP B 304 -43.36 -14.64 -45.04
CA TRP B 304 -43.22 -14.52 -43.58
C TRP B 304 -41.93 -15.23 -43.18
N PRO B 305 -40.79 -14.65 -43.53
CA PRO B 305 -39.50 -15.30 -43.29
C PRO B 305 -39.06 -15.16 -41.84
N ILE B 306 -38.14 -16.04 -41.46
CA ILE B 306 -37.61 -16.07 -40.10
C ILE B 306 -36.15 -15.63 -40.16
N ARG B 307 -35.82 -14.57 -39.43
CA ARG B 307 -34.47 -14.02 -39.36
C ARG B 307 -33.64 -14.71 -38.28
N THR B 308 -32.35 -14.91 -38.57
CA THR B 308 -31.43 -15.47 -37.59
C THR B 308 -30.01 -15.04 -37.94
N TYR B 309 -29.04 -15.48 -37.13
CA TYR B 309 -27.65 -15.22 -37.42
C TYR B 309 -27.22 -16.02 -38.63
N ASN B 310 -26.82 -15.34 -39.70
CA ASN B 310 -26.49 -16.00 -40.97
C ASN B 310 -25.02 -16.39 -40.95
N GLU B 311 -24.75 -17.56 -40.39
CA GLU B 311 -23.39 -18.07 -40.34
C GLU B 311 -22.90 -18.44 -41.74
N SER B 312 -21.66 -18.07 -42.05
CA SER B 312 -21.05 -18.37 -43.34
C SER B 312 -20.53 -19.80 -43.32
N LEU B 313 -21.16 -20.69 -44.08
CA LEU B 313 -20.83 -22.10 -44.06
C LEU B 313 -20.65 -22.65 -45.47
N PRO B 314 -19.80 -23.66 -45.65
CA PRO B 314 -19.68 -24.31 -46.96
C PRO B 314 -20.90 -25.18 -47.24
N PRO B 315 -21.17 -25.50 -48.51
CA PRO B 315 -22.31 -26.35 -48.83
C PRO B 315 -22.21 -27.72 -48.16
N ALA B 316 -23.37 -28.32 -47.91
CA ALA B 316 -23.42 -29.68 -47.40
C ALA B 316 -22.65 -30.63 -48.32
N LYS B 317 -21.67 -31.33 -47.78
CA LYS B 317 -20.77 -32.17 -48.56
C LYS B 317 -21.09 -33.63 -48.28
N PHE B 318 -21.52 -34.34 -49.32
CA PHE B 318 -21.74 -35.78 -49.28
C PHE B 318 -20.64 -36.46 -50.06
N VAL B 319 -19.97 -37.43 -49.42
CA VAL B 319 -18.83 -38.11 -50.01
C VAL B 319 -18.98 -39.61 -49.84
N GLN B 320 -18.07 -40.35 -50.46
CA GLN B 320 -17.99 -41.79 -50.36
C GLN B 320 -17.33 -42.22 -49.05
N ASP B 321 -17.66 -43.44 -48.61
CA ASP B 321 -16.98 -44.01 -47.46
C ASP B 321 -15.64 -44.59 -47.90
N ARG B 322 -14.84 -45.07 -46.95
CA ARG B 322 -13.55 -45.64 -47.31
C ARG B 322 -13.72 -46.86 -48.21
N SER B 323 -14.86 -47.54 -48.11
CA SER B 323 -15.14 -48.68 -48.98
C SER B 323 -15.65 -48.24 -50.35
N GLY B 324 -15.83 -46.94 -50.56
CA GLY B 324 -16.26 -46.39 -51.84
C GLY B 324 -17.73 -46.51 -52.16
N SER B 325 -18.57 -46.86 -51.21
CA SER B 325 -19.99 -46.97 -51.49
C SER B 325 -20.66 -45.60 -51.30
N HIS B 326 -21.81 -45.43 -51.94
CA HIS B 326 -22.53 -44.18 -51.83
C HIS B 326 -23.33 -44.14 -50.53
N GLY B 327 -23.83 -42.96 -50.19
CA GLY B 327 -24.67 -42.79 -49.03
C GLY B 327 -26.13 -42.66 -49.41
N MET B 328 -27.00 -42.82 -48.41
CA MET B 328 -28.43 -42.74 -48.62
C MET B 328 -29.05 -41.76 -47.64
N THR B 329 -30.09 -41.07 -48.11
CA THR B 329 -30.78 -40.06 -47.31
C THR B 329 -32.26 -40.16 -47.57
N LEU B 330 -33.05 -40.11 -46.50
CA LEU B 330 -34.50 -40.20 -46.58
C LEU B 330 -35.10 -39.20 -45.61
N ASN B 331 -35.87 -38.24 -46.13
CA ASN B 331 -36.62 -37.28 -45.33
C ASN B 331 -35.75 -36.71 -44.20
N SER B 332 -34.69 -35.98 -44.58
CA SER B 332 -33.76 -35.44 -43.61
C SER B 332 -33.29 -34.06 -44.03
N LEU B 333 -32.81 -33.30 -43.04
CA LEU B 333 -32.23 -31.98 -43.24
C LEU B 333 -30.74 -32.02 -42.88
N VAL B 334 -29.92 -31.38 -43.72
CA VAL B 334 -28.47 -31.33 -43.51
C VAL B 334 -28.03 -29.88 -43.67
N SER B 335 -27.67 -29.24 -42.55
CA SER B 335 -27.31 -27.84 -42.57
C SER B 335 -25.93 -27.64 -43.16
N GLY B 336 -25.58 -26.37 -43.37
CA GLY B 336 -24.31 -26.05 -43.97
C GLY B 336 -23.14 -26.57 -43.16
N GLY B 337 -22.02 -26.77 -43.85
CA GLY B 337 -20.81 -27.25 -43.24
C GLY B 337 -20.78 -28.73 -42.92
N CYS B 338 -21.89 -29.43 -43.04
CA CYS B 338 -21.88 -30.86 -42.77
C CYS B 338 -21.02 -31.59 -43.77
N VAL B 339 -20.47 -32.72 -43.33
CA VAL B 339 -19.70 -33.63 -44.16
C VAL B 339 -20.15 -35.03 -43.80
N ILE B 340 -20.71 -35.76 -44.76
CA ILE B 340 -21.31 -37.07 -44.52
C ILE B 340 -20.64 -38.07 -45.43
N SER B 341 -19.99 -39.08 -44.83
CA SER B 341 -19.31 -40.14 -45.59
C SER B 341 -20.29 -41.29 -45.78
N GLY B 342 -20.87 -41.37 -46.97
CA GLY B 342 -21.82 -42.43 -47.26
C GLY B 342 -22.92 -42.48 -46.23
N SER B 343 -23.00 -43.61 -45.52
CA SER B 343 -23.92 -43.73 -44.39
C SER B 343 -25.37 -43.62 -44.84
N VAL B 344 -26.28 -43.81 -43.89
CA VAL B 344 -27.72 -43.70 -44.13
C VAL B 344 -28.27 -42.71 -43.11
N VAL B 345 -28.93 -41.66 -43.59
CA VAL B 345 -29.53 -40.65 -42.72
C VAL B 345 -31.02 -40.63 -43.00
N VAL B 346 -31.83 -40.88 -41.98
CA VAL B 346 -33.27 -41.05 -42.11
C VAL B 346 -33.97 -40.21 -41.05
N GLN B 347 -34.99 -39.45 -41.48
CA GLN B 347 -35.87 -38.73 -40.56
C GLN B 347 -35.06 -37.96 -39.53
N SER B 348 -33.98 -37.33 -39.98
CA SER B 348 -33.05 -36.68 -39.06
C SER B 348 -32.83 -35.23 -39.44
N VAL B 349 -32.36 -34.45 -38.47
CA VAL B 349 -31.98 -33.07 -38.67
C VAL B 349 -30.53 -32.91 -38.21
N LEU B 350 -29.66 -32.51 -39.13
CA LEU B 350 -28.23 -32.33 -38.84
C LEU B 350 -27.93 -30.84 -38.89
N PHE B 351 -27.59 -30.27 -37.75
CA PHE B 351 -27.28 -28.85 -37.67
C PHE B 351 -25.92 -28.60 -38.32
N SER B 352 -25.44 -27.35 -38.22
CA SER B 352 -24.27 -26.93 -38.97
C SER B 352 -23.00 -27.61 -38.48
N ARG B 353 -22.12 -27.95 -39.43
CA ARG B 353 -20.78 -28.46 -39.15
C ARG B 353 -20.81 -29.85 -38.50
N VAL B 354 -21.83 -30.64 -38.78
CA VAL B 354 -21.87 -32.01 -38.28
C VAL B 354 -21.03 -32.89 -39.18
N ARG B 355 -20.13 -33.65 -38.60
CA ARG B 355 -19.29 -34.60 -39.32
C ARG B 355 -19.85 -36.00 -39.10
N VAL B 356 -20.16 -36.69 -40.19
CA VAL B 356 -20.65 -38.07 -40.10
C VAL B 356 -19.70 -38.95 -40.89
N ASN B 357 -19.01 -39.83 -40.18
CA ASN B 357 -17.97 -40.68 -40.76
C ASN B 357 -18.60 -41.93 -41.37
N SER B 358 -17.77 -42.88 -41.78
CA SER B 358 -18.22 -43.96 -42.63
C SER B 358 -19.11 -44.97 -41.90
N PHE B 359 -20.02 -45.58 -42.64
CA PHE B 359 -20.78 -46.73 -42.17
C PHE B 359 -21.66 -46.39 -40.97
N CYS B 360 -22.36 -45.27 -41.04
CA CYS B 360 -23.26 -44.84 -39.98
C CYS B 360 -24.72 -45.04 -40.39
N ASN B 361 -25.55 -45.34 -39.40
CA ASN B 361 -27.00 -45.50 -39.58
C ASN B 361 -27.70 -44.59 -38.57
N ILE B 362 -28.13 -43.42 -39.04
CA ILE B 362 -28.81 -42.41 -38.23
C ILE B 362 -30.28 -42.39 -38.61
N ASP B 363 -31.15 -42.46 -37.60
CA ASP B 363 -32.58 -42.64 -37.83
C ASP B 363 -33.34 -41.87 -36.76
N SER B 364 -34.23 -40.98 -37.19
CA SER B 364 -35.06 -40.22 -36.27
C SER B 364 -34.21 -39.57 -35.18
N ALA B 365 -33.16 -38.86 -35.60
CA ALA B 365 -32.22 -38.24 -34.68
C ALA B 365 -32.07 -36.75 -34.97
N VAL B 366 -31.69 -36.00 -33.93
CA VAL B 366 -31.45 -34.56 -34.02
C VAL B 366 -30.04 -34.32 -33.52
N LEU B 367 -29.13 -33.95 -34.42
CA LEU B 367 -27.72 -33.73 -34.09
C LEU B 367 -27.45 -32.24 -34.11
N LEU B 368 -27.18 -31.66 -32.95
CA LEU B 368 -26.93 -30.23 -32.84
C LEU B 368 -25.58 -29.89 -33.45
N PRO B 369 -25.26 -28.60 -33.60
CA PRO B 369 -24.07 -28.23 -34.38
C PRO B 369 -22.80 -28.91 -33.89
N GLU B 370 -21.89 -29.14 -34.84
CA GLU B 370 -20.52 -29.54 -34.57
C GLU B 370 -20.40 -30.92 -33.95
N VAL B 371 -21.46 -31.73 -33.99
CA VAL B 371 -21.34 -33.11 -33.54
C VAL B 371 -20.36 -33.85 -34.43
N TRP B 372 -19.59 -34.76 -33.82
CA TRP B 372 -18.66 -35.63 -34.54
C TRP B 372 -19.11 -37.07 -34.30
N VAL B 373 -19.57 -37.73 -35.35
CA VAL B 373 -20.08 -39.09 -35.25
C VAL B 373 -19.00 -40.03 -35.76
N GLY B 374 -18.50 -40.89 -34.87
CA GLY B 374 -17.46 -41.83 -35.24
C GLY B 374 -17.95 -42.84 -36.25
N ARG B 375 -17.08 -43.74 -36.68
CA ARG B 375 -17.43 -44.72 -37.70
C ARG B 375 -18.23 -45.87 -37.10
N SER B 376 -19.15 -46.40 -37.90
CA SER B 376 -19.92 -47.61 -37.56
C SER B 376 -20.90 -47.36 -36.41
N CYS B 377 -21.43 -46.15 -36.30
CA CYS B 377 -22.41 -45.82 -35.27
C CYS B 377 -23.83 -46.07 -35.78
N ARG B 378 -24.74 -46.28 -34.81
CA ARG B 378 -26.16 -46.47 -35.11
C ARG B 378 -26.96 -45.66 -34.09
N LEU B 379 -27.48 -44.53 -34.51
CA LEU B 379 -28.24 -43.63 -33.64
C LEU B 379 -29.72 -43.67 -33.99
N ARG B 380 -30.57 -43.75 -32.97
CA ARG B 380 -32.01 -43.83 -33.16
C ARG B 380 -32.73 -43.05 -32.06
N ARG B 381 -33.76 -42.32 -32.47
CA ARG B 381 -34.67 -41.62 -31.55
C ARG B 381 -33.89 -41.00 -30.39
N CYS B 382 -33.03 -40.04 -30.75
CA CYS B 382 -32.15 -39.41 -29.77
C CYS B 382 -31.90 -37.97 -30.18
N VAL B 383 -31.22 -37.24 -29.30
CA VAL B 383 -30.83 -35.85 -29.54
C VAL B 383 -29.39 -35.69 -29.07
N ILE B 384 -28.50 -35.42 -30.02
CA ILE B 384 -27.07 -35.24 -29.73
C ILE B 384 -26.80 -33.75 -29.55
N ASP B 385 -26.25 -33.40 -28.39
CA ASP B 385 -26.03 -32.01 -28.03
C ASP B 385 -24.80 -31.45 -28.74
N ARG B 386 -24.60 -30.14 -28.55
CA ARG B 386 -23.51 -29.42 -29.19
C ARG B 386 -22.17 -30.12 -29.04
N ALA B 387 -21.46 -30.23 -30.15
CA ALA B 387 -20.04 -30.59 -30.19
C ALA B 387 -19.76 -31.96 -29.61
N CYS B 388 -20.77 -32.81 -29.47
CA CYS B 388 -20.50 -34.16 -29.00
C CYS B 388 -19.62 -34.90 -29.99
N VAL B 389 -18.73 -35.71 -29.46
CA VAL B 389 -17.87 -36.58 -30.25
C VAL B 389 -18.29 -38.00 -29.93
N ILE B 390 -19.04 -38.61 -30.84
CA ILE B 390 -19.54 -39.97 -30.62
C ILE B 390 -18.40 -40.91 -31.00
N PRO B 391 -17.93 -41.77 -30.10
CA PRO B 391 -16.79 -42.62 -30.44
C PRO B 391 -17.16 -43.61 -31.52
N GLU B 392 -16.33 -44.62 -31.74
CA GLU B 392 -16.44 -45.46 -32.92
C GLU B 392 -17.20 -46.73 -32.55
N GLY B 393 -18.31 -46.96 -33.23
CA GLY B 393 -19.14 -48.14 -33.06
C GLY B 393 -20.15 -48.05 -31.95
N MET B 394 -20.40 -46.86 -31.40
CA MET B 394 -21.42 -46.70 -30.37
C MET B 394 -22.82 -46.79 -30.97
N VAL B 395 -23.69 -47.52 -30.28
CA VAL B 395 -25.09 -47.68 -30.69
C VAL B 395 -25.97 -47.03 -29.64
N ILE B 396 -26.98 -46.30 -30.10
CA ILE B 396 -27.91 -45.60 -29.23
C ILE B 396 -29.32 -45.76 -29.77
N GLY B 397 -30.29 -45.91 -28.87
CA GLY B 397 -31.68 -46.00 -29.25
C GLY B 397 -32.21 -47.41 -29.46
N GLU B 398 -31.38 -48.44 -29.29
CA GLU B 398 -31.79 -49.82 -29.49
C GLU B 398 -32.00 -50.57 -28.18
N ASN B 399 -31.08 -50.43 -27.23
CA ASN B 399 -31.17 -51.05 -25.91
C ASN B 399 -31.64 -50.00 -24.89
N ALA B 400 -32.92 -50.08 -24.52
CA ALA B 400 -33.49 -49.06 -23.62
C ALA B 400 -32.71 -48.99 -22.31
N GLU B 401 -32.51 -50.13 -21.65
CA GLU B 401 -31.82 -50.14 -20.36
C GLU B 401 -30.42 -49.56 -20.48
N GLU B 402 -29.66 -50.05 -21.46
CA GLU B 402 -28.28 -49.58 -21.63
C GLU B 402 -28.25 -48.09 -21.92
N ASP B 403 -29.13 -47.61 -22.81
CA ASP B 403 -29.19 -46.17 -23.12
C ASP B 403 -29.49 -45.36 -21.87
N ALA B 404 -30.47 -45.80 -21.08
CA ALA B 404 -30.82 -45.09 -19.85
C ALA B 404 -29.65 -45.07 -18.87
N ARG B 405 -28.89 -46.16 -18.80
CA ARG B 405 -27.72 -46.20 -17.92
C ARG B 405 -26.68 -45.19 -18.36
N ARG B 406 -26.35 -45.17 -19.65
CA ARG B 406 -25.31 -44.26 -20.12
C ARG B 406 -25.78 -42.81 -20.10
N PHE B 407 -26.95 -42.53 -20.67
CA PHE B 407 -27.41 -41.17 -20.87
C PHE B 407 -28.76 -40.93 -20.21
N TYR B 408 -29.44 -39.86 -20.60
CA TYR B 408 -30.80 -39.58 -20.16
C TYR B 408 -31.79 -40.15 -21.16
N ARG B 409 -32.80 -40.87 -20.67
CA ARG B 409 -33.80 -41.47 -21.54
C ARG B 409 -35.18 -41.05 -21.03
N SER B 410 -35.93 -40.39 -21.89
CA SER B 410 -37.24 -39.86 -21.52
C SER B 410 -38.27 -40.97 -21.41
N GLU B 411 -39.39 -40.63 -20.77
CA GLU B 411 -40.46 -41.61 -20.59
C GLU B 411 -40.96 -42.10 -21.95
N GLU B 412 -40.94 -41.23 -22.97
CA GLU B 412 -41.42 -41.60 -24.30
C GLU B 412 -40.40 -42.43 -25.08
N GLY B 413 -39.15 -42.48 -24.63
CA GLY B 413 -38.12 -43.29 -25.25
C GLY B 413 -37.05 -42.52 -26.00
N ILE B 414 -36.94 -41.21 -25.79
CA ILE B 414 -35.97 -40.37 -26.50
C ILE B 414 -34.74 -40.22 -25.62
N VAL B 415 -33.57 -40.22 -26.26
CA VAL B 415 -32.29 -40.15 -25.56
C VAL B 415 -31.67 -38.78 -25.79
N LEU B 416 -30.99 -38.27 -24.78
CA LEU B 416 -30.22 -37.04 -24.89
C LEU B 416 -28.77 -37.36 -24.54
N VAL B 417 -27.85 -36.88 -25.38
CA VAL B 417 -26.42 -37.19 -25.26
C VAL B 417 -25.66 -35.87 -25.25
N THR B 418 -25.06 -35.54 -24.12
CA THR B 418 -24.23 -34.34 -24.02
C THR B 418 -22.75 -34.73 -24.01
N ARG B 419 -21.89 -33.72 -24.08
CA ARG B 419 -20.45 -33.94 -23.98
C ARG B 419 -20.09 -34.56 -22.63
N GLU B 420 -20.60 -33.98 -21.53
CA GLU B 420 -20.27 -34.46 -20.20
C GLU B 420 -20.60 -35.94 -20.04
N MET B 421 -21.73 -36.39 -20.59
CA MET B 421 -22.09 -37.80 -20.49
C MET B 421 -21.00 -38.70 -21.06
N LEU B 422 -20.53 -38.39 -22.27
CA LEU B 422 -19.52 -39.22 -22.90
C LEU B 422 -18.19 -39.12 -22.17
N ARG B 423 -17.81 -37.92 -21.71
CA ARG B 423 -16.59 -37.76 -20.93
C ARG B 423 -16.63 -38.66 -19.70
N LYS B 424 -17.74 -38.59 -18.94
CA LYS B 424 -17.91 -39.43 -17.76
C LYS B 424 -17.75 -40.90 -18.09
N LEU B 425 -18.19 -41.32 -19.27
CA LEU B 425 -18.06 -42.71 -19.70
C LEU B 425 -16.66 -43.03 -20.22
N GLY B 426 -15.73 -42.08 -20.17
CA GLY B 426 -14.36 -42.31 -20.57
C GLY B 426 -14.07 -42.11 -22.05
N HIS B 427 -14.85 -41.29 -22.75
CA HIS B 427 -14.63 -40.98 -24.15
C HIS B 427 -14.21 -39.51 -24.27
N LYS B 428 -12.98 -39.29 -24.73
CA LYS B 428 -12.38 -37.95 -24.78
C LYS B 428 -13.15 -37.05 -25.74
N GLN B 429 -13.45 -35.84 -25.27
CA GLN B 429 -14.14 -34.82 -26.05
C GLN B 429 -13.20 -33.65 -26.38
N GLU B 430 -12.30 -33.85 -27.33
CA GLU B 430 -11.39 -32.77 -27.73
C GLU B 430 -12.17 -31.54 -28.23
N HIS C 9 11.33 -1.93 -38.19
CA HIS C 9 11.45 -2.83 -39.34
C HIS C 9 10.45 -3.99 -39.23
N LEU C 10 10.45 -4.66 -38.07
CA LEU C 10 9.50 -5.75 -37.85
C LEU C 10 8.06 -5.24 -37.94
N MET C 11 7.76 -4.11 -37.30
CA MET C 11 6.43 -3.53 -37.31
C MET C 11 5.99 -3.11 -38.72
N LEU C 12 6.93 -2.91 -39.64
CA LEU C 12 6.58 -2.52 -41.01
C LEU C 12 5.62 -3.51 -41.64
N ALA C 13 5.75 -4.81 -41.32
CA ALA C 13 4.85 -5.81 -41.88
C ALA C 13 3.39 -5.50 -41.54
N ARG C 14 3.13 -5.06 -40.30
CA ARG C 14 1.77 -4.68 -39.92
C ARG C 14 1.34 -3.39 -40.60
N GLN C 15 2.29 -2.51 -40.93
CA GLN C 15 1.96 -1.23 -41.54
C GLN C 15 1.66 -1.36 -43.03
N LEU C 16 2.26 -2.33 -43.71
CA LEU C 16 2.14 -2.38 -45.17
C LEU C 16 0.70 -2.46 -45.63
N PRO C 17 -0.14 -3.37 -45.12
CA PRO C 17 -1.56 -3.34 -45.50
C PRO C 17 -2.24 -2.01 -45.19
N LEU C 18 -2.00 -1.47 -43.99
CA LEU C 18 -2.71 -0.26 -43.56
C LEU C 18 -2.43 0.92 -44.47
N LYS C 19 -1.20 1.03 -44.98
CA LYS C 19 -0.84 2.12 -45.86
C LYS C 19 -1.18 1.83 -47.32
N SER C 20 -1.91 0.75 -47.59
CA SER C 20 -2.20 0.34 -48.96
C SER C 20 -3.70 0.29 -49.22
N VAL C 21 -4.05 0.39 -50.50
CA VAL C 21 -5.42 0.24 -50.97
C VAL C 21 -5.40 -0.70 -52.16
N ALA C 22 -6.36 -1.60 -52.22
CA ALA C 22 -6.43 -2.60 -53.29
C ALA C 22 -7.52 -2.19 -54.28
N LEU C 23 -7.20 -2.32 -55.56
CA LEU C 23 -8.14 -2.02 -56.64
C LEU C 23 -8.45 -3.30 -57.39
N ILE C 24 -9.73 -3.64 -57.49
CA ILE C 24 -10.18 -4.87 -58.13
C ILE C 24 -10.79 -4.46 -59.46
N LEU C 25 -10.11 -4.82 -60.55
CA LEU C 25 -10.57 -4.51 -61.90
C LEU C 25 -11.66 -5.50 -62.29
N ALA C 26 -12.88 -5.01 -62.44
CA ALA C 26 -14.02 -5.86 -62.75
C ALA C 26 -14.70 -5.41 -64.04
N LYS C 42 -18.36 -10.99 -65.30
CA LYS C 42 -17.66 -12.24 -65.07
C LYS C 42 -17.31 -12.43 -63.58
N PRO C 43 -16.69 -11.42 -62.97
CA PRO C 43 -16.34 -11.54 -61.55
C PRO C 43 -17.55 -11.91 -60.69
N ALA C 44 -18.76 -11.70 -61.23
CA ALA C 44 -20.00 -12.01 -60.53
C ALA C 44 -20.59 -13.35 -60.96
N VAL C 45 -19.77 -14.32 -61.37
CA VAL C 45 -20.25 -15.64 -61.78
C VAL C 45 -20.31 -16.52 -60.55
N HIS C 46 -21.43 -17.25 -60.39
CA HIS C 46 -21.59 -18.10 -59.22
C HIS C 46 -20.56 -19.23 -59.23
N PHE C 47 -20.03 -19.54 -58.04
CA PHE C 47 -19.01 -20.57 -57.91
C PHE C 47 -19.11 -21.22 -56.54
N GLY C 48 -18.93 -22.54 -56.50
CA GLY C 48 -18.85 -23.27 -55.25
C GLY C 48 -20.11 -23.24 -54.41
N GLY C 49 -21.27 -23.07 -55.05
CA GLY C 49 -22.55 -23.15 -54.36
C GLY C 49 -23.04 -21.86 -53.73
N LYS C 50 -22.14 -21.11 -53.09
CA LYS C 50 -22.52 -19.93 -52.34
C LYS C 50 -21.69 -18.69 -52.65
N PHE C 51 -20.65 -18.79 -53.47
CA PHE C 51 -19.74 -17.67 -53.67
C PHE C 51 -19.93 -17.04 -55.04
N ARG C 52 -19.22 -15.93 -55.22
CA ARG C 52 -19.01 -15.31 -56.52
C ARG C 52 -17.51 -15.06 -56.65
N ILE C 53 -16.98 -15.18 -57.86
CA ILE C 53 -15.53 -15.23 -58.04
C ILE C 53 -14.87 -14.07 -57.30
N ILE C 54 -15.42 -12.87 -57.47
CA ILE C 54 -14.81 -11.68 -56.85
C ILE C 54 -14.62 -11.91 -55.35
N ASP C 55 -15.56 -12.62 -54.71
CA ASP C 55 -15.48 -12.87 -53.27
C ASP C 55 -14.07 -13.28 -52.84
N PHE C 56 -13.41 -14.10 -53.64
CA PHE C 56 -12.06 -14.53 -53.29
C PHE C 56 -11.13 -13.33 -53.17
N ALA C 57 -10.96 -12.58 -54.26
CA ALA C 57 -10.09 -11.41 -54.24
C ALA C 57 -10.38 -10.52 -53.04
N LEU C 58 -11.60 -10.01 -52.95
CA LEU C 58 -12.00 -9.20 -51.80
C LEU C 58 -11.60 -9.89 -50.50
N SER C 59 -12.01 -11.16 -50.35
CA SER C 59 -11.71 -11.89 -49.13
C SER C 59 -10.21 -11.87 -48.84
N ASN C 60 -9.39 -12.15 -49.86
CA ASN C 60 -7.95 -12.08 -49.66
C ASN C 60 -7.56 -10.76 -49.01
N CYS C 61 -7.98 -9.64 -49.62
CA CYS C 61 -7.69 -8.33 -49.05
C CYS C 61 -8.01 -8.31 -47.56
N ILE C 62 -9.22 -8.72 -47.20
CA ILE C 62 -9.62 -8.71 -45.79
C ILE C 62 -8.63 -9.52 -44.97
N ASN C 63 -8.38 -10.77 -45.38
CA ASN C 63 -7.51 -11.63 -44.60
C ASN C 63 -6.06 -11.19 -44.62
N SER C 64 -5.68 -10.37 -45.61
CA SER C 64 -4.32 -9.86 -45.68
C SER C 64 -4.15 -8.58 -44.88
N GLY C 65 -5.23 -8.03 -44.33
CA GLY C 65 -5.14 -6.80 -43.57
C GLY C 65 -5.44 -5.55 -44.36
N ILE C 66 -5.70 -5.69 -45.66
CA ILE C 66 -6.03 -4.56 -46.52
C ILE C 66 -7.55 -4.43 -46.48
N ARG C 67 -8.06 -3.48 -45.71
CA ARG C 67 -9.49 -3.27 -45.59
C ARG C 67 -10.00 -2.09 -46.42
N ARG C 68 -9.17 -1.53 -47.30
CA ARG C 68 -9.56 -0.46 -48.20
C ARG C 68 -9.52 -1.00 -49.62
N MET C 69 -10.68 -1.19 -50.22
CA MET C 69 -10.80 -1.78 -51.55
C MET C 69 -11.61 -0.88 -52.47
N GLY C 70 -11.27 -0.93 -53.75
CA GLY C 70 -12.02 -0.24 -54.78
C GLY C 70 -12.38 -1.16 -55.93
N VAL C 71 -13.66 -1.53 -56.03
CA VAL C 71 -14.13 -2.41 -57.10
C VAL C 71 -14.51 -1.55 -58.30
N ILE C 72 -13.73 -1.67 -59.38
CA ILE C 72 -13.94 -0.92 -60.60
C ILE C 72 -14.74 -1.79 -61.55
N THR C 73 -15.99 -1.43 -61.83
CA THR C 73 -16.83 -2.26 -62.70
C THR C 73 -16.91 -1.62 -64.08
N GLN C 74 -16.45 -2.36 -65.10
CA GLN C 74 -16.42 -1.83 -66.46
C GLN C 74 -17.82 -1.49 -66.95
N TYR C 75 -18.78 -2.38 -66.72
CA TYR C 75 -20.12 -2.27 -67.31
C TYR C 75 -21.21 -2.00 -66.30
N GLN C 76 -20.86 -1.61 -65.06
CA GLN C 76 -21.87 -1.46 -64.00
C GLN C 76 -22.83 -2.64 -64.07
N SER C 77 -22.39 -3.80 -63.60
CA SER C 77 -23.22 -4.99 -63.65
C SER C 77 -24.18 -5.00 -62.47
N HIS C 78 -25.47 -5.14 -62.75
CA HIS C 78 -26.43 -5.14 -61.65
C HIS C 78 -26.08 -6.19 -60.61
N THR C 79 -25.73 -7.40 -61.06
CA THR C 79 -25.47 -8.48 -60.11
C THR C 79 -24.19 -8.21 -59.31
N LEU C 80 -23.17 -7.65 -59.95
CA LEU C 80 -21.93 -7.36 -59.23
C LEU C 80 -22.12 -6.22 -58.25
N VAL C 81 -22.69 -5.11 -58.72
CA VAL C 81 -22.98 -3.98 -57.83
C VAL C 81 -23.85 -4.43 -56.66
N GLN C 82 -24.91 -5.20 -56.96
CA GLN C 82 -25.80 -5.69 -55.91
C GLN C 82 -25.05 -6.60 -54.93
N HIS C 83 -24.20 -7.49 -55.44
CA HIS C 83 -23.47 -8.38 -54.56
C HIS C 83 -22.56 -7.58 -53.64
N ILE C 84 -21.81 -6.63 -54.20
CA ILE C 84 -20.97 -5.76 -53.37
C ILE C 84 -21.83 -5.03 -52.36
N GLN C 85 -23.06 -4.70 -52.73
CA GLN C 85 -23.89 -3.86 -51.87
C GLN C 85 -24.46 -4.65 -50.70
N ARG C 86 -24.80 -5.91 -50.92
CA ARG C 86 -25.41 -6.73 -49.88
C ARG C 86 -24.39 -7.51 -49.05
N GLY C 87 -23.23 -7.82 -49.61
CA GLY C 87 -22.30 -8.69 -48.93
C GLY C 87 -20.99 -8.03 -48.59
N TRP C 88 -20.69 -6.89 -49.20
CA TRP C 88 -19.40 -6.23 -48.99
C TRP C 88 -19.58 -4.75 -48.72
N SER C 89 -20.72 -4.37 -48.14
CA SER C 89 -20.97 -2.98 -47.73
C SER C 89 -21.20 -2.93 -46.23
N PHE C 90 -20.21 -3.38 -45.46
CA PHE C 90 -20.30 -3.48 -44.01
C PHE C 90 -19.20 -2.67 -43.32
N PHE C 91 -18.54 -1.78 -44.03
CA PHE C 91 -17.33 -1.14 -43.53
C PHE C 91 -17.65 0.16 -42.81
N ASN C 92 -16.82 0.48 -41.82
CA ASN C 92 -16.89 1.74 -41.09
C ASN C 92 -15.78 2.66 -41.58
N GLU C 93 -16.15 3.63 -42.42
CA GLU C 93 -15.17 4.48 -43.07
C GLU C 93 -14.26 5.19 -42.08
N GLU C 94 -14.74 5.45 -40.86
CA GLU C 94 -13.93 6.18 -39.91
C GLU C 94 -12.71 5.39 -39.46
N MET C 95 -12.70 4.07 -39.65
CA MET C 95 -11.56 3.23 -39.31
C MET C 95 -10.67 2.96 -40.51
N ASN C 96 -10.83 3.73 -41.59
CA ASN C 96 -10.02 3.56 -42.79
C ASN C 96 -10.27 2.20 -43.43
N GLU C 97 -11.55 1.90 -43.67
CA GLU C 97 -11.92 0.65 -44.32
C GLU C 97 -13.21 0.88 -45.08
N PHE C 98 -13.24 0.41 -46.33
CA PHE C 98 -14.37 0.64 -47.20
C PHE C 98 -14.21 -0.19 -48.46
N VAL C 99 -15.29 -0.33 -49.20
CA VAL C 99 -15.29 -0.98 -50.51
C VAL C 99 -16.04 -0.05 -51.46
N ASP C 100 -15.31 0.81 -52.14
CA ASP C 100 -15.94 1.77 -53.02
C ASP C 100 -16.35 1.07 -54.30
N LEU C 101 -17.55 1.40 -54.78
CA LEU C 101 -18.00 0.94 -56.09
C LEU C 101 -17.63 2.05 -57.06
N LEU C 102 -16.57 1.83 -57.82
CA LEU C 102 -16.16 2.84 -58.78
C LEU C 102 -16.65 2.42 -60.16
N PRO C 103 -17.58 3.17 -60.76
CA PRO C 103 -17.96 2.86 -62.14
C PRO C 103 -16.96 3.51 -63.08
N ALA C 104 -16.83 2.92 -64.26
CA ALA C 104 -15.98 3.46 -65.30
C ALA C 104 -16.76 3.84 -66.56
N GLY C 116 -8.04 0.85 -72.63
CA GLY C 116 -7.33 -0.25 -71.98
C GLY C 116 -7.72 -0.43 -70.52
N THR C 117 -7.13 -1.44 -69.87
CA THR C 117 -7.43 -1.69 -68.47
C THR C 117 -6.89 -0.58 -67.57
N ALA C 118 -5.66 -0.11 -67.84
CA ALA C 118 -5.08 0.94 -67.01
C ALA C 118 -5.80 2.26 -67.21
N ASP C 119 -6.29 2.53 -68.43
CA ASP C 119 -7.04 3.76 -68.67
C ASP C 119 -8.21 3.86 -67.71
N ALA C 120 -8.89 2.74 -67.44
CA ALA C 120 -10.01 2.75 -66.53
C ALA C 120 -9.60 3.24 -65.14
N VAL C 121 -8.41 2.84 -64.68
CA VAL C 121 -7.89 3.36 -63.42
C VAL C 121 -7.62 4.86 -63.54
N THR C 122 -7.04 5.30 -64.67
CA THR C 122 -6.79 6.72 -64.85
C THR C 122 -8.08 7.52 -64.76
N GLN C 123 -9.19 6.94 -65.22
CA GLN C 123 -10.47 7.64 -65.16
C GLN C 123 -10.84 7.99 -63.72
N ASN C 124 -10.64 7.06 -62.78
CA ASN C 124 -10.97 7.29 -61.37
C ASN C 124 -9.77 7.74 -60.55
N LEU C 125 -8.73 8.27 -61.19
CA LEU C 125 -7.53 8.61 -60.45
C LEU C 125 -7.81 9.74 -59.45
N ASP C 126 -8.75 10.65 -59.78
CA ASP C 126 -9.12 11.72 -58.87
C ASP C 126 -9.65 11.15 -57.56
N ILE C 127 -10.63 10.25 -57.64
CA ILE C 127 -11.17 9.62 -56.45
C ILE C 127 -10.10 8.86 -55.69
N ILE C 128 -9.23 8.13 -56.40
CA ILE C 128 -8.24 7.28 -55.76
C ILE C 128 -7.22 8.10 -54.98
N ARG C 129 -6.79 9.25 -55.53
CA ARG C 129 -5.83 10.08 -54.81
C ARG C 129 -6.34 10.42 -53.42
N ALA C 130 -7.64 10.65 -53.27
CA ALA C 130 -8.20 10.96 -51.96
C ALA C 130 -7.94 9.82 -50.96
N TYR C 131 -7.85 8.58 -51.44
CA TYR C 131 -7.52 7.48 -50.54
C TYR C 131 -6.22 7.76 -49.80
N LYS C 132 -5.27 8.43 -50.46
CA LYS C 132 -3.98 8.73 -49.86
C LYS C 132 -3.28 7.46 -49.40
N ALA C 133 -3.11 6.53 -50.34
CA ALA C 133 -2.47 5.25 -50.04
C ALA C 133 -0.97 5.35 -50.33
N GLU C 134 -0.18 4.68 -49.50
CA GLU C 134 1.25 4.63 -49.73
C GLU C 134 1.60 3.62 -50.82
N TYR C 135 0.90 2.48 -50.84
CA TYR C 135 1.08 1.44 -51.85
C TYR C 135 -0.29 1.02 -52.39
N VAL C 136 -0.33 0.65 -53.66
CA VAL C 136 -1.57 0.23 -54.31
C VAL C 136 -1.41 -1.21 -54.76
N VAL C 137 -2.43 -2.02 -54.51
CA VAL C 137 -2.46 -3.42 -54.91
C VAL C 137 -3.49 -3.54 -56.03
N ILE C 138 -3.01 -3.85 -57.24
CA ILE C 138 -3.89 -4.05 -58.39
C ILE C 138 -4.18 -5.54 -58.53
N LEU C 139 -5.47 -5.89 -58.54
CA LEU C 139 -5.92 -7.26 -58.64
C LEU C 139 -6.95 -7.39 -59.74
N ALA C 140 -7.11 -8.62 -60.23
CA ALA C 140 -8.19 -8.96 -61.15
C ALA C 140 -9.23 -9.77 -60.38
N GLY C 141 -10.46 -9.28 -60.35
CA GLY C 141 -11.48 -9.89 -59.53
C GLY C 141 -12.20 -11.06 -60.20
N ASP C 142 -11.59 -11.62 -61.24
CA ASP C 142 -12.20 -12.71 -61.99
C ASP C 142 -11.35 -13.97 -61.93
N HIS C 143 -10.55 -14.10 -60.86
CA HIS C 143 -9.74 -15.28 -60.64
C HIS C 143 -10.05 -15.87 -59.26
N ILE C 144 -9.79 -17.16 -59.12
CA ILE C 144 -10.04 -17.91 -57.90
C ILE C 144 -8.69 -18.32 -57.33
N TYR C 145 -8.33 -17.77 -56.18
CA TYR C 145 -7.05 -18.10 -55.56
C TYR C 145 -7.06 -17.57 -54.13
N LYS C 146 -6.08 -18.01 -53.36
CA LYS C 146 -5.84 -17.57 -51.98
C LYS C 146 -4.43 -17.00 -51.91
N GLN C 147 -4.29 -15.73 -51.52
CA GLN C 147 -2.98 -15.12 -51.44
C GLN C 147 -2.94 -14.13 -50.28
N ASP C 148 -1.85 -14.18 -49.50
CA ASP C 148 -1.65 -13.23 -48.41
C ASP C 148 -0.87 -12.05 -48.98
N TYR C 149 -1.59 -10.98 -49.32
CA TYR C 149 -0.96 -9.84 -49.96
C TYR C 149 0.04 -9.15 -49.05
N SER C 150 -0.05 -9.34 -47.73
CA SER C 150 0.91 -8.69 -46.84
C SER C 150 2.32 -9.22 -47.08
N ARG C 151 2.46 -10.52 -47.32
CA ARG C 151 3.76 -11.08 -47.65
C ARG C 151 4.31 -10.48 -48.94
N MET C 152 3.45 -10.34 -49.95
CA MET C 152 3.88 -9.74 -51.21
C MET C 152 4.26 -8.27 -51.02
N LEU C 153 3.62 -7.58 -50.08
CA LEU C 153 3.99 -6.20 -49.80
C LEU C 153 5.36 -6.14 -49.15
N ILE C 154 5.62 -7.02 -48.19
CA ILE C 154 6.97 -7.12 -47.62
C ILE C 154 8.00 -7.32 -48.71
N ASP C 155 7.79 -8.34 -49.55
CA ASP C 155 8.77 -8.63 -50.60
C ASP C 155 8.98 -7.41 -51.50
N HIS C 156 7.88 -6.73 -51.87
CA HIS C 156 7.98 -5.52 -52.67
C HIS C 156 8.83 -4.45 -51.98
N VAL C 157 8.47 -4.14 -50.74
CA VAL C 157 9.08 -3.02 -50.04
C VAL C 157 10.57 -3.25 -49.84
N GLU C 158 10.95 -4.39 -49.24
CA GLU C 158 12.37 -4.58 -49.01
C GLU C 158 13.11 -5.03 -50.27
N LYS C 159 12.42 -5.27 -51.38
CA LYS C 159 13.08 -5.19 -52.66
C LYS C 159 13.25 -3.75 -53.12
N GLY C 160 12.52 -2.82 -52.49
CA GLY C 160 12.63 -1.40 -52.83
C GLY C 160 12.14 -1.09 -54.23
N ALA C 161 11.24 -1.91 -54.75
CA ALA C 161 10.77 -1.74 -56.12
C ALA C 161 9.74 -0.62 -56.23
N ARG C 162 9.64 -0.04 -57.42
CA ARG C 162 8.50 0.80 -57.76
C ARG C 162 7.31 -0.05 -58.18
N CYS C 163 7.56 -1.26 -58.70
CA CYS C 163 6.49 -2.15 -59.13
C CYS C 163 6.93 -3.59 -58.95
N THR C 164 6.04 -4.40 -58.37
CA THR C 164 6.24 -5.85 -58.24
C THR C 164 5.15 -6.60 -59.00
N VAL C 165 5.57 -7.63 -59.72
CA VAL C 165 4.67 -8.43 -60.54
C VAL C 165 4.67 -9.86 -60.03
N ALA C 166 3.47 -10.40 -59.79
CA ALA C 166 3.31 -11.78 -59.34
C ALA C 166 3.60 -12.74 -60.48
N CYS C 167 4.37 -13.80 -60.19
CA CYS C 167 4.84 -14.72 -61.23
C CYS C 167 4.42 -16.13 -60.88
N MET C 168 3.65 -16.76 -61.78
CA MET C 168 3.17 -18.13 -61.61
C MET C 168 3.46 -18.91 -62.88
N PRO C 169 4.43 -19.80 -62.88
CA PRO C 169 4.73 -20.60 -64.08
C PRO C 169 3.54 -21.41 -64.59
N VAL C 170 3.35 -21.37 -65.91
CA VAL C 170 2.19 -21.97 -66.60
C VAL C 170 2.53 -22.82 -67.82
N PRO C 171 1.55 -23.55 -68.37
CA PRO C 171 1.74 -24.37 -69.57
C PRO C 171 2.19 -23.57 -70.81
N ILE C 172 3.13 -24.16 -71.56
CA ILE C 172 3.64 -23.51 -72.77
C ILE C 172 2.54 -23.34 -73.82
N GLU C 173 1.68 -24.35 -73.97
CA GLU C 173 0.61 -24.28 -74.97
C GLU C 173 -0.31 -23.08 -74.74
N GLU C 174 -0.70 -22.85 -73.48
CA GLU C 174 -1.58 -21.75 -73.12
C GLU C 174 -0.85 -20.44 -72.87
N ALA C 175 0.48 -20.47 -72.71
CA ALA C 175 1.24 -19.31 -72.23
C ALA C 175 1.04 -18.06 -73.09
N SER C 176 0.57 -18.21 -74.34
CA SER C 176 0.38 -17.05 -75.21
C SER C 176 -0.61 -16.05 -74.63
N ALA C 177 -1.59 -16.52 -73.84
CA ALA C 177 -2.59 -15.60 -73.28
C ALA C 177 -2.04 -14.77 -72.13
N PHE C 178 -0.99 -15.22 -71.45
CA PHE C 178 -0.46 -14.49 -70.32
C PHE C 178 0.71 -13.62 -70.76
N GLY C 179 1.10 -12.69 -69.88
CA GLY C 179 2.30 -11.90 -70.08
C GLY C 179 3.51 -12.63 -69.55
N VAL C 180 4.54 -12.74 -70.38
CA VAL C 180 5.72 -13.52 -70.04
C VAL C 180 6.83 -12.56 -69.62
N MET C 181 7.63 -13.02 -68.65
CA MET C 181 8.66 -12.20 -68.03
C MET C 181 9.94 -13.01 -67.86
N ALA C 182 11.03 -12.28 -67.76
CA ALA C 182 12.36 -12.83 -67.53
C ALA C 182 12.96 -12.01 -66.40
N VAL C 183 13.46 -12.70 -65.38
CA VAL C 183 13.91 -12.06 -64.14
C VAL C 183 15.42 -12.30 -63.99
N ASP C 184 16.00 -11.57 -63.06
CA ASP C 184 17.42 -11.69 -62.77
C ASP C 184 17.61 -12.55 -61.52
N GLU C 185 18.83 -12.54 -60.97
CA GLU C 185 19.11 -13.33 -59.78
C GLU C 185 18.39 -12.75 -58.56
N ASN C 186 18.19 -11.43 -58.53
CA ASN C 186 17.56 -10.73 -57.42
C ASN C 186 16.07 -10.49 -57.66
N ASP C 187 15.43 -11.31 -58.50
CA ASP C 187 14.00 -11.16 -58.82
C ASP C 187 13.71 -9.82 -59.53
N LYS C 188 14.70 -9.27 -60.23
CA LYS C 188 14.49 -8.09 -61.05
C LYS C 188 14.08 -8.51 -62.46
N ILE C 189 13.01 -7.90 -62.97
CA ILE C 189 12.51 -8.29 -64.29
C ILE C 189 13.48 -7.77 -65.34
N ILE C 190 14.09 -8.69 -66.09
CA ILE C 190 15.00 -8.32 -67.16
C ILE C 190 14.24 -8.06 -68.46
N GLU C 191 13.27 -8.90 -68.80
CA GLU C 191 12.54 -8.79 -70.05
C GLU C 191 11.05 -9.00 -69.81
N PHE C 192 10.21 -8.23 -70.50
CA PHE C 192 8.76 -8.45 -70.42
C PHE C 192 8.14 -8.36 -71.81
N VAL C 193 7.16 -9.23 -72.08
CA VAL C 193 6.39 -9.18 -73.32
C VAL C 193 4.96 -9.60 -73.01
N GLU C 194 4.00 -8.83 -73.50
CA GLU C 194 2.59 -9.05 -73.18
C GLU C 194 1.95 -9.92 -74.26
N LYS C 195 1.43 -11.07 -73.85
CA LYS C 195 0.70 -11.99 -74.72
C LYS C 195 1.40 -12.27 -76.04
N PRO C 196 2.66 -12.71 -76.03
CA PRO C 196 3.33 -13.04 -77.29
C PRO C 196 2.77 -14.32 -77.91
N ALA C 197 2.59 -14.30 -79.23
CA ALA C 197 2.19 -15.50 -79.95
C ALA C 197 3.37 -16.45 -80.01
N ASN C 198 3.09 -17.74 -79.95
CA ASN C 198 4.17 -18.72 -79.85
C ASN C 198 5.03 -18.21 -78.71
N PRO C 199 4.59 -18.40 -77.47
CA PRO C 199 5.22 -17.73 -76.33
C PRO C 199 6.66 -18.16 -76.15
N PRO C 200 7.56 -17.25 -75.76
CA PRO C 200 8.96 -17.63 -75.53
C PRO C 200 9.05 -18.78 -74.55
N SER C 201 9.99 -19.69 -74.80
CA SER C 201 10.14 -20.84 -73.94
C SER C 201 10.90 -20.45 -72.66
N MET C 202 10.61 -21.18 -71.60
CA MET C 202 11.23 -20.98 -70.29
C MET C 202 12.57 -21.70 -70.22
N PRO C 203 13.55 -21.11 -69.54
CA PRO C 203 14.85 -21.79 -69.39
C PRO C 203 14.66 -23.09 -68.64
N ASN C 204 15.02 -24.21 -69.27
CA ASN C 204 14.80 -25.54 -68.71
C ASN C 204 13.29 -25.77 -68.52
N ASP C 205 12.57 -25.71 -69.64
CA ASP C 205 11.13 -25.93 -69.64
C ASP C 205 10.61 -26.14 -71.05
N SER C 209 7.26 -20.87 -69.85
CA SER C 209 6.71 -21.52 -68.67
C SER C 209 6.39 -20.52 -67.57
N LEU C 210 7.13 -19.40 -67.51
CA LEU C 210 6.97 -18.41 -66.45
C LEU C 210 6.09 -17.25 -66.92
N ALA C 211 4.86 -17.21 -66.43
CA ALA C 211 3.83 -16.24 -66.82
C ALA C 211 3.54 -15.28 -65.67
N SER C 212 3.14 -14.06 -66.03
CA SER C 212 2.70 -13.07 -65.05
C SER C 212 1.22 -13.26 -64.73
N MET C 213 0.86 -13.06 -63.46
CA MET C 213 -0.47 -13.35 -62.95
C MET C 213 -1.39 -12.13 -62.90
N GLY C 214 -1.01 -11.01 -63.48
CA GLY C 214 -1.85 -9.83 -63.40
C GLY C 214 -2.12 -9.32 -62.00
N ILE C 215 -1.20 -9.56 -61.06
CA ILE C 215 -1.31 -9.07 -59.70
C ILE C 215 -0.12 -8.16 -59.46
N TYR C 216 -0.37 -6.88 -59.20
CA TYR C 216 0.70 -5.90 -59.13
C TYR C 216 0.70 -5.20 -57.79
N VAL C 217 1.90 -4.81 -57.35
CA VAL C 217 2.08 -3.94 -56.19
C VAL C 217 2.84 -2.70 -56.65
N PHE C 218 2.32 -1.52 -56.31
CA PHE C 218 2.88 -0.26 -56.75
C PHE C 218 3.17 0.62 -55.54
N ASP C 219 4.28 1.36 -55.59
CA ASP C 219 4.41 2.56 -54.77
C ASP C 219 3.43 3.59 -55.32
N ALA C 220 2.49 4.04 -54.49
CA ALA C 220 1.39 4.88 -54.97
C ALA C 220 1.91 6.09 -55.73
N ASP C 221 2.98 6.72 -55.26
CA ASP C 221 3.55 7.88 -55.94
C ASP C 221 3.97 7.51 -57.37
N TYR C 222 4.82 6.50 -57.50
CA TYR C 222 5.27 6.07 -58.82
C TYR C 222 4.10 5.66 -59.70
N LEU C 223 3.13 4.93 -59.14
CA LEU C 223 1.98 4.47 -59.93
C LEU C 223 1.20 5.65 -60.47
N TYR C 224 0.87 6.61 -59.61
CA TYR C 224 0.17 7.81 -60.07
C TYR C 224 0.96 8.52 -61.17
N GLU C 225 2.25 8.78 -60.93
CA GLU C 225 3.07 9.46 -61.93
C GLU C 225 3.00 8.72 -63.25
N LEU C 226 3.11 7.38 -63.21
CA LEU C 226 3.08 6.59 -64.44
C LEU C 226 1.73 6.73 -65.13
N LEU C 227 0.65 6.82 -64.33
CA LEU C 227 -0.68 6.99 -64.90
C LEU C 227 -0.81 8.35 -65.60
N GLU C 228 -0.29 9.42 -64.97
CA GLU C 228 -0.29 10.74 -65.60
C GLU C 228 0.49 10.72 -66.91
N GLU C 229 1.73 10.21 -66.87
CA GLU C 229 2.56 10.18 -68.07
C GLU C 229 1.92 9.34 -69.17
N ASP C 230 1.30 8.22 -68.79
CA ASP C 230 0.69 7.35 -69.79
C ASP C 230 -0.54 8.01 -70.38
N ASP C 231 -1.36 8.65 -69.54
CA ASP C 231 -2.54 9.36 -70.04
C ASP C 231 -2.14 10.47 -71.00
N ARG C 232 -0.96 11.07 -70.78
CA ARG C 232 -0.49 12.12 -71.67
C ARG C 232 0.03 11.54 -73.00
N ASP C 233 0.60 10.33 -72.97
CA ASP C 233 1.05 9.66 -74.19
C ASP C 233 -0.09 8.80 -74.73
N GLU C 234 -0.53 9.07 -75.96
CA GLU C 234 -1.74 8.49 -76.50
C GLU C 234 -1.53 7.61 -77.73
N ASN C 235 -0.28 7.44 -78.20
CA ASN C 235 -0.04 6.58 -79.35
C ASN C 235 -0.29 5.12 -78.99
N SER C 236 0.18 4.67 -77.83
CA SER C 236 -0.01 3.29 -77.40
C SER C 236 -1.45 3.07 -76.96
N SER C 237 -1.77 1.82 -76.58
CA SER C 237 -3.16 1.46 -76.31
C SER C 237 -3.61 1.76 -74.89
N HIS C 238 -2.70 2.18 -74.01
CA HIS C 238 -3.09 2.64 -72.68
C HIS C 238 -3.41 1.46 -71.77
N ASP C 239 -2.65 0.37 -71.86
CA ASP C 239 -2.89 -0.83 -71.07
C ASP C 239 -1.66 -1.18 -70.25
N PHE C 240 -1.90 -1.63 -69.01
CA PHE C 240 -0.81 -1.99 -68.11
C PHE C 240 0.08 -3.07 -68.72
N GLY C 241 -0.49 -4.20 -69.12
CA GLY C 241 0.31 -5.30 -69.61
C GLY C 241 0.96 -4.98 -70.95
N LYS C 242 0.17 -4.46 -71.88
CA LYS C 242 0.69 -4.21 -73.23
C LYS C 242 1.68 -3.06 -73.24
N ASP C 243 1.50 -2.06 -72.36
CA ASP C 243 2.30 -0.83 -72.43
C ASP C 243 3.10 -0.55 -71.17
N LEU C 244 2.46 -0.52 -69.99
CA LEU C 244 3.14 0.00 -68.80
C LEU C 244 4.26 -0.93 -68.33
N ILE C 245 3.94 -2.19 -68.05
CA ILE C 245 4.95 -3.11 -67.54
C ILE C 245 6.20 -3.13 -68.42
N PRO C 246 6.10 -3.26 -69.75
CA PRO C 246 7.33 -3.15 -70.57
C PRO C 246 8.09 -1.87 -70.30
N LYS C 247 7.40 -0.75 -70.15
CA LYS C 247 8.05 0.52 -69.83
C LYS C 247 8.80 0.45 -68.51
N ILE C 248 8.17 -0.10 -67.47
CA ILE C 248 8.82 -0.18 -66.16
C ILE C 248 10.03 -1.09 -66.22
N THR C 249 9.88 -2.24 -66.89
CA THR C 249 11.01 -3.15 -67.06
C THR C 249 12.15 -2.45 -67.78
N GLU C 250 11.84 -1.73 -68.86
CA GLU C 250 12.87 -1.00 -69.60
C GLU C 250 13.59 -0.01 -68.69
N ALA C 251 12.89 0.51 -67.67
CA ALA C 251 13.52 1.34 -66.66
C ALA C 251 14.23 0.53 -65.59
N GLY C 252 14.05 -0.79 -65.58
CA GLY C 252 14.69 -1.64 -64.58
C GLY C 252 14.10 -1.50 -63.19
N LEU C 253 12.86 -1.06 -63.06
CA LEU C 253 12.23 -0.82 -61.76
C LEU C 253 11.16 -1.85 -61.43
N ALA C 254 11.05 -2.91 -62.21
CA ALA C 254 10.02 -3.91 -62.01
C ALA C 254 10.71 -5.15 -61.45
N TYR C 255 10.42 -5.47 -60.19
CA TYR C 255 10.95 -6.69 -59.61
C TYR C 255 9.83 -7.73 -59.58
N ALA C 256 10.23 -8.99 -59.48
CA ALA C 256 9.31 -10.11 -59.58
C ALA C 256 9.04 -10.72 -58.21
N HIS C 257 7.88 -11.35 -58.09
CA HIS C 257 7.45 -11.96 -56.83
C HIS C 257 6.98 -13.39 -57.08
N PRO C 258 7.75 -14.39 -56.66
CA PRO C 258 7.28 -15.78 -56.79
C PRO C 258 5.97 -15.99 -56.04
N PHE C 259 4.97 -16.49 -56.75
CA PHE C 259 3.66 -16.71 -56.14
C PHE C 259 3.71 -17.60 -54.91
N PRO C 260 4.49 -18.68 -54.87
CA PRO C 260 4.51 -19.52 -53.66
C PRO C 260 4.86 -18.76 -52.39
N LEU C 261 5.58 -17.64 -52.48
CA LEU C 261 5.96 -16.90 -51.28
C LEU C 261 4.76 -16.37 -50.53
N SER C 262 3.63 -16.13 -51.21
CA SER C 262 2.46 -15.55 -50.58
C SER C 262 1.18 -16.38 -50.69
N CYS C 263 1.14 -17.37 -51.57
CA CYS C 263 -0.05 -18.22 -51.69
C CYS C 263 -0.33 -18.94 -50.38
N VAL C 264 -1.59 -18.94 -49.96
CA VAL C 264 -2.03 -19.62 -48.75
C VAL C 264 -2.65 -20.95 -49.14
N GLN C 265 -2.18 -22.03 -48.52
CA GLN C 265 -2.72 -23.36 -48.81
C GLN C 265 -2.49 -24.26 -47.62
N SER C 266 -3.48 -25.12 -47.34
CA SER C 266 -3.39 -26.03 -46.21
C SER C 266 -2.30 -27.08 -46.42
N ASP C 267 -2.24 -27.67 -47.62
CA ASP C 267 -1.27 -28.71 -47.91
C ASP C 267 -0.01 -28.08 -48.51
N PRO C 268 1.12 -28.04 -47.79
CA PRO C 268 2.33 -27.43 -48.37
C PRO C 268 2.86 -28.19 -49.57
N ASP C 269 2.68 -29.52 -49.61
CA ASP C 269 3.24 -30.36 -50.66
C ASP C 269 2.35 -30.42 -51.90
N ALA C 270 1.55 -29.40 -52.13
CA ALA C 270 0.61 -29.39 -53.25
C ALA C 270 0.96 -28.27 -54.22
N GLU C 271 0.40 -28.36 -55.43
CA GLU C 271 0.66 -27.33 -56.42
C GLU C 271 -0.15 -26.07 -56.09
N PRO C 272 0.40 -24.89 -56.35
CA PRO C 272 -0.36 -23.65 -56.09
C PRO C 272 -1.68 -23.64 -56.85
N TYR C 273 -2.75 -23.30 -56.15
CA TYR C 273 -4.07 -23.28 -56.75
C TYR C 273 -4.34 -21.88 -57.30
N TRP C 274 -4.58 -21.81 -58.61
CA TRP C 274 -4.93 -20.54 -59.26
C TRP C 274 -5.70 -20.85 -60.53
N ARG C 275 -6.97 -20.46 -60.59
CA ARG C 275 -7.83 -20.78 -61.72
C ARG C 275 -8.45 -19.48 -62.23
N ASP C 276 -8.34 -19.25 -63.54
CA ASP C 276 -8.96 -18.10 -64.17
C ASP C 276 -10.36 -18.39 -64.69
N VAL C 277 -10.73 -19.66 -64.80
CA VAL C 277 -12.10 -20.04 -65.14
C VAL C 277 -12.49 -19.41 -66.47
N GLY C 278 -11.61 -19.50 -67.47
CA GLY C 278 -11.91 -18.90 -68.75
C GLY C 278 -12.92 -19.70 -69.55
N THR C 279 -12.58 -20.97 -69.82
CA THR C 279 -13.44 -21.83 -70.62
C THR C 279 -14.57 -22.42 -69.77
N LEU C 280 -15.65 -22.82 -70.44
CA LEU C 280 -16.74 -23.52 -69.76
C LEU C 280 -16.20 -24.78 -69.07
N GLU C 281 -15.37 -25.55 -69.77
CA GLU C 281 -14.81 -26.76 -69.19
C GLU C 281 -14.03 -26.45 -67.92
N ALA C 282 -13.29 -25.33 -67.91
CA ALA C 282 -12.52 -24.95 -66.72
C ALA C 282 -13.45 -24.65 -65.54
N TYR C 283 -14.55 -23.94 -65.81
CA TYR C 283 -15.55 -23.69 -64.78
C TYR C 283 -16.12 -24.98 -64.23
N TRP C 284 -16.64 -25.84 -65.12
CA TRP C 284 -17.19 -27.13 -64.72
C TRP C 284 -16.19 -27.91 -63.86
N LYS C 285 -14.96 -28.02 -64.33
CA LYS C 285 -13.93 -28.78 -63.61
C LYS C 285 -13.68 -28.17 -62.24
N ALA C 286 -13.47 -26.85 -62.18
CA ALA C 286 -13.16 -26.20 -60.90
C ALA C 286 -14.30 -26.39 -59.90
N ASN C 287 -15.55 -26.26 -60.36
CA ASN C 287 -16.68 -26.47 -59.46
C ASN C 287 -16.72 -27.91 -58.95
N LEU C 288 -16.69 -28.88 -59.87
CA LEU C 288 -16.80 -30.26 -59.43
C LEU C 288 -15.64 -30.69 -58.56
N ASP C 289 -14.48 -30.00 -58.66
CA ASP C 289 -13.34 -30.33 -57.80
C ASP C 289 -13.74 -30.27 -56.34
N LEU C 290 -14.56 -29.29 -55.96
CA LEU C 290 -14.99 -29.13 -54.57
C LEU C 290 -15.89 -30.28 -54.11
N ALA C 291 -16.47 -31.03 -55.04
CA ALA C 291 -17.30 -32.16 -54.70
C ALA C 291 -16.51 -33.45 -54.49
N SER C 292 -15.24 -33.48 -54.91
CA SER C 292 -14.41 -34.66 -54.75
C SER C 292 -14.09 -34.89 -53.27
N VAL C 293 -13.55 -36.06 -52.98
CA VAL C 293 -13.25 -36.42 -51.60
C VAL C 293 -12.19 -35.48 -51.02
N VAL C 294 -11.15 -35.20 -51.80
CA VAL C 294 -10.09 -34.29 -51.37
C VAL C 294 -9.96 -33.17 -52.40
N PRO C 295 -10.70 -32.08 -52.27
CA PRO C 295 -10.62 -30.99 -53.27
C PRO C 295 -9.26 -30.30 -53.27
N GLU C 296 -8.82 -29.90 -54.46
CA GLU C 296 -7.55 -29.17 -54.56
C GLU C 296 -7.64 -27.83 -53.81
N LEU C 297 -8.82 -27.18 -53.76
CA LEU C 297 -9.04 -25.95 -53.03
C LEU C 297 -9.73 -26.24 -51.71
N ASP C 298 -9.10 -25.92 -50.57
CA ASP C 298 -9.69 -26.25 -49.30
C ASP C 298 -10.50 -25.07 -48.81
N MET C 299 -11.84 -25.14 -49.02
CA MET C 299 -12.70 -24.08 -48.56
C MET C 299 -12.79 -24.04 -47.03
N TYR C 300 -12.71 -25.21 -46.38
CA TYR C 300 -12.91 -25.34 -44.95
C TYR C 300 -11.79 -24.76 -44.02
N ASP C 301 -10.68 -24.19 -44.56
CA ASP C 301 -9.69 -23.58 -43.66
C ASP C 301 -10.32 -22.39 -42.94
N ARG C 302 -10.33 -22.43 -41.62
CA ARG C 302 -10.88 -21.38 -40.81
C ARG C 302 -9.88 -20.29 -40.55
N ASN C 303 -8.62 -20.48 -40.94
CA ASN C 303 -7.58 -19.46 -40.79
C ASN C 303 -7.51 -18.52 -41.98
N TRP C 304 -8.12 -18.90 -43.10
CA TRP C 304 -8.20 -18.05 -44.28
C TRP C 304 -9.59 -18.23 -44.89
N PRO C 305 -10.61 -17.68 -44.25
CA PRO C 305 -11.99 -17.88 -44.72
C PRO C 305 -12.31 -16.98 -45.90
N ILE C 306 -13.35 -17.37 -46.64
CA ILE C 306 -13.79 -16.65 -47.82
C ILE C 306 -15.13 -16.02 -47.50
N ARG C 307 -15.18 -14.70 -47.59
CA ARG C 307 -16.38 -13.92 -47.30
C ARG C 307 -17.24 -13.80 -48.54
N THR C 308 -18.55 -13.87 -48.35
CA THR C 308 -19.51 -13.64 -49.44
C THR C 308 -20.84 -13.23 -48.84
N TYR C 309 -21.81 -12.98 -49.70
CA TYR C 309 -23.15 -12.62 -49.26
C TYR C 309 -23.82 -13.83 -48.63
N ASN C 310 -24.09 -13.76 -47.34
CA ASN C 310 -24.63 -14.90 -46.59
C ASN C 310 -26.16 -14.82 -46.57
N GLU C 311 -26.76 -15.30 -47.65
CA GLU C 311 -28.22 -15.32 -47.73
C GLU C 311 -28.76 -16.37 -46.76
N SER C 312 -29.85 -16.02 -46.08
CA SER C 312 -30.48 -16.92 -45.10
C SER C 312 -31.31 -17.96 -45.83
N LEU C 313 -30.92 -19.22 -45.71
CA LEU C 313 -31.55 -20.32 -46.41
C LEU C 313 -31.87 -21.44 -45.43
N PRO C 314 -32.95 -22.19 -45.66
CA PRO C 314 -33.21 -23.37 -44.82
C PRO C 314 -32.25 -24.48 -45.14
N PRO C 315 -32.05 -25.43 -44.23
CA PRO C 315 -31.13 -26.54 -44.51
C PRO C 315 -31.56 -27.32 -45.74
N ALA C 316 -30.58 -27.93 -46.41
CA ALA C 316 -30.86 -28.79 -47.54
C ALA C 316 -31.83 -29.88 -47.14
N LYS C 317 -32.94 -29.97 -47.87
CA LYS C 317 -34.04 -30.87 -47.52
C LYS C 317 -34.08 -32.04 -48.48
N PHE C 318 -33.86 -33.24 -47.97
CA PHE C 318 -34.00 -34.46 -48.73
C PHE C 318 -35.28 -35.14 -48.27
N VAL C 319 -36.14 -35.50 -49.23
CA VAL C 319 -37.43 -36.10 -48.93
C VAL C 319 -37.62 -37.34 -49.79
N GLN C 320 -38.69 -38.07 -49.51
CA GLN C 320 -39.02 -39.24 -50.31
C GLN C 320 -39.69 -38.81 -51.60
N ASP C 321 -39.56 -39.63 -52.64
CA ASP C 321 -40.24 -39.40 -53.90
C ASP C 321 -41.69 -39.87 -53.80
N ARG C 322 -42.43 -39.71 -54.89
CA ARG C 322 -43.83 -40.13 -54.89
C ARG C 322 -43.97 -41.61 -54.57
N SER C 323 -42.96 -42.42 -54.88
CA SER C 323 -42.97 -43.84 -54.56
C SER C 323 -42.51 -44.14 -53.13
N GLY C 324 -42.10 -43.12 -52.37
CA GLY C 324 -41.65 -43.35 -51.02
C GLY C 324 -40.24 -43.89 -50.90
N SER C 325 -39.45 -43.87 -51.97
CA SER C 325 -38.10 -44.42 -51.99
C SER C 325 -37.09 -43.38 -51.49
N HIS C 326 -35.93 -43.89 -51.07
CA HIS C 326 -34.86 -43.04 -50.58
C HIS C 326 -34.07 -42.43 -51.74
N GLY C 327 -33.25 -41.44 -51.41
CA GLY C 327 -32.37 -40.79 -52.37
C GLY C 327 -30.94 -41.23 -52.18
N MET C 328 -30.14 -41.14 -53.25
CA MET C 328 -28.74 -41.53 -53.23
C MET C 328 -27.86 -40.37 -53.65
N THR C 329 -26.74 -40.20 -52.93
CA THR C 329 -25.83 -39.08 -53.16
C THR C 329 -24.38 -39.56 -53.02
N LEU C 330 -23.54 -39.12 -53.96
CA LEU C 330 -22.13 -39.48 -53.97
C LEU C 330 -21.29 -38.28 -54.36
N ASN C 331 -20.36 -37.91 -53.50
CA ASN C 331 -19.37 -36.88 -53.80
C ASN C 331 -20.03 -35.69 -54.49
N SER C 332 -20.97 -35.07 -53.77
CA SER C 332 -21.73 -33.96 -54.31
C SER C 332 -21.93 -32.91 -53.22
N LEU C 333 -22.21 -31.69 -53.65
CA LEU C 333 -22.50 -30.59 -52.75
C LEU C 333 -23.95 -30.17 -52.94
N VAL C 334 -24.64 -29.90 -51.84
CA VAL C 334 -26.04 -29.50 -51.84
C VAL C 334 -26.18 -28.25 -50.97
N SER C 335 -26.40 -27.11 -51.60
CA SER C 335 -26.49 -25.84 -50.90
C SER C 335 -27.84 -25.70 -50.19
N GLY C 336 -27.94 -24.66 -49.36
CA GLY C 336 -29.16 -24.42 -48.62
C GLY C 336 -30.34 -24.18 -49.52
N GLY C 337 -31.54 -24.43 -48.98
CA GLY C 337 -32.77 -24.21 -49.72
C GLY C 337 -33.11 -25.26 -50.75
N CYS C 338 -32.20 -26.19 -51.02
CA CYS C 338 -32.49 -27.26 -51.96
C CYS C 338 -33.58 -28.18 -51.41
N VAL C 339 -34.32 -28.81 -52.32
CA VAL C 339 -35.30 -29.83 -51.98
C VAL C 339 -35.14 -30.96 -52.99
N ILE C 340 -34.79 -32.14 -52.53
CA ILE C 340 -34.47 -33.26 -53.40
C ILE C 340 -35.34 -34.45 -53.02
N SER C 341 -36.20 -34.86 -53.95
CA SER C 341 -37.08 -36.00 -53.75
C SER C 341 -36.42 -37.24 -54.32
N GLY C 342 -35.89 -38.08 -53.44
CA GLY C 342 -35.19 -39.29 -53.88
C GLY C 342 -34.08 -38.93 -54.85
N SER C 343 -34.17 -39.45 -56.08
CA SER C 343 -33.24 -39.10 -57.13
C SER C 343 -31.81 -39.54 -56.80
N VAL C 344 -30.90 -39.35 -57.75
CA VAL C 344 -29.49 -39.70 -57.58
C VAL C 344 -28.64 -38.50 -57.96
N VAL C 345 -27.77 -38.06 -57.05
CA VAL C 345 -26.85 -36.96 -57.31
C VAL C 345 -25.43 -37.46 -57.17
N VAL C 346 -24.64 -37.35 -58.25
CA VAL C 346 -23.30 -37.90 -58.31
C VAL C 346 -22.36 -36.83 -58.86
N GLN C 347 -21.19 -36.69 -58.22
CA GLN C 347 -20.15 -35.78 -58.69
C GLN C 347 -20.72 -34.43 -59.13
N SER C 348 -21.73 -33.94 -58.43
CA SER C 348 -22.44 -32.75 -58.85
C SER C 348 -22.36 -31.67 -57.77
N VAL C 349 -22.59 -30.44 -58.19
CA VAL C 349 -22.64 -29.28 -57.30
C VAL C 349 -23.98 -28.60 -57.52
N LEU C 350 -24.80 -28.52 -56.46
CA LEU C 350 -26.12 -27.91 -56.52
C LEU C 350 -26.11 -26.60 -55.74
N PHE C 351 -26.27 -25.50 -56.46
CA PHE C 351 -26.31 -24.18 -55.84
C PHE C 351 -27.63 -24.02 -55.06
N SER C 352 -27.88 -22.82 -54.56
CA SER C 352 -28.97 -22.56 -53.64
C SER C 352 -30.34 -22.73 -54.30
N ARG C 353 -31.30 -23.18 -53.49
CA ARG C 353 -32.72 -23.21 -53.88
C ARG C 353 -32.95 -24.00 -55.17
N VAL C 354 -32.18 -25.06 -55.37
CA VAL C 354 -32.38 -25.94 -56.51
C VAL C 354 -33.45 -26.97 -56.14
N ARG C 355 -34.46 -27.09 -57.00
CA ARG C 355 -35.55 -28.04 -56.80
C ARG C 355 -35.34 -29.22 -57.75
N VAL C 356 -35.26 -30.43 -57.20
CA VAL C 356 -35.11 -31.65 -57.97
C VAL C 356 -36.25 -32.58 -57.60
N ASN C 357 -37.11 -32.86 -58.57
CA ASN C 357 -38.29 -33.68 -58.35
C ASN C 357 -37.89 -35.15 -58.49
N SER C 358 -38.88 -36.04 -58.55
CA SER C 358 -38.65 -37.46 -58.41
C SER C 358 -37.95 -38.07 -59.63
N PHE C 359 -37.21 -39.15 -59.38
CA PHE C 359 -36.68 -40.02 -60.44
C PHE C 359 -35.68 -39.30 -61.33
N CYS C 360 -34.78 -38.53 -60.75
CA CYS C 360 -33.74 -37.83 -61.50
C CYS C 360 -32.39 -38.50 -61.32
N ASN C 361 -31.57 -38.45 -62.37
CA ASN C 361 -30.21 -38.98 -62.33
C ASN C 361 -29.28 -37.85 -62.76
N ILE C 362 -28.67 -37.18 -61.78
CA ILE C 362 -27.79 -36.05 -62.01
C ILE C 362 -26.37 -36.50 -61.75
N ASP C 363 -25.47 -36.22 -62.70
CA ASP C 363 -24.13 -36.78 -62.66
C ASP C 363 -23.17 -35.77 -63.28
N SER C 364 -22.11 -35.44 -62.54
CA SER C 364 -21.07 -34.52 -63.03
C SER C 364 -21.69 -33.25 -63.60
N ALA C 365 -22.58 -32.64 -62.80
CA ALA C 365 -23.32 -31.48 -63.23
C ALA C 365 -23.14 -30.34 -62.23
N VAL C 366 -23.33 -29.12 -62.71
CA VAL C 366 -23.28 -27.93 -61.89
C VAL C 366 -24.61 -27.21 -62.10
N LEU C 367 -25.45 -27.19 -61.07
CA LEU C 367 -26.79 -26.59 -61.14
C LEU C 367 -26.77 -25.27 -60.36
N LEU C 368 -26.92 -24.16 -61.09
CA LEU C 368 -26.87 -22.84 -60.49
C LEU C 368 -28.17 -22.53 -59.75
N PRO C 369 -28.22 -21.43 -59.00
CA PRO C 369 -29.35 -21.21 -58.08
C PRO C 369 -30.72 -21.27 -58.74
N GLU C 370 -31.71 -21.71 -57.96
CA GLU C 370 -33.13 -21.65 -58.30
C GLU C 370 -33.51 -22.50 -59.50
N VAL C 371 -32.65 -23.42 -59.93
CA VAL C 371 -33.02 -24.34 -61.00
C VAL C 371 -34.15 -25.25 -60.53
N TRP C 372 -35.06 -25.56 -61.45
CA TRP C 372 -36.17 -26.47 -61.20
C TRP C 372 -36.05 -27.63 -62.19
N VAL C 373 -35.75 -28.81 -61.67
CA VAL C 373 -35.61 -30.01 -62.50
C VAL C 373 -36.87 -30.83 -62.33
N GLY C 374 -37.62 -31.00 -63.42
CA GLY C 374 -38.83 -31.81 -63.40
C GLY C 374 -38.51 -33.28 -63.15
N ARG C 375 -39.58 -34.08 -63.11
CA ARG C 375 -39.44 -35.51 -62.84
C ARG C 375 -38.75 -36.23 -63.99
N SER C 376 -38.00 -37.28 -63.66
CA SER C 376 -37.52 -38.28 -64.63
C SER C 376 -36.39 -37.72 -65.51
N CYS C 377 -35.57 -36.82 -65.01
CA CYS C 377 -34.47 -36.23 -65.78
C CYS C 377 -33.16 -36.98 -65.60
N ARG C 378 -32.28 -36.85 -66.60
CA ARG C 378 -30.95 -37.47 -66.58
C ARG C 378 -29.92 -36.49 -67.13
N LEU C 379 -29.13 -35.88 -66.25
CA LEU C 379 -28.11 -34.90 -66.63
C LEU C 379 -26.71 -35.50 -66.41
N ARG C 380 -25.81 -35.31 -67.39
CA ARG C 380 -24.42 -35.75 -67.26
C ARG C 380 -23.49 -34.73 -67.91
N ARG C 381 -22.40 -34.40 -67.22
CA ARG C 381 -21.37 -33.48 -67.71
C ARG C 381 -21.98 -32.21 -68.30
N CYS C 382 -22.63 -31.43 -67.45
CA CYS C 382 -23.34 -30.25 -67.92
C CYS C 382 -23.31 -29.16 -66.85
N VAL C 383 -23.81 -27.98 -67.22
CA VAL C 383 -23.93 -26.81 -66.34
C VAL C 383 -25.28 -26.17 -66.59
N ILE C 384 -26.16 -26.18 -65.60
CA ILE C 384 -27.48 -25.57 -65.70
C ILE C 384 -27.41 -24.18 -65.07
N ASP C 385 -27.78 -23.15 -65.83
CA ASP C 385 -27.67 -21.78 -65.39
C ASP C 385 -28.81 -21.42 -64.43
N ARG C 386 -28.69 -20.23 -63.83
CA ARG C 386 -29.64 -19.78 -62.82
C ARG C 386 -31.08 -19.85 -63.34
N ALA C 387 -31.95 -20.41 -62.51
CA ALA C 387 -33.40 -20.41 -62.69
C ALA C 387 -33.86 -21.19 -63.92
N CYS C 388 -33.01 -22.03 -64.49
CA CYS C 388 -33.42 -22.87 -65.62
C CYS C 388 -34.48 -23.87 -65.19
N VAL C 389 -35.44 -24.13 -66.08
CA VAL C 389 -36.55 -25.05 -65.80
C VAL C 389 -36.60 -26.22 -66.78
N ILE C 390 -36.29 -27.42 -66.31
CA ILE C 390 -36.44 -28.64 -67.10
C ILE C 390 -37.84 -29.19 -66.86
N PRO C 391 -38.69 -29.33 -67.91
CA PRO C 391 -40.07 -29.80 -67.68
C PRO C 391 -40.19 -31.27 -67.34
N GLU C 392 -39.53 -32.16 -68.08
CA GLU C 392 -39.74 -33.59 -67.84
C GLU C 392 -38.76 -34.46 -68.62
N GLY C 393 -37.74 -34.98 -67.96
CA GLY C 393 -36.94 -35.98 -68.63
C GLY C 393 -36.01 -35.48 -69.71
N MET C 394 -35.64 -34.20 -69.73
CA MET C 394 -34.69 -33.79 -70.75
C MET C 394 -33.37 -34.49 -70.47
N VAL C 395 -32.87 -35.23 -71.45
CA VAL C 395 -31.61 -35.95 -71.30
C VAL C 395 -30.51 -35.11 -71.92
N ILE C 396 -29.40 -34.98 -71.20
CA ILE C 396 -28.27 -34.18 -71.66
C ILE C 396 -26.99 -34.94 -71.34
N GLY C 397 -26.04 -34.90 -72.27
CA GLY C 397 -24.75 -35.50 -72.08
C GLY C 397 -24.67 -36.93 -72.56
N GLU C 398 -25.78 -37.52 -73.01
CA GLU C 398 -25.83 -38.89 -73.49
C GLU C 398 -25.95 -38.95 -75.00
N ASN C 399 -26.85 -38.16 -75.58
CA ASN C 399 -26.99 -38.04 -77.03
C ASN C 399 -26.28 -36.74 -77.41
N ALA C 400 -25.02 -36.85 -77.85
CA ALA C 400 -24.20 -35.66 -78.05
C ALA C 400 -24.77 -34.74 -79.12
N GLU C 401 -25.02 -35.27 -80.32
CA GLU C 401 -25.54 -34.45 -81.41
C GLU C 401 -26.90 -33.87 -81.05
N GLU C 402 -27.80 -34.73 -80.56
CA GLU C 402 -29.15 -34.32 -80.20
C GLU C 402 -29.11 -33.18 -79.18
N ASP C 403 -28.28 -33.32 -78.16
CA ASP C 403 -28.08 -32.22 -77.21
C ASP C 403 -27.56 -30.98 -77.92
N ALA C 404 -26.60 -31.17 -78.83
CA ALA C 404 -25.99 -30.04 -79.53
C ALA C 404 -27.03 -29.21 -80.26
N ARG C 405 -28.06 -29.85 -80.81
CA ARG C 405 -29.13 -29.07 -81.44
C ARG C 405 -29.80 -28.16 -80.43
N ARG C 406 -30.02 -28.66 -79.21
CA ARG C 406 -30.81 -27.92 -78.24
C ARG C 406 -30.00 -26.80 -77.60
N PHE C 407 -28.83 -27.11 -77.05
CA PHE C 407 -28.03 -26.12 -76.34
C PHE C 407 -26.57 -26.27 -76.75
N TYR C 408 -25.70 -25.54 -76.06
CA TYR C 408 -24.28 -25.51 -76.40
C TYR C 408 -23.57 -26.76 -75.89
N ARG C 409 -22.67 -27.29 -76.71
CA ARG C 409 -21.81 -28.41 -76.31
C ARG C 409 -20.36 -28.06 -76.62
N SER C 410 -19.51 -28.07 -75.60
CA SER C 410 -18.12 -27.67 -75.74
C SER C 410 -17.32 -28.76 -76.46
N GLU C 411 -16.13 -28.36 -76.94
CA GLU C 411 -15.24 -29.30 -77.61
C GLU C 411 -14.84 -30.43 -76.68
N GLU C 412 -14.69 -30.15 -75.38
CA GLU C 412 -14.30 -31.16 -74.40
C GLU C 412 -15.45 -32.07 -73.99
N GLY C 413 -16.69 -31.70 -74.31
CA GLY C 413 -17.85 -32.54 -74.04
C GLY C 413 -18.80 -32.04 -72.95
N ILE C 414 -18.69 -30.76 -72.53
CA ILE C 414 -19.53 -30.19 -71.49
C ILE C 414 -20.71 -29.47 -72.13
N VAL C 415 -21.88 -29.60 -71.53
CA VAL C 415 -23.11 -29.01 -72.06
C VAL C 415 -23.53 -27.85 -71.18
N LEU C 416 -24.05 -26.79 -71.81
CA LEU C 416 -24.56 -25.61 -71.12
C LEU C 416 -26.01 -25.36 -71.51
N VAL C 417 -26.85 -25.02 -70.52
CA VAL C 417 -28.28 -24.82 -70.74
C VAL C 417 -28.63 -23.47 -70.12
N THR C 418 -28.84 -22.45 -70.97
CA THR C 418 -29.25 -21.14 -70.45
C THR C 418 -30.77 -21.02 -70.54
N ARG C 419 -31.32 -19.97 -69.92
CA ARG C 419 -32.76 -19.82 -69.86
C ARG C 419 -33.36 -19.67 -71.26
N GLU C 420 -32.73 -18.82 -72.09
CA GLU C 420 -33.23 -18.61 -73.45
C GLU C 420 -33.20 -19.89 -74.27
N MET C 421 -32.13 -20.68 -74.14
CA MET C 421 -32.04 -21.94 -74.88
C MET C 421 -33.29 -22.79 -74.66
N LEU C 422 -33.71 -22.94 -73.41
CA LEU C 422 -34.92 -23.71 -73.11
C LEU C 422 -36.15 -23.01 -73.66
N ARG C 423 -36.17 -21.67 -73.63
CA ARG C 423 -37.33 -20.94 -74.15
C ARG C 423 -37.49 -21.14 -75.66
N LYS C 424 -36.37 -21.22 -76.39
CA LYS C 424 -36.39 -21.41 -77.83
C LYS C 424 -36.99 -22.76 -78.21
N LEU C 425 -36.76 -23.77 -77.38
CA LEU C 425 -37.30 -25.10 -77.61
C LEU C 425 -38.78 -25.23 -77.24
N GLY C 426 -39.41 -24.15 -76.79
CA GLY C 426 -40.83 -24.19 -76.48
C GLY C 426 -41.15 -24.65 -75.09
N HIS C 427 -40.22 -24.53 -74.14
CA HIS C 427 -40.42 -24.95 -72.76
C HIS C 427 -40.56 -23.69 -71.90
N LYS C 428 -41.70 -23.57 -71.19
CA LYS C 428 -42.09 -22.33 -70.53
C LYS C 428 -41.24 -22.01 -69.30
N GLN C 429 -40.14 -21.26 -69.47
CA GLN C 429 -39.36 -20.83 -68.30
C GLN C 429 -40.18 -19.87 -67.45
N GLU C 430 -40.89 -18.93 -68.09
CA GLU C 430 -41.73 -17.97 -67.38
C GLU C 430 -40.96 -17.31 -66.24
N LEU D 12 -56.09 -2.87 -44.02
CA LEU D 12 -55.79 -2.69 -45.45
C LEU D 12 -54.70 -1.64 -45.63
N ALA D 13 -54.79 -0.55 -44.88
CA ALA D 13 -53.79 0.50 -44.97
C ALA D 13 -52.38 -0.06 -44.84
N ARG D 14 -52.17 -1.01 -43.93
CA ARG D 14 -50.85 -1.60 -43.75
C ARG D 14 -50.47 -2.51 -44.91
N GLN D 15 -51.43 -3.24 -45.47
CA GLN D 15 -51.09 -4.31 -46.41
C GLN D 15 -50.66 -3.76 -47.77
N LEU D 16 -51.09 -2.54 -48.14
CA LEU D 16 -50.70 -2.01 -49.44
C LEU D 16 -49.21 -1.72 -49.52
N PRO D 17 -48.58 -1.05 -48.55
CA PRO D 17 -47.14 -0.83 -48.63
C PRO D 17 -46.35 -2.12 -48.84
N LEU D 18 -46.64 -3.18 -48.09
CA LEU D 18 -45.89 -4.42 -48.25
C LEU D 18 -46.02 -4.98 -49.66
N LYS D 19 -47.16 -4.75 -50.32
CA LYS D 19 -47.41 -5.25 -51.66
C LYS D 19 -46.95 -4.30 -52.76
N SER D 20 -46.22 -3.23 -52.42
CA SER D 20 -45.82 -2.20 -53.36
C SER D 20 -44.30 -2.09 -53.42
N VAL D 21 -43.83 -1.53 -54.52
CA VAL D 21 -42.41 -1.22 -54.72
C VAL D 21 -42.28 0.20 -55.21
N ALA D 22 -41.29 0.91 -54.68
CA ALA D 22 -41.06 2.31 -55.03
C ALA D 22 -39.87 2.40 -55.98
N LEU D 23 -40.04 3.18 -57.05
CA LEU D 23 -38.98 3.44 -58.02
C LEU D 23 -38.66 4.92 -58.01
N ILE D 24 -37.40 5.24 -57.73
CA ILE D 24 -36.93 6.62 -57.68
C ILE D 24 -36.09 6.85 -58.92
N LEU D 25 -36.60 7.64 -59.85
CA LEU D 25 -35.89 7.94 -61.09
C LEU D 25 -34.85 9.03 -60.80
N ALA D 26 -33.56 8.65 -60.88
CA ALA D 26 -32.47 9.56 -60.55
C ALA D 26 -31.44 9.66 -61.67
N ALA D 41 -25.17 13.96 -60.02
CA ALA D 41 -26.58 14.06 -60.40
C ALA D 41 -27.35 14.90 -59.40
N LYS D 42 -28.51 15.43 -59.83
CA LYS D 42 -29.32 16.27 -58.95
C LYS D 42 -29.70 15.56 -57.65
N PRO D 43 -30.24 14.33 -57.69
CA PRO D 43 -30.63 13.67 -56.42
C PRO D 43 -29.50 13.52 -55.41
N ALA D 44 -28.24 13.55 -55.84
CA ALA D 44 -27.11 13.39 -54.95
C ALA D 44 -26.50 14.73 -54.55
N VAL D 45 -27.31 15.79 -54.52
CA VAL D 45 -26.85 17.13 -54.15
C VAL D 45 -26.96 17.30 -52.64
N HIS D 46 -25.86 17.76 -52.03
CA HIS D 46 -25.87 17.99 -50.60
C HIS D 46 -26.93 19.03 -50.24
N PHE D 47 -27.63 18.78 -49.13
CA PHE D 47 -28.66 19.70 -48.68
C PHE D 47 -28.78 19.65 -47.16
N GLY D 48 -29.01 20.82 -46.57
CA GLY D 48 -29.31 20.92 -45.15
C GLY D 48 -28.20 20.47 -44.23
N GLY D 49 -26.95 20.57 -44.67
CA GLY D 49 -25.79 20.27 -43.87
C GLY D 49 -25.32 18.83 -43.88
N LYS D 50 -26.25 17.87 -43.83
CA LYS D 50 -25.89 16.46 -43.74
C LYS D 50 -26.61 15.53 -44.70
N PHE D 51 -27.60 16.02 -45.45
CA PHE D 51 -28.42 15.16 -46.30
C PHE D 51 -28.01 15.27 -47.76
N ARG D 52 -28.47 14.31 -48.54
CA ARG D 52 -28.50 14.41 -50.00
C ARG D 52 -29.96 14.29 -50.41
N ILE D 53 -30.35 15.01 -51.46
CA ILE D 53 -31.78 15.18 -51.77
C ILE D 53 -32.51 13.85 -51.84
N ILE D 54 -31.91 12.85 -52.50
CA ILE D 54 -32.60 11.58 -52.71
C ILE D 54 -33.13 11.02 -51.39
N ASP D 55 -32.37 11.22 -50.30
CA ASP D 55 -32.77 10.70 -49.00
C ASP D 55 -34.24 10.96 -48.73
N PHE D 56 -34.70 12.16 -49.05
CA PHE D 56 -36.09 12.51 -48.75
C PHE D 56 -37.01 11.46 -49.34
N ALA D 57 -36.98 11.31 -50.66
CA ALA D 57 -37.81 10.31 -51.31
C ALA D 57 -37.67 8.97 -50.58
N LEU D 58 -36.44 8.45 -50.53
CA LEU D 58 -36.21 7.18 -49.85
C LEU D 58 -36.82 7.19 -48.45
N SER D 59 -36.50 8.21 -47.66
CA SER D 59 -37.02 8.28 -46.31
C SER D 59 -38.54 8.16 -46.30
N ASN D 60 -39.20 8.93 -47.17
CA ASN D 60 -40.65 8.82 -47.28
C ASN D 60 -41.06 7.37 -47.49
N CYS D 61 -40.46 6.70 -48.46
CA CYS D 61 -40.76 5.29 -48.69
C CYS D 61 -40.70 4.51 -47.38
N ILE D 62 -39.62 4.66 -46.61
CA ILE D 62 -39.49 3.95 -45.35
C ILE D 62 -40.65 4.29 -44.43
N ASN D 63 -40.90 5.59 -44.23
CA ASN D 63 -41.92 6.00 -43.28
C ASN D 63 -43.32 5.67 -43.73
N SER D 64 -43.54 5.45 -45.03
CA SER D 64 -44.85 5.07 -45.53
C SER D 64 -45.09 3.56 -45.46
N GLY D 65 -44.08 2.78 -45.09
CA GLY D 65 -44.19 1.33 -45.05
C GLY D 65 -43.68 0.60 -46.27
N ILE D 66 -43.21 1.33 -47.28
CA ILE D 66 -42.68 0.75 -48.50
C ILE D 66 -41.17 0.60 -48.29
N ARG D 67 -40.73 -0.63 -47.99
CA ARG D 67 -39.33 -0.92 -47.72
C ARG D 67 -38.61 -1.54 -48.91
N ARG D 68 -39.25 -1.59 -50.08
CA ARG D 68 -38.63 -2.12 -51.29
C ARG D 68 -38.48 -0.97 -52.29
N MET D 69 -37.24 -0.55 -52.56
CA MET D 69 -36.98 0.60 -53.40
C MET D 69 -36.03 0.24 -54.54
N GLY D 70 -36.22 0.90 -55.68
CA GLY D 70 -35.34 0.75 -56.82
C GLY D 70 -34.86 2.09 -57.34
N VAL D 71 -33.60 2.41 -57.08
CA VAL D 71 -33.02 3.69 -57.48
C VAL D 71 -32.46 3.57 -58.89
N ILE D 72 -33.01 4.36 -59.81
CA ILE D 72 -32.60 4.32 -61.20
C ILE D 72 -31.49 5.35 -61.36
N THR D 73 -30.25 4.88 -61.54
CA THR D 73 -29.08 5.75 -61.62
C THR D 73 -28.58 5.85 -63.07
N GLN D 76 -24.37 6.60 -64.28
CA GLN D 76 -23.56 5.94 -63.27
C GLN D 76 -22.78 6.97 -62.45
N SER D 77 -23.48 7.61 -61.51
CA SER D 77 -22.86 8.59 -60.64
C SER D 77 -22.19 7.91 -59.45
N HIS D 78 -20.92 8.26 -59.19
CA HIS D 78 -20.24 7.66 -58.05
C HIS D 78 -20.81 8.16 -56.74
N THR D 79 -21.00 9.47 -56.60
CA THR D 79 -21.41 10.02 -55.32
C THR D 79 -22.73 9.41 -54.85
N LEU D 80 -23.65 9.15 -55.78
CA LEU D 80 -24.94 8.57 -55.42
C LEU D 80 -24.79 7.10 -55.03
N VAL D 81 -24.07 6.32 -55.83
CA VAL D 81 -23.84 4.91 -55.49
C VAL D 81 -23.19 4.80 -54.12
N GLN D 82 -22.17 5.64 -53.87
CA GLN D 82 -21.51 5.64 -52.58
C GLN D 82 -22.47 6.00 -51.47
N HIS D 83 -23.32 7.01 -51.70
CA HIS D 83 -24.26 7.41 -50.65
C HIS D 83 -25.21 6.28 -50.32
N ILE D 84 -25.79 5.64 -51.34
CA ILE D 84 -26.66 4.51 -51.09
C ILE D 84 -25.91 3.40 -50.38
N GLN D 85 -24.61 3.24 -50.67
CA GLN D 85 -23.85 2.11 -50.15
C GLN D 85 -23.47 2.32 -48.68
N ARG D 86 -23.13 3.54 -48.32
CA ARG D 86 -22.69 3.86 -46.96
C ARG D 86 -23.85 4.22 -46.04
N GLY D 87 -24.97 4.70 -46.59
CA GLY D 87 -26.07 5.18 -45.78
C GLY D 87 -27.40 4.46 -45.98
N TRP D 88 -27.52 3.70 -47.07
CA TRP D 88 -28.76 3.00 -47.40
C TRP D 88 -28.52 1.53 -47.73
N SER D 89 -27.48 0.94 -47.15
CA SER D 89 -27.24 -0.50 -47.30
C SER D 89 -27.23 -1.16 -45.93
N PHE D 90 -28.35 -1.04 -45.22
CA PHE D 90 -28.49 -1.61 -43.89
C PHE D 90 -29.64 -2.60 -43.85
N PHE D 91 -30.13 -3.03 -45.00
CA PHE D 91 -31.35 -3.80 -45.10
C PHE D 91 -31.03 -5.29 -45.10
N ASN D 92 -31.97 -6.08 -44.56
CA ASN D 92 -31.89 -7.53 -44.59
C ASN D 92 -32.80 -8.00 -45.72
N GLU D 93 -32.22 -8.28 -46.89
CA GLU D 93 -33.01 -8.56 -48.07
C GLU D 93 -33.99 -9.71 -47.86
N GLU D 94 -33.64 -10.67 -47.01
CA GLU D 94 -34.52 -11.81 -46.79
C GLU D 94 -35.81 -11.39 -46.09
N MET D 95 -35.86 -10.19 -45.53
CA MET D 95 -37.05 -9.67 -44.87
C MET D 95 -37.91 -8.82 -45.79
N ASN D 96 -37.68 -8.92 -47.11
CA ASN D 96 -38.45 -8.16 -48.10
C ASN D 96 -38.23 -6.66 -47.93
N GLU D 97 -36.95 -6.27 -47.93
CA GLU D 97 -36.56 -4.88 -47.83
C GLU D 97 -35.22 -4.71 -48.52
N PHE D 98 -35.09 -3.69 -49.36
CA PHE D 98 -33.85 -3.49 -50.10
C PHE D 98 -33.90 -2.16 -50.82
N VAL D 99 -32.73 -1.71 -51.27
CA VAL D 99 -32.59 -0.52 -52.12
C VAL D 99 -31.72 -0.95 -53.29
N ASP D 100 -32.34 -1.36 -54.39
CA ASP D 100 -31.60 -1.83 -55.55
C ASP D 100 -31.03 -0.67 -56.34
N LEU D 101 -29.78 -0.82 -56.79
CA LEU D 101 -29.16 0.16 -57.69
C LEU D 101 -29.38 -0.37 -59.10
N LEU D 102 -30.33 0.25 -59.79
CA LEU D 102 -30.69 -0.16 -61.13
C LEU D 102 -30.02 0.76 -62.14
N PRO D 103 -29.24 0.24 -63.08
CA PRO D 103 -28.58 1.10 -64.06
C PRO D 103 -29.48 1.46 -65.23
N ALA D 104 -29.14 2.57 -65.88
CA ALA D 104 -29.84 3.01 -67.08
C ALA D 104 -28.89 3.00 -68.28
N GLY D 116 -35.71 9.98 -71.45
CA GLY D 116 -37.10 9.86 -71.04
C GLY D 116 -37.24 9.09 -69.75
N THR D 117 -38.16 9.54 -68.90
CA THR D 117 -38.35 8.93 -67.59
C THR D 117 -38.78 7.46 -67.71
N ALA D 118 -39.70 7.16 -68.62
CA ALA D 118 -40.21 5.79 -68.74
C ALA D 118 -39.18 4.81 -69.30
N ASP D 119 -38.32 5.26 -70.21
CA ASP D 119 -37.35 4.35 -70.81
C ASP D 119 -36.49 3.67 -69.76
N ALA D 120 -36.06 4.43 -68.75
CA ALA D 120 -35.21 3.86 -67.72
C ALA D 120 -35.89 2.71 -66.98
N VAL D 121 -37.18 2.84 -66.69
CA VAL D 121 -37.92 1.75 -66.07
C VAL D 121 -38.00 0.56 -67.02
N THR D 122 -38.28 0.84 -68.31
CA THR D 122 -38.40 -0.23 -69.27
C THR D 122 -37.13 -1.06 -69.34
N GLN D 123 -35.96 -0.40 -69.32
CA GLN D 123 -34.70 -1.13 -69.42
C GLN D 123 -34.60 -2.22 -68.36
N ASN D 124 -35.10 -1.96 -67.16
CA ASN D 124 -35.04 -2.90 -66.04
C ASN D 124 -36.38 -3.59 -65.78
N LEU D 125 -37.24 -3.67 -66.79
CA LEU D 125 -38.56 -4.25 -66.58
C LEU D 125 -38.47 -5.69 -66.07
N ASP D 126 -37.46 -6.47 -66.49
CA ASP D 126 -37.32 -7.84 -66.01
C ASP D 126 -37.11 -7.89 -64.50
N ILE D 127 -36.10 -7.18 -64.00
CA ILE D 127 -35.85 -7.17 -62.56
C ILE D 127 -37.08 -6.68 -61.81
N ILE D 128 -37.71 -5.62 -62.32
CA ILE D 128 -38.84 -5.04 -61.61
C ILE D 128 -39.98 -6.05 -61.53
N ARG D 129 -40.26 -6.77 -62.61
CA ARG D 129 -41.24 -7.85 -62.53
C ARG D 129 -40.82 -8.88 -61.49
N ALA D 130 -39.51 -9.17 -61.42
CA ALA D 130 -39.03 -10.15 -60.46
C ALA D 130 -39.37 -9.76 -59.03
N TYR D 131 -39.46 -8.45 -58.75
CA TYR D 131 -39.92 -8.04 -57.42
C TYR D 131 -41.29 -8.65 -57.09
N LYS D 132 -42.13 -8.90 -58.09
CA LYS D 132 -43.47 -9.43 -57.88
C LYS D 132 -44.30 -8.47 -57.02
N ALA D 133 -44.36 -7.22 -57.47
CA ALA D 133 -45.13 -6.20 -56.78
C ALA D 133 -46.52 -6.09 -57.37
N GLU D 134 -47.49 -5.83 -56.50
CA GLU D 134 -48.85 -5.55 -56.96
C GLU D 134 -49.00 -4.11 -57.42
N TYR D 135 -48.31 -3.17 -56.74
CA TYR D 135 -48.35 -1.75 -57.10
C TYR D 135 -46.93 -1.21 -57.22
N VAL D 136 -46.76 -0.27 -58.14
CA VAL D 136 -45.47 0.38 -58.36
C VAL D 136 -45.64 1.86 -58.08
N VAL D 137 -44.74 2.44 -57.29
CA VAL D 137 -44.79 3.86 -56.95
C VAL D 137 -43.64 4.54 -57.67
N ILE D 138 -43.96 5.42 -58.61
CA ILE D 138 -42.95 6.16 -59.35
C ILE D 138 -42.74 7.51 -58.66
N LEU D 139 -41.50 7.80 -58.29
CA LEU D 139 -41.14 9.02 -57.58
C LEU D 139 -39.99 9.69 -58.30
N ALA D 140 -39.86 10.99 -58.07
CA ALA D 140 -38.71 11.76 -58.53
C ALA D 140 -37.79 12.00 -57.34
N GLY D 141 -36.55 11.54 -57.46
CA GLY D 141 -35.63 11.61 -56.33
C GLY D 141 -34.87 12.91 -56.24
N ASP D 142 -35.36 13.97 -56.91
CA ASP D 142 -34.70 15.27 -56.94
C ASP D 142 -35.58 16.36 -56.35
N HIS D 143 -36.52 16.00 -55.48
CA HIS D 143 -37.39 16.95 -54.81
C HIS D 143 -37.30 16.76 -53.30
N ILE D 144 -37.62 17.83 -52.57
CA ILE D 144 -37.54 17.83 -51.12
C ILE D 144 -38.97 17.98 -50.58
N TYR D 145 -39.47 16.94 -49.93
CA TYR D 145 -40.83 16.92 -49.43
C TYR D 145 -41.02 15.74 -48.48
N LYS D 146 -42.12 15.78 -47.73
CA LYS D 146 -42.52 14.70 -46.85
C LYS D 146 -43.92 14.26 -47.25
N GLN D 147 -44.06 12.98 -47.62
CA GLN D 147 -45.34 12.44 -48.07
C GLN D 147 -45.52 11.02 -47.57
N ASP D 148 -46.71 10.72 -47.09
CA ASP D 148 -47.06 9.37 -46.65
C ASP D 148 -47.65 8.65 -47.85
N TYR D 149 -46.83 7.85 -48.52
CA TYR D 149 -47.29 7.15 -49.72
C TYR D 149 -48.37 6.13 -49.42
N SER D 150 -48.49 5.66 -48.17
CA SER D 150 -49.55 4.70 -47.85
C SER D 150 -50.93 5.34 -48.03
N ARG D 151 -51.07 6.61 -47.62
CA ARG D 151 -52.33 7.31 -47.85
C ARG D 151 -52.62 7.44 -49.34
N MET D 152 -51.61 7.73 -50.15
CA MET D 152 -51.83 7.79 -51.59
C MET D 152 -52.20 6.44 -52.17
N LEU D 153 -51.68 5.36 -51.58
CA LEU D 153 -52.08 4.03 -52.01
C LEU D 153 -53.54 3.75 -51.66
N ILE D 154 -53.95 4.14 -50.45
CA ILE D 154 -55.35 4.06 -50.06
C ILE D 154 -56.21 4.80 -51.08
N ASP D 155 -55.87 6.05 -51.37
CA ASP D 155 -56.66 6.81 -52.34
C ASP D 155 -56.66 6.12 -53.70
N HIS D 156 -55.53 5.55 -54.10
CA HIS D 156 -55.45 4.84 -55.37
C HIS D 156 -56.48 3.73 -55.45
N VAL D 157 -56.48 2.83 -54.45
CA VAL D 157 -57.43 1.71 -54.46
C VAL D 157 -58.86 2.22 -54.33
N GLU D 158 -59.09 3.13 -53.38
CA GLU D 158 -60.42 3.69 -53.15
C GLU D 158 -61.03 4.18 -54.46
N LYS D 159 -60.33 5.06 -55.17
CA LYS D 159 -60.80 5.56 -56.44
C LYS D 159 -60.82 4.48 -57.52
N GLY D 160 -60.18 3.34 -57.27
CA GLY D 160 -60.20 2.25 -58.23
C GLY D 160 -59.45 2.56 -59.50
N ALA D 161 -58.48 3.46 -59.44
CA ALA D 161 -57.74 3.85 -60.62
C ALA D 161 -56.66 2.84 -60.97
N ARG D 162 -56.30 2.81 -62.25
CA ARG D 162 -55.10 2.12 -62.68
C ARG D 162 -53.86 2.97 -62.46
N CYS D 163 -54.02 4.29 -62.40
CA CYS D 163 -52.92 5.22 -62.18
C CYS D 163 -53.42 6.43 -61.40
N THR D 164 -52.70 6.80 -60.34
CA THR D 164 -52.99 7.97 -59.54
C THR D 164 -51.81 8.92 -59.64
N VAL D 165 -52.09 10.20 -59.85
CA VAL D 165 -51.05 11.21 -60.01
C VAL D 165 -51.21 12.23 -58.91
N ALA D 166 -50.15 12.47 -58.15
CA ALA D 166 -50.21 13.50 -57.11
C ALA D 166 -50.20 14.87 -57.76
N CYS D 167 -51.17 15.70 -57.40
CA CYS D 167 -51.36 16.98 -58.05
C CYS D 167 -51.49 18.05 -56.99
N MET D 168 -51.01 19.26 -57.32
CA MET D 168 -51.17 20.36 -56.39
C MET D 168 -51.32 21.67 -57.15
N PRO D 169 -52.13 22.60 -56.66
CA PRO D 169 -52.18 23.93 -57.27
C PRO D 169 -50.79 24.55 -57.30
N VAL D 170 -50.44 25.11 -58.45
CA VAL D 170 -49.16 25.76 -58.68
C VAL D 170 -49.46 27.12 -59.29
N PRO D 171 -48.65 28.15 -59.08
CA PRO D 171 -48.92 29.44 -59.73
C PRO D 171 -48.93 29.26 -61.24
N ILE D 172 -49.94 29.81 -61.91
CA ILE D 172 -50.10 29.56 -63.34
C ILE D 172 -48.88 30.05 -64.11
N GLU D 173 -48.29 31.17 -63.69
CA GLU D 173 -47.11 31.69 -64.40
C GLU D 173 -46.02 30.63 -64.47
N GLU D 174 -45.82 29.86 -63.40
CA GLU D 174 -44.80 28.80 -63.40
C GLU D 174 -45.27 27.50 -64.07
N ALA D 175 -46.57 27.31 -64.29
CA ALA D 175 -47.10 26.02 -64.70
C ALA D 175 -46.48 25.50 -66.00
N SER D 176 -45.87 26.37 -66.81
CA SER D 176 -45.28 25.89 -68.06
C SER D 176 -44.21 24.83 -67.77
N ALA D 177 -43.55 24.91 -66.61
CA ALA D 177 -42.53 23.92 -66.30
C ALA D 177 -43.13 22.57 -65.91
N PHE D 178 -44.36 22.55 -65.39
CA PHE D 178 -45.00 21.34 -64.93
C PHE D 178 -45.94 20.79 -65.99
N GLY D 179 -46.37 19.55 -65.78
CA GLY D 179 -47.45 18.98 -66.57
C GLY D 179 -48.78 19.33 -65.94
N VAL D 180 -49.67 19.90 -66.75
CA VAL D 180 -50.93 20.46 -66.25
C VAL D 180 -52.08 19.53 -66.57
N MET D 181 -53.04 19.47 -65.66
CA MET D 181 -54.15 18.54 -65.73
C MET D 181 -55.44 19.26 -65.34
N ALA D 182 -56.55 18.69 -65.80
CA ALA D 182 -57.89 19.13 -65.46
C ALA D 182 -58.70 17.91 -65.08
N VAL D 183 -59.36 17.98 -63.91
CA VAL D 183 -60.06 16.84 -63.33
C VAL D 183 -61.54 17.21 -63.18
N ASP D 184 -62.35 16.20 -62.90
CA ASP D 184 -63.77 16.39 -62.68
C ASP D 184 -64.07 16.41 -61.17
N GLU D 185 -65.34 16.26 -60.81
CA GLU D 185 -65.72 16.30 -59.39
C GLU D 185 -65.17 15.09 -58.63
N ASN D 186 -64.94 13.97 -59.31
CA ASN D 186 -64.46 12.75 -58.68
C ASN D 186 -62.94 12.59 -58.77
N ASP D 187 -62.21 13.69 -58.97
CA ASP D 187 -60.75 13.66 -59.04
C ASP D 187 -60.26 12.75 -60.17
N LYS D 188 -61.10 12.51 -61.18
CA LYS D 188 -60.69 11.77 -62.36
C LYS D 188 -60.12 12.73 -63.37
N ILE D 189 -58.97 12.39 -63.94
CA ILE D 189 -58.28 13.29 -64.86
C ILE D 189 -59.01 13.31 -66.19
N ILE D 190 -59.55 14.47 -66.56
CA ILE D 190 -60.23 14.64 -67.83
C ILE D 190 -59.27 15.08 -68.93
N GLU D 191 -58.37 16.01 -68.62
CA GLU D 191 -57.45 16.58 -69.60
C GLU D 191 -56.05 16.61 -69.04
N PHE D 192 -55.07 16.27 -69.87
CA PHE D 192 -53.66 16.37 -69.48
C PHE D 192 -52.85 16.93 -70.65
N VAL D 193 -51.91 17.82 -70.34
CA VAL D 193 -50.97 18.33 -71.34
C VAL D 193 -49.63 18.54 -70.65
N GLU D 194 -48.55 18.08 -71.28
CA GLU D 194 -47.22 18.15 -70.69
C GLU D 194 -46.55 19.45 -71.12
N LYS D 195 -46.13 20.25 -70.14
CA LYS D 195 -45.41 21.49 -70.38
C LYS D 195 -46.14 22.35 -71.42
N PRO D 196 -47.41 22.68 -71.18
CA PRO D 196 -48.14 23.51 -72.13
C PRO D 196 -47.60 24.93 -72.17
N ALA D 197 -47.58 25.51 -73.37
CA ALA D 197 -47.12 26.87 -73.52
C ALA D 197 -48.09 27.86 -72.86
N ASN D 198 -49.39 27.55 -72.88
CA ASN D 198 -50.43 28.38 -72.27
C ASN D 198 -51.21 27.52 -71.28
N PRO D 199 -50.76 27.41 -70.04
CA PRO D 199 -51.35 26.43 -69.12
C PRO D 199 -52.80 26.75 -68.84
N PRO D 200 -53.69 25.74 -68.88
CA PRO D 200 -55.08 25.98 -68.46
C PRO D 200 -55.15 26.34 -66.99
N SER D 201 -56.01 27.31 -66.68
CA SER D 201 -56.22 27.77 -65.31
C SER D 201 -57.21 26.86 -64.57
N MET D 202 -57.19 26.97 -63.24
CA MET D 202 -58.13 26.24 -62.40
C MET D 202 -59.49 26.93 -62.44
N PRO D 203 -60.59 26.16 -62.40
CA PRO D 203 -61.93 26.76 -62.49
C PRO D 203 -62.21 27.73 -61.36
N ASN D 204 -62.34 29.02 -61.69
CA ASN D 204 -62.64 30.09 -60.73
C ASN D 204 -61.44 30.41 -59.81
N ASP D 205 -60.22 30.12 -60.27
CA ASP D 205 -59.02 30.52 -59.55
C ASP D 205 -57.89 30.68 -60.56
N PRO D 206 -57.96 31.73 -61.39
CA PRO D 206 -57.00 31.86 -62.51
C PRO D 206 -55.54 31.65 -62.12
N SER D 207 -55.07 32.30 -61.05
CA SER D 207 -53.65 32.31 -60.73
C SER D 207 -53.06 30.89 -60.71
N LYS D 208 -53.76 29.94 -60.10
CA LYS D 208 -53.25 28.60 -59.96
C LYS D 208 -53.72 27.71 -61.11
N SER D 209 -52.81 26.85 -61.58
CA SER D 209 -53.15 25.68 -62.38
C SER D 209 -52.98 24.45 -61.51
N LEU D 210 -53.49 23.32 -61.99
CA LEU D 210 -53.39 22.06 -61.25
C LEU D 210 -52.23 21.28 -61.86
N ALA D 211 -51.13 21.19 -61.12
CA ALA D 211 -49.90 20.64 -61.68
C ALA D 211 -49.66 19.23 -61.18
N SER D 212 -49.05 18.42 -62.05
CA SER D 212 -48.64 17.08 -61.70
C SER D 212 -47.27 17.14 -61.05
N MET D 213 -47.10 16.36 -59.98
CA MET D 213 -45.91 16.38 -59.15
C MET D 213 -44.91 15.29 -59.53
N GLY D 214 -45.10 14.63 -60.66
CA GLY D 214 -44.21 13.55 -61.04
C GLY D 214 -44.21 12.43 -60.03
N ILE D 215 -45.30 12.29 -59.26
CA ILE D 215 -45.44 11.22 -58.27
C ILE D 215 -46.68 10.40 -58.67
N TYR D 216 -46.45 9.13 -59.01
CA TYR D 216 -47.49 8.27 -59.54
C TYR D 216 -47.58 6.99 -58.71
N VAL D 217 -48.80 6.45 -58.67
CA VAL D 217 -49.06 5.10 -58.19
C VAL D 217 -49.68 4.34 -59.34
N PHE D 218 -49.16 3.16 -59.64
CA PHE D 218 -49.60 2.34 -60.74
C PHE D 218 -49.99 0.96 -60.24
N ASP D 219 -51.03 0.39 -60.85
CA ASP D 219 -51.21 -1.05 -60.79
C ASP D 219 -50.05 -1.71 -61.50
N ALA D 220 -49.30 -2.55 -60.77
CA ALA D 220 -48.08 -3.13 -61.31
C ALA D 220 -48.34 -3.81 -62.66
N ASP D 221 -49.32 -4.70 -62.71
CA ASP D 221 -49.66 -5.38 -63.96
C ASP D 221 -50.00 -4.36 -65.06
N TYR D 222 -50.85 -3.39 -64.75
CA TYR D 222 -51.23 -2.40 -65.74
C TYR D 222 -50.01 -1.61 -66.21
N LEU D 223 -49.21 -1.11 -65.28
CA LEU D 223 -47.99 -0.40 -65.67
C LEU D 223 -47.15 -1.23 -66.61
N TYR D 224 -46.94 -2.50 -66.27
CA TYR D 224 -46.19 -3.39 -67.14
C TYR D 224 -46.77 -3.40 -68.54
N GLU D 225 -48.09 -3.62 -68.65
CA GLU D 225 -48.72 -3.60 -69.96
C GLU D 225 -48.41 -2.29 -70.69
N LEU D 226 -48.55 -1.16 -69.99
CA LEU D 226 -48.38 0.15 -70.62
C LEU D 226 -46.95 0.34 -71.11
N LEU D 227 -45.97 -0.10 -70.33
CA LEU D 227 -44.58 0.03 -70.74
C LEU D 227 -44.29 -0.86 -71.94
N GLU D 228 -44.82 -2.08 -71.93
CA GLU D 228 -44.66 -2.96 -73.08
C GLU D 228 -45.23 -2.32 -74.34
N GLU D 229 -46.47 -1.80 -74.27
CA GLU D 229 -47.09 -1.18 -75.43
C GLU D 229 -46.28 0.04 -75.88
N ASP D 230 -45.78 0.83 -74.93
CA ASP D 230 -45.09 2.07 -75.28
C ASP D 230 -43.74 1.79 -75.92
N ASP D 231 -43.03 0.77 -75.43
CA ASP D 231 -41.71 0.48 -75.97
C ASP D 231 -41.77 0.20 -77.46
N ARG D 232 -42.86 -0.42 -77.93
CA ARG D 232 -43.03 -0.68 -79.35
C ARG D 232 -43.41 0.57 -80.13
N ASP D 233 -44.11 1.52 -79.50
CA ASP D 233 -44.60 2.70 -80.19
C ASP D 233 -43.49 3.74 -80.35
N GLU D 234 -43.81 4.81 -81.10
CA GLU D 234 -42.86 5.88 -81.36
C GLU D 234 -43.59 7.18 -81.70
N SER D 237 -40.78 10.47 -77.76
CA SER D 237 -41.60 9.65 -76.88
C SER D 237 -40.74 9.07 -75.77
N HIS D 238 -41.33 8.13 -75.02
CA HIS D 238 -40.65 7.34 -73.98
C HIS D 238 -40.58 8.14 -72.68
N ASP D 239 -41.61 8.93 -72.40
CA ASP D 239 -41.69 9.72 -71.18
C ASP D 239 -43.05 9.51 -70.51
N PHE D 240 -43.04 9.47 -69.18
CA PHE D 240 -44.28 9.32 -68.43
C PHE D 240 -45.24 10.46 -68.76
N GLY D 241 -44.78 11.69 -68.58
CA GLY D 241 -45.66 12.83 -68.74
C GLY D 241 -46.07 13.06 -70.19
N LYS D 242 -45.09 13.05 -71.09
CA LYS D 242 -45.35 13.38 -72.48
C LYS D 242 -46.19 12.30 -73.19
N ASP D 243 -46.03 11.03 -72.80
CA ASP D 243 -46.61 9.92 -73.54
C ASP D 243 -47.62 9.14 -72.72
N LEU D 244 -47.21 8.56 -71.59
CA LEU D 244 -48.05 7.57 -70.92
C LEU D 244 -49.26 8.19 -70.25
N ILE D 245 -49.05 9.24 -69.45
CA ILE D 245 -50.16 9.86 -68.75
C ILE D 245 -51.24 10.33 -69.72
N PRO D 246 -50.93 11.06 -70.79
CA PRO D 246 -52.00 11.41 -71.75
C PRO D 246 -52.76 10.20 -72.24
N LYS D 247 -52.06 9.09 -72.51
CA LYS D 247 -52.72 7.87 -72.96
C LYS D 247 -53.71 7.36 -71.93
N ILE D 248 -53.28 7.31 -70.66
CA ILE D 248 -54.17 6.82 -69.61
C ILE D 248 -55.37 7.75 -69.47
N THR D 249 -55.13 9.06 -69.50
CA THR D 249 -56.22 10.02 -69.42
C THR D 249 -57.23 9.78 -70.55
N GLU D 250 -56.73 9.59 -71.77
CA GLU D 250 -57.61 9.29 -72.90
C GLU D 250 -58.40 8.02 -72.65
N ALA D 251 -57.81 7.08 -71.91
CA ALA D 251 -58.53 5.88 -71.51
C ALA D 251 -59.43 6.09 -70.29
N GLY D 252 -59.35 7.24 -69.63
CA GLY D 252 -60.17 7.49 -68.47
C GLY D 252 -59.81 6.70 -67.24
N LEU D 253 -58.56 6.23 -67.14
CA LEU D 253 -58.10 5.43 -66.03
C LEU D 253 -57.11 6.16 -65.12
N ALA D 254 -56.95 7.46 -65.31
CA ALA D 254 -55.98 8.25 -64.56
C ALA D 254 -56.73 9.17 -63.60
N TYR D 255 -56.59 8.91 -62.30
CA TYR D 255 -57.17 9.75 -61.26
C TYR D 255 -56.10 10.60 -60.59
N ALA D 256 -56.54 11.67 -59.94
CA ALA D 256 -55.65 12.63 -59.29
C ALA D 256 -55.71 12.46 -57.79
N HIS D 257 -54.63 12.88 -57.13
CA HIS D 257 -54.49 12.79 -55.68
C HIS D 257 -54.05 14.14 -55.15
N PRO D 258 -54.92 14.88 -54.45
CA PRO D 258 -54.48 16.13 -53.83
C PRO D 258 -53.35 15.89 -52.84
N PHE D 259 -52.26 16.63 -53.03
CA PHE D 259 -51.09 16.43 -52.18
C PHE D 259 -51.40 16.60 -50.71
N PRO D 260 -52.23 17.55 -50.27
CA PRO D 260 -52.51 17.67 -48.84
C PRO D 260 -53.05 16.41 -48.21
N LEU D 261 -53.67 15.53 -48.99
CA LEU D 261 -54.27 14.32 -48.42
C LEU D 261 -53.22 13.42 -47.78
N SER D 262 -51.97 13.45 -48.26
CA SER D 262 -50.92 12.59 -47.75
C SER D 262 -49.68 13.35 -47.29
N CYS D 263 -49.55 14.63 -47.64
CA CYS D 263 -48.40 15.41 -47.21
C CYS D 263 -48.31 15.44 -45.69
N VAL D 264 -47.11 15.23 -45.18
CA VAL D 264 -46.82 15.21 -43.75
C VAL D 264 -46.24 16.56 -43.35
N GLN D 265 -46.81 17.17 -42.31
CA GLN D 265 -46.32 18.45 -41.82
C GLN D 265 -46.65 18.58 -40.35
N SER D 266 -45.70 19.12 -39.58
CA SER D 266 -45.90 19.31 -38.16
C SER D 266 -46.97 20.37 -37.90
N ASP D 267 -46.89 21.50 -38.61
CA ASP D 267 -47.84 22.59 -38.43
C ASP D 267 -48.97 22.43 -39.42
N PRO D 268 -50.19 22.08 -38.98
CA PRO D 268 -51.29 21.92 -39.95
C PRO D 268 -51.66 23.20 -40.68
N ASP D 269 -51.48 24.36 -40.06
CA ASP D 269 -51.94 25.63 -40.64
C ASP D 269 -50.94 26.23 -41.61
N ALA D 270 -50.09 25.41 -42.22
CA ALA D 270 -49.04 25.87 -43.12
C ALA D 270 -49.28 25.35 -44.53
N GLU D 271 -48.58 25.95 -45.49
CA GLU D 271 -48.68 25.51 -46.86
C GLU D 271 -47.91 24.19 -47.04
N PRO D 272 -48.39 23.28 -47.88
CA PRO D 272 -47.62 22.06 -48.12
C PRO D 272 -46.24 22.39 -48.66
N TYR D 273 -45.22 21.76 -48.08
CA TYR D 273 -43.84 22.04 -48.45
C TYR D 273 -43.43 21.13 -49.59
N TRP D 274 -43.03 21.74 -50.71
CA TRP D 274 -42.55 20.97 -51.86
C TRP D 274 -41.62 21.88 -52.67
N ARG D 275 -40.32 21.57 -52.66
CA ARG D 275 -39.31 22.36 -53.35
C ARG D 275 -38.51 21.44 -54.26
N ASP D 276 -38.31 21.88 -55.51
CA ASP D 276 -37.57 21.08 -56.49
C ASP D 276 -36.11 21.48 -56.57
N VAL D 277 -35.75 22.66 -56.08
CA VAL D 277 -34.34 23.06 -55.97
C VAL D 277 -33.70 23.09 -57.35
N GLY D 278 -34.42 23.60 -58.34
CA GLY D 278 -33.87 23.62 -59.69
C GLY D 278 -32.78 24.66 -59.85
N THR D 279 -33.14 25.91 -59.59
CA THR D 279 -32.23 27.02 -59.75
C THR D 279 -31.25 27.12 -58.59
N LEU D 280 -30.11 27.76 -58.85
CA LEU D 280 -29.15 28.05 -57.79
C LEU D 280 -29.83 28.84 -56.67
N GLU D 281 -30.58 29.88 -57.03
CA GLU D 281 -31.24 30.70 -56.03
C GLU D 281 -32.16 29.87 -55.14
N ALA D 282 -32.87 28.91 -55.72
CA ALA D 282 -33.77 28.06 -54.93
C ALA D 282 -32.99 27.20 -53.95
N TYR D 283 -31.86 26.64 -54.40
CA TYR D 283 -30.98 25.85 -53.53
C TYR D 283 -30.48 26.68 -52.35
N TRP D 284 -29.86 27.82 -52.66
CA TRP D 284 -29.38 28.71 -51.62
C TRP D 284 -30.49 29.07 -50.64
N LYS D 285 -31.65 29.48 -51.16
CA LYS D 285 -32.77 29.89 -50.32
C LYS D 285 -33.22 28.75 -49.41
N ALA D 286 -33.43 27.57 -49.98
CA ALA D 286 -33.90 26.43 -49.20
C ALA D 286 -32.90 26.07 -48.10
N ASN D 287 -31.60 26.08 -48.41
CA ASN D 287 -30.59 25.75 -47.41
C ASN D 287 -30.62 26.76 -46.26
N LEU D 288 -30.54 28.05 -46.59
CA LEU D 288 -30.53 29.07 -45.55
C LEU D 288 -31.84 29.10 -44.76
N ASP D 289 -32.93 28.62 -45.34
CA ASP D 289 -34.18 28.53 -44.58
C ASP D 289 -33.96 27.76 -43.29
N LEU D 290 -33.18 26.67 -43.35
CA LEU D 290 -32.93 25.85 -42.18
C LEU D 290 -32.11 26.57 -41.12
N ALA D 291 -31.44 27.67 -41.48
CA ALA D 291 -30.67 28.45 -40.54
C ALA D 291 -31.52 29.49 -39.81
N SER D 292 -32.72 29.78 -40.30
CA SER D 292 -33.59 30.74 -39.66
C SER D 292 -34.09 30.20 -38.32
N VAL D 293 -34.70 31.08 -37.53
CA VAL D 293 -35.13 30.68 -36.20
C VAL D 293 -36.18 29.58 -36.27
N VAL D 294 -37.14 29.72 -37.19
CA VAL D 294 -38.17 28.71 -37.40
C VAL D 294 -38.17 28.31 -38.88
N PRO D 295 -37.41 27.28 -39.26
CA PRO D 295 -37.40 26.86 -40.66
C PRO D 295 -38.76 26.33 -41.10
N GLU D 296 -39.08 26.58 -42.37
CA GLU D 296 -40.31 26.04 -42.94
C GLU D 296 -40.31 24.52 -42.92
N LEU D 297 -39.15 23.90 -43.08
CA LEU D 297 -39.01 22.45 -43.10
C LEU D 297 -38.52 21.96 -41.75
N ASP D 298 -39.25 21.04 -41.15
CA ASP D 298 -38.94 20.54 -39.80
C ASP D 298 -38.03 19.33 -39.90
N MET D 299 -36.75 19.51 -39.57
CA MET D 299 -35.78 18.43 -39.54
C MET D 299 -35.58 17.88 -38.13
N TYR D 300 -36.48 18.22 -37.21
CA TYR D 300 -36.47 17.70 -35.86
C TYR D 300 -37.65 16.77 -35.59
N ASP D 301 -38.43 16.45 -36.62
CA ASP D 301 -39.68 15.69 -36.46
C ASP D 301 -39.36 14.22 -36.22
N ARG D 302 -39.63 13.75 -35.00
CA ARG D 302 -39.39 12.34 -34.67
C ARG D 302 -40.46 11.42 -35.25
N ASN D 303 -41.55 11.96 -35.78
CA ASN D 303 -42.59 11.13 -36.38
C ASN D 303 -42.35 10.87 -37.87
N TRP D 304 -41.51 11.65 -38.53
CA TRP D 304 -41.19 11.43 -39.93
C TRP D 304 -39.71 11.73 -40.13
N PRO D 305 -38.85 10.86 -39.62
CA PRO D 305 -37.41 11.13 -39.69
C PRO D 305 -36.84 10.84 -41.07
N ILE D 306 -35.69 11.47 -41.33
CA ILE D 306 -34.98 11.34 -42.59
C ILE D 306 -33.66 10.63 -42.33
N ARG D 307 -33.47 9.47 -42.97
CA ARG D 307 -32.21 8.75 -42.84
C ARG D 307 -31.22 9.26 -43.88
N THR D 308 -29.95 9.28 -43.48
CA THR D 308 -28.86 9.65 -44.37
C THR D 308 -27.58 9.00 -43.87
N TYR D 309 -26.50 9.21 -44.60
CA TYR D 309 -25.20 8.66 -44.18
C TYR D 309 -24.73 9.42 -42.95
N ASN D 310 -24.61 8.69 -41.84
CA ASN D 310 -24.23 9.29 -40.56
C ASN D 310 -22.70 9.26 -40.48
N GLU D 311 -22.10 10.28 -41.09
CA GLU D 311 -20.65 10.39 -41.10
C GLU D 311 -20.15 10.61 -39.69
N SER D 312 -19.06 9.90 -39.33
CA SER D 312 -18.48 10.03 -38.00
C SER D 312 -17.62 11.28 -37.97
N LEU D 313 -18.06 12.29 -37.24
CA LEU D 313 -17.41 13.60 -37.24
C LEU D 313 -17.17 14.06 -35.82
N PRO D 314 -16.10 14.79 -35.58
CA PRO D 314 -15.90 15.41 -34.27
C PRO D 314 -16.82 16.61 -34.11
N PRO D 315 -17.11 17.02 -32.88
CA PRO D 315 -17.97 18.20 -32.71
C PRO D 315 -17.40 19.41 -33.42
N ALA D 316 -18.28 20.33 -33.80
CA ALA D 316 -17.84 21.60 -34.34
C ALA D 316 -16.93 22.29 -33.34
N LYS D 317 -15.73 22.66 -33.78
CA LYS D 317 -14.72 23.24 -32.90
C LYS D 317 -14.60 24.72 -33.24
N PHE D 318 -14.91 25.57 -32.27
CA PHE D 318 -14.69 27.00 -32.39
C PHE D 318 -13.50 27.37 -31.51
N VAL D 319 -12.49 28.03 -32.12
CA VAL D 319 -11.28 28.39 -31.42
C VAL D 319 -10.97 29.84 -31.73
N GLN D 320 -9.98 30.38 -31.03
CA GLN D 320 -9.56 31.75 -31.25
C GLN D 320 -8.66 31.84 -32.49
N ASP D 321 -8.63 33.01 -33.09
CA ASP D 321 -7.77 33.26 -34.23
C ASP D 321 -6.33 33.53 -33.80
N ARG D 322 -5.46 33.73 -34.80
CA ARG D 322 -4.06 33.97 -34.52
C ARG D 322 -3.84 35.22 -33.67
N SER D 323 -4.72 36.21 -33.80
CA SER D 323 -4.65 37.40 -32.96
C SER D 323 -5.39 37.21 -31.64
N GLY D 324 -6.02 36.06 -31.43
CA GLY D 324 -6.69 35.73 -30.19
C GLY D 324 -8.09 36.27 -29.96
N SER D 325 -8.76 36.82 -30.97
CA SER D 325 -10.11 37.30 -30.75
C SER D 325 -11.11 36.17 -30.94
N HIS D 326 -12.27 36.28 -30.31
CA HIS D 326 -13.30 35.27 -30.44
C HIS D 326 -14.12 35.47 -31.70
N GLY D 327 -14.90 34.45 -32.06
CA GLY D 327 -15.77 34.49 -33.22
C GLY D 327 -17.24 34.63 -32.86
N MET D 328 -17.99 35.29 -33.74
CA MET D 328 -19.40 35.56 -33.56
C MET D 328 -20.22 34.70 -34.51
N THR D 329 -21.38 34.22 -34.04
CA THR D 329 -22.28 33.42 -34.85
C THR D 329 -23.70 33.91 -34.65
N LEU D 330 -24.43 34.08 -35.75
CA LEU D 330 -25.81 34.54 -35.73
C LEU D 330 -26.60 33.74 -36.75
N ASN D 331 -27.63 33.02 -36.27
CA ASN D 331 -28.54 32.30 -37.14
C ASN D 331 -27.77 31.50 -38.20
N SER D 332 -26.97 30.55 -37.74
CA SER D 332 -26.16 29.75 -38.65
C SER D 332 -26.11 28.32 -38.15
N LEU D 333 -25.78 27.42 -39.07
CA LEU D 333 -25.59 26.01 -38.78
C LEU D 333 -24.13 25.64 -39.01
N VAL D 334 -23.58 24.85 -38.10
CA VAL D 334 -22.19 24.42 -38.18
C VAL D 334 -22.16 22.91 -37.97
N SER D 335 -21.95 22.16 -39.05
CA SER D 335 -21.97 20.71 -38.98
C SER D 335 -20.69 20.16 -38.34
N GLY D 336 -20.71 18.87 -38.07
CA GLY D 336 -19.59 18.23 -37.42
C GLY D 336 -18.30 18.35 -38.22
N GLY D 337 -17.18 18.26 -37.50
CA GLY D 337 -15.88 18.33 -38.13
C GLY D 337 -15.43 19.72 -38.52
N CYS D 338 -16.30 20.72 -38.46
CA CYS D 338 -15.90 22.08 -38.77
C CYS D 338 -14.91 22.60 -37.74
N VAL D 339 -14.06 23.52 -38.17
CA VAL D 339 -13.13 24.22 -37.29
C VAL D 339 -13.11 25.68 -37.69
N ILE D 340 -13.49 26.56 -36.77
CA ILE D 340 -13.68 27.97 -37.06
C ILE D 340 -12.79 28.78 -36.13
N SER D 341 -11.87 29.53 -36.72
CA SER D 341 -10.98 30.40 -35.96
C SER D 341 -11.63 31.77 -35.90
N GLY D 342 -12.27 32.07 -34.79
CA GLY D 342 -12.95 33.34 -34.61
C GLY D 342 -13.94 33.63 -35.73
N SER D 343 -13.73 34.72 -36.44
CA SER D 343 -14.55 35.05 -37.61
C SER D 343 -16.00 35.30 -37.23
N VAL D 344 -16.80 35.70 -38.21
CA VAL D 344 -18.22 35.96 -38.02
C VAL D 344 -18.99 35.12 -39.03
N VAL D 345 -19.92 34.30 -38.56
CA VAL D 345 -20.76 33.49 -39.43
C VAL D 345 -22.21 33.88 -39.20
N VAL D 346 -22.88 34.35 -40.26
CA VAL D 346 -24.23 34.87 -40.17
C VAL D 346 -25.09 34.23 -41.24
N GLN D 347 -26.32 33.86 -40.87
CA GLN D 347 -27.32 33.36 -41.82
C GLN D 347 -26.67 32.39 -42.81
N SER D 348 -25.92 31.43 -42.27
CA SER D 348 -25.13 30.55 -43.11
C SER D 348 -25.30 29.09 -42.69
N VAL D 349 -24.98 28.21 -43.63
CA VAL D 349 -25.00 26.77 -43.42
C VAL D 349 -23.63 26.22 -43.78
N LEU D 350 -22.98 25.59 -42.81
CA LEU D 350 -21.66 25.00 -43.01
C LEU D 350 -21.80 23.48 -42.92
N PHE D 351 -21.56 22.81 -44.03
CA PHE D 351 -21.62 21.35 -44.09
C PHE D 351 -20.42 20.77 -43.33
N SER D 352 -20.25 19.46 -43.41
CA SER D 352 -19.24 18.80 -42.60
C SER D 352 -17.84 19.21 -43.03
N ARG D 353 -16.95 19.35 -42.04
CA ARG D 353 -15.51 19.49 -42.28
C ARG D 353 -15.18 20.78 -43.00
N VAL D 354 -15.89 21.86 -42.70
CA VAL D 354 -15.58 23.18 -43.25
C VAL D 354 -14.56 23.86 -42.35
N ARG D 355 -13.46 24.31 -42.94
CA ARG D 355 -12.40 25.01 -42.23
C ARG D 355 -12.51 26.50 -42.52
N VAL D 356 -12.64 27.30 -41.47
CA VAL D 356 -12.72 28.75 -41.59
C VAL D 356 -11.55 29.33 -40.80
N ASN D 357 -10.60 29.96 -41.50
CA ASN D 357 -9.42 30.47 -40.84
C ASN D 357 -9.74 31.86 -40.28
N SER D 358 -8.71 32.56 -39.82
CA SER D 358 -8.91 33.75 -39.01
C SER D 358 -9.44 34.92 -39.82
N PHE D 359 -10.21 35.78 -39.13
CA PHE D 359 -10.66 37.08 -39.64
C PHE D 359 -11.49 36.94 -40.92
N CYS D 360 -12.44 36.01 -40.88
CA CYS D 360 -13.38 35.80 -41.98
C CYS D 360 -14.75 36.36 -41.62
N ASN D 361 -15.45 36.85 -42.63
CA ASN D 361 -16.83 37.33 -42.48
C ASN D 361 -17.70 36.60 -43.51
N ILE D 362 -18.43 35.61 -43.05
CA ILE D 362 -19.30 34.79 -43.88
C ILE D 362 -20.75 35.19 -43.59
N ASP D 363 -21.51 35.47 -44.66
CA ASP D 363 -22.83 36.06 -44.55
C ASP D 363 -23.71 35.48 -45.64
N SER D 364 -24.84 34.90 -45.25
CA SER D 364 -25.81 34.39 -46.22
C SER D 364 -25.13 33.48 -47.24
N ALA D 365 -24.36 32.51 -46.75
CA ALA D 365 -23.60 31.64 -47.61
C ALA D 365 -23.89 30.19 -47.25
N VAL D 366 -23.67 29.31 -48.23
CA VAL D 366 -23.85 27.87 -48.06
C VAL D 366 -22.54 27.22 -48.47
N LEU D 367 -21.82 26.64 -47.51
CA LEU D 367 -20.53 26.02 -47.75
C LEU D 367 -20.67 24.51 -47.67
N LEU D 368 -20.49 23.84 -48.81
CA LEU D 368 -20.62 22.39 -48.88
C LEU D 368 -19.41 21.74 -48.21
N PRO D 369 -19.43 20.42 -48.02
CA PRO D 369 -18.41 19.79 -47.20
C PRO D 369 -16.99 20.12 -47.65
N GLU D 370 -16.08 20.11 -46.68
CA GLU D 370 -14.63 20.14 -46.91
C GLU D 370 -14.14 21.45 -47.51
N VAL D 371 -14.94 22.52 -47.46
CA VAL D 371 -14.47 23.82 -47.90
C VAL D 371 -13.37 24.32 -46.97
N TRP D 372 -12.35 24.94 -47.55
CA TRP D 372 -11.24 25.55 -46.80
C TRP D 372 -11.24 27.05 -47.11
N VAL D 373 -11.56 27.86 -46.13
CA VAL D 373 -11.64 29.31 -46.32
C VAL D 373 -10.35 29.93 -45.77
N GLY D 374 -9.56 30.54 -46.65
CA GLY D 374 -8.35 31.21 -46.24
C GLY D 374 -8.62 32.38 -45.32
N ARG D 375 -7.54 32.93 -44.78
CA ARG D 375 -7.63 34.03 -43.83
C ARG D 375 -8.13 35.30 -44.53
N SER D 376 -8.82 36.14 -43.74
CA SER D 376 -9.24 37.46 -44.20
C SER D 376 -10.16 37.40 -45.41
N CYS D 377 -10.98 36.35 -45.53
CA CYS D 377 -11.96 36.26 -46.60
C CYS D 377 -13.29 36.83 -46.14
N ARG D 378 -14.08 37.30 -47.11
CA ARG D 378 -15.41 37.86 -46.86
C ARG D 378 -16.35 37.32 -47.93
N LEU D 379 -17.16 36.34 -47.56
CA LEU D 379 -18.07 35.68 -48.48
C LEU D 379 -19.49 36.12 -48.18
N ARG D 380 -20.24 36.47 -49.24
CA ARG D 380 -21.62 36.92 -49.09
C ARG D 380 -22.47 36.32 -50.19
N ARG D 381 -23.67 35.89 -49.83
CA ARG D 381 -24.71 35.47 -50.78
C ARG D 381 -24.12 34.61 -51.90
N CYS D 382 -23.62 33.45 -51.50
CA CYS D 382 -22.94 32.56 -52.42
C CYS D 382 -23.14 31.11 -52.00
N VAL D 383 -22.65 30.21 -52.85
CA VAL D 383 -22.66 28.76 -52.61
C VAL D 383 -21.30 28.21 -53.01
N ILE D 384 -20.56 27.65 -52.06
CA ILE D 384 -19.22 27.11 -52.28
C ILE D 384 -19.32 25.61 -52.52
N ASP D 385 -18.75 25.13 -53.64
CA ASP D 385 -18.86 23.71 -53.96
C ASP D 385 -17.94 22.90 -53.04
N ARG D 386 -18.18 21.59 -52.96
CA ARG D 386 -17.40 20.77 -52.05
C ARG D 386 -15.91 20.89 -52.31
N ALA D 387 -15.16 20.93 -51.22
CA ALA D 387 -13.70 20.80 -51.22
C ALA D 387 -13.02 21.97 -51.89
N CYS D 388 -13.72 23.09 -52.09
CA CYS D 388 -13.06 24.28 -52.59
C CYS D 388 -12.01 24.75 -51.59
N VAL D 389 -10.92 25.28 -52.11
CA VAL D 389 -9.88 25.91 -51.32
C VAL D 389 -9.93 27.38 -51.71
N ILE D 390 -10.53 28.19 -50.84
CA ILE D 390 -10.70 29.62 -51.13
C ILE D 390 -9.38 30.29 -50.76
N PRO D 391 -8.73 31.00 -51.68
CA PRO D 391 -7.42 31.57 -51.37
C PRO D 391 -7.50 32.60 -50.26
N GLU D 392 -6.45 33.39 -50.09
CA GLU D 392 -6.31 34.26 -48.93
C GLU D 392 -6.71 35.68 -49.32
N GLY D 393 -7.74 36.20 -48.63
CA GLY D 393 -8.21 37.54 -48.86
C GLY D 393 -9.19 37.68 -50.00
N MET D 394 -9.72 36.57 -50.50
CA MET D 394 -10.72 36.63 -51.55
C MET D 394 -12.05 37.11 -50.99
N VAL D 395 -12.68 38.02 -51.72
CA VAL D 395 -13.98 38.56 -51.36
C VAL D 395 -14.97 38.15 -52.43
N ILE D 396 -16.16 37.71 -52.00
CA ILE D 396 -17.21 37.27 -52.91
C ILE D 396 -18.53 37.83 -52.42
N GLY D 397 -19.38 38.24 -53.36
CA GLY D 397 -20.71 38.72 -53.04
C GLY D 397 -20.83 40.22 -52.88
N GLU D 398 -19.74 40.96 -53.00
CA GLU D 398 -19.77 42.41 -52.83
C GLU D 398 -19.68 43.17 -54.16
N ASN D 399 -18.78 42.77 -55.05
CA ASN D 399 -18.64 43.38 -56.38
C ASN D 399 -19.31 42.48 -57.41
N ALA D 400 -20.50 42.87 -57.86
CA ALA D 400 -21.27 42.03 -58.78
C ALA D 400 -20.49 41.74 -60.06
N GLU D 401 -19.96 42.79 -60.69
CA GLU D 401 -19.24 42.60 -61.95
C GLU D 401 -18.05 41.69 -61.75
N GLU D 402 -17.25 41.96 -60.72
CA GLU D 402 -16.07 41.16 -60.44
C GLU D 402 -16.44 39.71 -60.15
N ASP D 403 -17.47 39.49 -59.32
CA ASP D 403 -17.90 38.12 -59.05
C ASP D 403 -18.34 37.41 -60.33
N ALA D 404 -19.10 38.10 -61.19
CA ALA D 404 -19.52 37.50 -62.45
C ALA D 404 -18.31 37.14 -63.31
N ARG D 405 -17.27 37.99 -63.28
CA ARG D 405 -16.05 37.69 -64.04
C ARG D 405 -15.40 36.42 -63.53
N ARG D 406 -15.21 36.32 -62.20
CA ARG D 406 -14.47 35.18 -61.63
C ARG D 406 -15.29 33.90 -61.69
N PHE D 407 -16.52 33.94 -61.21
CA PHE D 407 -17.34 32.73 -61.07
C PHE D 407 -18.62 32.86 -61.86
N TYR D 408 -19.63 32.06 -61.52
CA TYR D 408 -20.97 32.20 -62.07
C TYR D 408 -21.85 32.98 -61.11
N ARG D 409 -22.61 33.94 -61.65
CA ARG D 409 -23.48 34.78 -60.84
C ARG D 409 -24.85 34.84 -61.47
N SER D 410 -25.86 34.42 -60.73
CA SER D 410 -27.23 34.40 -61.21
C SER D 410 -27.81 35.81 -61.23
N GLU D 411 -28.94 35.95 -61.94
CA GLU D 411 -29.59 37.26 -62.05
C GLU D 411 -29.99 37.82 -60.69
N GLU D 412 -30.35 36.97 -59.73
CA GLU D 412 -30.79 37.46 -58.44
C GLU D 412 -29.64 37.90 -57.55
N GLY D 413 -28.40 37.57 -57.92
CA GLY D 413 -27.23 38.02 -57.19
C GLY D 413 -26.50 36.96 -56.40
N ILE D 414 -26.76 35.67 -56.67
CA ILE D 414 -26.12 34.57 -55.97
C ILE D 414 -24.95 34.07 -56.81
N VAL D 415 -23.84 33.77 -56.14
CA VAL D 415 -22.60 33.34 -56.78
C VAL D 415 -22.36 31.86 -56.48
N LEU D 416 -21.83 31.14 -57.45
CA LEU D 416 -21.45 29.75 -57.27
C LEU D 416 -19.95 29.60 -57.55
N VAL D 417 -19.26 28.90 -56.65
CA VAL D 417 -17.81 28.76 -56.70
C VAL D 417 -17.48 27.28 -56.68
N THR D 418 -16.94 26.78 -57.78
CA THR D 418 -16.53 25.38 -57.88
C THR D 418 -15.01 25.26 -57.78
N ARG D 419 -14.54 24.01 -57.67
CA ARG D 419 -13.11 23.74 -57.74
C ARG D 419 -12.54 24.20 -59.08
N GLU D 420 -13.20 23.81 -60.17
CA GLU D 420 -12.71 24.17 -61.50
C GLU D 420 -12.61 25.68 -61.68
N MET D 421 -13.61 26.43 -61.20
CA MET D 421 -13.54 27.88 -61.31
C MET D 421 -12.28 28.44 -60.67
N LEU D 422 -11.99 28.03 -59.43
CA LEU D 422 -10.83 28.56 -58.72
C LEU D 422 -9.52 28.13 -59.38
N ARG D 423 -9.40 26.85 -59.75
CA ARG D 423 -8.13 26.43 -60.36
C ARG D 423 -7.96 27.01 -61.76
N LYS D 424 -9.05 27.36 -62.45
CA LYS D 424 -8.93 28.12 -63.69
C LYS D 424 -8.49 29.55 -63.41
N LEU D 425 -8.81 30.06 -62.22
CA LEU D 425 -8.35 31.38 -61.79
C LEU D 425 -6.92 31.35 -61.27
N GLY D 426 -6.26 30.19 -61.32
CA GLY D 426 -4.88 30.10 -60.93
C GLY D 426 -4.62 29.85 -59.46
N HIS D 427 -5.58 29.25 -58.75
CA HIS D 427 -5.40 28.89 -57.35
C HIS D 427 -5.47 27.38 -57.21
N LYS D 428 -4.36 26.76 -56.81
CA LYS D 428 -4.28 25.32 -56.68
C LYS D 428 -5.29 24.81 -55.65
N GLN D 429 -6.07 23.80 -56.02
CA GLN D 429 -7.04 23.18 -55.14
C GLN D 429 -6.50 21.81 -54.70
N GLU D 430 -5.58 21.83 -53.75
CA GLU D 430 -4.98 20.59 -53.25
C GLU D 430 -4.12 20.86 -52.01
N LEU E 10 27.49 38.32 53.67
CA LEU E 10 28.53 38.00 52.70
C LEU E 10 27.97 37.99 51.28
N MET E 11 28.79 37.56 50.32
CA MET E 11 28.40 37.61 48.92
C MET E 11 27.48 36.45 48.55
N LEU E 12 27.96 35.21 48.67
CA LEU E 12 27.26 34.02 48.19
C LEU E 12 26.84 33.16 49.37
N ALA E 13 25.54 32.94 49.49
CA ALA E 13 24.99 32.09 50.54
C ALA E 13 25.17 30.61 50.23
N ARG E 14 25.08 30.22 48.95
CA ARG E 14 25.18 28.83 48.51
C ARG E 14 26.30 28.04 49.19
N GLN E 15 27.37 28.70 49.60
CA GLN E 15 28.50 27.95 50.15
C GLN E 15 28.23 27.41 51.55
N LEU E 16 27.32 28.02 52.32
CA LEU E 16 27.08 27.55 53.68
C LEU E 16 26.60 26.11 53.72
N PRO E 17 25.58 25.70 52.94
CA PRO E 17 25.20 24.28 52.94
C PRO E 17 26.35 23.35 52.58
N LEU E 18 27.16 23.69 51.56
CA LEU E 18 28.25 22.82 51.15
C LEU E 18 29.24 22.59 52.30
N LYS E 19 29.39 23.57 53.18
CA LYS E 19 30.24 23.43 54.36
C LYS E 19 29.55 22.70 55.52
N SER E 20 28.38 22.11 55.32
CA SER E 20 27.62 21.53 56.42
C SER E 20 27.37 20.04 56.21
N VAL E 21 27.14 19.36 57.33
CA VAL E 21 26.79 17.94 57.36
C VAL E 21 25.60 17.75 58.26
N ALA E 22 24.66 16.91 57.82
CA ALA E 22 23.42 16.64 58.54
C ALA E 22 23.47 15.28 59.21
N LEU E 23 23.02 15.22 60.46
CA LEU E 23 22.94 13.98 61.22
C LEU E 23 21.49 13.69 61.55
N ILE E 24 20.99 12.53 61.15
CA ILE E 24 19.60 12.13 61.37
C ILE E 24 19.60 11.08 62.48
N LEU E 25 19.09 11.44 63.65
CA LEU E 25 19.04 10.51 64.76
C LEU E 25 17.86 9.56 64.61
N ALA E 26 17.97 8.41 65.28
CA ALA E 26 16.93 7.36 65.27
C ALA E 26 16.59 6.93 63.84
N ALA E 41 13.03 2.64 64.53
CA ALA E 41 11.92 1.96 63.86
C ALA E 41 10.92 2.97 63.35
N LYS E 42 10.77 4.09 64.06
CA LYS E 42 9.83 5.11 63.61
C LYS E 42 10.21 5.68 62.25
N PRO E 43 11.43 6.16 62.02
CA PRO E 43 11.74 6.76 60.71
C PRO E 43 11.48 5.88 59.51
N ALA E 44 11.43 4.56 59.69
CA ALA E 44 11.26 3.65 58.56
C ALA E 44 9.82 3.21 58.38
N VAL E 45 8.85 4.02 58.78
CA VAL E 45 7.44 3.71 58.63
C VAL E 45 6.98 4.21 57.28
N HIS E 46 6.21 3.37 56.57
CA HIS E 46 5.65 3.76 55.27
C HIS E 46 4.68 4.93 55.45
N PHE E 47 4.66 5.84 54.48
CA PHE E 47 3.76 6.98 54.55
C PHE E 47 3.38 7.38 53.13
N GLY E 48 2.12 7.75 52.95
CA GLY E 48 1.70 8.33 51.69
C GLY E 48 1.84 7.40 50.51
N GLY E 49 1.76 6.09 50.73
CA GLY E 49 1.77 5.12 49.64
C GLY E 49 3.12 4.64 49.16
N LYS E 50 4.11 5.52 49.09
CA LYS E 50 5.39 5.15 48.51
C LYS E 50 6.58 5.52 49.39
N PHE E 51 6.43 6.56 50.21
CA PHE E 51 7.55 7.07 50.98
C PHE E 51 7.67 6.37 52.33
N ARG E 52 8.84 6.52 52.94
CA ARG E 52 9.06 6.26 54.35
C ARG E 52 9.46 7.57 55.01
N ILE E 53 9.06 7.74 56.27
CA ILE E 53 9.13 9.04 56.93
C ILE E 53 10.51 9.67 56.77
N ILE E 54 11.57 8.89 57.02
CA ILE E 54 12.92 9.46 56.99
C ILE E 54 13.17 10.16 55.65
N ASP E 55 12.59 9.64 54.56
CA ASP E 55 12.74 10.21 53.23
C ASP E 55 12.61 11.73 53.25
N PHE E 56 11.67 12.25 54.03
CA PHE E 56 11.50 13.69 54.10
C PHE E 56 12.79 14.38 54.55
N ALA E 57 13.25 14.06 55.77
CA ALA E 57 14.46 14.66 56.30
C ALA E 57 15.58 14.60 55.27
N LEU E 58 15.97 13.39 54.88
CA LEU E 58 16.99 13.22 53.85
C LEU E 58 16.70 14.11 52.65
N SER E 59 15.50 14.00 52.09
CA SER E 59 15.15 14.80 50.92
C SER E 59 15.38 16.28 51.20
N ASN E 60 14.91 16.77 52.35
CA ASN E 60 15.15 18.15 52.70
C ASN E 60 16.64 18.49 52.56
N CYS E 61 17.50 17.69 53.20
CA CYS E 61 18.94 17.90 53.10
C CYS E 61 19.35 18.05 51.63
N ILE E 62 18.90 17.12 50.78
CA ILE E 62 19.27 17.21 49.38
C ILE E 62 18.87 18.55 48.79
N ASN E 63 17.60 18.93 49.00
CA ASN E 63 17.07 20.14 48.40
C ASN E 63 17.65 21.41 49.02
N SER E 64 18.21 21.32 50.23
CA SER E 64 18.84 22.46 50.87
C SER E 64 20.31 22.64 50.47
N GLY E 65 20.87 21.70 49.70
CA GLY E 65 22.26 21.77 49.31
C GLY E 65 23.18 20.96 50.19
N ILE E 66 22.65 20.32 51.23
CA ILE E 66 23.43 19.48 52.12
C ILE E 66 23.39 18.06 51.56
N ARG E 67 24.46 17.63 50.91
CA ARG E 67 24.52 16.30 50.32
C ARG E 67 25.31 15.32 51.17
N ARG E 68 25.72 15.71 52.37
CA ARG E 68 26.46 14.84 53.27
C ARG E 68 25.62 14.56 54.50
N MET E 69 25.14 13.32 54.63
CA MET E 69 24.25 12.90 55.70
C MET E 69 24.82 11.67 56.42
N GLY E 70 24.56 11.62 57.72
CA GLY E 70 24.91 10.47 58.54
C GLY E 70 23.71 9.99 59.31
N VAL E 71 23.15 8.85 58.90
CA VAL E 71 21.94 8.31 59.53
C VAL E 71 22.34 7.42 60.68
N ILE E 72 21.96 7.81 61.90
CA ILE E 72 22.32 7.04 63.09
C ILE E 72 21.18 6.05 63.34
N THR E 73 21.45 4.78 63.10
CA THR E 73 20.44 3.73 63.19
C THR E 73 20.62 2.90 64.47
N GLN E 74 19.60 2.11 64.78
CA GLN E 74 19.58 1.27 65.97
C GLN E 74 19.75 2.10 67.25
N GLN E 76 20.42 -4.09 64.91
CA GLN E 76 20.05 -2.90 64.14
C GLN E 76 18.66 -3.09 63.49
N SER E 77 18.08 -1.98 63.02
CA SER E 77 16.77 -2.00 62.38
C SER E 77 16.96 -2.34 60.90
N HIS E 78 16.65 -3.58 60.54
CA HIS E 78 16.94 -4.05 59.18
C HIS E 78 16.24 -3.21 58.13
N THR E 79 14.98 -2.84 58.36
CA THR E 79 14.22 -2.13 57.34
C THR E 79 14.83 -0.76 57.04
N LEU E 80 15.37 -0.08 58.06
CA LEU E 80 15.96 1.23 57.82
C LEU E 80 17.24 1.09 57.00
N VAL E 81 18.13 0.17 57.40
CA VAL E 81 19.36 -0.07 56.66
C VAL E 81 19.04 -0.43 55.21
N GLN E 82 18.06 -1.32 55.02
CA GLN E 82 17.70 -1.72 53.67
C GLN E 82 17.16 -0.55 52.85
N HIS E 83 16.32 0.27 53.46
CA HIS E 83 15.76 1.41 52.72
C HIS E 83 16.87 2.36 52.32
N ILE E 84 17.75 2.71 53.26
CA ILE E 84 18.89 3.55 52.93
C ILE E 84 19.72 2.90 51.83
N GLN E 85 19.77 1.58 51.81
CA GLN E 85 20.64 0.87 50.89
C GLN E 85 20.07 0.89 49.47
N ARG E 86 18.77 0.73 49.32
CA ARG E 86 18.15 0.66 48.01
C ARG E 86 17.77 2.01 47.44
N GLY E 87 17.47 2.99 48.30
CA GLY E 87 16.96 4.25 47.82
C GLY E 87 17.86 5.43 48.07
N TRP E 88 18.86 5.29 48.96
CA TRP E 88 19.74 6.39 49.29
C TRP E 88 21.21 5.97 49.24
N SER E 89 21.54 4.99 48.41
CA SER E 89 22.93 4.60 48.19
C SER E 89 23.25 4.72 46.71
N PHE E 90 23.11 5.93 46.18
CA PHE E 90 23.35 6.23 44.78
C PHE E 90 24.40 7.32 44.62
N PHE E 91 25.15 7.62 45.68
CA PHE E 91 26.00 8.80 45.73
C PHE E 91 27.41 8.51 45.25
N ASN E 92 28.05 9.55 44.71
CA ASN E 92 29.45 9.49 44.30
C ASN E 92 30.29 10.13 45.40
N GLU E 93 30.88 9.29 46.25
CA GLU E 93 31.54 9.80 47.45
C GLU E 93 32.61 10.84 47.12
N GLU E 94 33.23 10.75 45.94
CA GLU E 94 34.30 11.68 45.59
C GLU E 94 33.80 13.10 45.40
N MET E 95 32.49 13.30 45.24
CA MET E 95 31.89 14.61 45.05
C MET E 95 31.38 15.24 46.35
N ASN E 96 31.83 14.73 47.50
CA ASN E 96 31.43 15.24 48.81
C ASN E 96 29.93 15.08 49.02
N GLU E 97 29.45 13.85 48.84
CA GLU E 97 28.04 13.53 49.05
C GLU E 97 27.92 12.07 49.44
N PHE E 98 27.14 11.78 50.48
CA PHE E 98 27.00 10.42 50.95
C PHE E 98 25.88 10.38 51.98
N VAL E 99 25.40 9.18 52.28
CA VAL E 99 24.51 8.94 53.41
C VAL E 99 25.07 7.70 54.09
N ASP E 100 26.02 7.89 55.02
CA ASP E 100 26.60 6.72 55.67
C ASP E 100 25.78 6.30 56.87
N LEU E 101 25.74 4.97 57.10
CA LEU E 101 24.98 4.36 58.17
C LEU E 101 25.83 4.26 59.43
N LEU E 102 25.55 5.13 60.40
CA LEU E 102 26.30 5.19 61.65
C LEU E 102 25.55 4.43 62.72
N PRO E 103 26.14 3.38 63.32
CA PRO E 103 25.46 2.67 64.40
C PRO E 103 25.71 3.31 65.76
N ALA E 104 24.78 3.05 66.68
CA ALA E 104 24.95 3.46 68.06
C ALA E 104 24.97 2.27 69.00
N GLY E 116 21.31 9.45 76.25
CA GLY E 116 20.13 9.56 75.42
C GLY E 116 20.43 9.86 73.96
N THR E 117 19.95 11.02 73.51
CA THR E 117 20.10 11.39 72.10
C THR E 117 21.50 11.89 71.76
N ALA E 118 22.10 12.71 72.62
CA ALA E 118 23.43 13.23 72.32
C ALA E 118 24.49 12.13 72.38
N ASP E 119 24.28 11.15 73.26
CA ASP E 119 25.25 10.06 73.38
C ASP E 119 25.49 9.38 72.04
N ALA E 120 24.42 9.17 71.26
CA ALA E 120 24.57 8.50 69.97
C ALA E 120 25.51 9.26 69.04
N VAL E 121 25.41 10.59 69.01
CA VAL E 121 26.33 11.37 68.19
C VAL E 121 27.75 11.25 68.75
N THR E 122 27.88 11.34 70.07
CA THR E 122 29.19 11.27 70.69
C THR E 122 29.88 9.95 70.36
N GLN E 123 29.11 8.87 70.28
CA GLN E 123 29.71 7.57 69.97
C GLN E 123 30.49 7.63 68.66
N ASN E 124 29.97 8.35 67.65
CA ASN E 124 30.53 8.30 66.31
C ASN E 124 31.28 9.57 65.93
N LEU E 125 31.55 10.44 66.90
CA LEU E 125 32.18 11.70 66.52
C LEU E 125 33.60 11.55 65.98
N ASP E 126 34.26 10.39 66.12
CA ASP E 126 35.50 10.19 65.38
C ASP E 126 35.23 10.28 63.89
N ILE E 127 34.27 9.48 63.42
CA ILE E 127 33.88 9.49 62.01
C ILE E 127 33.41 10.89 61.62
N ILE E 128 32.58 11.51 62.47
CA ILE E 128 32.03 12.81 62.11
C ILE E 128 33.15 13.84 61.99
N ARG E 129 34.09 13.84 62.93
CA ARG E 129 35.23 14.73 62.79
C ARG E 129 35.93 14.48 61.46
N ALA E 130 36.00 13.22 61.03
CA ALA E 130 36.61 12.97 59.72
C ALA E 130 35.88 13.72 58.62
N TYR E 131 34.56 13.93 58.76
CA TYR E 131 33.86 14.72 57.74
C TYR E 131 34.48 16.10 57.55
N LYS E 132 34.99 16.71 58.62
CA LYS E 132 35.56 18.05 58.56
C LYS E 132 34.52 19.07 58.06
N ALA E 133 33.40 19.12 58.76
CA ALA E 133 32.36 20.08 58.45
C ALA E 133 32.51 21.32 59.32
N GLU E 134 32.18 22.49 58.77
CA GLU E 134 32.18 23.71 59.54
C GLU E 134 30.92 23.85 60.39
N TYR E 135 29.79 23.38 59.87
CA TYR E 135 28.52 23.43 60.59
C TYR E 135 27.89 22.04 60.58
N VAL E 136 27.19 21.72 61.68
CA VAL E 136 26.51 20.44 61.85
C VAL E 136 25.03 20.71 62.00
N VAL E 137 24.21 19.97 61.23
CA VAL E 137 22.75 20.09 61.30
C VAL E 137 22.22 18.80 61.90
N ILE E 138 21.67 18.90 63.10
CA ILE E 138 21.08 17.76 63.79
C ILE E 138 19.59 17.75 63.47
N LEU E 139 19.09 16.61 62.97
CA LEU E 139 17.70 16.47 62.56
C LEU E 139 17.06 15.27 63.23
N ALA E 140 15.75 15.30 63.33
CA ALA E 140 14.95 14.16 63.80
C ALA E 140 14.30 13.50 62.60
N GLY E 141 14.59 12.22 62.40
CA GLY E 141 14.10 11.52 61.22
C GLY E 141 12.73 10.89 61.35
N ASP E 142 11.94 11.31 62.34
CA ASP E 142 10.62 10.73 62.58
C ASP E 142 9.52 11.78 62.48
N HIS E 143 9.77 12.84 61.71
CA HIS E 143 8.77 13.89 61.50
C HIS E 143 8.57 14.11 60.01
N ILE E 144 7.40 14.62 59.66
CA ILE E 144 7.03 14.88 58.27
C ILE E 144 6.90 16.40 58.12
N TYR E 145 7.78 16.98 57.32
CA TYR E 145 7.78 18.42 57.12
C TYR E 145 8.68 18.73 55.93
N LYS E 146 8.57 19.96 55.44
CA LYS E 146 9.41 20.48 54.37
C LYS E 146 10.09 21.74 54.88
N GLN E 147 11.42 21.74 54.91
CA GLN E 147 12.16 22.87 55.44
C GLN E 147 13.43 23.08 54.62
N ASP E 148 13.73 24.34 54.33
CA ASP E 148 14.95 24.72 53.61
C ASP E 148 16.02 25.02 54.65
N TYR E 149 16.88 24.03 54.92
CA TYR E 149 17.89 24.19 55.95
C TYR E 149 18.90 25.28 55.60
N SER E 150 19.04 25.62 54.32
CA SER E 150 19.99 26.67 53.96
C SER E 150 19.57 28.01 54.55
N ARG E 151 18.27 28.30 54.54
CA ARG E 151 17.78 29.52 55.18
C ARG E 151 18.09 29.52 56.67
N MET E 152 17.94 28.36 57.31
CA MET E 152 18.27 28.27 58.74
C MET E 152 19.77 28.45 58.98
N LEU E 153 20.62 28.03 58.03
CA LEU E 153 22.06 28.25 58.15
C LEU E 153 22.38 29.74 58.00
N ILE E 154 21.75 30.41 57.02
CA ILE E 154 21.89 31.85 56.88
C ILE E 154 21.54 32.53 58.20
N ASP E 155 20.35 32.21 58.75
CA ASP E 155 19.95 32.81 60.01
C ASP E 155 20.95 32.50 61.11
N HIS E 156 21.50 31.29 61.12
CA HIS E 156 22.48 30.90 62.11
C HIS E 156 23.69 31.83 62.07
N VAL E 157 24.31 31.96 60.89
CA VAL E 157 25.52 32.79 60.76
C VAL E 157 25.18 34.25 61.01
N GLU E 158 24.08 34.73 60.42
CA GLU E 158 23.69 36.13 60.56
C GLU E 158 23.50 36.50 62.02
N LYS E 159 22.79 35.66 62.77
CA LYS E 159 22.67 35.86 64.21
C LYS E 159 23.97 35.58 64.95
N GLY E 160 24.94 34.93 64.31
CA GLY E 160 26.22 34.67 64.94
C GLY E 160 26.12 33.70 66.09
N ALA E 161 25.12 32.81 66.07
CA ALA E 161 24.90 31.89 67.18
C ALA E 161 25.87 30.71 67.14
N ARG E 162 26.14 30.16 68.33
CA ARG E 162 26.82 28.87 68.40
C ARG E 162 25.85 27.72 68.19
N CYS E 163 24.57 27.94 68.49
CA CYS E 163 23.55 26.93 68.31
C CYS E 163 22.24 27.63 67.97
N THR E 164 21.56 27.14 66.94
CA THR E 164 20.25 27.63 66.55
C THR E 164 19.26 26.49 66.65
N VAL E 165 18.09 26.76 67.24
CA VAL E 165 17.05 25.76 67.45
C VAL E 165 15.80 26.20 66.70
N ALA E 166 15.29 25.34 65.84
CA ALA E 166 14.06 25.65 65.11
C ALA E 166 12.87 25.58 66.05
N CYS E 167 12.02 26.60 66.02
CA CYS E 167 10.93 26.74 66.98
C CYS E 167 9.61 26.92 66.24
N MET E 168 8.55 26.36 66.82
CA MET E 168 7.21 26.43 66.25
C MET E 168 6.20 26.56 67.39
N PRO E 169 5.18 27.41 67.23
CA PRO E 169 4.09 27.45 68.23
C PRO E 169 3.35 26.12 68.29
N VAL E 170 3.05 25.68 69.50
CA VAL E 170 2.30 24.44 69.66
C VAL E 170 1.14 24.68 70.63
N PRO E 171 0.04 23.95 70.54
CA PRO E 171 -1.05 24.14 71.50
C PRO E 171 -0.54 23.93 72.93
N ILE E 172 -0.98 24.81 73.83
CA ILE E 172 -0.46 24.77 75.20
C ILE E 172 -0.72 23.42 75.82
N GLU E 173 -1.89 22.82 75.54
CA GLU E 173 -2.20 21.51 76.09
C GLU E 173 -1.13 20.49 75.67
N GLU E 174 -0.71 20.56 74.41
CA GLU E 174 0.27 19.62 73.88
C GLU E 174 1.70 20.02 74.19
N ALA E 175 1.95 21.29 74.53
CA ALA E 175 3.32 21.78 74.65
C ALA E 175 4.13 21.06 75.72
N SER E 176 3.48 20.41 76.70
CA SER E 176 4.22 19.73 77.76
C SER E 176 5.12 18.62 77.23
N ALA E 177 4.72 17.96 76.14
CA ALA E 177 5.52 16.89 75.58
C ALA E 177 6.76 17.42 74.86
N PHE E 178 6.73 18.69 74.46
CA PHE E 178 7.82 19.31 73.73
C PHE E 178 8.75 20.02 74.71
N GLY E 179 9.91 20.43 74.19
CA GLY E 179 10.79 21.32 74.94
C GLY E 179 10.36 22.74 74.68
N VAL E 180 10.11 23.49 75.75
CA VAL E 180 9.56 24.84 75.66
C VAL E 180 10.65 25.86 75.94
N MET E 181 10.56 26.99 75.24
CA MET E 181 11.59 28.02 75.31
C MET E 181 10.93 29.39 75.35
N ALA E 182 11.68 30.36 75.88
CA ALA E 182 11.29 31.76 75.94
C ALA E 182 12.43 32.62 75.44
N VAL E 183 12.13 33.50 74.48
CA VAL E 183 13.13 34.27 73.76
C VAL E 183 12.89 35.76 73.98
N ASP E 184 13.87 36.56 73.57
CA ASP E 184 13.80 38.01 73.63
C ASP E 184 13.42 38.55 72.23
N GLU E 185 13.62 39.86 72.02
CA GLU E 185 13.29 40.47 70.74
C GLU E 185 14.20 39.99 69.61
N ASN E 186 15.42 39.58 69.94
CA ASN E 186 16.41 39.15 68.95
C ASN E 186 16.41 37.64 68.72
N ASP E 187 15.34 36.95 69.09
CA ASP E 187 15.23 35.51 68.90
C ASP E 187 16.37 34.76 69.60
N LYS E 188 16.95 35.35 70.63
CA LYS E 188 17.94 34.67 71.46
C LYS E 188 17.22 33.93 72.56
N ILE E 189 17.58 32.66 72.75
CA ILE E 189 16.89 31.82 73.72
C ILE E 189 17.28 32.26 75.12
N ILE E 190 16.29 32.72 75.88
CA ILE E 190 16.50 33.16 77.27
C ILE E 190 16.26 32.03 78.25
N GLU E 191 15.20 31.25 78.03
CA GLU E 191 14.82 30.18 78.95
C GLU E 191 14.46 28.92 78.16
N PHE E 192 14.94 27.77 78.62
CA PHE E 192 14.57 26.49 78.02
C PHE E 192 14.29 25.47 79.11
N VAL E 193 13.26 24.66 78.90
CA VAL E 193 12.94 23.55 79.81
C VAL E 193 12.43 22.40 78.97
N GLU E 194 12.92 21.20 79.24
CA GLU E 194 12.59 20.03 78.44
C GLU E 194 11.38 19.32 79.06
N LYS E 195 10.32 19.17 78.26
CA LYS E 195 9.12 18.44 78.63
C LYS E 195 8.58 18.86 80.00
N PRO E 196 8.33 20.15 80.22
CA PRO E 196 7.76 20.58 81.50
C PRO E 196 6.31 20.12 81.61
N ALA E 197 5.93 19.70 82.81
CA ALA E 197 4.55 19.27 83.05
C ALA E 197 3.60 20.45 83.05
N ASN E 198 4.06 21.62 83.47
CA ASN E 198 3.29 22.85 83.50
C ASN E 198 3.87 23.81 82.46
N PRO E 199 3.50 23.68 81.18
CA PRO E 199 4.21 24.43 80.13
C PRO E 199 4.00 25.93 80.29
N PRO E 200 5.07 26.73 80.16
CA PRO E 200 4.91 28.18 80.18
C PRO E 200 4.05 28.66 79.01
N SER E 201 3.19 29.63 79.27
CA SER E 201 2.32 30.20 78.25
C SER E 201 3.10 31.20 77.39
N MET E 202 2.57 31.46 76.18
CA MET E 202 3.20 32.42 75.26
C MET E 202 2.35 33.68 75.11
N PRO E 203 2.98 34.86 75.09
CA PRO E 203 2.20 36.10 74.93
C PRO E 203 1.47 36.20 73.59
N ASN E 204 2.15 35.89 72.48
CA ASN E 204 1.58 36.09 71.16
C ASN E 204 0.29 35.31 70.98
N ASP E 205 0.24 34.08 71.50
CA ASP E 205 -0.95 33.24 71.44
C ASP E 205 -1.04 32.47 72.76
N PRO E 206 -1.70 33.04 73.77
CA PRO E 206 -1.86 32.31 75.04
C PRO E 206 -2.32 30.87 74.86
N SER E 207 -3.05 30.58 73.78
CA SER E 207 -3.44 29.21 73.48
C SER E 207 -2.25 28.35 73.05
N LYS E 208 -1.15 28.96 72.63
CA LYS E 208 0.03 28.25 72.18
C LYS E 208 1.23 28.62 73.05
N SER E 209 2.26 27.78 73.00
CA SER E 209 3.56 28.08 73.57
C SER E 209 4.62 27.98 72.47
N LEU E 210 5.88 28.19 72.86
CA LEU E 210 7.00 28.15 71.94
C LEU E 210 7.70 26.81 72.08
N ALA E 211 7.54 25.94 71.09
CA ALA E 211 8.04 24.57 71.19
C ALA E 211 9.29 24.39 70.33
N SER E 212 10.19 23.54 70.80
CA SER E 212 11.38 23.17 70.05
C SER E 212 11.07 22.04 69.08
N MET E 213 11.62 22.12 67.87
CA MET E 213 11.35 21.17 66.82
C MET E 213 12.42 20.08 66.69
N GLY E 214 13.34 20.00 67.66
CA GLY E 214 14.41 19.01 67.58
C GLY E 214 15.28 19.17 66.35
N ILE E 215 15.38 20.39 65.83
CA ILE E 215 16.20 20.69 64.66
C ILE E 215 17.23 21.72 65.09
N TYR E 216 18.50 21.35 65.06
CA TYR E 216 19.55 22.22 65.56
C TYR E 216 20.60 22.48 64.49
N VAL E 217 21.19 23.67 64.55
CA VAL E 217 22.36 24.02 63.76
C VAL E 217 23.48 24.41 64.71
N PHE E 218 24.65 23.81 64.53
CA PHE E 218 25.79 24.01 65.39
C PHE E 218 27.00 24.44 64.58
N ASP E 219 27.82 25.29 65.20
CA ASP E 219 29.20 25.37 64.75
C ASP E 219 29.84 24.01 65.04
N ALA E 220 30.43 23.40 64.02
CA ALA E 220 30.92 22.04 64.16
C ALA E 220 31.87 21.92 65.34
N ASP E 221 32.91 22.76 65.39
CA ASP E 221 33.89 22.67 66.46
C ASP E 221 33.23 22.83 67.82
N TYR E 222 32.31 23.79 67.96
CA TYR E 222 31.63 23.97 69.23
C TYR E 222 30.85 22.71 69.61
N LEU E 223 30.05 22.18 68.69
CA LEU E 223 29.29 20.99 69.00
C LEU E 223 30.20 19.88 69.48
N TYR E 224 31.28 19.63 68.75
CA TYR E 224 32.22 18.58 69.17
C TYR E 224 32.68 18.84 70.60
N GLU E 225 33.09 20.08 70.90
CA GLU E 225 33.53 20.43 72.25
C GLU E 225 32.45 20.06 73.29
N LEU E 226 31.19 20.41 73.00
CA LEU E 226 30.13 20.15 73.97
C LEU E 226 29.94 18.66 74.19
N LEU E 227 29.99 17.86 73.11
CA LEU E 227 29.82 16.42 73.27
C LEU E 227 31.01 15.80 74.03
N GLU E 228 32.23 16.19 73.65
CA GLU E 228 33.42 15.67 74.34
C GLU E 228 33.37 15.98 75.82
N GLU E 229 33.05 17.23 76.20
CA GLU E 229 33.00 17.56 77.61
C GLU E 229 31.86 16.83 78.32
N ASP E 230 30.71 16.65 77.66
CA ASP E 230 29.58 16.02 78.35
C ASP E 230 29.84 14.53 78.59
N ASP E 231 30.25 13.80 77.57
CA ASP E 231 30.61 12.40 77.78
C ASP E 231 31.86 12.28 78.64
N ARG E 232 32.77 13.24 78.49
CA ARG E 232 34.06 13.22 79.20
C ARG E 232 33.91 13.58 80.67
N ASP E 233 32.92 14.39 81.04
CA ASP E 233 32.79 14.82 82.42
C ASP E 233 31.37 14.71 82.95
N GLU E 234 30.47 15.59 82.47
CA GLU E 234 29.16 15.74 83.08
C GLU E 234 28.38 14.42 83.05
N ASN E 235 27.72 14.12 84.16
CA ASN E 235 26.85 12.94 84.28
C ASN E 235 25.42 13.28 83.87
N SER E 236 25.27 13.99 82.76
CA SER E 236 23.95 14.40 82.29
C SER E 236 23.24 13.22 81.66
N SER E 237 21.99 13.43 81.26
CA SER E 237 21.25 12.38 80.57
C SER E 237 21.68 12.25 79.11
N HIS E 238 22.59 13.11 78.65
CA HIS E 238 23.12 13.00 77.30
C HIS E 238 22.01 13.22 76.26
N ASP E 239 21.13 14.17 76.56
CA ASP E 239 20.03 14.54 75.68
C ASP E 239 20.17 16.04 75.40
N PHE E 240 19.96 16.42 74.15
CA PHE E 240 20.09 17.84 73.80
C PHE E 240 19.14 18.68 74.67
N GLY E 241 17.86 18.32 74.67
CA GLY E 241 16.89 19.13 75.39
C GLY E 241 17.11 19.10 76.89
N LYS E 242 17.31 17.91 77.45
CA LYS E 242 17.46 17.79 78.89
C LYS E 242 18.79 18.35 79.39
N ASP E 243 19.86 18.23 78.60
CA ASP E 243 21.20 18.57 79.07
C ASP E 243 21.86 19.67 78.24
N LEU E 244 22.02 19.49 76.91
CA LEU E 244 22.89 20.36 76.14
C LEU E 244 22.22 21.71 75.83
N ILE E 245 20.97 21.71 75.35
CA ILE E 245 20.28 22.96 75.06
C ILE E 245 20.26 23.87 76.29
N PRO E 246 19.82 23.41 77.48
CA PRO E 246 19.90 24.26 78.68
C PRO E 246 21.29 24.81 78.93
N LYS E 247 22.32 23.98 78.80
CA LYS E 247 23.69 24.43 79.01
C LYS E 247 24.04 25.57 78.06
N ILE E 248 23.66 25.45 76.78
CA ILE E 248 23.93 26.50 75.82
C ILE E 248 23.17 27.77 76.18
N THR E 249 21.89 27.64 76.57
CA THR E 249 21.10 28.81 76.92
C THR E 249 21.72 29.56 78.09
N GLU E 250 22.10 28.86 79.16
CA GLU E 250 22.72 29.55 80.29
C GLU E 250 23.97 30.30 79.85
N ALA E 251 24.63 29.83 78.77
CA ALA E 251 25.75 30.55 78.19
C ALA E 251 25.31 31.67 77.26
N GLY E 252 24.02 31.77 76.94
CA GLY E 252 23.53 32.81 76.06
C GLY E 252 23.93 32.66 74.61
N LEU E 253 24.29 31.46 74.18
CA LEU E 253 24.75 31.21 72.83
C LEU E 253 23.72 30.46 72.00
N ALA E 254 22.49 30.32 72.52
CA ALA E 254 21.44 29.55 71.86
C ALA E 254 20.40 30.53 71.34
N TYR E 255 20.27 30.62 70.02
CA TYR E 255 19.26 31.43 69.36
C TYR E 255 18.17 30.53 68.77
N ALA E 256 17.02 31.15 68.50
CA ALA E 256 15.87 30.46 67.95
C ALA E 256 15.67 30.84 66.50
N HIS E 257 15.02 29.95 65.75
CA HIS E 257 14.75 30.15 64.33
C HIS E 257 13.27 29.90 64.09
N PRO E 258 12.47 30.93 63.82
CA PRO E 258 11.06 30.68 63.50
C PRO E 258 10.92 29.77 62.29
N PHE E 259 10.16 28.70 62.46
CA PHE E 259 9.97 27.75 61.37
C PHE E 259 9.42 28.41 60.11
N PRO E 260 8.47 29.35 60.17
CA PRO E 260 7.93 29.94 58.94
C PRO E 260 9.01 30.54 58.04
N LEU E 261 10.16 30.90 58.63
CA LEU E 261 11.22 31.51 57.85
C LEU E 261 11.77 30.55 56.78
N SER E 262 11.72 29.25 57.03
CA SER E 262 12.28 28.26 56.11
C SER E 262 11.31 27.19 55.64
N CYS E 263 10.15 27.03 56.29
CA CYS E 263 9.20 26.01 55.88
C CYS E 263 8.78 26.21 54.43
N VAL E 264 8.78 25.14 53.65
CA VAL E 264 8.43 25.18 52.24
C VAL E 264 6.99 24.73 52.07
N GLN E 265 6.19 25.56 51.39
CA GLN E 265 4.79 25.23 51.16
C GLN E 265 4.32 25.97 49.90
N SER E 266 3.48 25.30 49.11
CA SER E 266 2.99 25.88 47.88
C SER E 266 2.11 27.10 48.14
N ASP E 267 1.20 27.00 49.11
CA ASP E 267 0.30 28.10 49.43
C ASP E 267 0.93 28.94 50.54
N PRO E 268 1.40 30.15 50.26
CA PRO E 268 2.00 30.96 51.32
C PRO E 268 1.03 31.31 52.43
N ASP E 269 -0.26 31.43 52.10
CA ASP E 269 -1.29 31.85 53.04
C ASP E 269 -1.81 30.67 53.84
N ALA E 270 -0.99 29.64 54.02
CA ALA E 270 -1.39 28.42 54.71
C ALA E 270 -0.55 28.24 55.98
N GLU E 271 -1.04 27.38 56.88
CA GLU E 271 -0.33 27.12 58.12
C GLU E 271 0.87 26.21 57.86
N PRO E 272 1.98 26.40 58.58
CA PRO E 272 3.13 25.51 58.42
C PRO E 272 2.77 24.06 58.75
N TYR E 273 3.19 23.14 57.87
CA TYR E 273 2.89 21.73 58.02
C TYR E 273 3.99 21.03 58.79
N TRP E 274 3.66 20.40 59.92
CA TRP E 274 4.65 19.61 60.65
C TRP E 274 3.92 18.61 61.53
N ARG E 275 4.10 17.31 61.26
CA ARG E 275 3.37 16.23 61.93
C ARG E 275 4.34 15.23 62.53
N ASP E 276 4.16 14.86 63.82
CA ASP E 276 5.05 13.91 64.48
C ASP E 276 4.64 12.44 64.29
N VAL E 277 3.34 12.15 64.21
CA VAL E 277 2.83 10.82 63.83
C VAL E 277 3.14 9.74 64.87
N GLY E 278 3.42 10.16 66.11
CA GLY E 278 3.53 9.18 67.18
C GLY E 278 2.26 8.39 67.41
N THR E 279 1.14 9.09 67.63
CA THR E 279 -0.12 8.43 67.91
C THR E 279 -0.63 7.76 66.64
N LEU E 280 -1.39 6.68 66.81
CA LEU E 280 -1.98 6.04 65.63
C LEU E 280 -2.87 7.01 64.88
N GLU E 281 -3.70 7.75 65.60
CA GLU E 281 -4.62 8.67 64.95
C GLU E 281 -3.88 9.66 64.07
N ALA E 282 -2.70 10.12 64.52
CA ALA E 282 -1.93 11.07 63.71
C ALA E 282 -1.47 10.42 62.42
N TYR E 283 -1.02 9.16 62.48
CA TYR E 283 -0.60 8.45 61.27
C TYR E 283 -1.76 8.31 60.29
N TRP E 284 -2.87 7.74 60.77
CA TRP E 284 -4.06 7.60 59.94
C TRP E 284 -4.47 8.92 59.31
N LYS E 285 -4.57 9.97 60.12
CA LYS E 285 -5.01 11.26 59.60
C LYS E 285 -4.05 11.78 58.54
N ALA E 286 -2.76 11.80 58.85
CA ALA E 286 -1.78 12.34 57.91
C ALA E 286 -1.82 11.58 56.59
N ASN E 287 -1.96 10.26 56.65
CA ASN E 287 -2.05 9.48 55.42
C ASN E 287 -3.30 9.84 54.62
N LEU E 288 -4.47 9.81 55.27
CA LEU E 288 -5.70 10.09 54.54
C LEU E 288 -5.75 11.51 53.99
N ASP E 289 -5.01 12.45 54.57
CA ASP E 289 -4.98 13.81 54.05
C ASP E 289 -4.62 13.82 52.57
N LEU E 290 -3.68 12.96 52.17
CA LEU E 290 -3.23 12.94 50.79
C LEU E 290 -4.30 12.45 49.83
N ALA E 291 -5.31 11.76 50.32
CA ALA E 291 -6.39 11.27 49.47
C ALA E 291 -7.49 12.29 49.26
N SER E 292 -7.55 13.34 50.09
CA SER E 292 -8.58 14.34 49.98
C SER E 292 -8.38 15.16 48.69
N VAL E 293 -9.39 15.96 48.36
CA VAL E 293 -9.34 16.71 47.10
C VAL E 293 -8.20 17.72 47.12
N VAL E 294 -8.04 18.42 48.23
CA VAL E 294 -6.95 19.40 48.38
C VAL E 294 -6.14 19.05 49.61
N PRO E 295 -5.10 18.22 49.49
CA PRO E 295 -4.31 17.85 50.66
C PRO E 295 -3.54 19.02 51.23
N GLU E 296 -3.41 19.04 52.55
CA GLU E 296 -2.60 20.07 53.19
C GLU E 296 -1.14 19.95 52.78
N LEU E 297 -0.67 18.72 52.53
CA LEU E 297 0.71 18.47 52.13
C LEU E 297 0.76 18.21 50.63
N ASP E 298 1.58 18.99 49.92
CA ASP E 298 1.66 18.92 48.46
C ASP E 298 2.74 17.93 48.07
N MET E 299 2.33 16.76 47.58
CA MET E 299 3.26 15.73 47.10
C MET E 299 3.43 15.79 45.59
N TYR E 300 2.99 16.87 44.95
CA TYR E 300 3.19 17.10 43.53
C TYR E 300 4.18 18.24 43.27
N ASP E 301 4.81 18.76 44.31
CA ASP E 301 5.65 19.95 44.18
C ASP E 301 6.96 19.58 43.49
N ARG E 302 7.12 20.02 42.24
CA ARG E 302 8.35 19.75 41.50
C ARG E 302 9.51 20.63 41.96
N ASN E 303 9.24 21.65 42.79
CA ASN E 303 10.29 22.53 43.28
C ASN E 303 10.90 22.05 44.59
N TRP E 304 10.24 21.16 45.32
CA TRP E 304 10.77 20.58 46.55
C TRP E 304 10.37 19.11 46.59
N PRO E 305 10.96 18.29 45.74
CA PRO E 305 10.55 16.89 45.65
C PRO E 305 11.07 16.06 46.82
N ILE E 306 10.42 14.92 47.02
CA ILE E 306 10.78 13.99 48.09
C ILE E 306 11.31 12.72 47.42
N ARG E 307 12.54 12.36 47.75
CA ARG E 307 13.19 11.16 47.25
C ARG E 307 12.85 9.97 48.13
N THR E 308 12.68 8.80 47.49
CA THR E 308 12.49 7.55 48.20
C THR E 308 12.88 6.40 47.28
N TYR E 309 12.74 5.18 47.78
CA TYR E 309 13.05 3.99 46.98
C TYR E 309 12.00 3.81 45.89
N ASN E 310 12.42 3.91 44.63
CA ASN E 310 11.53 3.80 43.48
C ASN E 310 11.47 2.34 43.05
N GLU E 311 10.61 1.56 43.72
CA GLU E 311 10.46 0.16 43.35
C GLU E 311 9.76 0.02 42.00
N SER E 312 10.19 -0.97 41.22
CA SER E 312 9.58 -1.23 39.93
C SER E 312 8.27 -1.97 40.19
N LEU E 313 7.15 -1.33 39.89
CA LEU E 313 5.84 -1.90 40.14
C LEU E 313 5.02 -1.84 38.86
N PRO E 314 4.13 -2.81 38.64
CA PRO E 314 3.22 -2.72 37.50
C PRO E 314 2.13 -1.69 37.80
N PRO E 315 1.49 -1.15 36.77
CA PRO E 315 0.45 -0.16 37.02
C PRO E 315 -0.66 -0.71 37.90
N ALA E 316 -1.30 0.19 38.64
CA ALA E 316 -2.45 -0.23 39.44
C ALA E 316 -3.48 -0.88 38.52
N LYS E 317 -3.85 -2.12 38.86
CA LYS E 317 -4.73 -2.92 38.00
C LYS E 317 -6.11 -3.04 38.64
N PHE E 318 -7.11 -2.51 37.94
CA PHE E 318 -8.52 -2.66 38.31
C PHE E 318 -9.16 -3.67 37.37
N VAL E 319 -9.84 -4.67 37.93
CA VAL E 319 -10.46 -5.72 37.17
C VAL E 319 -11.89 -5.87 37.66
N GLN E 320 -12.65 -6.71 36.96
CA GLN E 320 -14.03 -6.99 37.31
C GLN E 320 -14.07 -7.94 38.50
N ASP E 321 -15.15 -7.86 39.27
CA ASP E 321 -15.36 -8.78 40.37
C ASP E 321 -15.89 -10.12 39.84
N ARG E 322 -16.12 -11.06 40.77
CA ARG E 322 -16.61 -12.37 40.36
C ARG E 322 -17.94 -12.26 39.62
N SER E 323 -18.72 -11.21 39.89
CA SER E 323 -19.97 -10.96 39.19
C SER E 323 -19.79 -10.22 37.86
N GLY E 324 -18.57 -9.82 37.51
CA GLY E 324 -18.34 -9.08 36.30
C GLY E 324 -18.73 -7.62 36.38
N SER E 325 -18.98 -7.11 37.59
CA SER E 325 -19.39 -5.74 37.83
C SER E 325 -18.20 -4.81 37.98
N HIS E 326 -18.47 -3.52 37.84
CA HIS E 326 -17.45 -2.50 37.92
C HIS E 326 -17.07 -2.24 39.38
N GLY E 327 -15.95 -1.52 39.57
CA GLY E 327 -15.49 -1.07 40.87
C GLY E 327 -15.69 0.42 41.04
N MET E 328 -15.74 0.91 42.28
CA MET E 328 -15.96 2.31 42.54
C MET E 328 -14.86 2.88 43.44
N THR E 329 -14.51 4.14 43.18
CA THR E 329 -13.41 4.80 43.87
C THR E 329 -13.78 6.26 44.15
N LEU E 330 -13.54 6.70 45.38
CA LEU E 330 -13.84 8.07 45.78
C LEU E 330 -12.69 8.56 46.65
N ASN E 331 -12.02 9.61 46.21
CA ASN E 331 -10.99 10.28 46.99
C ASN E 331 -10.07 9.26 47.66
N SER E 332 -9.38 8.49 46.83
CA SER E 332 -8.52 7.43 47.33
C SER E 332 -7.26 7.35 46.48
N LEU E 333 -6.22 6.76 47.07
CA LEU E 333 -4.95 6.54 46.40
C LEU E 333 -4.72 5.04 46.23
N VAL E 334 -4.21 4.65 45.07
CA VAL E 334 -3.92 3.25 44.75
C VAL E 334 -2.51 3.19 44.19
N SER E 335 -1.58 2.65 44.98
CA SER E 335 -0.18 2.59 44.60
C SER E 335 0.05 1.47 43.59
N GLY E 336 1.26 1.44 43.04
CA GLY E 336 1.59 0.43 42.05
C GLY E 336 1.48 -0.97 42.60
N GLY E 337 1.26 -1.92 41.71
CA GLY E 337 1.16 -3.31 42.08
C GLY E 337 -0.15 -3.71 42.73
N CYS E 338 -0.99 -2.76 43.11
CA CYS E 338 -2.29 -3.10 43.67
C CYS E 338 -3.17 -3.76 42.60
N VAL E 339 -4.10 -4.59 43.07
CA VAL E 339 -5.09 -5.23 42.20
C VAL E 339 -6.43 -5.18 42.90
N ILE E 340 -7.41 -4.53 42.29
CA ILE E 340 -8.71 -4.31 42.91
C ILE E 340 -9.78 -4.90 42.01
N SER E 341 -10.50 -5.89 42.54
CA SER E 341 -11.62 -6.51 41.83
C SER E 341 -12.88 -5.79 42.27
N GLY E 342 -13.40 -4.92 41.41
CA GLY E 342 -14.60 -4.17 41.70
C GLY E 342 -14.52 -3.44 43.02
N SER E 343 -15.42 -3.77 43.95
CA SER E 343 -15.37 -3.23 45.30
C SER E 343 -15.54 -1.72 45.33
N VAL E 344 -15.59 -1.16 46.53
CA VAL E 344 -15.75 0.27 46.74
C VAL E 344 -14.61 0.74 47.64
N VAL E 345 -13.83 1.70 47.17
CA VAL E 345 -12.71 2.26 47.93
C VAL E 345 -12.96 3.75 48.11
N VAL E 346 -13.04 4.19 49.37
CA VAL E 346 -13.42 5.56 49.73
C VAL E 346 -12.42 6.10 50.73
N GLN E 347 -11.94 7.32 50.48
CA GLN E 347 -11.09 8.04 51.43
C GLN E 347 -10.01 7.13 52.00
N SER E 348 -9.34 6.40 51.12
CA SER E 348 -8.37 5.39 51.53
C SER E 348 -7.05 5.56 50.80
N VAL E 349 -6.01 5.00 51.41
CA VAL E 349 -4.66 4.97 50.86
C VAL E 349 -4.20 3.52 50.81
N LEU E 350 -3.89 3.05 49.61
CA LEU E 350 -3.42 1.68 49.41
C LEU E 350 -1.97 1.73 48.98
N PHE E 351 -1.08 1.23 49.82
CA PHE E 351 0.33 1.18 49.50
C PHE E 351 0.57 0.11 48.41
N SER E 352 1.84 -0.15 48.11
CA SER E 352 2.18 -0.99 46.97
C SER E 352 1.74 -2.44 47.17
N ARG E 353 1.19 -3.03 46.11
CA ARG E 353 0.94 -4.47 46.06
C ARG E 353 -0.15 -4.90 47.03
N VAL E 354 -1.18 -4.09 47.18
CA VAL E 354 -2.35 -4.47 47.98
C VAL E 354 -3.34 -5.22 47.09
N ARG E 355 -3.78 -6.38 47.55
CA ARG E 355 -4.76 -7.18 46.84
C ARG E 355 -6.11 -7.02 47.53
N VAL E 356 -7.11 -6.60 46.76
CA VAL E 356 -8.47 -6.42 47.28
C VAL E 356 -9.41 -7.26 46.43
N ASN E 357 -10.02 -8.27 47.04
CA ASN E 357 -10.87 -9.22 46.32
C ASN E 357 -12.28 -8.65 46.19
N SER E 358 -13.21 -9.48 45.72
CA SER E 358 -14.52 -9.00 45.28
C SER E 358 -15.39 -8.56 46.45
N PHE E 359 -16.30 -7.62 46.14
CA PHE E 359 -17.38 -7.23 47.04
C PHE E 359 -16.85 -6.65 48.36
N CYS E 360 -15.86 -5.79 48.27
CA CYS E 360 -15.26 -5.17 49.45
C CYS E 360 -15.69 -3.71 49.56
N ASN E 361 -15.82 -3.24 50.80
CA ASN E 361 -16.13 -1.84 51.08
C ASN E 361 -15.08 -1.31 52.04
N ILE E 362 -14.09 -0.58 51.50
CA ILE E 362 -13.00 0.01 52.26
C ILE E 362 -13.22 1.50 52.33
N ASP E 363 -13.15 2.06 53.54
CA ASP E 363 -13.56 3.44 53.81
C ASP E 363 -12.65 4.00 54.88
N SER E 364 -12.02 5.14 54.59
CA SER E 364 -11.17 5.81 55.56
C SER E 364 -10.16 4.85 56.17
N ALA E 365 -9.47 4.11 55.30
CA ALA E 365 -8.54 3.09 55.72
C ALA E 365 -7.18 3.33 55.06
N VAL E 366 -6.15 2.82 55.71
CA VAL E 366 -4.78 2.88 55.22
C VAL E 366 -4.25 1.45 55.21
N LEU E 367 -4.03 0.91 54.03
CA LEU E 367 -3.54 -0.46 53.87
C LEU E 367 -2.08 -0.40 53.42
N LEU E 368 -1.18 -0.85 54.28
CA LEU E 368 0.25 -0.81 53.99
C LEU E 368 0.59 -1.87 52.94
N PRO E 369 1.82 -1.87 52.42
CA PRO E 369 2.13 -2.73 51.29
C PRO E 369 1.80 -4.19 51.53
N GLU E 370 1.46 -4.88 50.45
CA GLU E 370 1.33 -6.33 50.40
C GLU E 370 0.16 -6.87 51.22
N VAL E 371 -0.77 -6.01 51.64
CA VAL E 371 -1.98 -6.48 52.32
C VAL E 371 -2.82 -7.29 51.34
N TRP E 372 -3.46 -8.34 51.85
CA TRP E 372 -4.36 -9.18 51.09
C TRP E 372 -5.73 -9.14 51.77
N VAL E 373 -6.71 -8.56 51.10
CA VAL E 373 -8.06 -8.43 51.64
C VAL E 373 -8.96 -9.49 51.02
N GLY E 374 -9.49 -10.38 51.85
CA GLY E 374 -10.39 -11.43 51.37
C GLY E 374 -11.70 -10.89 50.83
N ARG E 375 -12.48 -11.80 50.25
CA ARG E 375 -13.75 -11.42 49.64
C ARG E 375 -14.75 -10.95 50.69
N SER E 376 -15.55 -9.95 50.33
CA SER E 376 -16.71 -9.51 51.12
C SER E 376 -16.32 -8.88 52.45
N CYS E 377 -15.18 -8.19 52.52
CA CYS E 377 -14.78 -7.50 53.73
C CYS E 377 -15.30 -6.06 53.73
N ARG E 378 -15.45 -5.48 54.92
CA ARG E 378 -15.92 -4.10 55.09
C ARG E 378 -15.03 -3.45 56.13
N LEU E 379 -14.02 -2.68 55.71
CA LEU E 379 -13.07 -2.04 56.61
C LEU E 379 -13.34 -0.55 56.69
N ARG E 380 -13.48 -0.03 57.91
CA ARG E 380 -13.74 1.38 58.18
C ARG E 380 -12.74 1.90 59.21
N ARG E 381 -12.23 3.10 58.98
CA ARG E 381 -11.42 3.84 59.96
C ARG E 381 -10.39 2.95 60.65
N CYS E 382 -9.45 2.43 59.87
CA CYS E 382 -8.47 1.50 60.39
C CYS E 382 -7.15 1.63 59.63
N VAL E 383 -6.14 0.92 60.11
CA VAL E 383 -4.81 0.86 59.50
C VAL E 383 -4.37 -0.60 59.47
N ILE E 384 -4.26 -1.18 58.28
CA ILE E 384 -3.85 -2.56 58.13
C ILE E 384 -2.35 -2.58 57.86
N ASP E 385 -1.61 -3.30 58.71
CA ASP E 385 -0.16 -3.31 58.69
C ASP E 385 0.38 -4.20 57.57
N ARG E 386 1.70 -4.15 57.40
CA ARG E 386 2.38 -4.82 56.29
C ARG E 386 1.98 -6.28 56.19
N ALA E 387 1.67 -6.71 54.96
CA ALA E 387 1.53 -8.12 54.61
C ALA E 387 0.39 -8.83 55.34
N CYS E 388 -0.54 -8.09 55.94
CA CYS E 388 -1.69 -8.73 56.57
C CYS E 388 -2.50 -9.50 55.53
N VAL E 389 -3.06 -10.63 55.95
CA VAL E 389 -3.98 -11.42 55.15
C VAL E 389 -5.32 -11.35 55.87
N ILE E 390 -6.22 -10.54 55.35
CA ILE E 390 -7.53 -10.37 55.98
C ILE E 390 -8.38 -11.54 55.48
N PRO E 391 -8.92 -12.38 56.37
CA PRO E 391 -9.68 -13.54 55.89
C PRO E 391 -10.93 -13.08 55.18
N GLU E 392 -11.84 -14.00 54.88
CA GLU E 392 -12.95 -13.70 53.97
C GLU E 392 -14.16 -13.32 54.81
N GLY E 393 -14.66 -12.11 54.58
CA GLY E 393 -15.85 -11.61 55.25
C GLY E 393 -15.64 -10.93 56.58
N MET E 394 -14.41 -10.57 56.92
CA MET E 394 -14.13 -9.84 58.15
C MET E 394 -14.56 -8.38 58.07
N VAL E 395 -15.18 -7.87 59.14
CA VAL E 395 -15.70 -6.51 59.22
C VAL E 395 -14.97 -5.75 60.32
N ILE E 396 -14.59 -4.50 60.02
CA ILE E 396 -13.87 -3.63 60.96
C ILE E 396 -14.44 -2.22 60.89
N GLY E 397 -14.48 -1.54 62.04
CA GLY E 397 -14.88 -0.15 62.12
C GLY E 397 -16.35 0.10 62.38
N GLU E 398 -17.18 -0.94 62.47
CA GLU E 398 -18.63 -0.77 62.64
C GLU E 398 -19.08 -1.09 64.07
N ASN E 399 -18.89 -2.32 64.53
CA ASN E 399 -19.24 -2.66 65.89
C ASN E 399 -18.05 -2.23 66.74
N ALA E 400 -18.22 -1.10 67.44
CA ALA E 400 -17.10 -0.51 68.17
C ALA E 400 -16.53 -1.51 69.16
N GLU E 401 -17.40 -2.12 69.97
CA GLU E 401 -16.95 -3.08 70.97
C GLU E 401 -16.25 -4.26 70.30
N GLU E 402 -16.85 -4.82 69.24
CA GLU E 402 -16.26 -6.00 68.60
C GLU E 402 -14.84 -5.71 68.10
N ASP E 403 -14.67 -4.58 67.41
CA ASP E 403 -13.35 -4.20 66.91
C ASP E 403 -12.38 -4.01 68.07
N ALA E 404 -12.81 -3.34 69.15
CA ALA E 404 -11.93 -3.17 70.29
C ALA E 404 -11.49 -4.51 70.86
N ARG E 405 -12.40 -5.49 70.85
CA ARG E 405 -12.06 -6.83 71.31
C ARG E 405 -11.00 -7.48 70.41
N ARG E 406 -11.17 -7.35 69.09
CA ARG E 406 -10.29 -8.08 68.16
C ARG E 406 -8.85 -7.60 68.26
N PHE E 407 -8.61 -6.28 68.22
CA PHE E 407 -7.25 -5.73 68.19
C PHE E 407 -7.26 -4.29 68.73
N TYR E 408 -6.08 -3.65 68.72
CA TYR E 408 -5.94 -2.32 69.33
C TYR E 408 -6.87 -1.33 68.66
N ARG E 409 -7.60 -0.56 69.49
CA ARG E 409 -8.49 0.50 69.04
C ARG E 409 -8.22 1.74 69.86
N SER E 410 -7.93 2.85 69.18
CA SER E 410 -7.60 4.06 69.91
C SER E 410 -8.86 4.64 70.54
N GLU E 411 -8.65 5.49 71.54
CA GLU E 411 -9.78 6.10 72.24
C GLU E 411 -10.65 6.91 71.29
N GLU E 412 -10.04 7.51 70.27
CA GLU E 412 -10.78 8.30 69.30
C GLU E 412 -11.50 7.45 68.27
N GLY E 413 -11.25 6.14 68.23
CA GLY E 413 -11.99 5.23 67.38
C GLY E 413 -11.27 4.62 66.21
N ILE E 414 -9.93 4.68 66.16
CA ILE E 414 -9.15 4.10 65.06
C ILE E 414 -8.67 2.72 65.47
N VAL E 415 -8.72 1.78 64.53
CA VAL E 415 -8.35 0.39 64.77
C VAL E 415 -7.05 0.11 64.05
N LEU E 416 -6.19 -0.70 64.68
CA LEU E 416 -4.94 -1.14 64.08
C LEU E 416 -4.92 -2.68 64.04
N VAL E 417 -4.48 -3.22 62.90
CA VAL E 417 -4.50 -4.66 62.66
C VAL E 417 -3.08 -5.09 62.31
N THR E 418 -2.48 -5.90 63.18
CA THR E 418 -1.14 -6.45 63.01
C THR E 418 -1.19 -7.98 62.84
N ARG E 419 -0.16 -8.55 62.22
CA ARG E 419 -0.22 -9.99 61.89
C ARG E 419 -0.34 -10.86 63.15
N GLU E 420 0.38 -10.52 64.23
CA GLU E 420 0.18 -11.26 65.47
C GLU E 420 -1.28 -11.20 65.91
N MET E 421 -1.91 -10.03 65.80
CA MET E 421 -3.30 -9.90 66.20
C MET E 421 -4.16 -10.97 65.51
N LEU E 422 -4.00 -11.13 64.19
CA LEU E 422 -4.77 -12.16 63.49
C LEU E 422 -4.35 -13.57 63.94
N ARG E 423 -3.06 -13.80 64.17
CA ARG E 423 -2.65 -15.14 64.59
C ARG E 423 -3.32 -15.53 65.93
N LYS E 424 -3.36 -14.62 66.89
CA LYS E 424 -4.12 -14.92 68.11
C LYS E 424 -5.58 -15.16 67.76
N LEU E 425 -6.11 -14.42 66.77
CA LEU E 425 -7.46 -14.77 66.34
C LEU E 425 -7.51 -16.04 65.50
N GLY E 426 -6.37 -16.67 65.20
CA GLY E 426 -6.35 -17.95 64.51
C GLY E 426 -6.38 -17.91 63.00
N HIS E 427 -6.01 -16.80 62.36
CA HIS E 427 -6.00 -16.71 60.91
C HIS E 427 -4.57 -16.83 60.40
N LYS E 428 -4.32 -17.82 59.55
CA LYS E 428 -2.99 -18.13 59.04
C LYS E 428 -2.45 -17.02 58.16
N GLN E 429 -1.20 -16.61 58.43
CA GLN E 429 -0.48 -15.63 57.62
C GLN E 429 0.61 -16.32 56.80
N GLU E 430 1.62 -15.56 56.37
CA GLU E 430 2.86 -16.10 55.77
C GLU E 430 2.56 -17.01 54.58
N ARG E 431 1.55 -16.66 53.79
CA ARG E 431 1.15 -17.48 52.64
C ARG E 431 1.79 -16.99 51.35
N LEU F 10 27.88 -31.23 29.84
CA LEU F 10 29.17 -30.67 30.22
C LEU F 10 29.05 -29.23 30.69
N MET F 11 27.97 -28.93 31.42
CA MET F 11 27.75 -27.61 32.02
C MET F 11 27.90 -26.51 30.98
N LEU F 12 27.25 -26.72 29.83
CA LEU F 12 27.37 -25.77 28.72
C LEU F 12 26.49 -24.54 28.95
N ALA F 13 25.25 -24.77 29.40
CA ALA F 13 24.27 -23.68 29.48
C ALA F 13 24.82 -22.47 30.24
N ARG F 14 25.60 -22.71 31.30
CA ARG F 14 26.16 -21.60 32.07
C ARG F 14 27.19 -20.83 31.27
N GLN F 15 27.97 -21.53 30.42
CA GLN F 15 29.09 -20.88 29.75
C GLN F 15 28.66 -20.09 28.52
N LEU F 16 27.79 -20.65 27.70
CA LEU F 16 27.50 -20.05 26.39
C LEU F 16 27.07 -18.59 26.48
N PRO F 17 26.13 -18.20 27.35
CA PRO F 17 25.79 -16.77 27.42
C PRO F 17 26.99 -15.89 27.68
N LEU F 18 27.79 -16.24 28.69
CA LEU F 18 28.97 -15.44 29.02
C LEU F 18 29.90 -15.28 27.81
N LYS F 19 29.94 -16.27 26.93
CA LYS F 19 30.72 -16.17 25.70
C LYS F 19 29.95 -15.52 24.56
N SER F 20 28.78 -14.94 24.84
CA SER F 20 27.91 -14.40 23.80
C SER F 20 27.67 -12.91 24.00
N VAL F 21 27.33 -12.25 22.89
CA VAL F 21 26.96 -10.84 22.87
C VAL F 21 25.67 -10.70 22.08
N ALA F 22 24.75 -9.89 22.58
CA ALA F 22 23.46 -9.68 21.96
C ALA F 22 23.44 -8.32 21.27
N LEU F 23 22.91 -8.28 20.05
CA LEU F 23 22.77 -7.05 19.29
C LEU F 23 21.29 -6.80 19.05
N ILE F 24 20.80 -5.66 19.50
CA ILE F 24 19.40 -5.29 19.38
C ILE F 24 19.30 -4.21 18.31
N LEU F 25 18.77 -4.58 17.15
CA LEU F 25 18.62 -3.64 16.05
C LEU F 25 17.38 -2.78 16.27
N ALA F 26 17.55 -1.46 16.21
CA ALA F 26 16.49 -0.49 16.42
C ALA F 26 16.35 0.37 15.18
N GLY F 27 15.25 0.20 14.45
CA GLY F 27 15.02 0.94 13.23
C GLY F 27 14.22 2.21 13.47
N ASN F 38 6.43 8.96 14.31
CA ASN F 38 7.44 9.69 13.55
C ASN F 38 8.69 9.92 14.38
N LYS F 39 8.57 10.73 15.44
CA LYS F 39 9.72 11.12 16.26
C LYS F 39 10.27 9.91 17.02
N ARG F 40 9.50 9.39 17.98
CA ARG F 40 9.93 8.21 18.73
C ARG F 40 10.00 7.00 17.79
N ALA F 41 11.08 6.23 17.93
CA ALA F 41 11.27 5.04 17.09
C ALA F 41 10.51 3.86 17.66
N LYS F 42 10.19 2.90 16.78
CA LYS F 42 9.37 1.77 17.19
C LYS F 42 9.88 1.10 18.47
N PRO F 43 11.17 0.74 18.59
CA PRO F 43 11.62 0.15 19.86
C PRO F 43 11.39 1.04 21.06
N ALA F 44 11.26 2.36 20.87
CA ALA F 44 11.05 3.29 21.96
C ALA F 44 9.59 3.68 22.12
N VAL F 45 8.66 2.81 21.75
CA VAL F 45 7.24 3.08 21.88
C VAL F 45 6.79 2.65 23.27
N HIS F 46 6.12 3.56 23.98
CA HIS F 46 5.57 3.22 25.29
C HIS F 46 4.69 1.99 25.18
N PHE F 47 4.65 1.19 26.24
CA PHE F 47 3.85 -0.02 26.21
C PHE F 47 3.50 -0.44 27.62
N GLY F 48 2.27 -0.91 27.80
CA GLY F 48 1.87 -1.52 29.07
C GLY F 48 1.95 -0.60 30.26
N GLY F 49 1.82 0.71 30.04
CA GLY F 49 1.80 1.69 31.11
C GLY F 49 3.14 2.22 31.57
N LYS F 50 4.16 1.36 31.64
CA LYS F 50 5.46 1.77 32.18
C LYS F 50 6.66 1.37 31.31
N PHE F 51 6.48 0.53 30.30
CA PHE F 51 7.60 -0.01 29.56
C PHE F 51 7.76 0.69 28.22
N ARG F 52 8.89 0.41 27.57
CA ARG F 52 9.10 0.68 26.16
C ARG F 52 9.48 -0.63 25.50
N ILE F 53 9.10 -0.80 24.24
CA ILE F 53 9.17 -2.10 23.59
C ILE F 53 10.54 -2.74 23.76
N ILE F 54 11.59 -1.96 23.51
CA ILE F 54 12.94 -2.53 23.55
C ILE F 54 13.21 -3.22 24.87
N ASP F 55 12.64 -2.71 25.96
CA ASP F 55 12.84 -3.29 27.28
C ASP F 55 12.73 -4.81 27.24
N PHE F 56 11.79 -5.33 26.46
CA PHE F 56 11.63 -6.78 26.40
C PHE F 56 12.93 -7.45 25.93
N ALA F 57 13.38 -7.13 24.71
CA ALA F 57 14.59 -7.73 24.18
C ALA F 57 15.72 -7.70 25.20
N LEU F 58 16.11 -6.48 25.61
CA LEU F 58 17.16 -6.33 26.61
C LEU F 58 16.88 -7.22 27.82
N SER F 59 15.67 -7.14 28.38
CA SER F 59 15.35 -7.94 29.55
C SER F 59 15.63 -9.41 29.28
N ASN F 60 15.16 -9.92 28.13
CA ASN F 60 15.45 -11.31 27.80
C ASN F 60 16.94 -11.60 27.91
N CYS F 61 17.77 -10.79 27.25
CA CYS F 61 19.22 -10.98 27.35
C CYS F 61 19.65 -11.12 28.80
N ILE F 62 19.23 -10.18 29.65
CA ILE F 62 19.61 -10.23 31.06
C ILE F 62 19.18 -11.57 31.67
N ASN F 63 17.93 -11.95 31.45
CA ASN F 63 17.43 -13.18 32.04
C ASN F 63 18.05 -14.41 31.41
N SER F 64 18.59 -14.30 30.21
CA SER F 64 19.23 -15.45 29.57
C SER F 64 20.69 -15.59 29.96
N GLY F 65 21.25 -14.63 30.68
CA GLY F 65 22.65 -14.65 31.04
C GLY F 65 23.55 -13.85 30.12
N ILE F 66 23.00 -13.22 29.10
CA ILE F 66 23.77 -12.38 28.19
C ILE F 66 23.68 -10.96 28.74
N ARG F 67 24.75 -10.50 29.41
CA ARG F 67 24.79 -9.17 30.00
C ARG F 67 25.59 -8.19 29.16
N ARG F 68 25.97 -8.58 27.95
CA ARG F 68 26.68 -7.71 27.01
C ARG F 68 25.76 -7.48 25.82
N MET F 69 25.26 -6.25 25.69
CA MET F 69 24.31 -5.91 24.65
C MET F 69 24.82 -4.72 23.83
N GLY F 70 24.45 -4.70 22.56
CA GLY F 70 24.75 -3.59 21.68
C GLY F 70 23.53 -3.11 20.94
N VAL F 71 22.98 -1.95 21.32
CA VAL F 71 21.77 -1.41 20.71
C VAL F 71 22.16 -0.59 19.49
N ILE F 72 21.80 -1.06 18.31
CA ILE F 72 22.13 -0.41 17.04
C ILE F 72 20.96 0.45 16.63
N THR F 73 21.13 1.77 16.67
CA THR F 73 20.04 2.71 16.38
C THR F 73 20.25 3.27 14.97
N GLN F 74 19.47 2.76 14.01
CA GLN F 74 19.49 3.30 12.66
C GLN F 74 19.20 4.81 12.67
N TYR F 75 18.12 5.19 13.33
CA TYR F 75 17.79 6.59 13.58
C TYR F 75 18.07 6.89 15.05
N GLN F 76 19.04 7.78 15.30
CA GLN F 76 19.45 8.17 16.66
C GLN F 76 18.31 8.93 17.32
N SER F 77 17.38 8.17 17.90
CA SER F 77 16.22 8.76 18.56
C SER F 77 16.64 9.24 19.94
N HIS F 78 16.46 10.54 20.20
CA HIS F 78 16.75 11.08 21.52
C HIS F 78 15.97 10.35 22.61
N THR F 79 14.76 9.87 22.31
CA THR F 79 13.96 9.18 23.32
C THR F 79 14.50 7.78 23.59
N LEU F 80 15.01 7.10 22.56
CA LEU F 80 15.57 5.77 22.79
C LEU F 80 16.90 5.86 23.53
N VAL F 81 17.81 6.71 23.06
CA VAL F 81 19.06 6.92 23.75
C VAL F 81 18.81 7.35 25.19
N GLN F 82 17.88 8.30 25.35
CA GLN F 82 17.56 8.78 26.69
C GLN F 82 17.02 7.65 27.56
N HIS F 83 16.14 6.81 27.02
CA HIS F 83 15.59 5.71 27.81
C HIS F 83 16.68 4.73 28.22
N ILE F 84 17.53 4.31 27.27
CA ILE F 84 18.63 3.45 27.62
C ILE F 84 19.53 4.11 28.67
N GLN F 85 19.60 5.44 28.64
CA GLN F 85 20.49 6.17 29.56
C GLN F 85 19.90 6.22 30.96
N ARG F 86 18.58 6.36 31.07
CA ARG F 86 17.96 6.47 32.38
C ARG F 86 17.70 5.10 33.00
N GLY F 87 17.51 4.08 32.17
CA GLY F 87 17.09 2.77 32.66
C GLY F 87 18.00 1.59 32.36
N TRP F 88 18.94 1.72 31.43
CA TRP F 88 19.78 0.59 31.04
C TRP F 88 21.26 0.97 31.03
N SER F 89 21.64 1.94 31.86
CA SER F 89 23.05 2.26 32.03
C SER F 89 23.41 2.08 33.49
N PHE F 90 23.23 0.86 34.00
CA PHE F 90 23.46 0.54 35.40
C PHE F 90 24.51 -0.54 35.55
N PHE F 91 25.26 -0.80 34.49
CA PHE F 91 26.16 -1.93 34.44
C PHE F 91 27.56 -1.53 34.90
N ASN F 92 28.27 -2.48 35.49
CA ASN F 92 29.66 -2.30 35.90
C ASN F 92 30.55 -3.00 34.87
N GLU F 93 31.12 -2.20 33.96
CA GLU F 93 31.84 -2.72 32.80
C GLU F 93 32.95 -3.70 33.20
N GLU F 94 33.50 -3.55 34.40
CA GLU F 94 34.61 -4.42 34.80
C GLU F 94 34.17 -5.86 35.01
N MET F 95 32.87 -6.13 35.12
CA MET F 95 32.37 -7.49 35.29
C MET F 95 31.91 -8.10 33.96
N ASN F 96 32.30 -7.52 32.82
CA ASN F 96 31.91 -8.00 31.50
C ASN F 96 30.40 -7.88 31.30
N GLU F 97 29.90 -6.66 31.47
CA GLU F 97 28.48 -6.38 31.28
C GLU F 97 28.36 -4.92 30.87
N PHE F 98 27.55 -4.65 29.84
CA PHE F 98 27.42 -3.30 29.32
C PHE F 98 26.27 -3.27 28.32
N VAL F 99 25.85 -2.06 27.98
CA VAL F 99 24.85 -1.81 26.93
C VAL F 99 25.42 -0.71 26.05
N ASP F 100 26.08 -1.10 24.97
CA ASP F 100 26.70 -0.13 24.07
C ASP F 100 25.64 0.51 23.19
N LEU F 101 25.75 1.82 23.00
CA LEU F 101 24.89 2.55 22.08
C LEU F 101 25.66 2.69 20.78
N LEU F 102 25.31 1.86 19.80
CA LEU F 102 25.98 1.85 18.50
C LEU F 102 25.14 2.62 17.50
N PRO F 103 25.64 3.69 16.89
CA PRO F 103 24.85 4.39 15.88
C PRO F 103 25.04 3.79 14.50
N ALA F 104 24.02 3.95 13.67
CA ALA F 104 24.08 3.60 12.25
C ALA F 104 23.74 4.84 11.43
N GLN F 105 24.35 4.95 10.25
CA GLN F 105 24.29 6.18 9.46
C GLN F 105 23.33 6.10 8.27
N GLN F 106 22.39 5.14 8.27
CA GLN F 106 21.42 5.02 7.19
C GLN F 106 22.09 4.96 5.81
N ASN F 112 17.11 1.34 -1.26
CA ASN F 112 16.46 0.17 -1.85
C ASN F 112 15.13 -0.15 -1.16
N TRP F 113 14.48 -1.23 -1.61
CA TRP F 113 13.14 -1.56 -1.13
C TRP F 113 13.17 -2.10 0.29
N TYR F 114 14.11 -3.00 0.59
CA TYR F 114 14.22 -3.67 1.87
C TYR F 114 15.20 -2.84 2.72
N ARG F 115 14.85 -2.62 3.97
CA ARG F 115 15.73 -1.86 4.83
C ARG F 115 17.04 -2.63 5.04
N GLY F 116 18.16 -1.93 5.03
CA GLY F 116 19.41 -2.64 5.08
C GLY F 116 19.70 -3.17 6.48
N THR F 117 19.13 -4.32 6.86
CA THR F 117 19.30 -4.76 8.23
C THR F 117 20.74 -5.02 8.61
N ALA F 118 21.49 -5.73 7.73
CA ALA F 118 22.87 -6.08 8.03
C ALA F 118 23.76 -4.84 7.98
N ASP F 119 23.51 -3.92 7.07
CA ASP F 119 24.40 -2.77 6.89
C ASP F 119 24.67 -2.08 8.24
N ALA F 120 23.64 -1.94 9.07
CA ALA F 120 23.81 -1.31 10.37
C ALA F 120 24.83 -2.07 11.23
N VAL F 121 24.80 -3.39 11.19
CA VAL F 121 25.81 -4.17 11.92
C VAL F 121 27.18 -4.00 11.27
N THR F 122 27.22 -3.99 9.94
CA THR F 122 28.48 -3.85 9.22
C THR F 122 29.20 -2.57 9.60
N GLN F 123 28.45 -1.47 9.77
CA GLN F 123 29.08 -0.19 10.09
C GLN F 123 29.85 -0.26 11.40
N ASN F 124 29.26 -0.89 12.42
CA ASN F 124 29.89 -1.00 13.73
C ASN F 124 30.69 -2.28 13.89
N LEU F 125 31.16 -2.87 12.78
CA LEU F 125 31.80 -4.18 12.86
C LEU F 125 33.10 -4.12 13.67
N ASP F 126 33.84 -3.02 13.60
CA ASP F 126 35.07 -2.90 14.40
C ASP F 126 34.77 -2.98 15.90
N ILE F 127 33.85 -2.14 16.38
CA ILE F 127 33.51 -2.13 17.81
C ILE F 127 33.06 -3.52 18.26
N ILE F 128 32.23 -4.16 17.44
CA ILE F 128 31.72 -5.46 17.79
C ILE F 128 32.85 -6.48 17.87
N ARG F 129 33.79 -6.43 16.91
CA ARG F 129 34.95 -7.30 16.98
C ARG F 129 35.70 -7.10 18.30
N ALA F 130 35.78 -5.84 18.77
CA ALA F 130 36.46 -5.58 20.04
C ALA F 130 35.81 -6.34 21.17
N TYR F 131 34.50 -6.62 21.08
CA TYR F 131 33.90 -7.44 22.13
C TYR F 131 34.60 -8.77 22.33
N LYS F 132 35.16 -9.36 21.27
CA LYS F 132 35.79 -10.69 21.32
C LYS F 132 34.79 -11.73 21.83
N ALA F 133 33.64 -11.80 21.17
CA ALA F 133 32.60 -12.75 21.54
C ALA F 133 32.73 -14.02 20.72
N GLU F 134 32.40 -15.16 21.35
CA GLU F 134 32.37 -16.41 20.60
C GLU F 134 31.09 -16.55 19.79
N TYR F 135 29.97 -16.10 20.33
CA TYR F 135 28.68 -16.17 19.65
C TYR F 135 27.99 -14.81 19.69
N VAL F 136 27.27 -14.50 18.62
CA VAL F 136 26.55 -13.24 18.50
C VAL F 136 25.06 -13.56 18.41
N VAL F 137 24.25 -12.84 19.17
CA VAL F 137 22.81 -13.01 19.16
C VAL F 137 22.21 -11.77 18.50
N ILE F 138 21.59 -11.96 17.33
CA ILE F 138 20.92 -10.87 16.62
C ILE F 138 19.46 -10.87 17.02
N LEU F 139 18.96 -9.73 17.47
CA LEU F 139 17.59 -9.58 17.93
C LEU F 139 16.95 -8.40 17.24
N ALA F 140 15.62 -8.41 17.20
CA ALA F 140 14.82 -7.28 16.75
C ALA F 140 14.21 -6.62 17.97
N GLY F 141 14.53 -5.35 18.19
CA GLY F 141 14.10 -4.66 19.39
C GLY F 141 12.73 -4.03 19.28
N ASP F 142 11.95 -4.46 18.30
CA ASP F 142 10.63 -3.89 18.06
C ASP F 142 9.53 -4.95 18.15
N HIS F 143 9.76 -6.02 18.91
CA HIS F 143 8.79 -7.08 19.12
C HIS F 143 8.59 -7.30 20.62
N ILE F 144 7.44 -7.84 20.97
CA ILE F 144 7.09 -8.09 22.37
C ILE F 144 7.03 -9.60 22.57
N TYR F 145 7.94 -10.14 23.36
CA TYR F 145 7.99 -11.57 23.59
C TYR F 145 8.93 -11.83 24.77
N LYS F 146 8.84 -13.05 25.32
CA LYS F 146 9.73 -13.52 26.37
C LYS F 146 10.41 -14.80 25.90
N GLN F 147 11.74 -14.78 25.83
CA GLN F 147 12.49 -15.93 25.34
C GLN F 147 13.79 -16.08 26.13
N ASP F 148 14.12 -17.32 26.47
CA ASP F 148 15.39 -17.63 27.14
C ASP F 148 16.41 -17.95 26.07
N TYR F 149 17.22 -16.95 25.72
CA TYR F 149 18.18 -17.13 24.64
C TYR F 149 19.21 -18.20 24.95
N SER F 150 19.40 -18.55 26.22
CA SER F 150 20.35 -19.60 26.57
C SER F 150 19.90 -20.93 25.99
N ARG F 151 18.58 -21.21 25.99
CA ARG F 151 18.08 -22.42 25.37
C ARG F 151 18.40 -22.46 23.88
N MET F 152 18.25 -21.32 23.20
CA MET F 152 18.60 -21.24 21.78
C MET F 152 20.11 -21.38 21.56
N LEU F 153 20.91 -20.96 22.53
CA LEU F 153 22.35 -21.14 22.41
C LEU F 153 22.73 -22.62 22.56
N ILE F 154 22.17 -23.29 23.57
CA ILE F 154 22.37 -24.74 23.71
C ILE F 154 21.97 -25.45 22.42
N ASP F 155 20.74 -25.22 21.96
CA ASP F 155 20.31 -25.85 20.71
C ASP F 155 21.23 -25.49 19.56
N HIS F 156 21.69 -24.24 19.51
CA HIS F 156 22.61 -23.84 18.46
C HIS F 156 23.83 -24.72 18.45
N VAL F 157 24.48 -24.85 19.61
CA VAL F 157 25.71 -25.65 19.67
C VAL F 157 25.41 -27.11 19.35
N GLU F 158 24.36 -27.65 19.98
CA GLU F 158 24.01 -29.07 19.80
C GLU F 158 23.85 -29.40 18.33
N LYS F 159 23.11 -28.56 17.58
CA LYS F 159 22.97 -28.80 16.15
C LYS F 159 24.26 -28.56 15.39
N GLY F 160 25.23 -27.90 16.00
CA GLY F 160 26.48 -27.65 15.31
C GLY F 160 26.34 -26.73 14.14
N ALA F 161 25.33 -25.88 14.14
CA ALA F 161 25.09 -24.97 13.03
C ALA F 161 26.02 -23.78 13.14
N ARG F 162 26.31 -23.19 11.99
CA ARG F 162 26.95 -21.89 11.95
C ARG F 162 25.93 -20.76 12.16
N CYS F 163 24.65 -21.03 11.90
CA CYS F 163 23.61 -20.03 12.11
C CYS F 163 22.32 -20.74 12.51
N THR F 164 21.67 -20.25 13.57
CA THR F 164 20.37 -20.77 14.00
C THR F 164 19.34 -19.65 13.93
N VAL F 165 18.17 -19.97 13.39
CA VAL F 165 17.10 -18.99 13.21
C VAL F 165 15.89 -19.45 14.01
N ALA F 166 15.36 -18.57 14.87
CA ALA F 166 14.15 -18.88 15.62
C ALA F 166 12.95 -18.86 14.70
N CYS F 167 12.12 -19.91 14.76
CA CYS F 167 11.02 -20.09 13.84
C CYS F 167 9.73 -20.36 14.60
N MET F 168 8.62 -19.86 14.05
CA MET F 168 7.31 -20.05 14.65
C MET F 168 6.25 -20.17 13.56
N PRO F 169 5.30 -21.10 13.68
CA PRO F 169 4.16 -21.11 12.76
C PRO F 169 3.34 -19.84 12.87
N VAL F 170 2.98 -19.27 11.73
CA VAL F 170 2.17 -18.06 11.69
C VAL F 170 1.03 -18.27 10.72
N PRO F 171 -0.07 -17.52 10.86
CA PRO F 171 -1.16 -17.65 9.89
C PRO F 171 -0.65 -17.40 8.49
N ILE F 172 -1.04 -18.28 7.55
CA ILE F 172 -0.51 -18.20 6.20
C ILE F 172 -0.87 -16.87 5.54
N GLU F 173 -2.08 -16.37 5.81
CA GLU F 173 -2.46 -15.10 5.22
C GLU F 173 -1.45 -14.01 5.53
N GLU F 174 -0.96 -13.99 6.77
CA GLU F 174 0.03 -13.00 7.18
C GLU F 174 1.46 -13.39 6.79
N ALA F 175 1.69 -14.66 6.46
CA ALA F 175 3.05 -15.14 6.27
C ALA F 175 3.82 -14.40 5.18
N SER F 176 3.13 -13.74 4.27
CA SER F 176 3.83 -13.01 3.22
C SER F 176 4.72 -11.93 3.81
N ALA F 177 4.36 -11.39 4.98
CA ALA F 177 5.18 -10.37 5.61
C ALA F 177 6.47 -10.94 6.22
N PHE F 178 6.49 -12.23 6.53
CA PHE F 178 7.61 -12.85 7.21
C PHE F 178 8.57 -13.52 6.22
N GLY F 179 9.74 -13.90 6.73
CA GLY F 179 10.64 -14.78 6.01
C GLY F 179 10.28 -16.22 6.31
N VAL F 180 10.05 -17.00 5.25
CA VAL F 180 9.54 -18.35 5.37
C VAL F 180 10.65 -19.35 5.08
N MET F 181 10.60 -20.49 5.76
CA MET F 181 11.66 -21.49 5.70
C MET F 181 11.04 -22.89 5.63
N ALA F 182 11.83 -23.82 5.11
CA ALA F 182 11.50 -25.24 5.06
C ALA F 182 12.69 -26.02 5.59
N VAL F 183 12.44 -26.92 6.54
CA VAL F 183 13.47 -27.61 7.29
C VAL F 183 13.34 -29.12 7.06
N ASP F 184 14.37 -29.86 7.46
CA ASP F 184 14.38 -31.31 7.36
C ASP F 184 14.05 -31.93 8.73
N GLU F 185 14.32 -33.23 8.87
CA GLU F 185 14.05 -33.94 10.13
C GLU F 185 14.97 -33.46 11.25
N ASN F 186 16.17 -32.97 10.91
CA ASN F 186 17.14 -32.51 11.88
C ASN F 186 17.09 -30.99 12.09
N ASP F 187 15.96 -30.36 11.76
CA ASP F 187 15.78 -28.92 11.93
C ASP F 187 16.83 -28.12 11.17
N LYS F 188 17.43 -28.69 10.12
CA LYS F 188 18.34 -27.95 9.26
C LYS F 188 17.54 -27.26 8.17
N ILE F 189 17.79 -25.98 7.95
CA ILE F 189 17.02 -25.21 6.99
C ILE F 189 17.33 -25.70 5.58
N ILE F 190 16.30 -26.18 4.88
CA ILE F 190 16.43 -26.63 3.49
C ILE F 190 16.19 -25.48 2.50
N GLU F 191 15.15 -24.66 2.72
CA GLU F 191 14.82 -23.57 1.81
C GLU F 191 14.44 -22.32 2.59
N PHE F 192 14.89 -21.14 2.12
CA PHE F 192 14.48 -19.89 2.75
C PHE F 192 14.09 -18.87 1.68
N VAL F 193 13.04 -18.10 1.97
CA VAL F 193 12.61 -17.02 1.07
C VAL F 193 12.06 -15.87 1.91
N GLU F 194 12.47 -14.65 1.60
CA GLU F 194 12.05 -13.48 2.37
C GLU F 194 10.77 -12.91 1.77
N LYS F 195 9.72 -12.86 2.56
CA LYS F 195 8.48 -12.19 2.19
C LYS F 195 7.93 -12.69 0.85
N PRO F 196 7.67 -14.00 0.70
CA PRO F 196 7.12 -14.51 -0.54
C PRO F 196 5.69 -14.05 -0.74
N ALA F 197 5.37 -13.73 -2.00
CA ALA F 197 4.01 -13.33 -2.35
C ALA F 197 3.05 -14.52 -2.32
N ASN F 198 3.54 -15.71 -2.64
CA ASN F 198 2.76 -16.95 -2.64
C ASN F 198 3.38 -17.85 -1.57
N PRO F 199 3.04 -17.65 -0.29
CA PRO F 199 3.80 -18.30 0.79
C PRO F 199 3.60 -19.81 0.79
N PRO F 200 4.70 -20.56 0.86
CA PRO F 200 4.59 -22.01 1.06
C PRO F 200 4.02 -22.39 2.43
N SER F 201 3.15 -23.40 2.44
CA SER F 201 2.56 -23.96 3.65
C SER F 201 3.45 -25.04 4.27
N MET F 202 3.21 -25.30 5.58
CA MET F 202 3.90 -26.35 6.32
C MET F 202 3.29 -27.72 5.97
N PRO F 203 4.10 -28.77 5.96
CA PRO F 203 3.54 -30.09 5.60
C PRO F 203 2.39 -30.53 6.48
N ASN F 204 2.51 -30.43 7.81
CA ASN F 204 1.43 -30.87 8.68
C ASN F 204 0.15 -30.05 8.44
N ASP F 205 0.26 -28.72 8.57
CA ASP F 205 -0.92 -27.84 8.54
C ASP F 205 -0.70 -26.71 7.53
N PRO F 206 -1.35 -26.76 6.36
CA PRO F 206 -1.23 -25.67 5.38
C PRO F 206 -2.05 -24.42 5.65
N SER F 207 -2.62 -24.21 6.84
CA SER F 207 -3.17 -22.90 7.17
C SER F 207 -2.16 -22.03 7.90
N LYS F 208 -0.93 -22.53 8.04
CA LYS F 208 0.14 -21.84 8.72
C LYS F 208 1.41 -22.02 7.90
N SER F 209 2.30 -21.03 7.98
CA SER F 209 3.62 -21.14 7.40
C SER F 209 4.66 -21.09 8.52
N LEU F 210 5.87 -21.54 8.21
CA LEU F 210 6.95 -21.58 9.18
C LEU F 210 7.75 -20.30 8.98
N ALA F 211 7.58 -19.36 9.90
CA ALA F 211 8.13 -18.02 9.71
C ALA F 211 9.36 -17.83 10.58
N SER F 212 10.28 -17.02 10.07
CA SER F 212 11.45 -16.63 10.84
C SER F 212 11.09 -15.43 11.71
N MET F 213 11.60 -15.43 12.94
CA MET F 213 11.27 -14.42 13.93
C MET F 213 12.28 -13.29 13.97
N GLY F 214 13.18 -13.22 12.98
CA GLY F 214 14.23 -12.22 12.99
C GLY F 214 15.15 -12.33 14.19
N ILE F 215 15.28 -13.53 14.76
CA ILE F 215 16.13 -13.79 15.92
C ILE F 215 17.15 -14.83 15.50
N TYR F 216 18.41 -14.45 15.48
CA TYR F 216 19.47 -15.30 14.96
C TYR F 216 20.54 -15.53 16.02
N VAL F 217 21.18 -16.68 15.94
CA VAL F 217 22.40 -16.98 16.69
C VAL F 217 23.48 -17.32 15.68
N PHE F 218 24.63 -16.65 15.80
CA PHE F 218 25.73 -16.79 14.87
C PHE F 218 27.02 -17.16 15.59
N ASP F 219 27.83 -17.99 14.95
CA ASP F 219 29.24 -18.05 15.31
C ASP F 219 29.88 -16.72 14.96
N ALA F 220 30.52 -16.08 15.93
CA ALA F 220 31.04 -14.74 15.75
C ALA F 220 31.91 -14.64 14.49
N ASP F 221 32.93 -15.50 14.41
CA ASP F 221 33.86 -15.46 13.27
C ASP F 221 33.10 -15.56 11.95
N TYR F 222 32.20 -16.54 11.85
CA TYR F 222 31.43 -16.70 10.62
C TYR F 222 30.65 -15.44 10.28
N LEU F 223 29.98 -14.85 11.27
CA LEU F 223 29.23 -13.62 11.01
C LEU F 223 30.15 -12.53 10.48
N TYR F 224 31.30 -12.31 11.13
CA TYR F 224 32.23 -11.30 10.66
C TYR F 224 32.59 -11.54 9.19
N GLU F 225 33.04 -12.77 8.86
CA GLU F 225 33.39 -13.09 7.48
C GLU F 225 32.21 -12.81 6.54
N LEU F 226 31.00 -13.21 6.94
CA LEU F 226 29.83 -13.06 6.09
C LEU F 226 29.51 -11.58 5.83
N LEU F 227 29.63 -10.74 6.86
CA LEU F 227 29.38 -9.32 6.66
C LEU F 227 30.43 -8.69 5.77
N GLU F 228 31.70 -9.05 5.96
CA GLU F 228 32.74 -8.56 5.06
C GLU F 228 32.41 -8.92 3.62
N GLU F 229 32.07 -10.20 3.38
CA GLU F 229 31.74 -10.63 2.02
C GLU F 229 30.53 -9.87 1.49
N ASP F 230 29.54 -9.60 2.34
CA ASP F 230 28.31 -8.96 1.88
C ASP F 230 28.52 -7.50 1.52
N ASP F 231 29.31 -6.77 2.30
CA ASP F 231 29.49 -5.34 2.04
C ASP F 231 30.10 -5.11 0.66
N ARG F 232 30.93 -6.03 0.17
CA ARG F 232 31.56 -5.86 -1.14
C ARG F 232 30.55 -6.06 -2.28
N ASP F 233 29.63 -7.01 -2.14
CA ASP F 233 28.68 -7.29 -3.22
C ASP F 233 27.65 -6.17 -3.36
N GLU F 234 27.52 -5.62 -4.57
CA GLU F 234 26.51 -4.58 -4.83
C GLU F 234 25.11 -5.18 -4.94
N ASN F 235 24.99 -6.41 -5.46
CA ASN F 235 23.67 -7.00 -5.66
C ASN F 235 22.93 -7.19 -4.33
N SER F 236 23.64 -7.58 -3.28
CA SER F 236 22.98 -7.83 -2.00
C SER F 236 22.40 -6.53 -1.44
N SER F 237 21.24 -6.65 -0.79
CA SER F 237 20.55 -5.53 -0.18
C SER F 237 21.01 -5.28 1.26
N HIS F 238 21.94 -6.08 1.77
CA HIS F 238 22.49 -5.86 3.10
C HIS F 238 21.39 -6.03 4.14
N ASP F 239 20.56 -7.04 3.92
CA ASP F 239 19.46 -7.40 4.79
C ASP F 239 19.71 -8.84 5.22
N PHE F 240 19.50 -9.12 6.50
CA PHE F 240 19.70 -10.46 7.00
C PHE F 240 18.83 -11.45 6.25
N GLY F 241 17.52 -11.15 6.15
CA GLY F 241 16.58 -12.12 5.62
C GLY F 241 16.71 -12.41 4.13
N LYS F 242 16.74 -11.37 3.29
CA LYS F 242 16.66 -11.63 1.86
C LYS F 242 17.92 -12.29 1.31
N ASP F 243 19.09 -11.93 1.81
CA ASP F 243 20.34 -12.38 1.18
C ASP F 243 21.19 -13.24 2.09
N LEU F 244 21.38 -12.83 3.34
CA LEU F 244 22.29 -13.56 4.21
C LEU F 244 21.77 -14.96 4.51
N ILE F 245 20.51 -15.07 4.94
CA ILE F 245 19.96 -16.38 5.25
C ILE F 245 20.00 -17.30 4.04
N PRO F 246 19.53 -16.90 2.85
CA PRO F 246 19.70 -17.78 1.68
C PRO F 246 21.14 -18.19 1.43
N LYS F 247 22.09 -17.27 1.54
CA LYS F 247 23.49 -17.63 1.33
C LYS F 247 23.93 -18.72 2.29
N ILE F 248 23.57 -18.58 3.58
CA ILE F 248 23.94 -19.58 4.57
C ILE F 248 23.24 -20.91 4.29
N THR F 249 21.95 -20.86 3.98
CA THR F 249 21.21 -22.09 3.68
C THR F 249 21.82 -22.83 2.51
N GLU F 250 22.14 -22.11 1.43
CA GLU F 250 22.73 -22.74 0.26
C GLU F 250 24.02 -23.46 0.62
N ALA F 251 24.72 -22.98 1.65
CA ALA F 251 25.88 -23.66 2.19
C ALA F 251 25.52 -24.81 3.11
N GLY F 252 24.23 -24.97 3.44
CA GLY F 252 23.82 -26.04 4.32
C GLY F 252 24.21 -25.84 5.76
N LEU F 253 24.45 -24.60 6.17
CA LEU F 253 24.92 -24.28 7.51
C LEU F 253 23.85 -23.59 8.36
N ALA F 254 22.61 -23.53 7.90
CA ALA F 254 21.55 -22.80 8.58
C ALA F 254 20.58 -23.80 9.20
N TYR F 255 20.52 -23.83 10.52
CA TYR F 255 19.56 -24.64 11.26
C TYR F 255 18.48 -23.76 11.89
N ALA F 256 17.35 -24.39 12.20
CA ALA F 256 16.18 -23.73 12.75
C ALA F 256 16.02 -24.08 14.22
N HIS F 257 15.34 -23.20 14.94
CA HIS F 257 15.09 -23.36 16.38
C HIS F 257 13.61 -23.16 16.67
N PRO F 258 12.87 -24.21 17.02
CA PRO F 258 11.46 -24.03 17.39
C PRO F 258 11.32 -23.10 18.58
N PHE F 259 10.51 -22.05 18.40
CA PHE F 259 10.33 -21.07 19.46
C PHE F 259 9.88 -21.70 20.76
N PRO F 260 8.95 -22.67 20.78
CA PRO F 260 8.53 -23.24 22.07
C PRO F 260 9.67 -23.79 22.89
N LEU F 261 10.79 -24.17 22.26
CA LEU F 261 11.90 -24.74 23.02
C LEU F 261 12.48 -23.73 24.00
N SER F 262 12.36 -22.44 23.70
CA SER F 262 12.94 -21.40 24.53
C SER F 262 11.94 -20.34 24.99
N CYS F 263 10.75 -20.29 24.41
CA CYS F 263 9.76 -19.32 24.83
C CYS F 263 9.43 -19.50 26.31
N VAL F 264 9.43 -18.41 27.05
CA VAL F 264 9.14 -18.43 28.48
C VAL F 264 7.70 -18.00 28.67
N GLN F 265 6.94 -18.81 29.42
CA GLN F 265 5.54 -18.52 29.62
C GLN F 265 5.07 -19.12 30.94
N SER F 266 4.23 -18.37 31.66
CA SER F 266 3.74 -18.81 32.95
C SER F 266 2.85 -20.04 32.81
N ASP F 267 1.92 -20.01 31.85
CA ASP F 267 0.99 -21.12 31.64
C ASP F 267 1.60 -22.06 30.60
N PRO F 268 1.99 -23.28 30.97
CA PRO F 268 2.63 -24.17 29.99
C PRO F 268 1.74 -24.52 28.81
N ASP F 269 0.42 -24.48 28.97
CA ASP F 269 -0.47 -24.97 27.91
C ASP F 269 -0.70 -23.93 26.82
N ALA F 270 -0.67 -22.64 27.14
CA ALA F 270 -0.97 -21.62 26.15
C ALA F 270 0.08 -21.63 25.03
N GLU F 271 -0.29 -20.99 23.90
CA GLU F 271 0.54 -20.84 22.71
C GLU F 271 1.60 -19.75 22.87
N PRO F 272 2.75 -19.89 22.20
CA PRO F 272 3.81 -18.88 22.32
C PRO F 272 3.34 -17.48 21.96
N TYR F 273 3.71 -16.53 22.81
CA TYR F 273 3.35 -15.12 22.66
C TYR F 273 4.43 -14.37 21.88
N TRP F 274 4.04 -13.79 20.76
CA TRP F 274 4.96 -12.97 19.95
C TRP F 274 4.13 -11.99 19.13
N ARG F 275 4.30 -10.69 19.37
CA ARG F 275 3.48 -9.67 18.74
C ARG F 275 4.36 -8.69 17.97
N ASP F 276 4.05 -8.49 16.68
CA ASP F 276 4.85 -7.60 15.83
C ASP F 276 4.57 -6.13 16.17
N VAL F 277 3.31 -5.78 16.40
CA VAL F 277 2.93 -4.44 16.85
C VAL F 277 3.20 -3.37 15.80
N GLY F 278 3.39 -3.78 14.54
CA GLY F 278 3.41 -2.81 13.46
C GLY F 278 2.08 -2.08 13.29
N THR F 279 1.00 -2.84 13.14
CA THR F 279 -0.29 -2.21 12.88
C THR F 279 -0.73 -1.41 14.10
N LEU F 280 -1.47 -0.34 13.87
CA LEU F 280 -2.06 0.37 14.99
C LEU F 280 -2.94 -0.57 15.79
N GLU F 281 -3.73 -1.39 15.10
CA GLU F 281 -4.59 -2.34 15.77
C GLU F 281 -3.77 -3.26 16.66
N ALA F 282 -2.59 -3.67 16.20
CA ALA F 282 -1.78 -4.56 17.02
C ALA F 282 -1.33 -3.87 18.30
N TYR F 283 -0.95 -2.61 18.21
CA TYR F 283 -0.58 -1.87 19.42
C TYR F 283 -1.77 -1.77 20.37
N TRP F 284 -2.90 -1.26 19.87
CA TRP F 284 -4.11 -1.17 20.69
C TRP F 284 -4.46 -2.51 21.34
N LYS F 285 -4.45 -3.58 20.54
CA LYS F 285 -4.77 -4.92 21.05
C LYS F 285 -3.81 -5.35 22.13
N ALA F 286 -2.51 -5.27 21.85
CA ALA F 286 -1.53 -5.74 22.82
C ALA F 286 -1.64 -4.96 24.12
N ASN F 287 -1.79 -3.63 24.04
CA ASN F 287 -1.92 -2.85 25.25
C ASN F 287 -3.18 -3.23 26.01
N LEU F 288 -4.32 -3.25 25.34
CA LEU F 288 -5.55 -3.57 26.05
C LEU F 288 -5.54 -4.97 26.63
N ASP F 289 -4.75 -5.88 26.02
CA ASP F 289 -4.65 -7.25 26.53
C ASP F 289 -4.30 -7.27 28.00
N LEU F 290 -3.40 -6.38 28.43
CA LEU F 290 -2.97 -6.34 29.83
C LEU F 290 -4.08 -5.89 30.77
N ALA F 291 -5.12 -5.23 30.24
CA ALA F 291 -6.21 -4.77 31.09
C ALA F 291 -7.28 -5.82 31.34
N SER F 292 -7.30 -6.90 30.55
CA SER F 292 -8.30 -7.94 30.74
C SER F 292 -8.03 -8.70 32.04
N VAL F 293 -9.01 -9.53 32.44
CA VAL F 293 -8.85 -10.24 33.69
C VAL F 293 -7.66 -11.19 33.62
N VAL F 294 -7.52 -11.92 32.51
CA VAL F 294 -6.43 -12.86 32.35
C VAL F 294 -5.67 -12.51 31.07
N PRO F 295 -4.68 -11.62 31.14
CA PRO F 295 -3.90 -11.28 29.94
C PRO F 295 -3.09 -12.45 29.44
N GLU F 296 -2.95 -12.52 28.11
CA GLU F 296 -2.10 -13.53 27.49
C GLU F 296 -0.63 -13.32 27.87
N LEU F 297 -0.23 -12.07 28.09
CA LEU F 297 1.14 -11.72 28.46
C LEU F 297 1.18 -11.46 29.95
N ASP F 298 2.05 -12.19 30.66
CA ASP F 298 2.16 -12.11 32.11
C ASP F 298 3.24 -11.10 32.49
N MET F 299 2.83 -9.93 32.97
CA MET F 299 3.75 -8.90 33.45
C MET F 299 3.92 -8.95 34.97
N TYR F 300 3.45 -10.02 35.61
CA TYR F 300 3.64 -10.26 37.03
C TYR F 300 4.57 -11.42 37.31
N ASP F 301 5.24 -11.97 36.28
CA ASP F 301 6.09 -13.14 36.44
C ASP F 301 7.38 -12.73 37.14
N ARG F 302 7.54 -13.14 38.40
CA ARG F 302 8.75 -12.83 39.13
C ARG F 302 9.93 -13.69 38.68
N ASN F 303 9.69 -14.71 37.88
CA ASN F 303 10.75 -15.58 37.39
C ASN F 303 11.35 -15.10 36.09
N TRP F 304 10.68 -14.20 35.36
CA TRP F 304 11.20 -13.61 34.13
C TRP F 304 10.77 -12.15 34.09
N PRO F 305 11.37 -11.31 34.92
CA PRO F 305 10.89 -9.93 35.04
C PRO F 305 11.35 -9.08 33.87
N ILE F 306 10.65 -7.95 33.69
CA ILE F 306 10.94 -7.00 32.62
C ILE F 306 11.46 -5.73 33.25
N ARG F 307 12.68 -5.35 32.86
CA ARG F 307 13.35 -4.15 33.34
C ARG F 307 12.96 -2.96 32.48
N THR F 308 12.78 -1.80 33.11
CA THR F 308 12.52 -0.57 32.39
C THR F 308 12.90 0.60 33.29
N TYR F 309 12.70 1.81 32.78
CA TYR F 309 12.99 3.02 33.54
C TYR F 309 11.98 3.16 34.68
N ASN F 310 12.47 3.13 35.92
CA ASN F 310 11.61 3.16 37.10
C ASN F 310 11.35 4.62 37.49
N GLU F 311 10.39 5.22 36.80
CA GLU F 311 10.05 6.61 37.02
C GLU F 311 9.42 6.79 38.41
N SER F 312 9.81 7.85 39.10
CA SER F 312 9.22 8.16 40.40
C SER F 312 7.92 8.92 40.18
N LEU F 313 6.80 8.27 40.50
CA LEU F 313 5.47 8.83 40.26
C LEU F 313 4.63 8.73 41.53
N PRO F 314 3.74 9.67 41.79
CA PRO F 314 2.86 9.54 42.95
C PRO F 314 1.80 8.48 42.70
N PRO F 315 1.21 7.91 43.74
CA PRO F 315 0.19 6.90 43.53
C PRO F 315 -0.94 7.46 42.69
N ALA F 316 -1.61 6.57 41.94
CA ALA F 316 -2.80 6.93 41.19
C ALA F 316 -3.82 7.54 42.12
N LYS F 317 -4.26 8.76 41.79
CA LYS F 317 -5.14 9.52 42.67
C LYS F 317 -6.53 9.55 42.05
N PHE F 318 -7.50 8.96 42.74
CA PHE F 318 -8.89 9.00 42.35
C PHE F 318 -9.62 9.96 43.28
N VAL F 319 -10.31 10.93 42.71
CA VAL F 319 -11.00 11.97 43.46
C VAL F 319 -12.41 12.10 42.92
N GLN F 320 -13.19 12.93 43.60
CA GLN F 320 -14.55 13.21 43.19
C GLN F 320 -14.58 14.19 42.04
N ASP F 321 -15.62 14.11 41.23
CA ASP F 321 -15.83 15.08 40.17
C ASP F 321 -16.45 16.36 40.75
N ARG F 322 -16.69 17.34 39.89
CA ARG F 322 -17.22 18.62 40.36
C ARG F 322 -18.54 18.44 41.11
N SER F 323 -19.29 17.38 40.78
CA SER F 323 -20.53 17.05 41.46
C SER F 323 -20.31 16.25 42.74
N GLY F 324 -19.07 15.90 43.08
CA GLY F 324 -18.83 15.11 44.28
C GLY F 324 -19.09 13.62 44.11
N SER F 325 -19.23 13.14 42.87
CA SER F 325 -19.53 11.76 42.58
C SER F 325 -18.26 10.91 42.50
N HIS F 326 -18.45 9.61 42.68
CA HIS F 326 -17.38 8.63 42.60
C HIS F 326 -17.10 8.27 41.14
N GLY F 327 -15.98 7.60 40.94
CA GLY F 327 -15.60 7.11 39.62
C GLY F 327 -15.81 5.61 39.55
N MET F 328 -16.06 5.12 38.36
CA MET F 328 -16.24 3.70 38.11
C MET F 328 -15.11 3.18 37.21
N THR F 329 -14.62 1.98 37.51
CA THR F 329 -13.49 1.42 36.79
C THR F 329 -13.73 -0.06 36.57
N LEU F 330 -13.49 -0.52 35.35
CA LEU F 330 -13.67 -1.92 34.96
C LEU F 330 -12.53 -2.33 34.05
N ASN F 331 -11.79 -3.35 34.46
CA ASN F 331 -10.74 -3.94 33.63
C ASN F 331 -9.86 -2.86 32.97
N SER F 332 -9.20 -2.08 33.81
CA SER F 332 -8.36 -0.99 33.32
C SER F 332 -7.10 -0.88 34.16
N LEU F 333 -6.09 -0.23 33.58
CA LEU F 333 -4.82 0.05 34.24
C LEU F 333 -4.66 1.55 34.42
N VAL F 334 -4.20 1.95 35.60
CA VAL F 334 -3.98 3.35 35.94
C VAL F 334 -2.57 3.46 36.51
N SER F 335 -1.65 4.03 35.72
CA SER F 335 -0.26 4.15 36.08
C SER F 335 -0.06 5.26 37.10
N GLY F 336 1.16 5.35 37.62
CA GLY F 336 1.46 6.36 38.60
C GLY F 336 1.26 7.76 38.07
N GLY F 337 1.01 8.69 38.99
CA GLY F 337 0.82 10.08 38.65
C GLY F 337 -0.52 10.43 38.04
N CYS F 338 -1.33 9.44 37.69
CA CYS F 338 -2.66 9.72 37.14
C CYS F 338 -3.56 10.37 38.18
N VAL F 339 -4.51 11.17 37.68
CA VAL F 339 -5.51 11.81 38.52
C VAL F 339 -6.83 11.70 37.79
N ILE F 340 -7.81 11.04 38.40
CA ILE F 340 -9.09 10.75 37.78
C ILE F 340 -10.20 11.29 38.67
N SER F 341 -10.96 12.25 38.14
CA SER F 341 -12.09 12.83 38.85
C SER F 341 -13.33 12.06 38.41
N GLY F 342 -13.80 11.16 39.27
CA GLY F 342 -14.95 10.34 38.95
C GLY F 342 -14.79 9.62 37.62
N SER F 343 -15.67 9.93 36.67
CA SER F 343 -15.55 9.38 35.33
C SER F 343 -15.71 7.87 35.31
N VAL F 344 -15.74 7.29 34.12
CA VAL F 344 -15.85 5.85 33.95
C VAL F 344 -14.70 5.41 33.05
N VAL F 345 -13.87 4.48 33.53
CA VAL F 345 -12.74 3.96 32.76
C VAL F 345 -12.93 2.46 32.58
N VAL F 346 -13.03 2.03 31.33
CA VAL F 346 -13.37 0.64 31.00
C VAL F 346 -12.39 0.12 29.96
N GLN F 347 -11.90 -1.09 30.17
CA GLN F 347 -11.09 -1.80 29.17
C GLN F 347 -9.99 -0.89 28.60
N SER F 348 -9.45 -0.02 29.46
CA SER F 348 -8.51 1.00 29.04
C SER F 348 -7.19 0.88 29.79
N VAL F 349 -6.16 1.48 29.21
CA VAL F 349 -4.83 1.56 29.80
C VAL F 349 -4.43 3.04 29.85
N LEU F 350 -4.18 3.53 31.06
CA LEU F 350 -3.78 4.93 31.26
C LEU F 350 -2.32 4.96 31.70
N PHE F 351 -1.46 5.50 30.84
CA PHE F 351 -0.04 5.62 31.17
C PHE F 351 0.15 6.68 32.26
N SER F 352 1.41 7.00 32.56
CA SER F 352 1.71 7.84 33.71
C SER F 352 1.24 9.28 33.51
N ARG F 353 0.83 9.91 34.61
CA ARG F 353 0.55 11.35 34.64
C ARG F 353 -0.62 11.74 33.74
N VAL F 354 -1.55 10.82 33.51
CA VAL F 354 -2.73 11.13 32.70
C VAL F 354 -3.80 11.77 33.57
N ARG F 355 -4.30 12.92 33.13
CA ARG F 355 -5.35 13.63 33.84
C ARG F 355 -6.66 13.41 33.10
N VAL F 356 -7.66 12.90 33.82
CA VAL F 356 -8.99 12.67 33.29
C VAL F 356 -9.95 13.48 34.14
N ASN F 357 -10.58 14.49 33.52
CA ASN F 357 -11.42 15.43 34.25
C ASN F 357 -12.81 14.83 34.43
N SER F 358 -13.74 15.64 34.91
CA SER F 358 -15.01 15.12 35.38
C SER F 358 -15.88 14.63 34.23
N PHE F 359 -16.73 13.65 34.55
CA PHE F 359 -17.82 13.21 33.65
C PHE F 359 -17.28 12.70 32.33
N CYS F 360 -16.22 11.90 32.38
CA CYS F 360 -15.61 11.32 31.19
C CYS F 360 -15.95 9.84 31.08
N ASN F 361 -16.07 9.38 29.85
CA ASN F 361 -16.35 7.97 29.57
C ASN F 361 -15.26 7.46 28.64
N ILE F 362 -14.30 6.74 29.21
CA ILE F 362 -13.16 6.20 28.48
C ILE F 362 -13.39 4.70 28.32
N ASP F 363 -13.26 4.21 27.09
CA ASP F 363 -13.65 2.84 26.75
C ASP F 363 -12.67 2.30 25.72
N SER F 364 -12.04 1.18 26.04
CA SER F 364 -11.14 0.51 25.11
C SER F 364 -10.14 1.50 24.51
N ALA F 365 -9.49 2.27 25.40
CA ALA F 365 -8.60 3.34 24.98
C ALA F 365 -7.22 3.15 25.59
N VAL F 366 -6.23 3.72 24.93
CA VAL F 366 -4.84 3.72 25.37
C VAL F 366 -4.38 5.17 25.41
N LEU F 367 -4.13 5.69 26.60
CA LEU F 367 -3.69 7.06 26.78
C LEU F 367 -2.22 7.05 27.19
N LEU F 368 -1.36 7.57 26.31
CA LEU F 368 0.07 7.62 26.56
C LEU F 368 0.37 8.71 27.59
N PRO F 369 1.60 8.80 28.06
CA PRO F 369 1.88 9.67 29.21
C PRO F 369 1.40 11.10 29.01
N GLU F 370 1.01 11.72 30.12
CA GLU F 370 0.74 13.15 30.24
C GLU F 370 -0.46 13.61 29.43
N VAL F 371 -1.29 12.67 28.94
CA VAL F 371 -2.52 13.09 28.26
C VAL F 371 -3.42 13.81 29.25
N TRP F 372 -4.07 14.87 28.78
CA TRP F 372 -5.02 15.66 29.57
C TRP F 372 -6.38 15.57 28.90
N VAL F 373 -7.34 14.92 29.56
CA VAL F 373 -8.68 14.75 29.04
C VAL F 373 -9.58 15.77 29.72
N GLY F 374 -10.11 16.71 28.95
CA GLY F 374 -11.01 17.71 29.49
C GLY F 374 -12.28 17.07 29.99
N ARG F 375 -13.14 17.90 30.57
CA ARG F 375 -14.41 17.44 31.08
C ARG F 375 -15.27 16.87 29.95
N SER F 376 -16.17 15.95 30.33
CA SER F 376 -17.28 15.53 29.49
C SER F 376 -16.83 14.91 28.17
N CYS F 377 -15.68 14.24 28.15
CA CYS F 377 -15.21 13.57 26.95
C CYS F 377 -15.67 12.11 26.92
N ARG F 378 -15.75 11.57 25.71
CA ARG F 378 -16.15 10.17 25.51
C ARG F 378 -15.23 9.56 24.46
N LEU F 379 -14.27 8.75 24.89
CA LEU F 379 -13.29 8.12 24.02
C LEU F 379 -13.60 6.63 23.90
N ARG F 380 -13.48 6.10 22.68
CA ARG F 380 -13.84 4.72 22.43
C ARG F 380 -12.95 4.16 21.33
N ARG F 381 -12.35 3.00 21.59
CA ARG F 381 -11.52 2.28 20.62
C ARG F 381 -10.53 3.22 19.93
N CYS F 382 -9.63 3.80 20.73
CA CYS F 382 -8.73 4.81 20.21
C CYS F 382 -7.39 4.75 20.94
N VAL F 383 -6.45 5.56 20.43
CA VAL F 383 -5.11 5.69 21.00
C VAL F 383 -4.75 7.17 21.04
N ILE F 384 -4.58 7.71 22.24
CA ILE F 384 -4.18 9.10 22.41
C ILE F 384 -2.68 9.17 22.61
N ASP F 385 -1.99 9.95 21.79
CA ASP F 385 -0.54 10.02 21.85
C ASP F 385 -0.09 10.86 23.05
N ARG F 386 1.22 10.82 23.30
CA ARG F 386 1.79 11.49 24.47
C ARG F 386 1.33 12.94 24.55
N ALA F 387 0.90 13.35 25.74
CA ALA F 387 0.70 14.76 26.08
C ALA F 387 -0.42 15.43 25.27
N CYS F 388 -1.31 14.67 24.63
CA CYS F 388 -2.45 15.30 23.97
C CYS F 388 -3.32 16.01 25.00
N VAL F 389 -3.90 17.12 24.58
CA VAL F 389 -4.84 17.89 25.39
C VAL F 389 -6.19 17.81 24.70
N ILE F 390 -7.08 16.99 25.26
CA ILE F 390 -8.42 16.82 24.71
C ILE F 390 -9.32 17.91 25.29
N PRO F 391 -9.96 18.76 24.46
CA PRO F 391 -10.79 19.85 25.01
C PRO F 391 -12.01 19.29 25.72
N GLU F 392 -12.98 20.14 26.03
CA GLU F 392 -14.09 19.76 26.89
C GLU F 392 -15.27 19.38 25.99
N GLY F 393 -15.72 18.14 26.13
CA GLY F 393 -16.84 17.63 25.37
C GLY F 393 -16.48 17.00 24.04
N MET F 394 -15.20 16.73 23.78
CA MET F 394 -14.82 16.04 22.56
C MET F 394 -15.24 14.57 22.61
N VAL F 395 -15.80 14.08 21.51
CA VAL F 395 -16.23 12.69 21.39
C VAL F 395 -15.39 12.00 20.32
N ILE F 396 -14.94 10.78 20.62
CA ILE F 396 -14.14 10.00 19.68
C ILE F 396 -14.60 8.54 19.75
N GLY F 397 -14.61 7.88 18.59
CA GLY F 397 -14.90 6.46 18.52
C GLY F 397 -16.35 6.09 18.27
N GLU F 398 -17.26 7.06 18.18
CA GLU F 398 -18.68 6.80 17.96
C GLU F 398 -19.15 7.10 16.55
N ASN F 399 -18.74 8.24 15.97
CA ASN F 399 -19.09 8.60 14.59
C ASN F 399 -17.91 8.26 13.68
N ALA F 400 -18.01 7.14 12.96
CA ALA F 400 -16.89 6.67 12.14
C ALA F 400 -16.46 7.72 11.13
N GLU F 401 -17.41 8.25 10.36
CA GLU F 401 -17.07 9.20 9.31
C GLU F 401 -16.36 10.43 9.90
N GLU F 402 -16.97 11.04 10.91
CA GLU F 402 -16.39 12.23 11.52
C GLU F 402 -15.02 11.94 12.12
N ASP F 403 -14.88 10.81 12.83
CA ASP F 403 -13.58 10.44 13.38
C ASP F 403 -12.53 10.32 12.28
N ALA F 404 -12.87 9.69 11.16
CA ALA F 404 -11.91 9.55 10.07
C ALA F 404 -11.48 10.93 9.55
N ARG F 405 -12.41 11.88 9.47
CA ARG F 405 -12.02 13.24 9.08
C ARG F 405 -11.08 13.86 10.12
N ARG F 406 -11.49 13.86 11.39
CA ARG F 406 -10.76 14.59 12.43
C ARG F 406 -9.33 14.05 12.61
N PHE F 407 -9.21 12.74 12.81
CA PHE F 407 -7.93 12.13 13.13
C PHE F 407 -7.61 11.01 12.14
N TYR F 408 -6.81 10.04 12.57
CA TYR F 408 -6.56 8.83 11.79
C TYR F 408 -7.42 7.70 12.34
N ARG F 409 -8.05 6.94 11.44
CA ARG F 409 -8.93 5.86 11.84
C ARG F 409 -8.54 4.64 11.00
N SER F 410 -8.19 3.55 11.66
CA SER F 410 -7.76 2.37 10.95
C SER F 410 -8.94 1.68 10.27
N GLU F 411 -8.63 0.81 9.30
CA GLU F 411 -9.69 0.11 8.59
C GLU F 411 -10.55 -0.72 9.54
N GLU F 412 -9.95 -1.25 10.60
CA GLU F 412 -10.71 -2.08 11.55
C GLU F 412 -11.53 -1.23 12.52
N GLY F 413 -11.32 0.07 12.58
CA GLY F 413 -12.09 0.97 13.41
C GLY F 413 -11.38 1.62 14.60
N ILE F 414 -10.03 1.59 14.64
CA ILE F 414 -9.26 2.15 15.74
C ILE F 414 -8.84 3.57 15.38
N VAL F 415 -8.89 4.48 16.35
CA VAL F 415 -8.60 5.89 16.14
C VAL F 415 -7.28 6.23 16.80
N LEU F 416 -6.50 7.11 16.15
CA LEU F 416 -5.25 7.64 16.68
C LEU F 416 -5.34 9.15 16.74
N VAL F 417 -4.90 9.75 17.84
CA VAL F 417 -4.98 11.19 18.07
C VAL F 417 -3.60 11.68 18.46
N THR F 418 -2.97 12.51 17.61
CA THR F 418 -1.68 13.10 17.92
C THR F 418 -1.86 14.56 18.32
N ARG F 419 -0.77 15.15 18.83
CA ARG F 419 -0.82 16.57 19.21
C ARG F 419 -1.07 17.45 18.00
N GLU F 420 -0.46 17.12 16.86
CA GLU F 420 -0.63 17.93 15.66
C GLU F 420 -2.09 17.91 15.18
N MET F 421 -2.71 16.73 15.17
CA MET F 421 -4.10 16.65 14.76
C MET F 421 -4.95 17.61 15.58
N LEU F 422 -4.76 17.61 16.90
CA LEU F 422 -5.52 18.51 17.76
C LEU F 422 -5.15 19.96 17.48
N ARG F 423 -3.92 20.21 17.04
CA ARG F 423 -3.52 21.56 16.67
C ARG F 423 -4.30 22.05 15.46
N LYS F 424 -4.34 21.24 14.39
CA LYS F 424 -5.04 21.64 13.18
C LYS F 424 -6.51 21.92 13.43
N LEU F 425 -7.10 21.28 14.45
CA LEU F 425 -8.50 21.49 14.78
C LEU F 425 -8.73 22.73 15.65
N GLY F 426 -7.69 23.48 15.97
CA GLY F 426 -7.86 24.70 16.72
C GLY F 426 -7.88 24.54 18.22
N HIS F 427 -7.28 23.47 18.74
CA HIS F 427 -7.22 23.21 20.17
C HIS F 427 -5.77 23.35 20.62
N LYS F 428 -5.53 24.32 21.50
CA LYS F 428 -4.17 24.64 21.94
C LYS F 428 -3.53 23.46 22.67
N GLN F 429 -2.32 23.11 22.25
CA GLN F 429 -1.52 22.07 22.91
C GLN F 429 -0.39 22.76 23.66
N GLU F 430 -0.67 23.18 24.89
CA GLU F 430 0.30 23.93 25.69
C GLU F 430 -0.19 24.07 27.13
N LEU G 10 19.38 39.11 49.22
CA LEU G 10 18.57 37.95 48.88
C LEU G 10 19.41 36.67 48.95
N MET G 11 18.74 35.52 48.81
CA MET G 11 19.39 34.21 48.76
C MET G 11 19.43 33.68 47.33
N LEU G 12 19.86 34.54 46.40
CA LEU G 12 19.82 34.19 44.99
C LEU G 12 20.91 33.21 44.58
N ALA G 13 22.10 33.29 45.20
CA ALA G 13 23.22 32.48 44.75
C ALA G 13 22.85 30.99 44.71
N ARG G 14 22.16 30.50 45.74
CA ARG G 14 21.74 29.10 45.74
C ARG G 14 20.62 28.83 44.75
N GLN G 15 19.88 29.86 44.33
CA GLN G 15 18.72 29.67 43.47
C GLN G 15 19.11 29.67 41.99
N LEU G 16 20.04 30.51 41.58
CA LEU G 16 20.33 30.67 40.16
C LEU G 16 20.74 29.36 39.50
N PRO G 17 21.69 28.59 40.04
CA PRO G 17 22.02 27.31 39.39
C PRO G 17 20.80 26.44 39.17
N LEU G 18 19.92 26.37 40.17
CA LEU G 18 18.72 25.54 40.04
C LEU G 18 17.85 26.01 38.89
N LYS G 19 17.81 27.33 38.65
CA LYS G 19 17.03 27.88 37.54
C LYS G 19 17.79 27.84 36.23
N SER G 20 18.94 27.18 36.17
CA SER G 20 19.81 27.23 35.00
C SER G 20 20.01 25.83 34.42
N VAL G 21 20.35 25.80 33.13
CA VAL G 21 20.73 24.58 32.43
C VAL G 21 22.00 24.87 31.63
N ALA G 22 22.95 23.95 31.70
CA ALA G 22 24.22 24.09 30.99
C ALA G 22 24.25 23.17 29.78
N LEU G 23 24.69 23.71 28.64
CA LEU G 23 24.80 22.96 27.40
C LEU G 23 26.26 22.94 27.00
N ILE G 24 26.80 21.73 26.84
CA ILE G 24 28.21 21.51 26.51
C ILE G 24 28.28 21.10 25.05
N LEU G 25 28.83 21.98 24.21
CA LEU G 25 29.00 21.68 22.79
C LEU G 25 30.23 20.79 22.63
N ALA G 26 29.98 19.50 22.55
CA ALA G 26 31.04 18.53 22.33
C ALA G 26 31.16 18.26 20.84
N GLY G 27 31.80 17.14 20.46
CA GLY G 27 32.05 16.88 19.06
C GLY G 27 33.03 17.90 18.48
N GLY G 28 33.00 17.99 17.16
CA GLY G 28 33.93 18.89 16.47
C GLY G 28 35.36 18.57 16.82
N ARG G 29 35.83 17.40 16.39
CA ARG G 29 37.18 16.96 16.72
C ARG G 29 38.22 18.00 16.31
N GLY G 30 39.15 18.28 17.22
CA GLY G 30 40.23 19.20 16.95
C GLY G 30 41.56 18.67 17.41
N THR G 31 41.68 17.34 17.53
CA THR G 31 42.89 16.72 18.05
C THR G 31 43.40 15.68 17.06
N ARG G 32 44.73 15.56 16.97
CA ARG G 32 45.35 14.50 16.18
C ARG G 32 45.15 13.12 16.83
N LEU G 33 44.88 13.08 18.13
CA LEU G 33 44.78 11.82 18.85
C LEU G 33 43.58 11.01 18.38
N LYS G 34 43.75 9.69 18.37
CA LYS G 34 42.69 8.76 18.01
C LYS G 34 42.47 7.77 19.15
N ASP G 35 41.25 7.21 19.22
CA ASP G 35 40.81 6.37 20.33
C ASP G 35 40.18 5.07 19.80
N LEU G 36 41.01 4.22 19.19
CA LEU G 36 40.69 2.82 18.91
C LEU G 36 39.75 2.59 17.71
N THR G 37 39.20 3.66 17.14
CA THR G 37 38.49 3.59 15.86
C THR G 37 39.02 4.61 14.86
N ASN G 38 40.12 5.30 15.20
CA ASN G 38 40.82 6.21 14.30
C ASN G 38 40.07 7.51 13.95
N LYS G 39 39.21 8.00 14.86
CA LYS G 39 38.65 9.37 14.63
C LYS G 39 38.01 10.06 15.86
N ARG G 40 38.78 10.31 16.90
CA ARG G 40 38.20 10.82 18.16
C ARG G 40 37.78 12.31 18.08
N ALA G 41 36.97 12.74 19.05
CA ALA G 41 36.49 14.10 19.23
C ALA G 41 37.28 14.75 20.38
N LYS G 42 37.50 16.04 20.29
CA LYS G 42 38.31 16.72 21.29
C LYS G 42 37.73 16.54 22.70
N PRO G 43 36.45 16.70 22.92
CA PRO G 43 35.91 16.61 24.29
C PRO G 43 36.22 15.29 25.00
N ALA G 44 36.39 14.20 24.26
CA ALA G 44 36.64 12.89 24.87
C ALA G 44 38.12 12.51 24.84
N VAL G 45 39.02 13.48 24.95
CA VAL G 45 40.46 13.22 24.91
C VAL G 45 40.97 12.88 26.31
N HIS G 46 41.70 11.77 26.40
CA HIS G 46 42.28 11.36 27.68
C HIS G 46 43.23 12.42 28.19
N PHE G 47 43.16 12.68 29.50
CA PHE G 47 43.97 13.72 30.13
C PHE G 47 44.26 13.32 31.57
N GLY G 48 45.48 13.60 32.01
CA GLY G 48 45.84 13.45 33.41
C GLY G 48 45.76 12.04 33.96
N GLY G 49 45.91 11.03 33.11
CA GLY G 49 45.95 9.64 33.54
C GLY G 49 44.62 8.95 33.67
N LYS G 50 43.59 9.66 34.18
CA LYS G 50 42.30 9.08 34.47
C LYS G 50 41.11 9.85 33.93
N PHE G 51 41.31 11.01 33.30
CA PHE G 51 40.22 11.88 32.92
C PHE G 51 40.04 11.96 31.40
N ARG G 52 38.91 12.54 31.01
CA ARG G 52 38.67 13.03 29.68
C ARG G 52 38.28 14.50 29.79
N ILE G 53 38.68 15.28 28.79
CA ILE G 53 38.61 16.75 28.90
C ILE G 53 37.22 17.19 29.34
N ILE G 54 36.19 16.63 28.73
CA ILE G 54 34.82 17.08 29.01
C ILE G 54 34.54 17.03 30.50
N ASP G 55 35.09 16.03 31.20
CA ASP G 55 34.87 15.85 32.63
C ASP G 55 34.97 17.18 33.36
N PHE G 56 35.90 18.04 32.95
CA PHE G 56 36.04 19.33 33.62
C PHE G 56 34.76 20.14 33.55
N ALA G 57 34.33 20.49 32.33
CA ALA G 57 33.10 21.28 32.18
C ALA G 57 31.97 20.70 33.01
N LEU G 58 31.58 19.45 32.71
CA LEU G 58 30.54 18.78 33.48
C LEU G 58 30.81 18.90 34.98
N SER G 59 32.02 18.54 35.41
CA SER G 59 32.34 18.60 36.84
C SER G 59 32.05 19.98 37.41
N ASN G 60 32.52 21.02 36.71
CA ASN G 60 32.22 22.39 37.16
C ASN G 60 30.74 22.56 37.41
N CYS G 61 29.90 22.19 36.43
CA CYS G 61 28.45 22.31 36.59
C CYS G 61 28.00 21.71 37.92
N ILE G 62 28.42 20.47 38.19
CA ILE G 62 28.03 19.83 39.44
C ILE G 62 28.46 20.69 40.61
N ASN G 63 29.73 21.08 40.65
CA ASN G 63 30.20 21.85 41.79
C ASN G 63 29.62 23.25 41.80
N SER G 64 29.13 23.75 40.68
CA SER G 64 28.53 25.07 40.65
C SER G 64 27.07 25.05 41.04
N GLY G 65 26.46 23.87 41.21
CA GLY G 65 25.06 23.75 41.52
C GLY G 65 24.16 23.50 40.32
N ILE G 66 24.71 23.47 39.12
CA ILE G 66 23.94 23.19 37.90
C ILE G 66 23.99 21.69 37.67
N ARG G 67 22.91 21.00 38.02
CA ARG G 67 22.84 19.55 37.88
C ARG G 67 22.04 19.12 36.65
N ARG G 68 21.66 20.07 35.78
CA ARG G 68 20.95 19.78 34.54
C ARG G 68 21.85 20.13 33.38
N MET G 69 22.35 19.11 32.67
CA MET G 69 23.31 19.33 31.60
C MET G 69 22.82 18.66 30.32
N GLY G 70 23.22 19.27 29.19
CA GLY G 70 22.95 18.72 27.86
C GLY G 70 24.21 18.65 27.02
N VAL G 71 24.74 17.44 26.83
CA VAL G 71 25.96 17.22 26.06
C VAL G 71 25.59 17.01 24.61
N ILE G 72 26.01 17.92 23.75
CA ILE G 72 25.70 17.88 22.32
C ILE G 72 26.85 17.20 21.59
N THR G 73 26.62 15.99 21.07
CA THR G 73 27.68 15.23 20.40
C THR G 73 27.44 15.27 18.88
N GLN G 74 28.22 16.06 18.18
CA GLN G 74 27.90 16.48 16.83
C GLN G 74 28.38 15.56 15.70
N TYR G 75 28.94 14.36 15.95
CA TYR G 75 29.25 13.46 14.83
C TYR G 75 29.02 12.01 15.20
N GLN G 76 28.00 11.69 16.02
CA GLN G 76 27.75 10.30 16.42
C GLN G 76 29.01 9.60 16.95
N SER G 77 29.72 10.25 17.88
CA SER G 77 30.92 9.67 18.44
C SER G 77 30.57 8.64 19.50
N HIS G 78 31.20 7.47 19.41
CA HIS G 78 30.91 6.38 20.34
C HIS G 78 31.72 6.47 21.62
N THR G 79 32.95 7.01 21.56
CA THR G 79 33.77 7.09 22.76
C THR G 79 33.24 8.13 23.73
N LEU G 80 32.77 9.25 23.21
CA LEU G 80 32.23 10.31 24.07
C LEU G 80 30.89 9.88 24.66
N VAL G 81 29.99 9.36 23.83
CA VAL G 81 28.71 8.83 24.34
C VAL G 81 28.97 7.76 25.38
N GLN G 82 29.89 6.84 25.10
CA GLN G 82 30.20 5.77 26.03
C GLN G 82 30.71 6.32 27.35
N HIS G 83 31.57 7.35 27.30
CA HIS G 83 32.06 7.96 28.54
C HIS G 83 30.92 8.59 29.32
N ILE G 84 30.05 9.34 28.65
CA ILE G 84 28.89 9.91 29.34
C ILE G 84 28.06 8.80 29.97
N GLN G 85 28.01 7.63 29.33
CA GLN G 85 27.16 6.54 29.76
C GLN G 85 27.77 5.80 30.96
N ARG G 86 29.10 5.67 30.98
CA ARG G 86 29.77 4.93 32.04
C ARG G 86 30.04 5.78 33.26
N GLY G 87 30.24 7.09 33.08
CA GLY G 87 30.68 7.95 34.17
C GLY G 87 29.73 9.06 34.56
N TRP G 88 28.74 9.35 33.72
CA TRP G 88 27.83 10.47 33.98
C TRP G 88 26.37 10.07 33.81
N SER G 89 26.03 8.80 34.08
CA SER G 89 24.64 8.37 34.04
C SER G 89 24.22 7.82 35.39
N PHE G 90 24.29 8.66 36.42
CA PHE G 90 23.95 8.28 37.79
C PHE G 90 22.87 9.16 38.41
N PHE G 91 22.15 9.92 37.59
CA PHE G 91 21.28 10.97 38.10
C PHE G 91 19.87 10.46 38.34
N ASN G 92 19.21 11.06 39.33
CA ASN G 92 17.82 10.78 39.65
C ASN G 92 16.97 11.91 39.09
N GLU G 93 16.33 11.66 37.94
CA GLU G 93 15.63 12.72 37.22
C GLU G 93 14.59 13.41 38.10
N GLU G 94 14.02 12.70 39.10
CA GLU G 94 12.99 13.31 39.94
C GLU G 94 13.54 14.42 40.82
N MET G 95 14.87 14.51 40.98
CA MET G 95 15.51 15.54 41.78
C MET G 95 15.96 16.73 40.93
N ASN G 96 15.47 16.83 39.70
CA ASN G 96 15.84 17.92 38.79
C ASN G 96 17.34 17.88 38.52
N GLU G 97 17.80 16.72 38.03
CA GLU G 97 19.20 16.54 37.69
C GLU G 97 19.32 15.48 36.61
N PHE G 98 20.13 15.75 35.58
CA PHE G 98 20.26 14.81 34.48
C PHE G 98 21.38 15.26 33.57
N VAL G 99 21.81 14.34 32.70
CA VAL G 99 22.80 14.64 31.65
C VAL G 99 22.25 14.08 30.34
N ASP G 100 21.53 14.91 29.60
CA ASP G 100 20.92 14.48 28.35
C ASP G 100 21.94 14.45 27.22
N LEU G 101 21.89 13.40 26.40
CA LEU G 101 22.74 13.27 25.23
C LEU G 101 21.96 13.77 24.01
N LEU G 102 22.32 14.94 23.51
CA LEU G 102 21.62 15.55 22.40
C LEU G 102 22.37 15.30 21.10
N PRO G 103 21.70 14.73 20.09
CA PRO G 103 22.35 14.40 18.81
C PRO G 103 22.40 15.60 17.87
N ALA G 104 23.17 15.42 16.81
CA ALA G 104 23.25 16.41 15.74
C ALA G 104 22.68 15.84 14.46
N THR G 117 28.69 26.02 15.46
CA THR G 117 28.52 25.73 16.89
C THR G 117 27.08 25.92 17.33
N ALA G 118 26.44 27.01 16.86
CA ALA G 118 25.06 27.30 17.24
C ALA G 118 24.07 26.37 16.54
N ASP G 119 24.39 25.89 15.33
CA ASP G 119 23.48 25.05 14.56
C ASP G 119 23.02 23.83 15.35
N ALA G 120 23.96 23.17 16.05
CA ALA G 120 23.60 21.98 16.81
C ALA G 120 22.58 22.29 17.90
N VAL G 121 22.76 23.42 18.60
CA VAL G 121 21.82 23.82 19.64
C VAL G 121 20.44 24.06 19.02
N THR G 122 20.41 24.77 17.89
CA THR G 122 19.13 25.01 17.24
C THR G 122 18.48 23.68 16.86
N GLN G 123 19.27 22.72 16.37
CA GLN G 123 18.72 21.43 15.98
C GLN G 123 17.99 20.77 17.14
N ASN G 124 18.45 20.97 18.39
CA ASN G 124 17.78 20.40 19.55
C ASN G 124 16.95 21.43 20.33
N LEU G 125 16.52 22.50 19.66
CA LEU G 125 15.86 23.59 20.37
C LEU G 125 14.55 23.16 21.05
N ASP G 126 13.77 22.26 20.43
CA ASP G 126 12.52 21.83 21.07
C ASP G 126 12.81 21.13 22.40
N ILE G 127 13.71 20.15 22.36
CA ILE G 127 14.08 19.40 23.56
C ILE G 127 14.55 20.37 24.63
N ILE G 128 15.34 21.39 24.26
CA ILE G 128 15.84 22.32 25.27
C ILE G 128 14.70 23.10 25.88
N ARG G 129 13.76 23.59 25.06
CA ARG G 129 12.63 24.31 25.63
C ARG G 129 11.91 23.44 26.64
N ALA G 130 11.86 22.12 26.41
CA ALA G 130 11.20 21.26 27.39
C ALA G 130 11.83 21.38 28.79
N TYR G 131 13.13 21.68 28.86
CA TYR G 131 13.77 21.87 30.17
C TYR G 131 13.07 22.95 30.98
N LYS G 132 12.50 23.96 30.32
CA LYS G 132 11.85 25.08 31.01
C LYS G 132 12.84 25.76 31.96
N ALA G 133 13.97 26.18 31.39
CA ALA G 133 15.04 26.83 32.14
C ALA G 133 14.91 28.35 32.10
N GLU G 134 15.28 29.00 33.22
CA GLU G 134 15.31 30.46 33.25
C GLU G 134 16.55 31.02 32.57
N TYR G 135 17.71 30.45 32.89
CA TYR G 135 18.99 30.88 32.34
C TYR G 135 19.70 29.68 31.72
N VAL G 136 20.42 29.91 30.63
CA VAL G 136 21.13 28.85 29.90
C VAL G 136 22.60 29.13 29.96
N VAL G 137 23.39 28.11 30.26
CA VAL G 137 24.83 28.23 30.35
C VAL G 137 25.44 27.49 29.17
N ILE G 138 26.05 28.24 28.26
CA ILE G 138 26.71 27.65 27.10
C ILE G 138 28.18 27.46 27.46
N LEU G 139 28.66 26.23 27.32
CA LEU G 139 30.04 25.90 27.64
C LEU G 139 30.66 25.17 26.46
N ALA G 140 31.99 25.21 26.41
CA ALA G 140 32.78 24.42 25.47
C ALA G 140 33.42 23.28 26.25
N GLY G 141 33.12 22.04 25.85
CA GLY G 141 33.57 20.88 26.58
C GLY G 141 34.95 20.40 26.16
N ASP G 142 35.73 21.27 25.51
CA ASP G 142 37.07 20.93 25.02
C ASP G 142 38.15 21.81 25.63
N HIS G 143 37.90 22.37 26.80
CA HIS G 143 38.88 23.15 27.55
C HIS G 143 39.03 22.58 28.94
N ILE G 144 40.19 22.83 29.56
CA ILE G 144 40.49 22.33 30.91
C ILE G 144 40.61 23.54 31.82
N TYR G 145 39.68 23.67 32.76
CA TYR G 145 39.65 24.81 33.66
C TYR G 145 38.70 24.49 34.80
N LYS G 146 38.79 25.29 35.86
CA LYS G 146 37.89 25.20 37.01
C LYS G 146 37.23 26.56 37.20
N GLN G 147 35.90 26.57 37.12
CA GLN G 147 35.15 27.82 37.24
C GLN G 147 33.87 27.56 38.01
N ASP G 148 33.52 28.48 38.92
CA ASP G 148 32.27 28.41 39.68
C ASP G 148 31.22 29.18 38.90
N TYR G 149 30.39 28.45 38.13
CA TYR G 149 29.41 29.10 37.28
C TYR G 149 28.36 29.85 38.08
N SER G 150 28.17 29.51 39.35
CA SER G 150 27.18 30.23 40.15
C SER G 150 27.57 31.69 40.29
N ARG G 151 28.87 31.97 40.46
CA ARG G 151 29.34 33.35 40.52
C ARG G 151 29.07 34.08 39.21
N MET G 152 29.31 33.41 38.07
CA MET G 152 29.04 34.03 36.79
C MET G 152 27.56 34.28 36.57
N LEU G 153 26.69 33.42 37.11
CA LEU G 153 25.26 33.66 37.02
C LEU G 153 24.87 34.84 37.88
N ILE G 154 25.42 34.93 39.10
CA ILE G 154 25.21 36.11 39.94
C ILE G 154 25.57 37.37 39.17
N ASP G 155 26.78 37.39 38.59
CA ASP G 155 27.22 38.54 37.81
C ASP G 155 26.26 38.81 36.65
N HIS G 156 25.75 37.74 36.02
CA HIS G 156 24.78 37.91 34.94
C HIS G 156 23.56 38.69 35.42
N VAL G 157 22.92 38.21 36.49
CA VAL G 157 21.70 38.84 36.97
C VAL G 157 21.99 40.27 37.45
N GLU G 158 23.02 40.43 38.28
CA GLU G 158 23.37 41.75 38.76
C GLU G 158 23.57 42.73 37.61
N LYS G 159 24.43 42.38 36.64
CA LYS G 159 24.65 43.25 35.49
C LYS G 159 23.44 43.29 34.57
N GLY G 160 22.53 42.33 34.68
CA GLY G 160 21.27 42.35 33.97
C GLY G 160 21.31 42.26 32.45
N ALA G 161 22.33 41.65 31.88
CA ALA G 161 22.37 41.51 30.44
C ALA G 161 21.51 40.33 30.01
N ARG G 162 21.10 40.33 28.73
CA ARG G 162 20.51 39.13 28.14
C ARG G 162 21.60 38.10 27.84
N CYS G 163 22.86 38.53 27.71
CA CYS G 163 23.96 37.61 27.47
C CYS G 163 25.23 38.13 28.14
N THR G 164 25.88 37.25 28.90
CA THR G 164 27.13 37.53 29.59
C THR G 164 28.22 36.58 29.10
N VAL G 165 29.41 37.11 28.77
CA VAL G 165 30.49 36.30 28.21
C VAL G 165 31.74 36.41 29.07
N ALA G 166 32.30 35.26 29.46
CA ALA G 166 33.54 35.21 30.25
C ALA G 166 34.77 35.47 29.38
N CYS G 167 35.63 36.39 29.84
CA CYS G 167 36.80 36.87 29.08
C CYS G 167 38.05 36.85 29.97
N MET G 168 39.23 36.81 29.33
CA MET G 168 40.52 36.81 30.02
C MET G 168 41.66 37.35 29.15
N PRO G 169 42.61 38.12 29.71
CA PRO G 169 43.80 38.51 28.93
C PRO G 169 44.59 37.32 28.40
N VAL G 170 45.00 37.41 27.14
CA VAL G 170 45.84 36.39 26.48
C VAL G 170 47.00 37.03 25.71
N PRO G 171 48.11 36.31 25.50
CA PRO G 171 49.21 36.86 24.72
C PRO G 171 48.78 37.27 23.31
N ILE G 172 49.31 38.41 22.85
CA ILE G 172 48.89 38.93 21.55
C ILE G 172 49.14 37.91 20.46
N GLU G 173 50.29 37.23 20.52
CA GLU G 173 50.64 36.24 19.49
C GLU G 173 49.55 35.18 19.35
N GLU G 174 48.99 34.74 20.47
CA GLU G 174 47.97 33.70 20.46
C GLU G 174 46.57 34.24 20.16
N ALA G 175 46.34 35.54 20.32
CA ALA G 175 44.98 36.05 20.29
C ALA G 175 44.23 35.71 19.00
N SER G 176 44.96 35.39 17.92
CA SER G 176 44.30 35.09 16.65
C SER G 176 43.34 33.92 16.76
N ALA G 177 43.63 32.94 17.62
CA ALA G 177 42.74 31.79 17.72
C ALA G 177 41.46 32.09 18.49
N PHE G 178 41.47 33.11 19.35
CA PHE G 178 40.35 33.45 20.21
C PHE G 178 39.51 34.58 19.61
N GLY G 179 38.33 34.79 20.19
CA GLY G 179 37.53 35.97 19.90
C GLY G 179 37.90 37.12 20.82
N VAL G 180 38.18 38.28 20.23
CA VAL G 180 38.69 39.43 20.98
C VAL G 180 37.58 40.45 21.17
N MET G 181 37.58 41.11 22.34
CA MET G 181 36.51 42.02 22.73
C MET G 181 37.08 43.24 23.46
N ALA G 182 36.28 44.32 23.46
CA ALA G 182 36.58 45.54 24.19
C ALA G 182 35.33 46.01 24.93
N VAL G 183 35.49 46.34 26.22
CA VAL G 183 34.37 46.65 27.09
C VAL G 183 34.52 48.09 27.60
N ASP G 184 33.44 48.58 28.22
CA ASP G 184 33.41 49.90 28.83
C ASP G 184 33.61 49.78 30.35
N GLU G 185 33.31 50.86 31.09
CA GLU G 185 33.50 50.86 32.53
C GLU G 185 32.55 49.90 33.23
N ASN G 186 31.37 49.64 32.64
CA ASN G 186 30.39 48.75 33.23
C ASN G 186 30.47 47.34 32.67
N ASP G 187 31.61 46.96 32.09
CA ASP G 187 31.81 45.62 31.54
C ASP G 187 30.76 45.26 30.49
N LYS G 188 30.19 46.26 29.81
CA LYS G 188 29.29 46.01 28.69
C LYS G 188 30.13 45.87 27.42
N ILE G 189 29.87 44.81 26.65
CA ILE G 189 30.68 44.51 25.47
C ILE G 189 30.50 45.61 24.43
N ILE G 190 31.55 46.41 24.22
CA ILE G 190 31.51 47.51 23.25
C ILE G 190 31.85 47.03 21.85
N GLU G 191 32.90 46.21 21.71
CA GLU G 191 33.35 45.73 20.41
C GLU G 191 33.72 44.25 20.49
N PHE G 192 33.36 43.49 19.46
CA PHE G 192 33.74 42.08 19.36
C PHE G 192 34.17 41.73 17.93
N VAL G 193 35.21 40.91 17.81
CA VAL G 193 35.72 40.43 16.52
C VAL G 193 36.17 38.99 16.67
N GLU G 194 35.83 38.14 15.70
CA GLU G 194 36.08 36.70 15.80
C GLU G 194 37.40 36.29 15.15
N LYS G 195 38.33 35.75 15.96
CA LYS G 195 39.60 35.22 15.49
C LYS G 195 40.23 36.17 14.46
N PRO G 196 40.34 37.46 14.77
CA PRO G 196 40.92 38.40 13.82
C PRO G 196 42.41 38.14 13.61
N ALA G 197 42.87 38.39 12.38
CA ALA G 197 44.27 38.15 12.05
C ALA G 197 45.21 39.10 12.78
N ASN G 198 44.80 40.37 12.96
CA ASN G 198 45.59 41.37 13.67
C ASN G 198 44.79 41.82 14.89
N PRO G 199 44.78 41.01 15.96
CA PRO G 199 43.88 41.28 17.08
C PRO G 199 44.26 42.56 17.83
N PRO G 200 43.28 43.37 18.20
CA PRO G 200 43.58 44.54 19.02
C PRO G 200 44.18 44.15 20.36
N SER G 201 45.17 44.91 20.81
CA SER G 201 45.75 44.71 22.13
C SER G 201 44.82 45.33 23.15
N MET G 202 44.96 44.93 24.41
CA MET G 202 44.09 45.53 25.41
C MET G 202 44.43 47.01 25.44
N PRO G 203 43.44 47.90 25.48
CA PRO G 203 43.78 49.34 25.41
C PRO G 203 44.81 49.78 26.44
N ASN G 204 44.66 49.36 27.68
CA ASN G 204 45.62 49.70 28.72
C ASN G 204 46.42 48.47 29.10
N ASP G 205 47.69 48.69 29.46
CA ASP G 205 48.62 47.62 29.81
C ASP G 205 48.63 46.55 28.73
N PRO G 206 48.97 46.92 27.43
CA PRO G 206 48.82 46.00 26.28
C PRO G 206 50.01 45.06 26.09
N SER G 207 50.27 44.23 27.11
CA SER G 207 51.17 43.11 26.90
C SER G 207 50.46 41.94 26.22
N LYS G 208 49.14 42.04 26.02
CA LYS G 208 48.35 40.93 25.50
C LYS G 208 46.93 41.39 25.23
N SER G 209 46.31 40.81 24.19
CA SER G 209 44.90 41.08 23.87
C SER G 209 43.96 40.40 24.88
N LEU G 210 42.70 40.85 24.89
CA LEU G 210 41.66 40.34 25.79
C LEU G 210 40.77 39.35 25.03
N ALA G 211 40.88 38.07 25.35
CA ALA G 211 40.21 37.00 24.61
C ALA G 211 38.97 36.49 25.35
N SER G 212 37.99 36.03 24.57
CA SER G 212 36.79 35.40 25.11
C SER G 212 36.96 33.89 25.27
N MET G 213 36.36 33.34 26.33
CA MET G 213 36.56 31.93 26.68
C MET G 213 35.46 30.99 26.19
N GLY G 214 34.58 31.44 25.30
CA GLY G 214 33.51 30.56 24.85
C GLY G 214 32.59 30.10 25.95
N ILE G 215 32.45 30.90 27.01
CA ILE G 215 31.58 30.59 28.14
C ILE G 215 30.52 31.68 28.21
N TYR G 216 29.26 31.29 28.03
CA TYR G 216 28.18 32.26 27.95
C TYR G 216 27.07 31.94 28.94
N VAL G 217 26.40 32.99 29.39
CA VAL G 217 25.17 32.90 30.15
C VAL G 217 24.12 33.68 29.37
N PHE G 218 22.97 33.06 29.16
CA PHE G 218 21.89 33.66 28.38
C PHE G 218 20.63 33.65 29.24
N ASP G 219 19.84 34.71 29.15
CA ASP G 219 18.45 34.59 29.57
C ASP G 219 17.79 33.62 28.59
N ALA G 220 17.10 32.61 29.12
CA ALA G 220 16.62 31.54 28.24
C ALA G 220 15.72 32.10 27.14
N ASP G 221 14.79 32.99 27.49
CA ASP G 221 13.85 33.48 26.48
C ASP G 221 14.58 34.22 25.35
N TYR G 222 15.50 35.12 25.71
CA TYR G 222 16.25 35.84 24.67
C TYR G 222 17.01 34.86 23.77
N LEU G 223 17.63 33.83 24.36
CA LEU G 223 18.40 32.89 23.55
C LEU G 223 17.49 32.13 22.59
N TYR G 224 16.36 31.61 23.10
CA TYR G 224 15.43 30.91 22.22
C TYR G 224 15.01 31.78 21.04
N GLU G 225 14.49 33.00 21.33
CA GLU G 225 14.09 33.90 20.26
C GLU G 225 15.23 34.14 19.28
N LEU G 226 16.43 34.37 19.82
CA LEU G 226 17.58 34.70 18.99
C LEU G 226 17.98 33.55 18.07
N LEU G 227 17.96 32.32 18.58
CA LEU G 227 18.30 31.19 17.73
C LEU G 227 17.25 31.03 16.63
N GLU G 228 15.98 31.23 16.97
CA GLU G 228 14.95 31.21 15.95
C GLU G 228 15.31 32.19 14.86
N GLU G 229 15.67 33.42 15.24
CA GLU G 229 16.02 34.43 14.25
C GLU G 229 17.22 34.01 13.41
N ASP G 230 18.21 33.35 14.03
CA ASP G 230 19.45 33.03 13.34
C ASP G 230 19.25 31.93 12.31
N ASP G 231 18.45 30.91 12.61
CA ASP G 231 18.30 29.80 11.67
C ASP G 231 17.71 30.23 10.33
N ARG G 232 16.82 31.23 10.31
CA ARG G 232 16.20 31.64 9.06
C ARG G 232 17.14 32.44 8.15
N ASP G 233 18.10 33.19 8.71
CA ASP G 233 19.07 33.91 7.89
C ASP G 233 19.93 32.90 7.11
N GLU G 234 19.93 33.03 5.78
CA GLU G 234 20.73 32.12 4.96
C GLU G 234 22.22 32.39 5.11
N ASN G 235 22.62 33.67 5.19
CA ASN G 235 24.04 34.04 5.18
C ASN G 235 24.71 33.93 6.55
N SER G 236 23.94 33.86 7.64
CA SER G 236 24.54 33.74 8.96
C SER G 236 25.33 32.44 9.08
N SER G 237 26.49 32.52 9.72
CA SER G 237 27.36 31.35 9.84
C SER G 237 26.93 30.42 10.96
N HIS G 238 25.87 30.75 11.69
CA HIS G 238 25.29 29.86 12.70
C HIS G 238 26.32 29.45 13.75
N ASP G 239 27.17 30.40 14.12
CA ASP G 239 28.18 30.21 15.16
C ASP G 239 28.04 31.34 16.17
N PHE G 240 28.22 31.01 17.45
CA PHE G 240 28.14 32.04 18.48
C PHE G 240 29.17 33.13 18.19
N GLY G 241 30.44 32.75 18.09
CA GLY G 241 31.48 33.76 17.91
C GLY G 241 31.45 34.41 16.54
N LYS G 242 31.34 33.60 15.48
CA LYS G 242 31.45 34.13 14.13
C LYS G 242 30.22 34.96 13.74
N ASP G 243 29.02 34.54 14.14
CA ASP G 243 27.78 35.20 13.72
C ASP G 243 26.95 35.69 14.88
N LEU G 244 26.59 34.80 15.83
CA LEU G 244 25.60 35.16 16.84
C LEU G 244 26.12 36.23 17.79
N ILE G 245 27.18 35.96 18.57
CA ILE G 245 27.63 36.89 19.59
C ILE G 245 27.85 38.30 19.01
N PRO G 246 28.59 38.49 17.91
CA PRO G 246 28.72 39.86 17.37
C PRO G 246 27.38 40.57 17.20
N LYS G 247 26.38 39.89 16.64
CA LYS G 247 25.05 40.50 16.55
C LYS G 247 24.54 40.86 17.93
N ILE G 248 24.73 39.98 18.92
CA ILE G 248 24.28 40.28 20.27
C ILE G 248 24.99 41.52 20.80
N THR G 249 26.31 41.61 20.55
CA THR G 249 27.08 42.74 21.03
C THR G 249 26.57 44.07 20.46
N GLU G 250 26.33 44.13 19.14
CA GLU G 250 25.94 45.42 18.56
C GLU G 250 24.63 45.95 19.15
N ALA G 251 23.72 45.09 19.59
CA ALA G 251 22.51 45.61 20.21
C ALA G 251 22.74 46.11 21.63
N GLY G 252 23.95 45.93 22.17
CA GLY G 252 24.25 46.38 23.51
C GLY G 252 23.70 45.53 24.63
N LEU G 253 23.46 44.24 24.37
CA LEU G 253 22.93 43.33 25.37
C LEU G 253 23.98 42.35 25.87
N ALA G 254 25.24 42.54 25.50
CA ALA G 254 26.32 41.61 25.82
C ALA G 254 27.26 42.26 26.83
N TYR G 255 27.30 41.70 28.04
CA TYR G 255 28.23 42.14 29.07
C TYR G 255 29.36 41.12 29.23
N ALA G 256 30.45 41.56 29.85
CA ALA G 256 31.63 40.73 30.04
C ALA G 256 31.74 40.29 31.50
N HIS G 257 32.41 39.16 31.68
CA HIS G 257 32.63 38.57 33.00
C HIS G 257 34.11 38.26 33.11
N PRO G 258 34.88 39.03 33.88
CA PRO G 258 36.28 38.69 34.09
C PRO G 258 36.40 37.30 34.70
N PHE G 259 37.19 36.46 34.05
CA PHE G 259 37.36 35.09 34.52
C PHE G 259 37.82 35.03 35.97
N PRO G 260 38.75 35.89 36.43
CA PRO G 260 39.16 35.80 37.85
C PRO G 260 38.01 35.92 38.85
N LEU G 261 36.89 36.56 38.47
CA LEU G 261 35.79 36.74 39.41
C LEU G 261 35.22 35.40 39.85
N SER G 262 35.30 34.37 39.00
CA SER G 262 34.71 33.08 39.29
C SER G 262 35.70 31.93 39.21
N CYS G 263 36.88 32.13 38.62
CA CYS G 263 37.85 31.04 38.53
C CYS G 263 38.20 30.50 39.92
N VAL G 264 38.20 29.18 40.05
CA VAL G 264 38.48 28.49 41.31
C VAL G 264 39.92 28.01 41.29
N GLN G 265 40.68 28.38 42.32
CA GLN G 265 42.08 28.01 42.40
C GLN G 265 42.53 27.99 43.86
N SER G 266 43.33 26.98 44.20
CA SER G 266 43.78 26.83 45.57
C SER G 266 44.71 27.97 45.97
N ASP G 267 45.66 28.32 45.10
CA ASP G 267 46.62 29.39 45.39
C ASP G 267 46.08 30.70 44.83
N PRO G 268 45.65 31.65 45.67
CA PRO G 268 45.11 32.89 45.12
C PRO G 268 46.11 33.71 44.33
N ASP G 269 47.40 33.61 44.65
CA ASP G 269 48.42 34.46 44.04
C ASP G 269 48.91 33.94 42.70
N ALA G 270 48.09 33.15 42.01
CA ALA G 270 48.47 32.56 40.72
C ALA G 270 47.55 33.05 39.61
N GLU G 271 48.02 32.86 38.37
CA GLU G 271 47.23 33.25 37.22
C GLU G 271 46.11 32.22 37.01
N PRO G 272 44.95 32.66 36.52
CA PRO G 272 43.85 31.72 36.28
C PRO G 272 44.28 30.61 35.34
N TYR G 273 43.95 29.37 35.70
CA TYR G 273 44.34 28.21 34.91
C TYR G 273 43.27 27.92 33.88
N TRP G 274 43.65 27.98 32.61
CA TRP G 274 42.77 27.65 31.50
C TRP G 274 43.61 27.26 30.29
N ARG G 275 43.40 26.06 29.78
CA ARG G 275 44.16 25.55 28.65
C ARG G 275 43.17 25.05 27.60
N ASP G 276 43.28 25.58 26.38
CA ASP G 276 42.43 25.08 25.30
C ASP G 276 43.00 23.83 24.65
N VAL G 277 44.24 23.46 24.96
CA VAL G 277 44.81 22.21 24.48
C VAL G 277 44.58 22.06 22.98
N GLY G 278 44.96 23.07 22.21
CA GLY G 278 44.79 22.98 20.78
C GLY G 278 45.93 22.22 20.11
N THR G 279 47.15 22.68 20.32
CA THR G 279 48.32 22.07 19.72
C THR G 279 48.76 20.82 20.48
N LEU G 280 49.52 19.98 19.80
CA LEU G 280 50.17 18.86 20.48
C LEU G 280 51.03 19.37 21.64
N GLU G 281 51.84 20.40 21.39
CA GLU G 281 52.73 20.91 22.43
C GLU G 281 51.96 21.35 23.66
N ALA G 282 50.79 21.97 23.47
CA ALA G 282 50.00 22.40 24.61
C ALA G 282 49.50 21.21 25.41
N TYR G 283 49.02 20.17 24.72
CA TYR G 283 48.58 18.95 25.37
C TYR G 283 49.70 18.30 26.16
N TRP G 284 50.83 18.04 25.49
CA TRP G 284 52.00 17.46 26.15
C TRP G 284 52.38 18.26 27.39
N LYS G 285 52.45 19.58 27.26
CA LYS G 285 52.82 20.43 28.38
C LYS G 285 51.82 20.29 29.52
N ALA G 286 50.53 20.42 29.22
CA ALA G 286 49.51 20.39 30.26
C ALA G 286 49.50 19.06 30.99
N ASN G 287 49.65 17.95 30.28
CA ASN G 287 49.71 16.66 30.95
C ASN G 287 50.95 16.53 31.81
N LEU G 288 52.12 16.80 31.24
CA LEU G 288 53.34 16.66 32.02
C LEU G 288 53.36 17.58 33.23
N ASP G 289 52.60 18.67 33.19
CA ASP G 289 52.55 19.57 34.35
C ASP G 289 52.14 18.81 35.60
N LEU G 290 51.23 17.86 35.47
CA LEU G 290 50.73 17.13 36.62
C LEU G 290 51.80 16.26 37.27
N ALA G 291 52.88 15.95 36.55
CA ALA G 291 53.92 15.12 37.12
C ALA G 291 54.93 15.93 37.91
N SER G 292 54.95 17.25 37.74
CA SER G 292 55.92 18.10 38.44
C SER G 292 55.62 18.16 39.94
N VAL G 293 56.57 18.71 40.69
CA VAL G 293 56.44 18.75 42.14
C VAL G 293 55.26 19.62 42.55
N VAL G 294 55.13 20.79 41.91
CA VAL G 294 54.02 21.71 42.19
C VAL G 294 53.31 21.98 40.88
N PRO G 295 52.33 21.16 40.49
CA PRO G 295 51.62 21.41 39.24
C PRO G 295 50.82 22.69 39.30
N GLU G 296 50.74 23.38 38.15
CA GLU G 296 49.90 24.55 38.07
C GLU G 296 48.44 24.19 38.29
N LEU G 297 48.03 22.99 37.90
CA LEU G 297 46.67 22.51 38.08
C LEU G 297 46.62 21.56 39.26
N ASP G 298 45.77 21.88 40.24
CA ASP G 298 45.64 21.09 41.45
C ASP G 298 44.53 20.06 41.26
N MET G 299 44.91 18.79 41.07
CA MET G 299 43.96 17.68 40.95
C MET G 299 43.78 16.94 42.28
N TYR G 300 44.22 17.52 43.39
CA TYR G 300 44.00 16.96 44.72
C TYR G 300 43.03 17.80 45.54
N ASP G 301 42.38 18.79 44.93
CA ASP G 301 41.52 19.72 45.67
C ASP G 301 40.22 19.04 46.02
N ARG G 302 40.01 18.78 47.31
CA ARG G 302 38.78 18.17 47.78
C ARG G 302 37.60 19.14 47.80
N ASN G 303 37.84 20.45 47.66
CA ASN G 303 36.73 21.40 47.64
C ASN G 303 36.18 21.62 46.25
N TRP G 304 36.90 21.24 45.20
CA TRP G 304 36.41 21.34 43.82
C TRP G 304 36.86 20.11 43.03
N PRO G 305 36.26 18.97 43.31
CA PRO G 305 36.70 17.73 42.66
C PRO G 305 36.18 17.58 41.23
N ILE G 306 36.87 16.71 40.47
CA ILE G 306 36.54 16.43 39.08
C ILE G 306 36.04 14.99 38.98
N ARG G 307 34.82 14.82 38.44
CA ARG G 307 34.19 13.51 38.31
C ARG G 307 34.59 12.89 36.97
N THR G 308 34.77 11.57 36.96
CA THR G 308 35.05 10.83 35.72
C THR G 308 34.63 9.37 35.90
N TYR G 309 34.81 8.58 34.84
CA TYR G 309 34.55 7.15 34.92
C TYR G 309 35.60 6.49 35.80
N ASN G 310 35.17 5.89 36.90
CA ASN G 310 36.09 5.27 37.85
C ASN G 310 36.33 3.83 37.42
N GLU G 311 37.26 3.66 36.49
CA GLU G 311 37.58 2.32 36.03
C GLU G 311 38.22 1.53 37.17
N SER G 312 37.82 0.26 37.29
CA SER G 312 38.40 -0.62 38.29
C SER G 312 39.73 -1.13 37.74
N LEU G 313 40.83 -0.74 38.35
CA LEU G 313 42.14 -1.08 37.83
C LEU G 313 42.99 -1.68 38.94
N PRO G 314 43.88 -2.61 38.61
CA PRO G 314 44.80 -3.12 39.63
C PRO G 314 45.83 -2.07 39.97
N PRO G 315 46.45 -2.16 41.15
CA PRO G 315 47.47 -1.17 41.49
C PRO G 315 48.60 -1.17 40.47
N ALA G 316 49.24 -0.03 40.31
CA ALA G 316 50.41 0.04 39.47
C ALA G 316 51.42 -0.99 39.95
N LYS G 317 51.85 -1.88 39.05
CA LYS G 317 52.73 -2.98 39.40
C LYS G 317 54.11 -2.69 38.83
N PHE G 318 55.08 -2.52 39.71
CA PHE G 318 56.48 -2.35 39.35
C PHE G 318 57.21 -3.64 39.67
N VAL G 319 57.91 -4.17 38.67
CA VAL G 319 58.60 -5.45 38.78
C VAL G 319 60.03 -5.25 38.29
N GLN G 320 60.84 -6.29 38.47
CA GLN G 320 62.21 -6.31 38.02
C GLN G 320 62.26 -6.59 36.52
N ASP G 321 63.32 -6.10 35.88
CA ASP G 321 63.53 -6.38 34.47
C ASP G 321 64.14 -7.77 34.31
N ARG G 322 64.37 -8.18 33.05
CA ARG G 322 64.93 -9.50 32.79
C ARG G 322 66.31 -9.65 33.43
N SER G 323 67.04 -8.55 33.63
CA SER G 323 68.33 -8.60 34.31
C SER G 323 68.20 -8.63 35.82
N GLY G 324 66.97 -8.55 36.35
CA GLY G 324 66.73 -8.52 37.78
C GLY G 324 66.95 -7.17 38.42
N SER G 325 67.07 -6.12 37.62
CA SER G 325 67.32 -4.78 38.15
C SER G 325 66.02 -4.08 38.52
N HIS G 326 66.16 -3.10 39.39
CA HIS G 326 65.04 -2.30 39.84
C HIS G 326 64.71 -1.23 38.79
N GLY G 327 63.58 -0.57 39.00
CA GLY G 327 63.16 0.53 38.16
C GLY G 327 63.40 1.84 38.88
N MET G 328 63.61 2.89 38.09
CA MET G 328 63.84 4.22 38.62
C MET G 328 62.76 5.16 38.07
N THR G 329 62.34 6.08 38.91
CA THR G 329 61.24 7.00 38.58
C THR G 329 61.60 8.39 39.10
N LEU G 330 61.36 9.39 38.25
CA LEU G 330 61.59 10.78 38.63
C LEU G 330 60.44 11.62 38.10
N ASN G 331 59.69 12.24 39.01
CA ASN G 331 58.62 13.17 38.64
C ASN G 331 57.74 12.59 37.54
N SER G 332 57.06 11.49 37.85
CA SER G 332 56.21 10.81 36.88
C SER G 332 54.94 10.30 37.56
N LEU G 333 53.92 10.06 36.73
CA LEU G 333 52.65 9.49 37.16
C LEU G 333 52.45 8.13 36.52
N VAL G 334 51.96 7.18 37.32
CA VAL G 334 51.71 5.81 36.86
C VAL G 334 50.31 5.45 37.30
N SER G 335 49.38 5.41 36.34
CA SER G 335 47.98 5.15 36.65
C SER G 335 47.74 3.66 36.92
N GLY G 336 46.53 3.35 37.37
CA GLY G 336 46.22 1.98 37.68
C GLY G 336 46.39 1.08 36.47
N GLY G 337 46.66 -0.19 36.75
CA GLY G 337 46.84 -1.18 35.70
C GLY G 337 48.17 -1.14 34.99
N CYS G 338 48.99 -0.14 35.23
CA CYS G 338 50.30 -0.12 34.60
C CYS G 338 51.15 -1.26 35.14
N VAL G 339 52.07 -1.72 34.29
CA VAL G 339 53.06 -2.73 34.65
C VAL G 339 54.39 -2.29 34.08
N ILE G 340 55.37 -2.07 34.96
CA ILE G 340 56.67 -1.50 34.57
C ILE G 340 57.77 -2.45 35.03
N SER G 341 58.52 -2.99 34.07
CA SER G 341 59.64 -3.88 34.38
C SER G 341 60.90 -3.03 34.44
N GLY G 342 61.36 -2.74 35.67
CA GLY G 342 62.55 -1.93 35.85
C GLY G 342 62.47 -0.61 35.14
N SER G 343 63.37 -0.39 34.19
CA SER G 343 63.33 0.78 33.33
C SER G 343 63.51 2.09 34.08
N VAL G 344 63.58 3.19 33.35
CA VAL G 344 63.69 4.52 33.93
C VAL G 344 62.56 5.35 33.35
N VAL G 345 61.70 5.88 34.20
CA VAL G 345 60.58 6.73 33.77
C VAL G 345 60.76 8.11 34.41
N VAL G 346 60.88 9.14 33.57
CA VAL G 346 61.12 10.49 34.06
C VAL G 346 60.17 11.46 33.37
N GLN G 347 59.64 12.41 34.15
CA GLN G 347 58.82 13.50 33.62
C GLN G 347 57.74 12.99 32.68
N SER G 348 57.19 11.81 32.98
CA SER G 348 56.24 11.16 32.09
C SER G 348 54.92 10.92 32.80
N VAL G 349 53.87 10.74 32.00
CA VAL G 349 52.55 10.42 32.49
C VAL G 349 52.11 9.15 31.79
N LEU G 350 51.85 8.10 32.57
CA LEU G 350 51.43 6.81 32.04
C LEU G 350 49.97 6.57 32.40
N PHE G 351 49.11 6.58 31.41
CA PHE G 351 47.68 6.34 31.64
C PHE G 351 47.46 4.88 32.02
N SER G 352 46.21 4.47 32.11
CA SER G 352 45.89 3.16 32.64
C SER G 352 46.40 2.05 31.72
N ARG G 353 46.95 1.01 32.33
CA ARG G 353 47.26 -0.25 31.63
C ARG G 353 48.43 -0.10 30.67
N VAL G 354 49.32 0.85 30.91
CA VAL G 354 50.52 0.95 30.07
C VAL G 354 51.52 -0.11 30.51
N ARG G 355 52.00 -0.89 29.56
CA ARG G 355 53.01 -1.90 29.80
C ARG G 355 54.35 -1.38 29.29
N VAL G 356 55.36 -1.37 30.17
CA VAL G 356 56.71 -0.96 29.82
C VAL G 356 57.63 -2.11 30.15
N ASN G 357 58.22 -2.71 29.11
CA ASN G 357 59.03 -3.90 29.28
C ASN G 357 60.46 -3.49 29.66
N SER G 358 61.38 -4.45 29.64
CA SER G 358 62.67 -4.25 30.26
C SER G 358 63.53 -3.27 29.47
N PHE G 359 64.41 -2.58 30.19
CA PHE G 359 65.47 -1.79 29.59
C PHE G 359 64.89 -0.67 28.72
N CYS G 360 63.88 0.01 29.24
CA CYS G 360 63.27 1.15 28.57
C CYS G 360 63.69 2.42 29.26
N ASN G 361 63.76 3.50 28.48
CA ASN G 361 64.03 4.84 28.98
C ASN G 361 62.89 5.71 28.47
N ILE G 362 61.90 5.94 29.32
CA ILE G 362 60.73 6.73 28.97
C ILE G 362 60.93 8.11 29.58
N ASP G 363 60.74 9.12 28.76
CA ASP G 363 61.34 10.41 29.00
C ASP G 363 60.42 11.51 28.50
N SER G 364 59.99 12.41 29.39
CA SER G 364 59.18 13.56 29.03
C SER G 364 58.08 13.15 28.04
N ALA G 365 57.38 12.06 28.37
CA ALA G 365 56.42 11.45 27.46
C ALA G 365 55.07 11.28 28.14
N VAL G 366 54.04 11.19 27.28
CA VAL G 366 52.66 10.97 27.70
C VAL G 366 52.18 9.73 26.96
N LEU G 367 51.96 8.64 27.69
CA LEU G 367 51.55 7.37 27.12
C LEU G 367 50.09 7.15 27.48
N LEU G 368 49.22 7.17 26.47
CA LEU G 368 47.78 7.03 26.69
C LEU G 368 47.43 5.59 27.09
N PRO G 369 46.20 5.33 27.50
CA PRO G 369 45.87 4.03 28.07
C PRO G 369 46.27 2.90 27.13
N GLU G 370 46.60 1.75 27.71
CA GLU G 370 46.80 0.51 26.98
C GLU G 370 47.99 0.54 26.03
N VAL G 371 48.88 1.53 26.13
CA VAL G 371 50.08 1.49 25.32
C VAL G 371 50.92 0.29 25.74
N TRP G 372 51.54 -0.37 24.77
CA TRP G 372 52.43 -1.49 25.02
C TRP G 372 53.80 -1.12 24.46
N VAL G 373 54.77 -0.94 25.34
CA VAL G 373 56.11 -0.56 24.95
C VAL G 373 56.99 -1.80 25.02
N GLY G 374 57.51 -2.21 23.86
CA GLY G 374 58.41 -3.35 23.81
C GLY G 374 59.72 -3.06 24.53
N ARG G 375 60.54 -4.10 24.66
CA ARG G 375 61.79 -3.99 25.39
C ARG G 375 62.78 -3.12 24.63
N SER G 376 63.69 -2.49 25.38
CA SER G 376 64.80 -1.71 24.83
C SER G 376 64.35 -0.48 24.07
N CYS G 377 63.20 0.11 24.42
CA CYS G 377 62.74 1.34 23.79
C CYS G 377 63.24 2.55 24.56
N ARG G 378 63.33 3.67 23.84
CA ARG G 378 63.74 4.95 24.44
C ARG G 378 62.82 6.02 23.87
N LEU G 379 61.84 6.45 24.65
CA LEU G 379 60.85 7.43 24.23
C LEU G 379 61.20 8.76 24.88
N ARG G 380 60.98 9.87 24.16
CA ARG G 380 61.45 11.17 24.62
C ARG G 380 60.63 12.26 23.96
N ARG G 381 60.11 13.18 24.77
CA ARG G 381 59.34 14.33 24.29
C ARG G 381 58.35 13.92 23.22
N CYS G 382 57.38 13.06 23.61
CA CYS G 382 56.44 12.49 22.67
C CYS G 382 55.10 12.22 23.34
N VAL G 383 54.12 11.82 22.53
CA VAL G 383 52.80 11.51 23.05
C VAL G 383 52.31 10.23 22.40
N ILE G 384 52.49 9.08 23.04
CA ILE G 384 52.04 7.82 22.46
C ILE G 384 50.53 7.73 22.60
N ASP G 385 49.84 7.48 21.48
CA ASP G 385 48.39 7.48 21.44
C ASP G 385 47.84 6.18 22.04
N ARG G 386 46.53 6.13 22.27
CA ARG G 386 45.94 4.97 22.95
C ARG G 386 46.29 3.68 22.23
N ALA G 387 46.65 2.66 22.99
CA ALA G 387 46.77 1.28 22.52
C ALA G 387 47.90 1.10 21.51
N CYS G 388 48.81 2.04 21.40
CA CYS G 388 49.95 1.84 20.53
C CYS G 388 50.81 0.68 21.05
N VAL G 389 51.39 -0.06 20.13
CA VAL G 389 52.31 -1.15 20.43
C VAL G 389 53.67 -0.71 19.89
N ILE G 390 54.56 -0.30 20.77
CA ILE G 390 55.87 0.15 20.34
C ILE G 390 56.71 -1.12 20.18
N PRO G 391 57.28 -1.40 18.99
CA PRO G 391 58.03 -2.65 18.81
C PRO G 391 59.27 -2.66 19.69
N GLU G 392 60.15 -3.64 19.49
CA GLU G 392 61.24 -3.87 20.42
C GLU G 392 62.45 -3.11 19.92
N GLY G 393 62.92 -2.18 20.75
CA GLY G 393 64.11 -1.40 20.46
C GLY G 393 63.87 -0.14 19.65
N MET G 394 62.62 0.27 19.47
CA MET G 394 62.34 1.51 18.77
C MET G 394 62.78 2.71 19.61
N VAL G 395 63.41 3.67 18.95
CA VAL G 395 63.86 4.91 19.60
C VAL G 395 63.08 6.07 19.02
N ILE G 396 62.64 6.97 19.89
CA ILE G 396 61.87 8.14 19.49
C ILE G 396 62.36 9.35 20.28
N GLY G 397 62.42 10.51 19.62
CA GLY G 397 62.78 11.74 20.28
C GLY G 397 64.24 12.11 20.24
N GLU G 398 65.11 11.29 19.63
CA GLU G 398 66.53 11.57 19.59
C GLU G 398 67.02 12.09 18.24
N ASN G 399 66.60 11.45 17.13
CA ASN G 399 66.95 11.90 15.79
C ASN G 399 65.75 12.66 15.21
N ALA G 400 65.87 13.99 15.15
CA ALA G 400 64.74 14.82 14.76
C ALA G 400 64.24 14.45 13.37
N GLU G 401 65.14 14.40 12.37
CA GLU G 401 64.70 14.11 11.01
C GLU G 401 64.03 12.74 10.92
N GLU G 402 64.65 11.71 11.51
CA GLU G 402 64.09 10.36 11.44
C GLU G 402 62.71 10.30 12.09
N ASP G 403 62.58 10.88 13.29
CA ASP G 403 61.28 10.89 13.97
C ASP G 403 60.23 11.61 13.13
N ALA G 404 60.59 12.77 12.57
CA ALA G 404 59.64 13.50 11.72
C ALA G 404 59.24 12.69 10.50
N ARG G 405 60.19 11.91 9.96
CA ARG G 405 59.92 11.03 8.84
C ARG G 405 58.89 9.96 9.21
N ARG G 406 59.16 9.22 10.30
CA ARG G 406 58.30 8.09 10.67
C ARG G 406 56.94 8.56 11.16
N PHE G 407 56.92 9.54 12.06
CA PHE G 407 55.68 9.99 12.67
C PHE G 407 55.45 11.47 12.44
N TYR G 408 54.69 12.12 13.34
CA TYR G 408 54.47 13.56 13.30
C TYR G 408 55.32 14.27 14.35
N ARG G 409 55.96 15.37 13.95
CA ARG G 409 56.84 16.15 14.81
C ARG G 409 56.41 17.61 14.79
N SER G 410 56.12 18.15 15.97
CA SER G 410 55.66 19.52 16.11
C SER G 410 56.81 20.48 15.87
N GLU G 411 56.44 21.75 15.66
CA GLU G 411 57.45 22.77 15.38
C GLU G 411 58.46 22.90 16.51
N GLU G 412 58.01 22.73 17.76
CA GLU G 412 58.87 22.85 18.92
C GLU G 412 59.67 21.57 19.22
N GLY G 413 59.36 20.47 18.57
CA GLY G 413 60.09 19.23 18.76
C GLY G 413 59.32 18.11 19.46
N ILE G 414 58.01 18.19 19.54
CA ILE G 414 57.22 17.15 20.19
C ILE G 414 56.78 16.16 19.13
N VAL G 415 56.82 14.88 19.49
CA VAL G 415 56.50 13.81 18.56
C VAL G 415 55.15 13.23 18.93
N LEU G 416 54.36 12.89 17.92
CA LEU G 416 53.09 12.22 18.12
C LEU G 416 53.15 10.88 17.40
N VAL G 417 52.73 9.83 18.08
CA VAL G 417 52.82 8.47 17.56
C VAL G 417 51.42 7.89 17.70
N THR G 418 50.65 7.86 16.60
CA THR G 418 49.34 7.24 16.62
C THR G 418 49.52 5.82 16.10
N ARG G 419 48.62 4.92 16.50
CA ARG G 419 48.85 3.52 16.16
C ARG G 419 48.83 3.30 14.65
N GLU G 420 48.06 4.12 13.92
CA GLU G 420 48.09 4.05 12.47
C GLU G 420 49.51 4.31 11.93
N MET G 421 50.21 5.29 12.48
CA MET G 421 51.58 5.58 12.04
C MET G 421 52.44 4.32 12.13
N LEU G 422 52.32 3.58 13.23
CA LEU G 422 53.08 2.34 13.37
C LEU G 422 52.63 1.32 12.33
N ARG G 423 51.32 1.24 12.07
CA ARG G 423 50.83 0.34 11.03
C ARG G 423 51.51 0.63 9.69
N LYS G 424 51.54 1.90 9.30
CA LYS G 424 52.19 2.27 8.04
C LYS G 424 53.63 1.77 7.98
N LEU G 425 54.31 1.65 9.11
CA LEU G 425 55.69 1.16 9.15
C LEU G 425 55.78 -0.35 9.24
N GLY G 426 54.65 -1.05 9.19
CA GLY G 426 54.66 -2.50 9.19
C GLY G 426 54.70 -3.14 10.55
N HIS G 427 54.23 -2.46 11.59
CA HIS G 427 54.16 -3.00 12.94
C HIS G 427 52.69 -3.23 13.28
N LYS G 428 52.32 -4.49 13.49
CA LYS G 428 50.94 -4.86 13.77
C LYS G 428 50.51 -4.35 15.14
N GLN G 429 49.37 -3.67 15.17
CA GLN G 429 48.76 -3.12 16.38
C GLN G 429 47.43 -3.82 16.69
N GLU G 430 47.49 -5.02 17.26
CA GLU G 430 46.26 -5.71 17.71
C GLU G 430 46.36 -6.20 19.16
N LEU H 10 23.18 -29.08 29.97
CA LEU H 10 21.73 -28.99 29.87
C LEU H 10 21.24 -27.75 30.60
N MET H 11 19.91 -27.53 30.56
CA MET H 11 19.33 -26.34 31.18
C MET H 11 19.60 -26.29 32.68
N LEU H 12 19.79 -27.45 33.32
CA LEU H 12 20.00 -27.46 34.77
C LEU H 12 21.20 -26.59 35.19
N ALA H 13 22.24 -26.56 34.36
CA ALA H 13 23.49 -25.94 34.80
C ALA H 13 23.31 -24.46 35.12
N ARG H 14 22.67 -23.70 34.24
CA ARG H 14 22.49 -22.28 34.53
C ARG H 14 21.30 -22.01 35.45
N GLN H 15 20.27 -22.85 35.41
CA GLN H 15 19.09 -22.56 36.22
C GLN H 15 19.36 -22.80 37.71
N LEU H 16 20.17 -23.80 38.08
CA LEU H 16 20.42 -24.06 39.50
C LEU H 16 20.86 -22.82 40.27
N PRO H 17 21.84 -22.04 39.79
CA PRO H 17 22.18 -20.79 40.50
C PRO H 17 21.00 -19.86 40.74
N LEU H 18 20.12 -19.65 39.75
CA LEU H 18 19.02 -18.70 39.93
C LEU H 18 18.10 -19.11 41.07
N LYS H 19 17.91 -20.41 41.29
CA LYS H 19 17.07 -20.88 42.39
C LYS H 19 17.80 -20.89 43.73
N SER H 20 18.99 -20.29 43.82
CA SER H 20 19.81 -20.35 45.03
C SER H 20 20.08 -18.95 45.58
N VAL H 21 20.36 -18.92 46.88
CA VAL H 21 20.74 -17.70 47.59
C VAL H 21 21.96 -17.99 48.44
N ALA H 22 22.92 -17.04 48.45
CA ALA H 22 24.16 -17.19 49.20
C ALA H 22 24.13 -16.33 50.47
N LEU H 23 24.55 -16.93 51.58
CA LEU H 23 24.62 -16.24 52.87
C LEU H 23 26.09 -16.20 53.30
N ILE H 24 26.60 -14.99 53.54
CA ILE H 24 27.98 -14.77 53.91
C ILE H 24 28.02 -14.42 55.39
N LEU H 25 28.50 -15.34 56.21
CA LEU H 25 28.62 -15.10 57.64
C LEU H 25 29.88 -14.27 57.89
N ALA H 26 29.74 -13.19 58.63
CA ALA H 26 30.83 -12.26 58.92
C ALA H 26 31.07 -12.19 60.42
N GLY H 27 32.34 -12.15 60.82
CA GLY H 27 32.71 -12.02 62.22
C GLY H 27 32.16 -13.14 63.09
N ALA H 41 36.79 -6.18 62.19
CA ALA H 41 36.10 -7.34 61.64
C ALA H 41 36.91 -7.98 60.52
N LYS H 42 37.07 -9.31 60.59
CA LYS H 42 37.90 -10.02 59.61
C LYS H 42 37.43 -9.80 58.18
N PRO H 43 36.15 -9.99 57.83
CA PRO H 43 35.73 -9.79 56.43
C PRO H 43 36.04 -8.42 55.87
N ALA H 44 36.22 -7.41 56.72
CA ALA H 44 36.48 -6.05 56.26
C ALA H 44 37.96 -5.68 56.29
N VAL H 45 38.84 -6.66 56.11
CA VAL H 45 40.28 -6.41 56.16
C VAL H 45 40.76 -5.99 54.78
N HIS H 46 41.59 -4.96 54.75
CA HIS H 46 42.21 -4.53 53.49
C HIS H 46 43.12 -5.62 52.94
N PHE H 47 43.08 -5.81 51.63
CA PHE H 47 43.91 -6.81 50.98
C PHE H 47 44.23 -6.41 49.55
N GLY H 48 45.45 -6.66 49.13
CA GLY H 48 45.84 -6.48 47.73
C GLY H 48 45.75 -5.07 47.20
N GLY H 49 45.86 -4.07 48.07
CA GLY H 49 45.89 -2.68 47.65
C GLY H 49 44.56 -2.00 47.47
N LYS H 50 43.57 -2.71 46.92
CA LYS H 50 42.27 -2.11 46.63
C LYS H 50 41.07 -2.91 47.10
N PHE H 51 41.25 -4.07 47.74
CA PHE H 51 40.15 -4.97 48.05
C PHE H 51 39.92 -5.05 49.55
N ARG H 52 38.77 -5.64 49.90
CA ARG H 52 38.51 -6.18 51.22
C ARG H 52 38.13 -7.65 51.06
N ILE H 53 38.52 -8.46 52.03
CA ILE H 53 38.46 -9.91 51.86
C ILE H 53 37.09 -10.34 51.33
N ILE H 54 36.02 -9.81 51.92
CA ILE H 54 34.68 -10.24 51.55
C ILE H 54 34.46 -10.14 50.05
N ASP H 55 35.07 -9.14 49.40
CA ASP H 55 34.92 -8.95 47.96
C ASP H 55 35.04 -10.26 47.22
N PHE H 56 35.98 -11.11 47.63
CA PHE H 56 36.14 -12.39 46.94
C PHE H 56 34.86 -13.22 47.01
N ALA H 57 34.41 -13.57 48.22
CA ALA H 57 33.20 -14.37 48.36
C ALA H 57 32.06 -13.80 47.52
N LEU H 58 31.66 -12.56 47.82
CA LEU H 58 30.62 -11.90 47.04
C LEU H 58 30.92 -12.03 45.55
N SER H 59 32.13 -11.65 45.13
CA SER H 59 32.48 -11.72 43.72
C SER H 59 32.23 -13.13 43.17
N ASN H 60 32.69 -14.15 43.88
CA ASN H 60 32.42 -15.51 43.44
C ASN H 60 30.95 -15.70 43.14
N CYS H 61 30.08 -15.34 44.11
CA CYS H 61 28.65 -15.45 43.88
C CYS H 61 28.26 -14.82 42.54
N ILE H 62 28.68 -13.56 42.31
CA ILE H 62 28.35 -12.88 41.07
C ILE H 62 28.83 -13.71 39.89
N ASN H 63 30.08 -14.11 39.91
CA ASN H 63 30.63 -14.84 38.79
C ASN H 63 30.03 -16.24 38.68
N SER H 64 29.44 -16.75 39.77
CA SER H 64 28.81 -18.07 39.74
C SER H 64 27.35 -18.00 39.29
N GLY H 65 26.79 -16.81 39.12
CA GLY H 65 25.40 -16.67 38.75
C GLY H 65 24.46 -16.45 39.93
N ILE H 66 24.98 -16.46 41.14
CA ILE H 66 24.18 -16.20 42.33
C ILE H 66 24.24 -14.70 42.58
N ARG H 67 23.18 -13.99 42.22
CA ARG H 67 23.11 -12.55 42.41
C ARG H 67 22.28 -12.16 43.61
N ARG H 68 21.85 -13.12 44.42
CA ARG H 68 21.09 -12.85 45.64
C ARG H 68 21.96 -13.27 46.81
N MET H 69 22.45 -12.30 47.57
CA MET H 69 23.37 -12.54 48.68
C MET H 69 22.82 -11.95 49.98
N GLY H 70 23.15 -12.63 51.07
CA GLY H 70 22.78 -12.15 52.39
C GLY H 70 24.00 -12.11 53.28
N VAL H 71 24.49 -10.91 53.53
CA VAL H 71 25.67 -10.69 54.35
C VAL H 71 25.21 -10.55 55.79
N ILE H 72 25.53 -11.54 56.61
CA ILE H 72 25.15 -11.54 58.01
C ILE H 72 26.33 -10.99 58.80
N THR H 73 26.19 -9.80 59.34
CA THR H 73 27.29 -9.19 60.09
C THR H 73 27.16 -9.68 61.53
N GLN H 74 28.22 -10.36 62.03
CA GLN H 74 28.20 -10.81 63.42
C GLN H 74 27.89 -9.65 64.35
N TYR H 75 28.57 -8.52 64.13
CA TYR H 75 28.24 -7.24 64.74
C TYR H 75 28.17 -6.22 63.61
N GLN H 76 27.27 -5.25 63.72
CA GLN H 76 27.21 -4.22 62.69
C GLN H 76 28.52 -3.45 62.66
N SER H 77 29.39 -3.81 61.72
CA SER H 77 30.68 -3.16 61.55
C SER H 77 30.48 -1.97 60.63
N HIS H 78 30.81 -0.77 61.12
CA HIS H 78 30.66 0.41 60.27
C HIS H 78 31.43 0.26 58.96
N THR H 79 32.66 -0.25 59.02
CA THR H 79 33.45 -0.31 57.79
C THR H 79 32.89 -1.34 56.84
N LEU H 80 32.38 -2.45 57.36
CA LEU H 80 31.82 -3.46 56.48
C LEU H 80 30.51 -2.99 55.88
N VAL H 81 29.62 -2.45 56.71
CA VAL H 81 28.36 -1.90 56.21
C VAL H 81 28.64 -0.82 55.17
N GLN H 82 29.58 0.08 55.47
CA GLN H 82 29.94 1.14 54.54
C GLN H 82 30.50 0.59 53.23
N HIS H 83 31.37 -0.42 53.31
CA HIS H 83 31.90 -1.02 52.10
C HIS H 83 30.80 -1.65 51.26
N ILE H 84 29.91 -2.42 51.91
CA ILE H 84 28.76 -3.00 51.22
C ILE H 84 27.90 -1.89 50.61
N GLN H 85 27.84 -0.74 51.26
CA GLN H 85 26.97 0.34 50.82
C GLN H 85 27.57 1.08 49.63
N ARG H 86 28.89 1.22 49.60
CA ARG H 86 29.55 1.98 48.55
C ARG H 86 29.90 1.15 47.32
N GLY H 87 30.18 -0.14 47.49
CA GLY H 87 30.67 -0.95 46.40
C GLY H 87 29.77 -2.09 46.01
N TRP H 88 28.83 -2.44 46.88
CA TRP H 88 27.97 -3.60 46.65
C TRP H 88 26.49 -3.24 46.84
N SER H 89 26.13 -1.99 46.60
CA SER H 89 24.74 -1.59 46.62
C SER H 89 24.35 -0.99 45.27
N PHE H 90 24.49 -1.79 44.21
CA PHE H 90 24.23 -1.35 42.85
C PHE H 90 23.18 -2.24 42.16
N PHE H 91 22.46 -3.04 42.93
CA PHE H 91 21.60 -4.08 42.36
C PHE H 91 20.18 -3.57 42.15
N ASN H 92 19.53 -4.14 41.14
CA ASN H 92 18.12 -3.85 40.83
C ASN H 92 17.27 -4.98 41.39
N GLU H 93 16.66 -4.74 42.55
CA GLU H 93 15.95 -5.80 43.28
C GLU H 93 14.89 -6.48 42.41
N GLU H 94 14.33 -5.77 41.43
CA GLU H 94 13.28 -6.34 40.60
C GLU H 94 13.81 -7.45 39.70
N MET H 95 15.13 -7.52 39.52
CA MET H 95 15.78 -8.54 38.71
C MET H 95 16.28 -9.72 39.54
N ASN H 96 15.80 -9.88 40.78
CA ASN H 96 16.20 -10.98 41.65
C ASN H 96 17.70 -10.91 41.93
N GLU H 97 18.13 -9.77 42.44
CA GLU H 97 19.52 -9.56 42.80
C GLU H 97 19.58 -8.54 43.93
N PHE H 98 20.38 -8.82 44.96
CA PHE H 98 20.47 -7.93 46.11
C PHE H 98 21.62 -8.40 47.02
N VAL H 99 21.99 -7.51 47.94
CA VAL H 99 22.95 -7.83 49.00
C VAL H 99 22.34 -7.33 50.30
N ASP H 100 21.66 -8.23 51.01
CA ASP H 100 20.97 -7.85 52.23
C ASP H 100 21.97 -7.73 53.36
N LEU H 101 21.81 -6.71 54.19
CA LEU H 101 22.58 -6.55 55.42
C LEU H 101 21.74 -7.13 56.54
N LEU H 102 22.09 -8.34 56.98
CA LEU H 102 21.35 -9.02 58.03
C LEU H 102 22.07 -8.89 59.35
N PRO H 103 21.46 -8.34 60.40
CA PRO H 103 22.13 -8.27 61.69
C PRO H 103 21.93 -9.54 62.49
N ALA H 104 22.88 -9.82 63.38
CA ALA H 104 22.76 -10.94 64.32
C ALA H 104 22.80 -10.44 65.75
N GLY H 116 27.18 -19.12 68.58
CA GLY H 116 27.15 -20.10 67.51
C GLY H 116 27.03 -19.48 66.14
N THR H 117 27.44 -20.21 65.10
CA THR H 117 27.39 -19.68 63.74
C THR H 117 25.99 -19.79 63.14
N ALA H 118 25.32 -20.93 63.36
CA ALA H 118 23.98 -21.12 62.81
C ALA H 118 22.96 -20.22 63.48
N ASP H 119 23.20 -19.86 64.75
CA ASP H 119 22.25 -19.01 65.46
C ASP H 119 21.95 -17.75 64.67
N ALA H 120 22.99 -17.16 64.05
CA ALA H 120 22.78 -15.95 63.26
C ALA H 120 21.81 -16.19 62.11
N VAL H 121 21.93 -17.35 61.45
CA VAL H 121 20.98 -17.67 60.39
C VAL H 121 19.58 -17.87 60.96
N THR H 122 19.46 -18.57 62.08
CA THR H 122 18.16 -18.79 62.69
C THR H 122 17.49 -17.47 63.04
N GLN H 123 18.28 -16.47 63.44
CA GLN H 123 17.71 -15.18 63.81
C GLN H 123 17.01 -14.53 62.63
N ASN H 124 17.66 -14.50 61.48
CA ASN H 124 17.07 -13.93 60.27
C ASN H 124 16.29 -14.96 59.47
N LEU H 125 15.86 -16.05 60.10
CA LEU H 125 15.25 -17.13 59.33
C LEU H 125 13.97 -16.68 58.66
N ASP H 126 13.21 -15.79 59.31
CA ASP H 126 12.00 -15.25 58.70
C ASP H 126 12.33 -14.49 57.42
N ILE H 127 13.27 -13.55 57.48
CA ILE H 127 13.66 -12.79 56.30
C ILE H 127 14.15 -13.72 55.19
N ILE H 128 14.95 -14.73 55.57
CA ILE H 128 15.55 -15.62 54.59
C ILE H 128 14.49 -16.46 53.88
N ARG H 129 13.47 -16.94 54.61
CA ARG H 129 12.42 -17.73 53.96
C ARG H 129 11.80 -16.96 52.79
N ALA H 130 11.59 -15.64 52.95
CA ALA H 130 10.97 -14.84 51.92
C ALA H 130 11.74 -14.88 50.61
N TYR H 131 13.06 -15.12 50.67
CA TYR H 131 13.85 -15.24 49.45
C TYR H 131 13.27 -16.30 48.53
N LYS H 132 12.64 -17.33 49.10
CA LYS H 132 12.07 -18.41 48.31
C LYS H 132 13.13 -19.03 47.40
N ALA H 133 14.22 -19.46 48.02
CA ALA H 133 15.29 -20.13 47.31
C ALA H 133 15.12 -21.64 47.45
N GLU H 134 15.45 -22.37 46.38
CA GLU H 134 15.45 -23.82 46.48
C GLU H 134 16.70 -24.33 47.17
N TYR H 135 17.83 -23.67 46.96
CA TYR H 135 19.09 -24.04 47.58
C TYR H 135 19.72 -22.82 48.25
N VAL H 136 20.39 -23.07 49.38
CA VAL H 136 21.09 -22.03 50.13
C VAL H 136 22.57 -22.35 50.12
N VAL H 137 23.39 -21.34 49.84
CA VAL H 137 24.83 -21.49 49.83
C VAL H 137 25.37 -20.74 51.04
N ILE H 138 25.94 -21.48 51.99
CA ILE H 138 26.54 -20.91 53.18
C ILE H 138 28.02 -20.69 52.89
N LEU H 139 28.48 -19.46 53.09
CA LEU H 139 29.85 -19.09 52.79
C LEU H 139 30.47 -18.39 53.98
N ALA H 140 31.79 -18.41 54.04
CA ALA H 140 32.55 -17.63 55.01
C ALA H 140 33.18 -16.46 54.27
N GLY H 141 32.87 -15.24 54.73
CA GLY H 141 33.34 -14.05 54.05
C GLY H 141 34.69 -13.57 54.52
N ASP H 142 35.46 -14.43 55.18
CA ASP H 142 36.77 -14.08 55.72
C ASP H 142 37.88 -14.96 55.14
N HIS H 143 37.67 -15.49 53.94
CA HIS H 143 38.68 -16.26 53.24
C HIS H 143 38.91 -15.67 51.85
N ILE H 144 40.09 -15.94 51.32
CA ILE H 144 40.50 -15.43 50.00
C ILE H 144 40.64 -16.64 49.10
N TYR H 145 39.76 -16.73 48.11
CA TYR H 145 39.74 -17.87 47.18
C TYR H 145 38.85 -17.52 46.00
N LYS H 146 38.94 -18.34 44.96
CA LYS H 146 38.09 -18.23 43.78
C LYS H 146 37.40 -19.56 43.56
N GLN H 147 36.07 -19.57 43.57
CA GLN H 147 35.33 -20.81 43.42
C GLN H 147 34.08 -20.57 42.59
N ASP H 148 33.80 -21.48 41.67
CA ASP H 148 32.58 -21.44 40.86
C ASP H 148 31.52 -22.25 41.59
N TYR H 149 30.66 -21.56 42.34
CA TYR H 149 29.65 -22.25 43.13
C TYR H 149 28.64 -23.00 42.27
N SER H 150 28.49 -22.64 40.99
CA SER H 150 27.54 -23.37 40.15
C SER H 150 27.97 -24.83 39.99
N ARG H 151 29.26 -25.07 39.83
CA ARG H 151 29.75 -26.44 39.76
C ARG H 151 29.43 -27.20 41.04
N MET H 152 29.58 -26.54 42.19
CA MET H 152 29.23 -27.20 43.44
C MET H 152 27.73 -27.47 43.53
N LEU H 153 26.90 -26.62 42.93
CA LEU H 153 25.47 -26.86 42.91
C LEU H 153 25.12 -28.07 42.05
N ILE H 154 25.72 -28.14 40.85
CA ILE H 154 25.56 -29.32 40.02
C ILE H 154 25.97 -30.56 40.80
N ASP H 155 27.17 -30.56 41.38
CA ASP H 155 27.63 -31.72 42.12
C ASP H 155 26.64 -32.06 43.23
N HIS H 156 26.11 -31.04 43.90
CA HIS H 156 25.13 -31.24 44.97
C HIS H 156 23.91 -31.99 44.46
N VAL H 157 23.27 -31.48 43.40
CA VAL H 157 22.04 -32.08 42.90
C VAL H 157 22.31 -33.47 42.33
N GLU H 158 23.31 -33.58 41.47
CA GLU H 158 23.69 -34.88 40.90
C GLU H 158 23.82 -35.93 42.00
N LYS H 159 24.56 -35.61 43.07
CA LYS H 159 24.68 -36.55 44.18
C LYS H 159 23.38 -36.67 44.96
N GLY H 160 22.46 -35.71 44.81
CA GLY H 160 21.19 -35.78 45.49
C GLY H 160 21.27 -35.65 46.99
N ALA H 161 22.32 -35.01 47.51
CA ALA H 161 22.43 -34.85 48.95
C ALA H 161 21.55 -33.69 49.42
N ARG H 162 21.17 -33.74 50.70
CA ARG H 162 20.53 -32.58 51.32
C ARG H 162 21.56 -31.52 51.71
N CYS H 163 22.81 -31.92 51.92
CA CYS H 163 23.87 -30.99 52.28
C CYS H 163 25.19 -31.44 51.67
N THR H 164 25.88 -30.52 51.02
CA THR H 164 27.20 -30.75 50.43
C THR H 164 28.20 -29.83 51.09
N VAL H 165 29.38 -30.37 51.43
CA VAL H 165 30.42 -29.61 52.11
C VAL H 165 31.65 -29.58 51.22
N ALA H 166 32.16 -28.38 50.95
CA ALA H 166 33.39 -28.26 50.18
C ALA H 166 34.57 -28.68 51.05
N CYS H 167 35.41 -29.56 50.51
CA CYS H 167 36.50 -30.17 51.27
C CYS H 167 37.81 -30.09 50.50
N MET H 168 38.91 -29.92 51.25
CA MET H 168 40.26 -29.85 50.68
C MET H 168 41.23 -30.49 51.66
N PRO H 169 42.20 -31.28 51.18
CA PRO H 169 43.23 -31.80 52.08
C PRO H 169 44.06 -30.69 52.70
N VAL H 170 44.31 -30.81 54.00
CA VAL H 170 45.15 -29.84 54.71
C VAL H 170 46.17 -30.60 55.54
N PRO H 171 47.33 -30.03 55.85
CA PRO H 171 48.30 -30.77 56.67
C PRO H 171 47.69 -31.23 57.97
N ILE H 172 48.00 -32.48 58.35
CA ILE H 172 47.36 -33.08 59.52
C ILE H 172 47.65 -32.25 60.77
N GLU H 173 48.87 -31.69 60.85
CA GLU H 173 49.24 -30.90 62.02
C GLU H 173 48.25 -29.75 62.25
N GLU H 174 47.82 -29.09 61.18
CA GLU H 174 46.88 -27.98 61.29
C GLU H 174 45.43 -28.44 61.39
N ALA H 175 45.14 -29.70 61.02
CA ALA H 175 43.75 -30.13 60.88
C ALA H 175 42.96 -29.95 62.17
N SER H 176 43.64 -29.82 63.31
CA SER H 176 42.93 -29.64 64.58
C SER H 176 42.05 -28.39 64.56
N ALA H 177 42.43 -27.37 63.79
CA ALA H 177 41.62 -26.17 63.69
C ALA H 177 40.40 -26.34 62.80
N PHE H 178 40.42 -27.29 61.88
CA PHE H 178 39.35 -27.50 60.91
C PHE H 178 38.40 -28.61 61.35
N GLY H 179 37.26 -28.68 60.65
CA GLY H 179 36.38 -29.82 60.76
C GLY H 179 36.81 -30.87 59.75
N VAL H 180 37.06 -32.08 60.25
CA VAL H 180 37.62 -33.18 59.46
C VAL H 180 36.53 -34.21 59.15
N MET H 181 36.64 -34.84 58.00
CA MET H 181 35.61 -35.74 57.50
C MET H 181 36.25 -36.96 56.89
N ALA H 182 35.47 -38.04 56.84
CA ALA H 182 35.85 -39.28 56.18
C ALA H 182 34.68 -39.73 55.31
N VAL H 183 34.97 -40.02 54.05
CA VAL H 183 33.96 -40.29 53.01
C VAL H 183 34.16 -41.69 52.46
N ASP H 184 33.17 -42.14 51.70
CA ASP H 184 33.19 -43.42 51.00
C ASP H 184 33.55 -43.19 49.52
N GLU H 185 33.30 -44.19 48.67
CA GLU H 185 33.63 -44.07 47.26
C GLU H 185 32.77 -43.03 46.55
N ASN H 186 31.53 -42.81 47.04
CA ASN H 186 30.59 -41.88 46.42
C ASN H 186 30.60 -40.50 47.08
N ASP H 187 31.69 -40.14 47.76
CA ASP H 187 31.82 -38.84 48.40
C ASP H 187 30.72 -38.60 49.43
N LYS H 188 30.15 -39.67 49.98
CA LYS H 188 29.19 -39.57 51.08
C LYS H 188 29.95 -39.57 52.40
N ILE H 189 29.62 -38.64 53.29
CA ILE H 189 30.36 -38.46 54.53
C ILE H 189 29.99 -39.60 55.48
N ILE H 190 30.94 -40.51 55.72
CA ILE H 190 30.76 -41.55 56.72
C ILE H 190 30.90 -40.97 58.14
N GLU H 191 31.93 -40.15 58.38
CA GLU H 191 32.19 -39.61 59.73
C GLU H 191 32.66 -38.15 59.67
N PHE H 192 32.26 -37.35 60.66
CA PHE H 192 32.72 -35.97 60.78
C PHE H 192 33.09 -35.61 62.23
N VAL H 193 34.12 -34.78 62.41
CA VAL H 193 34.48 -34.28 63.74
C VAL H 193 34.99 -32.85 63.61
N GLU H 194 34.46 -31.95 64.45
CA GLU H 194 34.79 -30.52 64.39
C GLU H 194 35.94 -30.22 65.34
N LYS H 195 37.04 -29.68 64.80
CA LYS H 195 38.21 -29.32 65.59
C LYS H 195 38.64 -30.47 66.50
N PRO H 196 38.89 -31.65 65.94
CA PRO H 196 39.31 -32.79 66.76
C PRO H 196 40.72 -32.62 67.31
N ALA H 197 40.92 -33.12 68.54
CA ALA H 197 42.25 -33.07 69.15
C ALA H 197 43.20 -34.03 68.44
N ASN H 198 42.69 -35.18 67.99
CA ASN H 198 43.50 -36.16 67.28
C ASN H 198 43.00 -36.27 65.85
N PRO H 199 43.41 -35.38 64.95
CA PRO H 199 42.80 -35.33 63.62
C PRO H 199 43.11 -36.61 62.85
N PRO H 200 42.08 -37.24 62.28
CA PRO H 200 42.32 -38.44 61.44
C PRO H 200 43.08 -38.11 60.16
N SER H 201 44.03 -38.97 59.81
CA SER H 201 44.73 -38.85 58.53
C SER H 201 43.88 -39.48 57.41
N MET H 202 44.16 -39.07 56.17
CA MET H 202 43.43 -39.68 55.06
C MET H 202 44.01 -41.07 54.81
N PRO H 203 43.17 -42.06 54.48
CA PRO H 203 43.71 -43.43 54.30
C PRO H 203 44.75 -43.52 53.21
N ASN H 204 44.61 -42.75 52.13
CA ASN H 204 45.51 -42.84 50.98
C ASN H 204 46.43 -41.63 50.83
N ASP H 205 46.38 -40.68 51.76
CA ASP H 205 47.32 -39.55 51.79
C ASP H 205 47.55 -39.13 53.23
N PRO H 206 48.24 -39.96 54.02
CA PRO H 206 48.39 -39.68 55.46
C PRO H 206 48.97 -38.33 55.82
N SER H 207 49.83 -37.70 54.99
CA SER H 207 50.49 -36.47 55.42
C SER H 207 49.49 -35.41 55.87
N LYS H 208 48.30 -35.41 55.26
CA LYS H 208 47.27 -34.43 55.54
C LYS H 208 45.97 -35.16 55.83
N SER H 209 44.96 -34.41 56.24
CA SER H 209 43.62 -34.95 56.41
C SER H 209 42.66 -34.25 55.45
N LEU H 210 41.38 -34.64 55.53
CA LEU H 210 40.33 -34.11 54.67
C LEU H 210 39.56 -33.05 55.45
N ALA H 211 39.77 -31.79 55.11
CA ALA H 211 39.22 -30.70 55.91
C ALA H 211 38.02 -30.08 55.22
N SER H 212 37.07 -29.63 56.05
CA SER H 212 35.91 -28.88 55.58
C SER H 212 36.26 -27.41 55.48
N MET H 213 35.79 -26.76 54.43
CA MET H 213 36.14 -25.38 54.13
C MET H 213 35.12 -24.39 54.65
N GLY H 214 34.19 -24.83 55.49
CA GLY H 214 33.13 -23.93 55.94
C GLY H 214 32.30 -23.39 54.81
N ILE H 215 32.22 -24.12 53.70
CA ILE H 215 31.44 -23.75 52.53
C ILE H 215 30.43 -24.86 52.30
N TYR H 216 29.14 -24.54 52.43
CA TYR H 216 28.09 -25.53 52.36
C TYR H 216 27.06 -25.18 51.29
N VAL H 217 26.43 -26.21 50.74
CA VAL H 217 25.23 -26.08 49.91
C VAL H 217 24.15 -26.92 50.58
N PHE H 218 22.98 -26.33 50.80
CA PHE H 218 21.88 -26.98 51.51
C PHE H 218 20.64 -26.95 50.63
N ASP H 219 19.82 -28.01 50.70
CA ASP H 219 18.43 -27.89 50.29
C ASP H 219 17.73 -26.91 51.22
N ALA H 220 17.20 -25.83 50.65
CA ALA H 220 16.69 -24.72 51.46
C ALA H 220 15.70 -25.22 52.52
N ASP H 221 14.73 -26.04 52.11
CA ASP H 221 13.75 -26.56 53.05
C ASP H 221 14.41 -27.43 54.10
N TYR H 222 15.36 -28.28 53.70
CA TYR H 222 16.08 -29.08 54.67
C TYR H 222 16.81 -28.19 55.67
N LEU H 223 17.45 -27.12 55.19
CA LEU H 223 18.12 -26.19 56.08
C LEU H 223 17.13 -25.61 57.08
N TYR H 224 15.97 -25.15 56.59
CA TYR H 224 14.94 -24.61 57.48
C TYR H 224 14.57 -25.60 58.57
N GLU H 225 14.24 -26.84 58.17
CA GLU H 225 13.92 -27.87 59.15
C GLU H 225 15.03 -28.03 60.17
N LEU H 226 16.27 -28.09 59.69
CA LEU H 226 17.41 -28.35 60.56
C LEU H 226 17.61 -27.21 61.54
N LEU H 227 17.44 -25.96 61.10
CA LEU H 227 17.60 -24.81 61.99
C LEU H 227 16.48 -24.74 63.02
N GLU H 228 15.23 -24.97 62.59
CA GLU H 228 14.12 -24.99 63.54
C GLU H 228 14.33 -26.05 64.60
N GLU H 229 14.66 -27.28 64.19
CA GLU H 229 14.90 -28.35 65.16
C GLU H 229 16.09 -28.03 66.04
N ASP H 230 17.13 -27.42 65.46
CA ASP H 230 18.37 -27.20 66.19
C ASP H 230 18.21 -26.12 67.27
N ASP H 231 17.47 -25.05 66.98
CA ASP H 231 17.36 -23.99 67.98
C ASP H 231 16.76 -24.53 69.27
N ARG H 232 15.82 -25.47 69.17
CA ARG H 232 15.25 -26.15 70.33
C ARG H 232 16.22 -27.25 70.77
N ASP H 233 17.31 -26.83 71.41
CA ASP H 233 18.33 -27.77 71.90
C ASP H 233 18.74 -27.45 73.34
N SER H 237 24.94 -27.12 71.10
CA SER H 237 25.64 -26.10 70.34
C SER H 237 24.70 -25.45 69.35
N HIS H 238 25.18 -24.37 68.71
CA HIS H 238 24.44 -23.67 67.65
C HIS H 238 25.38 -23.35 66.50
N ASP H 239 26.22 -24.30 66.12
CA ASP H 239 27.19 -24.16 65.06
C ASP H 239 26.99 -25.22 63.99
N PHE H 240 27.17 -24.83 62.72
CA PHE H 240 27.01 -25.79 61.64
C PHE H 240 27.95 -26.98 61.85
N GLY H 241 29.24 -26.71 62.03
CA GLY H 241 30.22 -27.77 62.10
C GLY H 241 30.09 -28.62 63.34
N LYS H 242 30.00 -27.99 64.51
CA LYS H 242 29.99 -28.76 65.75
C LYS H 242 28.67 -29.54 65.92
N ASP H 243 27.55 -28.98 65.42
CA ASP H 243 26.24 -29.54 65.72
C ASP H 243 25.51 -30.01 64.46
N LEU H 244 25.35 -29.16 63.44
CA LEU H 244 24.48 -29.54 62.33
C LEU H 244 25.13 -30.58 61.42
N ILE H 245 26.34 -30.33 60.95
CA ILE H 245 26.99 -31.25 60.01
C ILE H 245 27.06 -32.66 60.57
N PRO H 246 27.52 -32.89 61.80
CA PRO H 246 27.48 -34.27 62.33
C PRO H 246 26.09 -34.89 62.26
N LYS H 247 25.05 -34.12 62.61
CA LYS H 247 23.69 -34.64 62.54
C LYS H 247 23.33 -35.04 61.10
N ILE H 248 23.67 -34.21 60.12
CA ILE H 248 23.35 -34.55 58.73
C ILE H 248 24.10 -35.80 58.31
N THR H 249 25.39 -35.89 58.70
CA THR H 249 26.18 -37.06 58.40
C THR H 249 25.51 -38.32 58.95
N GLU H 250 25.06 -38.25 60.22
CA GLU H 250 24.41 -39.39 60.85
C GLU H 250 23.15 -39.81 60.10
N ALA H 251 22.48 -38.86 59.44
CA ALA H 251 21.35 -39.20 58.60
C ALA H 251 21.75 -39.72 57.23
N GLY H 252 23.04 -39.68 56.88
CA GLY H 252 23.49 -40.13 55.59
C GLY H 252 23.13 -39.21 54.45
N LEU H 253 22.87 -37.93 54.75
CA LEU H 253 22.46 -36.94 53.75
C LEU H 253 23.54 -35.90 53.46
N ALA H 254 24.75 -36.11 53.98
CA ALA H 254 25.84 -35.14 53.85
C ALA H 254 26.89 -35.71 52.90
N TYR H 255 27.04 -35.09 51.73
CA TYR H 255 28.06 -35.47 50.76
C TYR H 255 29.17 -34.42 50.69
N ALA H 256 30.30 -34.82 50.13
CA ALA H 256 31.50 -34.00 50.04
C ALA H 256 31.71 -33.49 48.62
N HIS H 257 32.43 -32.39 48.52
CA HIS H 257 32.74 -31.75 47.23
C HIS H 257 34.23 -31.45 47.18
N PRO H 258 35.01 -32.16 46.37
CA PRO H 258 36.44 -31.83 46.22
C PRO H 258 36.63 -30.42 45.69
N PHE H 259 37.43 -29.63 46.40
CA PHE H 259 37.64 -28.23 46.02
C PHE H 259 38.17 -28.08 44.60
N PRO H 260 39.13 -28.90 44.12
CA PRO H 260 39.63 -28.70 42.75
C PRO H 260 38.53 -28.72 41.68
N LEU H 261 37.40 -29.37 41.96
CA LEU H 261 36.34 -29.46 40.97
C LEU H 261 35.79 -28.09 40.56
N SER H 262 35.86 -27.12 41.47
CA SER H 262 35.30 -25.79 41.21
C SER H 262 36.28 -24.64 41.39
N CYS H 263 37.43 -24.88 42.03
CA CYS H 263 38.40 -23.80 42.22
C CYS H 263 38.82 -23.20 40.88
N VAL H 264 38.84 -21.88 40.81
CA VAL H 264 39.23 -21.16 39.60
C VAL H 264 40.68 -20.73 39.75
N GLN H 265 41.50 -21.07 38.76
CA GLN H 265 42.92 -20.77 38.83
C GLN H 265 43.49 -20.69 37.41
N SER H 266 44.40 -19.74 37.21
CA SER H 266 44.99 -19.56 35.89
C SER H 266 45.86 -20.76 35.50
N ASP H 267 46.72 -21.21 36.41
CA ASP H 267 47.61 -22.34 36.13
C ASP H 267 46.98 -23.62 36.67
N PRO H 268 46.50 -24.53 35.82
CA PRO H 268 45.91 -25.76 36.36
C PRO H 268 46.91 -26.62 37.12
N ASP H 269 48.18 -26.58 36.73
CA ASP H 269 49.21 -27.42 37.35
C ASP H 269 49.76 -26.72 38.60
N ALA H 270 48.92 -26.69 39.62
CA ALA H 270 49.27 -26.01 40.86
C ALA H 270 48.21 -26.35 41.90
N GLU H 271 48.55 -26.09 43.17
CA GLU H 271 47.60 -26.37 44.24
C GLU H 271 46.52 -25.28 44.28
N PRO H 272 45.28 -25.65 44.62
CA PRO H 272 44.23 -24.64 44.77
C PRO H 272 44.58 -23.59 45.81
N TYR H 273 44.30 -22.33 45.47
CA TYR H 273 44.65 -21.20 46.32
C TYR H 273 43.52 -20.97 47.33
N TRP H 274 43.86 -21.03 48.61
CA TRP H 274 42.90 -20.74 49.68
C TRP H 274 43.69 -20.33 50.92
N ARG H 275 43.57 -19.06 51.31
CA ARG H 275 44.31 -18.50 52.45
C ARG H 275 43.33 -17.94 53.47
N ASP H 276 43.47 -18.38 54.72
CA ASP H 276 42.57 -17.93 55.78
C ASP H 276 43.00 -16.62 56.42
N VAL H 277 44.26 -16.22 56.24
CA VAL H 277 44.73 -14.90 56.64
C VAL H 277 44.42 -14.63 58.11
N GLY H 278 44.46 -15.67 58.92
CA GLY H 278 44.20 -15.48 60.33
C GLY H 278 45.36 -14.78 61.03
N THR H 279 46.54 -15.37 60.92
CA THR H 279 47.73 -14.86 61.58
C THR H 279 48.33 -13.69 60.80
N LEU H 280 49.08 -12.85 61.51
CA LEU H 280 49.78 -11.74 60.86
C LEU H 280 50.68 -12.25 59.73
N GLU H 281 51.46 -13.31 60.02
CA GLU H 281 52.38 -13.83 59.00
C GLU H 281 51.64 -14.22 57.73
N ALA H 282 50.45 -14.82 57.86
CA ALA H 282 49.67 -15.20 56.69
C ALA H 282 49.21 -13.98 55.92
N TYR H 283 48.77 -12.94 56.62
CA TYR H 283 48.36 -11.69 55.95
C TYR H 283 49.51 -11.06 55.18
N TRP H 284 50.61 -10.82 55.86
CA TRP H 284 51.79 -10.26 55.22
C TRP H 284 52.21 -11.09 54.01
N LYS H 285 52.30 -12.41 54.20
CA LYS H 285 52.74 -13.30 53.12
C LYS H 285 51.80 -13.18 51.92
N ALA H 286 50.49 -13.31 52.15
CA ALA H 286 49.54 -13.26 51.05
C ALA H 286 49.60 -11.94 50.31
N ASN H 287 49.70 -10.83 51.04
CA ASN H 287 49.76 -9.53 50.40
C ASN H 287 51.00 -9.41 49.55
N LEU H 288 52.17 -9.68 50.13
CA LEU H 288 53.40 -9.52 49.37
C LEU H 288 53.48 -10.47 48.19
N ASP H 289 52.76 -11.61 48.25
CA ASP H 289 52.71 -12.50 47.09
C ASP H 289 52.24 -11.74 45.84
N LEU H 290 51.28 -10.83 46.00
CA LEU H 290 50.77 -10.11 44.85
C LEU H 290 51.82 -9.19 44.26
N ALA H 291 52.84 -8.85 45.03
CA ALA H 291 53.91 -8.00 44.53
C ALA H 291 54.98 -8.77 43.79
N SER H 292 55.02 -10.09 43.95
CA SER H 292 56.05 -10.89 43.29
C SER H 292 55.85 -10.88 41.79
N VAL H 293 56.86 -11.35 41.06
CA VAL H 293 56.80 -11.34 39.61
C VAL H 293 55.67 -12.23 39.11
N VAL H 294 55.54 -13.41 39.71
CA VAL H 294 54.46 -14.35 39.36
C VAL H 294 53.66 -14.66 40.62
N PRO H 295 52.63 -13.88 40.94
CA PRO H 295 51.84 -14.18 42.13
C PRO H 295 51.08 -15.49 41.98
N GLU H 296 50.95 -16.21 43.11
CA GLU H 296 50.12 -17.41 43.12
C GLU H 296 48.67 -17.06 42.84
N LEU H 297 48.23 -15.89 43.27
CA LEU H 297 46.86 -15.43 43.08
C LEU H 297 46.84 -14.44 41.92
N ASP H 298 46.02 -14.73 40.91
CA ASP H 298 45.96 -13.90 39.71
C ASP H 298 44.89 -12.83 39.87
N MET H 299 45.31 -11.58 40.09
CA MET H 299 44.41 -10.44 40.20
C MET H 299 44.27 -9.68 38.88
N TYR H 300 44.72 -10.27 37.77
CA TYR H 300 44.53 -9.73 36.43
C TYR H 300 43.57 -10.57 35.58
N ASP H 301 42.93 -11.57 36.17
CA ASP H 301 42.10 -12.51 35.42
C ASP H 301 40.78 -11.84 35.04
N ARG H 302 40.60 -11.54 33.74
CA ARG H 302 39.37 -10.95 33.28
C ARG H 302 38.22 -11.95 33.20
N ASN H 303 38.50 -13.25 33.35
CA ASN H 303 37.45 -14.28 33.28
C ASN H 303 36.82 -14.56 34.63
N TRP H 304 37.46 -14.16 35.72
CA TRP H 304 36.90 -14.29 37.07
C TRP H 304 37.27 -13.05 37.85
N PRO H 305 36.66 -11.92 37.55
CA PRO H 305 37.04 -10.66 38.19
C PRO H 305 36.49 -10.57 39.60
N ILE H 306 37.12 -9.71 40.39
CA ILE H 306 36.72 -9.49 41.78
C ILE H 306 36.19 -8.07 41.86
N ARG H 307 34.94 -7.94 42.29
CA ARG H 307 34.28 -6.65 42.41
C ARG H 307 34.61 -6.05 43.76
N THR H 308 34.81 -4.73 43.78
CA THR H 308 35.03 -4.01 45.02
C THR H 308 34.65 -2.54 44.81
N TYR H 309 34.81 -1.74 45.85
CA TYR H 309 34.53 -0.31 45.77
C TYR H 309 35.59 0.39 44.92
N ASN H 310 35.15 1.00 43.82
CA ASN H 310 36.06 1.60 42.84
C ASN H 310 36.34 3.03 43.29
N GLU H 311 37.36 3.18 44.13
CA GLU H 311 37.73 4.48 44.66
C GLU H 311 38.19 5.40 43.54
N SER H 312 37.72 6.65 43.60
CA SER H 312 38.18 7.68 42.66
C SER H 312 39.48 8.25 43.23
N LEU H 313 40.60 7.92 42.61
CA LEU H 313 41.91 8.30 43.11
C LEU H 313 42.74 8.89 41.98
N PRO H 314 43.63 9.83 42.28
CA PRO H 314 44.59 10.29 41.27
C PRO H 314 45.66 9.25 41.04
N PRO H 315 46.33 9.27 39.91
CA PRO H 315 47.36 8.26 39.66
C PRO H 315 48.44 8.29 40.74
N ALA H 316 49.06 7.13 40.96
CA ALA H 316 50.19 7.07 41.87
C ALA H 316 51.23 8.06 41.39
N LYS H 317 51.63 8.96 42.27
CA LYS H 317 52.52 10.07 41.93
C LYS H 317 53.90 9.84 42.52
N PHE H 318 54.91 9.74 41.65
CA PHE H 318 56.30 9.65 42.05
C PHE H 318 56.98 10.98 41.80
N VAL H 319 57.67 11.51 42.81
CA VAL H 319 58.33 12.80 42.73
C VAL H 319 59.76 12.66 43.23
N GLN H 320 60.52 13.74 43.07
CA GLN H 320 61.90 13.79 43.54
C GLN H 320 61.96 14.03 45.03
N ASP H 321 63.05 13.56 45.65
CA ASP H 321 63.25 13.81 47.06
C ASP H 321 63.81 15.22 47.27
N ARG H 322 64.03 15.57 48.53
CA ARG H 322 64.55 16.89 48.84
C ARG H 322 65.89 17.12 48.16
N SER H 323 66.65 16.05 47.90
CA SER H 323 67.93 16.16 47.20
C SER H 323 67.79 16.22 45.69
N GLY H 324 66.57 16.11 45.16
CA GLY H 324 66.35 16.14 43.74
C GLY H 324 66.69 14.85 43.04
N SER H 325 66.93 13.76 43.79
CA SER H 325 67.29 12.46 43.24
C SER H 325 66.04 11.65 42.92
N HIS H 326 66.22 10.65 42.07
CA HIS H 326 65.12 9.79 41.64
C HIS H 326 64.82 8.75 42.71
N GLY H 327 63.69 8.07 42.54
CA GLY H 327 63.30 6.99 43.42
C GLY H 327 63.49 5.65 42.76
N MET H 328 63.46 4.58 43.56
CA MET H 328 63.67 3.22 43.07
C MET H 328 62.51 2.32 43.51
N THR H 329 62.04 1.48 42.58
CA THR H 329 60.95 0.56 42.85
C THR H 329 61.30 -0.82 42.32
N LEU H 330 61.10 -1.84 43.14
CA LEU H 330 61.41 -3.22 42.78
C LEU H 330 60.30 -4.13 43.29
N ASN H 331 59.64 -4.84 42.40
CA ASN H 331 58.64 -5.83 42.78
C ASN H 331 57.74 -5.29 43.88
N SER H 332 57.02 -4.22 43.55
CA SER H 332 56.15 -3.56 44.51
C SER H 332 54.87 -3.10 43.83
N LEU H 333 53.85 -2.87 44.64
CA LEU H 333 52.59 -2.34 44.17
C LEU H 333 52.38 -0.97 44.79
N VAL H 334 51.90 -0.03 43.99
CA VAL H 334 51.66 1.33 44.43
C VAL H 334 50.27 1.71 43.98
N SER H 335 49.33 1.77 44.93
CA SER H 335 47.95 2.05 44.60
C SER H 335 47.72 3.53 44.33
N GLY H 336 46.52 3.84 43.84
CA GLY H 336 46.18 5.20 43.52
C GLY H 336 46.28 6.12 44.71
N GLY H 337 46.45 7.41 44.42
CA GLY H 337 46.53 8.42 45.46
C GLY H 337 47.84 8.47 46.21
N CYS H 338 48.71 7.48 46.04
CA CYS H 338 50.01 7.51 46.69
C CYS H 338 50.85 8.66 46.16
N VAL H 339 51.75 9.13 47.01
CA VAL H 339 52.74 10.14 46.64
C VAL H 339 54.05 9.69 47.28
N ILE H 340 55.05 9.41 46.45
CA ILE H 340 56.31 8.83 46.90
C ILE H 340 57.44 9.76 46.46
N SER H 341 58.17 10.31 47.41
CA SER H 341 59.29 11.20 47.11
C SER H 341 60.56 10.36 47.09
N GLY H 342 61.03 10.04 45.89
CA GLY H 342 62.22 9.23 45.74
C GLY H 342 62.16 7.93 46.52
N SER H 343 63.10 7.75 47.44
CA SER H 343 63.09 6.60 48.34
C SER H 343 63.25 5.29 47.58
N VAL H 344 63.30 4.18 48.30
CA VAL H 344 63.43 2.85 47.72
C VAL H 344 62.28 2.00 48.24
N VAL H 345 61.49 1.42 47.34
CA VAL H 345 60.38 0.56 47.72
C VAL H 345 60.61 -0.80 47.09
N VAL H 346 60.73 -1.84 47.92
CA VAL H 346 61.06 -3.18 47.47
C VAL H 346 60.11 -4.17 48.11
N GLN H 347 59.63 -5.13 47.31
CA GLN H 347 58.83 -6.24 47.81
C GLN H 347 57.71 -5.75 48.72
N SER H 348 57.10 -4.62 48.37
CA SER H 348 56.12 -3.98 49.21
C SER H 348 54.80 -3.79 48.48
N VAL H 349 53.74 -3.62 49.28
CA VAL H 349 52.40 -3.30 48.78
C VAL H 349 51.96 -2.03 49.50
N LEU H 350 51.69 -0.98 48.72
CA LEU H 350 51.25 0.30 49.25
C LEU H 350 49.79 0.51 48.86
N PHE H 351 48.91 0.54 49.85
CA PHE H 351 47.50 0.77 49.61
C PHE H 351 47.27 2.24 49.23
N SER H 352 46.00 2.63 49.12
CA SER H 352 45.65 3.93 48.58
C SER H 352 46.09 5.08 49.48
N ARG H 353 46.52 6.17 48.85
CA ARG H 353 46.81 7.43 49.53
C ARG H 353 47.98 7.33 50.50
N VAL H 354 48.81 6.29 50.40
CA VAL H 354 50.00 6.21 51.24
C VAL H 354 50.97 7.30 50.85
N ARG H 355 51.42 8.07 51.83
CA ARG H 355 52.40 9.13 51.64
C ARG H 355 53.74 8.65 52.15
N VAL H 356 54.76 8.68 51.28
CA VAL H 356 56.12 8.28 51.63
C VAL H 356 57.03 9.45 51.32
N ASN H 357 57.63 10.02 52.36
CA ASN H 357 58.45 11.21 52.23
C ASN H 357 59.87 10.81 51.85
N SER H 358 60.80 11.77 51.87
CA SER H 358 62.10 11.59 51.26
C SER H 358 62.99 10.63 52.04
N PHE H 359 63.89 9.98 51.31
CA PHE H 359 64.98 9.19 51.88
C PHE H 359 64.48 8.00 52.71
N CYS H 360 63.50 7.27 52.19
CA CYS H 360 62.97 6.10 52.88
C CYS H 360 63.43 4.81 52.21
N ASN H 361 63.60 3.77 53.02
CA ASN H 361 63.94 2.44 52.53
C ASN H 361 62.90 1.47 53.08
N ILE H 362 61.93 1.12 52.24
CA ILE H 362 60.84 0.21 52.60
C ILE H 362 61.05 -1.12 51.89
N ASP H 363 60.98 -2.22 52.64
CA ASP H 363 61.38 -3.53 52.15
C ASP H 363 60.44 -4.56 52.76
N SER H 364 59.80 -5.35 51.90
CA SER H 364 58.91 -6.42 52.36
C SER H 364 57.92 -5.89 53.39
N ALA H 365 57.24 -4.80 53.03
CA ALA H 365 56.31 -4.13 53.92
C ALA H 365 54.94 -3.99 53.27
N VAL H 366 53.93 -3.88 54.11
CA VAL H 366 52.55 -3.71 53.69
C VAL H 366 52.02 -2.46 54.39
N LEU H 367 51.77 -1.40 53.62
CA LEU H 367 51.28 -0.14 54.17
C LEU H 367 49.82 0.05 53.77
N LEU H 368 48.94 0.03 54.77
CA LEU H 368 47.50 0.17 54.53
C LEU H 368 47.16 1.62 54.19
N PRO H 369 45.94 1.88 53.77
CA PRO H 369 45.60 3.22 53.26
C PRO H 369 45.95 4.33 54.24
N GLU H 370 46.27 5.50 53.69
CA GLU H 370 46.46 6.75 54.39
C GLU H 370 47.64 6.74 55.34
N VAL H 371 48.54 5.75 55.22
CA VAL H 371 49.75 5.78 56.03
C VAL H 371 50.59 6.97 55.63
N TRP H 372 51.23 7.60 56.61
CA TRP H 372 52.13 8.73 56.40
C TRP H 372 53.49 8.33 56.94
N VAL H 373 54.48 8.19 56.06
CA VAL H 373 55.83 7.80 56.42
C VAL H 373 56.70 9.05 56.41
N GLY H 374 57.22 9.42 57.58
CA GLY H 374 58.08 10.58 57.67
C GLY H 374 59.37 10.36 56.93
N ARG H 375 60.14 11.44 56.85
CA ARG H 375 61.42 11.41 56.12
C ARG H 375 62.42 10.51 56.82
N SER H 376 63.20 9.78 56.02
CA SER H 376 64.33 9.00 56.50
C SER H 376 63.92 7.79 57.32
N CYS H 377 62.79 7.16 56.98
CA CYS H 377 62.38 5.94 57.66
C CYS H 377 62.92 4.72 56.92
N ARG H 378 63.07 3.62 57.67
CA ARG H 378 63.53 2.35 57.11
C ARG H 378 62.67 1.23 57.69
N LEU H 379 61.72 0.74 56.90
CA LEU H 379 60.80 -0.30 57.35
C LEU H 379 61.11 -1.62 56.66
N ARG H 380 61.19 -2.70 57.43
CA ARG H 380 61.50 -4.02 56.87
C ARG H 380 60.61 -5.08 57.51
N ARG H 381 60.02 -5.93 56.67
CA ARG H 381 59.24 -7.08 57.13
C ARG H 381 58.23 -6.66 58.22
N CYS H 382 57.28 -5.83 57.82
CA CYS H 382 56.32 -5.28 58.77
C CYS H 382 54.98 -5.06 58.07
N VAL H 383 53.99 -4.68 58.88
CA VAL H 383 52.64 -4.33 58.42
C VAL H 383 52.19 -3.06 59.14
N ILE H 384 52.02 -1.98 58.41
CA ILE H 384 51.61 -0.70 58.98
C ILE H 384 50.10 -0.56 58.79
N ASP H 385 49.38 -0.35 59.87
CA ASP H 385 47.92 -0.29 59.86
C ASP H 385 47.42 1.05 59.33
N ARG H 386 46.10 1.12 59.13
CA ARG H 386 45.45 2.29 58.55
C ARG H 386 45.90 3.59 59.19
N ALA H 387 46.22 4.57 58.35
CA ALA H 387 46.40 5.96 58.75
C ALA H 387 47.54 6.17 59.74
N CYS H 388 48.45 5.21 59.90
CA CYS H 388 49.56 5.45 60.81
C CYS H 388 50.36 6.66 60.34
N VAL H 389 50.86 7.42 61.30
CA VAL H 389 51.74 8.55 61.02
C VAL H 389 53.08 8.18 61.63
N ILE H 390 54.00 7.72 60.77
CA ILE H 390 55.32 7.30 61.21
C ILE H 390 56.18 8.55 61.29
N PRO H 391 56.75 8.88 62.46
CA PRO H 391 57.50 10.14 62.58
C PRO H 391 58.75 10.11 61.74
N GLU H 392 59.67 11.04 61.97
CA GLU H 392 60.79 11.24 61.06
C GLU H 392 62.01 10.49 61.58
N GLY H 393 62.49 9.56 60.76
CA GLY H 393 63.68 8.80 61.07
C GLY H 393 63.46 7.54 61.88
N MET H 394 62.22 7.08 62.01
CA MET H 394 61.96 5.83 62.71
C MET H 394 62.43 4.64 61.89
N VAL H 395 63.09 3.69 62.55
CA VAL H 395 63.56 2.47 61.92
C VAL H 395 62.82 1.29 62.52
N ILE H 396 62.36 0.38 61.66
CA ILE H 396 61.61 -0.80 62.09
C ILE H 396 62.09 -2.01 61.29
N GLY H 397 62.12 -3.16 61.94
CA GLY H 397 62.48 -4.41 61.28
C GLY H 397 63.93 -4.82 61.36
N GLU H 398 64.78 -4.02 62.02
CA GLU H 398 66.21 -4.33 62.15
C GLU H 398 66.59 -4.81 63.55
N ASN H 399 66.10 -4.15 64.61
CA ASN H 399 66.36 -4.57 65.99
C ASN H 399 65.14 -5.32 66.53
N ALA H 400 65.25 -6.65 66.61
CA ALA H 400 64.11 -7.47 67.00
C ALA H 400 63.60 -7.08 68.39
N GLU H 401 64.49 -7.02 69.38
CA GLU H 401 64.06 -6.72 70.74
C GLU H 401 63.38 -5.35 70.80
N GLU H 402 64.02 -4.33 70.25
CA GLU H 402 63.47 -2.99 70.31
C GLU H 402 62.09 -2.95 69.63
N ASP H 403 61.98 -3.56 68.45
CA ASP H 403 60.71 -3.62 67.76
C ASP H 403 59.65 -4.29 68.62
N ALA H 404 60.00 -5.41 69.25
CA ALA H 404 59.03 -6.11 70.10
C ALA H 404 58.58 -5.23 71.26
N ARG H 405 59.49 -4.43 71.82
CA ARG H 405 59.07 -3.52 72.89
C ARG H 405 58.06 -2.51 72.38
N ARG H 406 58.35 -1.86 71.25
CA ARG H 406 57.49 -0.76 70.80
C ARG H 406 56.15 -1.26 70.28
N PHE H 407 56.17 -2.36 69.53
CA PHE H 407 54.99 -2.83 68.80
C PHE H 407 54.75 -4.30 69.10
N TYR H 408 54.04 -4.97 68.19
CA TYR H 408 53.84 -6.40 68.25
C TYR H 408 54.72 -7.05 67.20
N ARG H 409 55.42 -8.11 67.59
CA ARG H 409 56.34 -8.82 66.72
C ARG H 409 56.02 -10.30 66.78
N SER H 410 55.70 -10.88 65.64
CA SER H 410 55.31 -12.28 65.60
C SER H 410 56.54 -13.16 65.81
N GLU H 411 56.28 -14.43 66.11
CA GLU H 411 57.37 -15.37 66.34
C GLU H 411 58.28 -15.48 65.12
N GLU H 412 57.70 -15.38 63.91
CA GLU H 412 58.49 -15.50 62.69
C GLU H 412 59.27 -14.23 62.34
N GLY H 413 58.99 -13.12 63.00
CA GLY H 413 59.73 -11.89 62.81
C GLY H 413 59.00 -10.76 62.11
N ILE H 414 57.66 -10.82 61.99
CA ILE H 414 56.89 -9.79 61.32
C ILE H 414 56.38 -8.81 62.37
N VAL H 415 56.42 -7.52 62.05
CA VAL H 415 56.04 -6.47 62.99
C VAL H 415 54.73 -5.83 62.53
N LEU H 416 53.89 -5.47 63.50
CA LEU H 416 52.64 -4.77 63.24
C LEU H 416 52.65 -3.44 64.01
N VAL H 417 52.26 -2.36 63.33
CA VAL H 417 52.31 -1.01 63.88
C VAL H 417 50.93 -0.38 63.76
N THR H 418 50.28 -0.11 64.89
CA THR H 418 48.97 0.53 64.89
C THR H 418 49.08 1.98 65.35
N ARG H 419 47.99 2.73 65.17
CA ARG H 419 47.91 4.10 65.68
C ARG H 419 48.08 4.15 67.19
N GLU H 420 47.45 3.22 67.91
CA GLU H 420 47.54 3.22 69.36
C GLU H 420 48.98 2.99 69.83
N MET H 421 49.66 2.02 69.21
CA MET H 421 51.06 1.78 69.57
C MET H 421 51.87 3.07 69.44
N LEU H 422 51.67 3.79 68.34
CA LEU H 422 52.42 5.01 68.11
C LEU H 422 52.06 6.08 69.15
N ARG H 423 50.79 6.13 69.56
CA ARG H 423 50.43 7.10 70.60
C ARG H 423 51.10 6.77 71.92
N LYS H 424 51.22 5.48 72.24
CA LYS H 424 51.91 5.10 73.46
C LYS H 424 53.34 5.63 73.49
N LEU H 425 54.00 5.65 72.33
CA LEU H 425 55.33 6.23 72.23
C LEU H 425 55.31 7.75 72.17
N GLY H 426 54.14 8.38 72.23
CA GLY H 426 54.08 9.83 72.26
C GLY H 426 54.11 10.50 70.90
N HIS H 427 53.65 9.82 69.85
CA HIS H 427 53.60 10.39 68.51
C HIS H 427 52.16 10.69 68.14
N LYS H 428 51.86 11.98 67.93
CA LYS H 428 50.50 12.44 67.67
C LYS H 428 49.95 11.89 66.35
N GLN H 429 48.72 11.39 66.39
CA GLN H 429 48.02 10.91 65.19
C GLN H 429 46.93 11.94 64.87
N GLU H 430 47.20 12.78 63.88
CA GLU H 430 46.29 13.88 63.55
C GLU H 430 46.57 14.45 62.15
#